data_3C5Y
#
_entry.id   3C5Y
#
_cell.length_a   106.754
_cell.length_b   109.462
_cell.length_c   167.569
_cell.angle_alpha   90.000
_cell.angle_beta   102.920
_cell.angle_gamma   90.000
#
_symmetry.space_group_name_H-M   'P 1 21 1'
#
loop_
_entity.id
_entity.type
_entity.pdbx_description
1 polymer 'Ribose/galactose isomerase'
2 non-polymer 1,2-ETHANEDIOL
3 non-polymer 'NITRATE ION'
4 water water
#
_entity_poly.entity_id   1
_entity_poly.type   'polypeptide(L)'
_entity_poly.pdbx_seq_one_letter_code
;(MSE)GSDKIHHHHHHENLYFQG(MSE)KIALIIENSQAAKNAVVHEALTTVAEPLGHKVFNYG(MSE)YTAEDKASLTY
V(MSE)NGLLAGILLNSGAADFVVTG(CSD)GTG(MSE)GS(MSE)LAANA(MSE)PGVFCGLVIDPTDAFLFGQINDGN
AIS(MSE)PYSKGFGWAAELNLQDVYRKLFDGERGLGYPRERAEI(MSE)RKNRGILRELKDASCRD(MSE)LTVLKTVD
QDLLRAAIAGEKFAELFYPNCKDDAIANYLRSLDA
;
_entity_poly.pdbx_strand_id   A,B,C,D,E,F,G,H,I,J,K,L,M,N,O,P
#
# COMPACT_ATOMS: atom_id res chain seq x y z
N GLY A 19 -13.57 33.15 26.79
CA GLY A 19 -14.96 32.59 26.87
C GLY A 19 -15.53 32.40 25.48
N LYS A 21 -18.45 33.23 22.46
CA LYS A 21 -19.30 34.24 21.81
C LYS A 21 -20.64 33.52 21.55
N ILE A 22 -21.68 34.00 22.22
CA ILE A 22 -23.01 33.39 22.17
C ILE A 22 -23.96 34.33 21.49
N ALA A 23 -24.58 33.87 20.41
CA ALA A 23 -25.50 34.68 19.63
C ALA A 23 -26.93 34.32 19.86
N LEU A 24 -27.77 35.34 19.96
CA LEU A 24 -29.21 35.22 20.13
C LEU A 24 -29.93 35.63 18.88
N ILE A 25 -30.87 34.80 18.45
CA ILE A 25 -31.62 35.08 17.24
C ILE A 25 -33.06 34.66 17.48
N ILE A 26 -33.97 35.62 17.33
CA ILE A 26 -35.40 35.46 17.55
C ILE A 26 -36.20 35.85 16.31
N GLU A 27 -37.18 35.04 15.93
CA GLU A 27 -38.00 35.32 14.74
C GLU A 27 -39.25 36.10 15.10
N ASN A 28 -40.00 36.44 14.07
CA ASN A 28 -41.11 37.38 14.27
C ASN A 28 -42.17 36.96 15.27
N SER A 29 -42.52 35.68 15.31
CA SER A 29 -43.63 35.26 16.17
C SER A 29 -43.33 35.46 17.63
N GLN A 30 -42.05 35.51 17.99
CA GLN A 30 -41.66 35.67 19.40
C GLN A 30 -40.86 36.95 19.66
N ALA A 31 -40.87 37.87 18.71
CA ALA A 31 -40.01 39.08 18.81
C ALA A 31 -40.21 39.85 20.10
N ALA A 32 -41.42 39.87 20.59
CA ALA A 32 -41.80 40.63 21.79
C ALA A 32 -41.08 40.06 23.01
N LYS A 33 -40.57 38.83 22.88
CA LYS A 33 -39.86 38.16 23.99
C LYS A 33 -38.33 38.28 23.93
N ASN A 34 -37.81 38.96 22.93
CA ASN A 34 -36.37 39.03 22.78
C ASN A 34 -35.71 39.66 23.97
N ALA A 35 -36.34 40.68 24.54
CA ALA A 35 -35.74 41.38 25.71
C ALA A 35 -35.62 40.46 26.94
N VAL A 36 -36.66 39.66 27.15
CA VAL A 36 -36.72 38.78 28.32
C VAL A 36 -35.71 37.69 28.17
N VAL A 37 -35.59 37.17 26.94
CA VAL A 37 -34.63 36.09 26.67
C VAL A 37 -33.21 36.62 26.77
N HIS A 38 -33.00 37.80 26.23
CA HIS A 38 -31.66 38.41 26.22
C HIS A 38 -31.16 38.66 27.63
N GLU A 39 -32.06 39.11 28.48
CA GLU A 39 -31.72 39.44 29.89
C GLU A 39 -31.33 38.18 30.62
N ALA A 40 -32.09 37.11 30.38
CA ALA A 40 -31.82 35.85 31.07
C ALA A 40 -30.46 35.37 30.68
N LEU A 41 -30.17 35.58 29.40
CA LEU A 41 -28.98 35.05 28.78
C LEU A 41 -27.78 35.83 29.26
N THR A 42 -27.88 37.15 29.27
CA THR A 42 -26.72 37.95 29.76
C THR A 42 -26.52 37.77 31.24
N THR A 43 -27.62 37.58 31.96
CA THR A 43 -27.53 37.43 33.44
C THR A 43 -26.65 36.22 33.81
N VAL A 44 -26.77 35.15 33.05
CA VAL A 44 -25.98 33.96 33.32
C VAL A 44 -24.66 33.94 32.65
N ALA A 45 -24.64 34.29 31.35
CA ALA A 45 -23.42 34.08 30.58
C ALA A 45 -22.31 35.09 30.84
N GLU A 46 -22.67 36.32 31.08
CA GLU A 46 -21.61 37.34 31.29
C GLU A 46 -20.73 37.02 32.53
N PRO A 47 -21.36 36.73 33.68
CA PRO A 47 -20.59 36.43 34.90
C PRO A 47 -19.72 35.24 34.75
N LEU A 48 -19.99 34.47 33.71
CA LEU A 48 -19.20 33.26 33.42
C LEU A 48 -18.07 33.57 32.46
N GLY A 49 -18.01 34.83 32.07
CA GLY A 49 -16.97 35.34 31.18
C GLY A 49 -17.22 35.24 29.68
N HIS A 50 -18.47 35.01 29.34
CA HIS A 50 -18.89 34.91 27.94
C HIS A 50 -19.44 36.23 27.44
N LYS A 51 -19.46 36.35 26.13
CA LYS A 51 -19.98 37.52 25.45
CA LYS A 51 -19.97 37.52 25.47
C LYS A 51 -21.19 37.14 24.67
N VAL A 52 -22.22 37.95 24.84
CA VAL A 52 -23.52 37.75 24.21
C VAL A 52 -23.74 38.75 23.11
N PHE A 53 -24.13 38.22 21.97
CA PHE A 53 -24.42 39.02 20.78
C PHE A 53 -25.89 38.86 20.41
N ASN A 54 -26.68 39.92 20.60
CA ASN A 54 -28.09 39.85 20.30
C ASN A 54 -28.35 40.35 18.86
N TYR A 55 -28.67 39.41 17.97
CA TYR A 55 -28.90 39.66 16.54
C TYR A 55 -30.34 40.02 16.26
N GLY A 56 -31.12 40.12 17.32
CA GLY A 56 -32.53 40.46 17.14
C GLY A 56 -33.35 39.24 16.74
N TYR A 58 -35.47 42.54 17.86
CA TYR A 58 -35.49 43.22 19.15
C TYR A 58 -36.89 43.51 19.56
N THR A 59 -37.73 43.79 18.58
CA THR A 59 -39.14 44.11 18.85
C THR A 59 -39.95 43.66 17.71
N ALA A 60 -41.22 43.50 17.97
CA ALA A 60 -42.12 43.07 16.92
C ALA A 60 -42.15 44.04 15.77
N GLU A 61 -41.73 45.27 16.05
CA GLU A 61 -41.80 46.35 15.05
C GLU A 61 -40.57 46.54 14.17
N ASP A 62 -39.54 45.73 14.37
CA ASP A 62 -38.31 45.85 13.57
C ASP A 62 -38.60 45.80 12.10
N LYS A 63 -37.91 46.67 11.39
CA LYS A 63 -38.06 46.77 9.95
C LYS A 63 -37.56 45.49 9.31
N ALA A 64 -36.44 44.99 9.82
CA ALA A 64 -35.85 43.74 9.30
C ALA A 64 -36.48 42.63 10.10
N SER A 65 -37.45 41.97 9.51
CA SER A 65 -38.14 40.88 10.17
C SER A 65 -37.51 39.56 9.75
N LEU A 66 -37.49 38.64 10.71
CA LEU A 66 -36.99 37.27 10.52
C LEU A 66 -38.07 36.21 10.66
N THR A 67 -37.95 35.20 9.80
CA THR A 67 -38.76 34.00 9.89
C THR A 67 -37.87 32.94 10.51
N TYR A 68 -38.49 31.84 10.95
CA TYR A 68 -37.65 30.72 11.53
C TYR A 68 -36.64 30.09 10.56
N VAL A 69 -36.93 30.17 9.28
CA VAL A 69 -36.00 29.67 8.25
C VAL A 69 -34.74 30.56 8.21
N ASN A 71 -33.65 32.23 10.70
CA ASN A 71 -32.90 32.04 11.96
C ASN A 71 -31.91 30.92 11.76
N GLY A 72 -32.34 29.93 11.00
CA GLY A 72 -31.46 28.77 10.74
C GLY A 72 -30.29 29.16 9.85
N LEU A 73 -30.60 29.91 8.81
CA LEU A 73 -29.61 30.39 7.84
C LEU A 73 -28.61 31.25 8.54
N LEU A 74 -29.12 32.23 9.29
CA LEU A 74 -28.23 33.12 10.08
C LEU A 74 -27.33 32.31 11.05
N ALA A 75 -27.89 31.26 11.65
CA ALA A 75 -27.12 30.43 12.57
C ALA A 75 -25.95 29.76 11.87
N GLY A 76 -26.20 29.28 10.66
CA GLY A 76 -25.14 28.69 9.85
C GLY A 76 -24.04 29.70 9.50
N ILE A 77 -24.44 30.93 9.19
CA ILE A 77 -23.45 31.98 8.89
C ILE A 77 -22.58 32.24 10.08
N LEU A 78 -23.22 32.41 11.22
CA LEU A 78 -22.49 32.76 12.45
C LEU A 78 -21.56 31.65 12.89
N LEU A 79 -22.08 30.43 12.88
CA LEU A 79 -21.26 29.28 13.36
C LEU A 79 -20.15 28.93 12.42
N ASN A 80 -20.43 28.87 11.12
CA ASN A 80 -19.37 28.45 10.18
C ASN A 80 -18.29 29.55 10.01
N SER A 81 -18.70 30.80 10.19
CA SER A 81 -17.71 31.92 10.00
C SER A 81 -16.89 32.12 11.22
N GLY A 82 -17.41 31.59 12.32
CA GLY A 82 -16.76 31.76 13.59
C GLY A 82 -17.11 33.03 14.32
N ALA A 83 -18.07 33.79 13.82
CA ALA A 83 -18.56 34.99 14.50
C ALA A 83 -19.24 34.67 15.85
N ALA A 84 -19.71 33.42 15.95
CA ALA A 84 -20.30 32.89 17.19
C ALA A 84 -19.80 31.47 17.45
N ASP A 85 -19.73 31.13 18.71
CA ASP A 85 -19.26 29.79 19.11
C ASP A 85 -20.51 28.96 19.42
N PHE A 86 -21.59 29.67 19.71
CA PHE A 86 -22.83 29.04 20.13
C PHE A 86 -23.99 29.89 19.79
N VAL A 87 -25.03 29.26 19.34
CA VAL A 87 -26.27 30.01 19.02
C VAL A 87 -27.48 29.59 19.83
N VAL A 88 -28.19 30.58 20.33
CA VAL A 88 -29.43 30.42 21.10
C VAL A 88 -30.55 30.98 20.23
N THR A 89 -31.48 30.11 19.85
CA THR A 89 -32.63 30.53 19.05
C THR A 89 -33.92 29.86 19.52
N GLY A 90 -34.94 29.93 18.68
CA GLY A 90 -36.21 29.35 18.99
C GLY A 90 -37.35 30.00 18.27
N GLY A 92 -42.15 29.55 18.52
CA GLY A 92 -43.24 29.21 19.44
C GLY A 92 -43.01 27.90 20.18
N THR A 93 -42.51 26.94 19.42
CA THR A 93 -42.20 25.59 19.94
C THR A 93 -40.72 25.27 19.91
N GLY A 94 -40.03 25.96 19.03
CA GLY A 94 -38.61 25.76 18.84
C GLY A 94 -38.30 24.76 17.74
N GLY A 96 -39.34 24.68 14.36
CA GLY A 96 -38.99 25.33 13.10
C GLY A 96 -37.53 25.77 13.04
N SER A 97 -37.09 26.46 14.07
CA SER A 97 -35.69 26.97 14.07
C SER A 97 -34.71 25.85 14.16
N LEU A 99 -35.19 22.79 12.95
CA LEU A 99 -35.14 22.18 11.62
C LEU A 99 -34.24 22.99 10.68
N ALA A 100 -34.45 24.29 10.68
CA ALA A 100 -33.71 25.17 9.78
C ALA A 100 -32.22 25.19 10.12
N ALA A 101 -31.94 25.27 11.41
CA ALA A 101 -30.56 25.30 11.84
C ALA A 101 -29.88 24.05 11.44
N ASN A 102 -30.51 22.93 11.74
CA ASN A 102 -29.84 21.63 11.45
C ASN A 102 -29.73 21.30 9.94
N ALA A 103 -30.35 22.12 9.11
CA ALA A 103 -30.28 21.97 7.67
C ALA A 103 -28.92 22.47 7.23
N PRO A 105 -24.76 23.20 7.17
CA PRO A 105 -23.48 22.54 7.47
C PRO A 105 -22.93 23.04 8.75
N GLY A 106 -22.22 22.15 9.43
CA GLY A 106 -21.52 22.47 10.67
C GLY A 106 -22.34 22.88 11.87
N VAL A 107 -23.67 22.79 11.78
CA VAL A 107 -24.58 23.21 12.87
C VAL A 107 -25.26 21.95 13.42
N PHE A 108 -25.19 21.83 14.74
CA PHE A 108 -25.82 20.76 15.53
C PHE A 108 -26.65 21.41 16.61
N CYS A 109 -27.93 21.57 16.29
CA CYS A 109 -28.86 22.29 17.12
C CYS A 109 -29.83 21.38 17.87
N GLY A 110 -29.70 21.48 19.19
CA GLY A 110 -30.59 20.81 20.12
C GLY A 110 -31.91 21.54 20.35
N LEU A 111 -32.91 20.74 20.69
CA LEU A 111 -34.18 21.26 21.17
C LEU A 111 -34.20 20.94 22.63
N VAL A 112 -34.06 21.99 23.43
CA VAL A 112 -33.92 21.92 24.90
C VAL A 112 -35.11 22.47 25.61
N ILE A 113 -35.58 21.68 26.57
CA ILE A 113 -36.73 22.11 27.37
C ILE A 113 -36.38 22.50 28.80
N ASP A 114 -35.73 21.59 29.49
CA ASP A 114 -35.43 21.74 30.89
C ASP A 114 -33.94 21.55 31.19
N PRO A 115 -33.53 21.79 32.42
CA PRO A 115 -32.10 21.81 32.68
C PRO A 115 -31.44 20.46 32.55
N THR A 116 -32.20 19.41 32.75
CA THR A 116 -31.59 18.09 32.58
C THR A 116 -31.40 17.87 31.08
N ASP A 117 -32.32 18.40 30.25
CA ASP A 117 -32.17 18.29 28.76
C ASP A 117 -30.89 18.97 28.30
N ALA A 118 -30.64 20.09 29.00
CA ALA A 118 -29.52 21.00 28.67
C ALA A 118 -28.24 20.35 29.03
N PHE A 119 -28.26 19.81 30.23
CA PHE A 119 -27.10 19.07 30.75
C PHE A 119 -26.69 17.94 29.84
N LEU A 120 -27.66 17.11 29.49
CA LEU A 120 -27.40 15.92 28.65
C LEU A 120 -26.96 16.32 27.26
N PHE A 121 -27.59 17.35 26.72
CA PHE A 121 -27.20 17.84 25.38
C PHE A 121 -25.71 18.17 25.40
N GLY A 122 -25.33 18.93 26.41
CA GLY A 122 -23.95 19.38 26.53
C GLY A 122 -22.95 18.26 26.68
N GLN A 123 -23.36 17.24 27.40
CA GLN A 123 -22.47 16.11 27.71
C GLN A 123 -22.44 14.97 26.71
N ILE A 124 -23.58 14.66 26.11
CA ILE A 124 -23.66 13.62 25.12
C ILE A 124 -23.39 14.11 23.68
N ASN A 125 -24.03 15.22 23.36
CA ASN A 125 -24.02 15.74 22.00
C ASN A 125 -23.01 16.87 21.78
N ASP A 126 -22.77 17.66 22.81
CA ASP A 126 -21.85 18.81 22.67
C ASP A 126 -22.05 19.59 21.37
N GLY A 127 -23.30 19.96 21.16
CA GLY A 127 -23.68 20.73 20.00
C GLY A 127 -23.37 22.21 20.18
N ASN A 128 -23.69 22.97 19.15
CA ASN A 128 -23.33 24.41 19.06
C ASN A 128 -24.48 25.40 18.91
N ALA A 129 -25.65 24.89 19.19
CA ALA A 129 -26.85 25.68 19.12
C ALA A 129 -27.93 24.96 19.85
N ILE A 130 -28.85 25.75 20.35
CA ILE A 130 -30.06 25.22 20.96
C ILE A 130 -31.21 26.05 20.45
N SER A 131 -32.34 25.39 20.30
CA SER A 131 -33.65 26.04 19.95
C SER A 131 -34.58 25.73 21.12
N PRO A 133 -38.67 26.62 23.08
CA PRO A 133 -39.98 27.19 22.89
C PRO A 133 -40.14 28.43 23.71
N TYR A 134 -40.65 29.48 23.06
CA TYR A 134 -40.85 30.76 23.73
C TYR A 134 -42.33 31.09 23.88
N SER A 135 -43.18 30.19 23.41
CA SER A 135 -44.66 30.30 23.56
C SER A 135 -45.24 29.11 24.28
N LYS A 136 -45.10 27.94 23.67
CA LYS A 136 -45.53 26.69 24.35
C LYS A 136 -44.82 26.51 25.67
N GLY A 137 -45.61 26.36 26.73
CA GLY A 137 -45.05 26.13 28.05
C GLY A 137 -44.53 27.39 28.72
N PHE A 138 -44.59 28.49 27.99
CA PHE A 138 -43.99 29.77 28.46
C PHE A 138 -44.91 30.66 29.30
N GLY A 139 -44.88 30.42 30.59
CA GLY A 139 -45.69 31.26 31.52
C GLY A 139 -44.85 31.67 32.70
N TRP A 140 -45.45 31.64 33.89
CA TRP A 140 -44.71 32.02 35.10
C TRP A 140 -43.41 31.32 35.28
N ALA A 141 -42.41 32.17 35.51
CA ALA A 141 -41.05 31.77 35.83
C ALA A 141 -40.36 31.10 34.69
N ALA A 142 -40.96 31.14 33.50
CA ALA A 142 -40.28 30.56 32.32
C ALA A 142 -38.89 31.20 32.08
N GLU A 143 -38.75 32.45 32.51
CA GLU A 143 -37.50 33.16 32.30
C GLU A 143 -36.47 32.65 33.29
N LEU A 144 -36.96 32.07 34.38
CA LEU A 144 -36.06 31.47 35.39
C LEU A 144 -35.55 30.09 34.89
N ASN A 145 -36.42 29.37 34.19
CA ASN A 145 -36.03 28.07 33.62
C ASN A 145 -34.97 28.37 32.58
N LEU A 146 -35.16 29.45 31.85
CA LEU A 146 -34.12 29.79 30.86
C LEU A 146 -32.76 29.91 31.52
N GLN A 147 -32.71 30.67 32.62
CA GLN A 147 -31.44 30.85 33.38
C GLN A 147 -30.88 29.50 33.83
N ASP A 148 -31.73 28.62 34.39
CA ASP A 148 -31.28 27.27 34.84
C ASP A 148 -30.60 26.47 33.69
N VAL A 149 -31.18 26.59 32.51
CA VAL A 149 -30.69 25.89 31.29
C VAL A 149 -29.37 26.50 30.87
N TYR A 150 -29.30 27.83 30.91
CA TYR A 150 -28.03 28.47 30.49
C TYR A 150 -26.96 28.07 31.43
N ARG A 151 -27.31 27.99 32.72
CA ARG A 151 -26.32 27.56 33.71
C ARG A 151 -25.76 26.19 33.41
N LYS A 152 -26.59 25.29 32.89
CA LYS A 152 -26.11 23.95 32.56
C LYS A 152 -25.26 23.94 31.31
N LEU A 153 -25.56 24.86 30.42
CA LEU A 153 -24.91 24.87 29.12
C LEU A 153 -23.58 25.57 29.06
N PHE A 154 -23.47 26.64 29.83
CA PHE A 154 -22.35 27.59 29.67
C PHE A 154 -21.34 27.57 30.80
N ASP A 155 -21.55 26.62 31.70
CA ASP A 155 -20.66 26.44 32.84
C ASP A 155 -20.23 24.97 32.90
N GLY A 156 -18.92 24.77 32.93
CA GLY A 156 -18.36 23.45 32.99
C GLY A 156 -17.85 22.93 31.67
N GLU A 157 -17.18 21.80 31.77
CA GLU A 157 -16.65 21.09 30.60
C GLU A 157 -17.77 20.32 29.90
N ARG A 158 -17.70 20.34 28.58
CA ARG A 158 -18.68 19.67 27.75
C ARG A 158 -18.10 18.40 27.25
N GLY A 159 -18.98 17.60 26.66
CA GLY A 159 -18.64 16.34 26.03
C GLY A 159 -18.03 15.23 26.87
N LEU A 160 -18.29 15.26 28.16
CA LEU A 160 -17.74 14.24 29.09
C LEU A 160 -18.59 12.96 29.15
N GLY A 161 -19.77 13.03 28.54
CA GLY A 161 -20.68 11.90 28.47
C GLY A 161 -21.51 11.56 29.70
N TYR A 162 -22.69 11.04 29.44
CA TYR A 162 -23.63 10.57 30.48
C TYR A 162 -24.56 9.51 29.87
N PRO A 163 -24.64 8.31 30.46
CA PRO A 163 -23.94 7.81 31.64
C PRO A 163 -22.48 7.78 31.35
N ARG A 164 -21.69 7.96 32.38
CA ARG A 164 -20.23 8.02 32.16
C ARG A 164 -19.67 6.75 31.50
N GLU A 165 -20.31 5.61 31.76
CA GLU A 165 -19.80 4.35 31.20
C GLU A 165 -19.98 4.34 29.68
N ARG A 166 -20.76 5.29 29.19
CA ARG A 166 -20.98 5.38 27.75
C ARG A 166 -20.17 6.50 27.10
N ALA A 167 -19.29 7.11 27.89
CA ALA A 167 -18.53 8.30 27.42
C ALA A 167 -17.68 8.14 26.17
N GLU A 168 -16.92 7.07 26.07
CA GLU A 168 -16.03 6.89 24.89
C GLU A 168 -16.81 6.67 23.64
N ILE A 169 -17.81 5.84 23.78
CA ILE A 169 -18.70 5.48 22.69
C ILE A 169 -19.28 6.77 22.14
N ARG A 171 -18.26 9.93 22.56
CA ARG A 171 -17.29 10.88 22.00
CA ARG A 171 -17.28 10.86 22.01
C ARG A 171 -17.01 10.48 20.56
N LYS A 172 -16.91 9.20 20.34
CA LYS A 172 -16.61 8.66 19.04
C LYS A 172 -17.76 8.86 18.10
N ASN A 173 -18.94 8.64 18.63
CA ASN A 173 -20.13 8.79 17.83
C ASN A 173 -20.30 10.24 17.38
N ARG A 174 -19.90 11.20 18.22
CA ARG A 174 -20.07 12.63 17.86
C ARG A 174 -19.19 12.87 16.65
N GLY A 175 -18.02 12.25 16.68
CA GLY A 175 -17.08 12.37 15.57
C GLY A 175 -17.58 11.82 14.24
N ILE A 176 -18.27 10.69 14.35
CA ILE A 176 -18.74 9.92 13.22
C ILE A 176 -19.92 10.67 12.61
N LEU A 177 -20.67 11.29 13.50
CA LEU A 177 -21.81 12.16 13.12
C LEU A 177 -21.28 13.39 12.35
N ARG A 178 -20.21 14.00 12.83
CA ARG A 178 -19.64 15.17 12.09
C ARG A 178 -19.17 14.75 10.68
N GLU A 179 -18.57 13.56 10.57
CA GLU A 179 -18.15 13.09 9.28
C GLU A 179 -19.33 12.82 8.35
N LEU A 180 -20.38 12.27 8.95
CA LEU A 180 -21.58 11.94 8.18
C LEU A 180 -22.11 13.23 7.61
N LYS A 181 -22.25 14.25 8.45
CA LYS A 181 -22.85 15.53 7.98
C LYS A 181 -21.93 16.23 6.98
N ASP A 182 -20.63 16.01 7.13
CA ASP A 182 -19.65 16.65 6.21
C ASP A 182 -19.86 16.08 4.83
N ALA A 183 -20.33 14.86 4.81
CA ALA A 183 -20.57 14.16 3.56
C ALA A 183 -21.91 14.59 2.96
N SER A 184 -22.87 14.90 3.81
CA SER A 184 -24.20 15.23 3.31
CA SER A 184 -24.21 15.25 3.36
C SER A 184 -24.39 16.69 2.96
N CYS A 185 -23.73 17.56 3.68
CA CYS A 185 -23.93 18.99 3.52
C CYS A 185 -22.81 19.67 2.81
N ARG A 186 -23.17 20.60 1.97
CA ARG A 186 -22.17 21.41 1.27
C ARG A 186 -21.58 22.48 2.19
N ASP A 187 -20.42 22.98 1.83
CA ASP A 187 -19.74 24.01 2.66
C ASP A 187 -20.60 25.27 2.69
N LEU A 189 -20.01 28.41 2.46
CA LEU A 189 -19.82 29.45 1.41
C LEU A 189 -20.59 29.06 0.17
N THR A 190 -20.56 27.78 -0.14
CA THR A 190 -21.33 27.30 -1.30
C THR A 190 -22.83 27.49 -1.10
N VAL A 191 -23.27 27.26 0.12
CA VAL A 191 -24.68 27.42 0.42
C VAL A 191 -25.10 28.89 0.21
N LEU A 192 -24.26 29.76 0.69
CA LEU A 192 -24.55 31.22 0.57
C LEU A 192 -24.72 31.67 -0.85
N LYS A 193 -23.94 31.08 -1.74
CA LYS A 193 -23.94 31.49 -3.14
C LYS A 193 -25.03 30.88 -3.94
N THR A 194 -25.65 29.87 -3.37
CA THR A 194 -26.63 29.11 -4.11
C THR A 194 -28.04 29.18 -3.55
N VAL A 195 -28.19 29.63 -2.32
CA VAL A 195 -29.51 29.85 -1.71
C VAL A 195 -30.24 31.03 -2.34
N ASP A 196 -31.53 31.13 -2.06
CA ASP A 196 -32.32 32.31 -2.46
C ASP A 196 -31.65 33.51 -1.92
N GLN A 197 -31.34 34.44 -2.82
CA GLN A 197 -30.54 35.60 -2.43
C GLN A 197 -31.32 36.62 -1.62
N ASP A 198 -32.63 36.72 -1.87
CA ASP A 198 -33.43 37.66 -1.09
C ASP A 198 -33.61 37.13 0.34
N LEU A 199 -33.58 35.81 0.47
CA LEU A 199 -33.79 35.19 1.78
C LEU A 199 -32.52 35.48 2.57
N LEU A 200 -31.39 35.39 1.90
CA LEU A 200 -30.06 35.65 2.52
C LEU A 200 -29.95 37.12 2.96
N ARG A 201 -30.36 38.00 2.07
CA ARG A 201 -30.29 39.44 2.37
C ARG A 201 -31.17 39.77 3.57
N ALA A 202 -32.29 39.10 3.63
CA ALA A 202 -33.25 39.33 4.70
C ALA A 202 -32.66 38.82 6.03
N ALA A 203 -31.98 37.69 5.95
CA ALA A 203 -31.43 37.06 7.15
C ALA A 203 -30.39 37.95 7.83
N ILE A 204 -29.73 38.80 7.04
CA ILE A 204 -28.63 39.65 7.58
C ILE A 204 -28.98 41.13 7.57
N ALA A 205 -30.25 41.42 7.40
CA ALA A 205 -30.73 42.79 7.26
C ALA A 205 -30.80 43.55 8.59
N GLY A 206 -30.58 42.86 9.71
CA GLY A 206 -30.72 43.48 11.00
C GLY A 206 -29.94 44.77 11.18
N GLU A 207 -30.54 45.72 11.89
CA GLU A 207 -29.92 47.03 12.15
C GLU A 207 -28.50 46.94 12.61
N LYS A 208 -28.21 45.93 13.40
CA LYS A 208 -26.85 45.78 13.97
C LYS A 208 -26.05 44.64 13.48
N PHE A 209 -26.50 44.01 12.40
CA PHE A 209 -25.79 42.83 11.89
C PHE A 209 -24.31 43.07 11.70
N ALA A 210 -23.99 44.10 10.94
CA ALA A 210 -22.58 44.37 10.57
C ALA A 210 -21.67 44.56 11.77
N GLU A 211 -22.17 45.31 12.72
CA GLU A 211 -21.46 45.67 13.97
C GLU A 211 -21.13 44.44 14.82
N LEU A 212 -22.04 43.50 14.81
CA LEU A 212 -21.94 42.26 15.64
C LEU A 212 -21.16 41.22 14.91
N PHE A 213 -21.37 41.18 13.60
CA PHE A 213 -20.76 40.11 12.75
C PHE A 213 -19.30 40.30 12.32
N TYR A 214 -19.03 41.35 11.56
CA TYR A 214 -17.73 41.43 10.91
C TYR A 214 -16.54 41.52 11.84
N PRO A 215 -16.69 42.21 13.00
CA PRO A 215 -15.52 42.24 13.87
C PRO A 215 -15.18 40.89 14.45
N ASN A 216 -16.10 39.92 14.32
CA ASN A 216 -15.93 38.58 14.96
C ASN A 216 -15.76 37.41 13.98
N CYS A 217 -16.07 37.67 12.73
CA CYS A 217 -15.94 36.71 11.66
C CYS A 217 -14.49 36.38 11.44
N LYS A 218 -14.21 35.09 11.37
CA LYS A 218 -12.85 34.60 11.13
C LYS A 218 -12.63 34.10 9.71
N ASP A 219 -13.69 33.98 8.93
CA ASP A 219 -13.63 33.47 7.54
C ASP A 219 -13.83 34.62 6.59
N ASP A 220 -12.74 35.08 5.99
CA ASP A 220 -12.81 36.26 5.09
C ASP A 220 -13.62 36.09 3.84
N ALA A 221 -13.64 34.87 3.33
CA ALA A 221 -14.38 34.52 2.11
C ALA A 221 -15.85 34.71 2.36
N ILE A 222 -16.33 34.30 3.52
CA ILE A 222 -17.74 34.51 3.88
C ILE A 222 -18.02 36.01 4.09
N ALA A 223 -17.14 36.69 4.81
CA ALA A 223 -17.40 38.12 5.08
C ALA A 223 -17.45 38.90 3.79
N ASN A 224 -16.50 38.61 2.92
CA ASN A 224 -16.43 39.36 1.68
C ASN A 224 -17.58 39.07 0.72
N TYR A 225 -18.07 37.84 0.75
CA TYR A 225 -19.26 37.50 -0.03
C TYR A 225 -20.47 38.28 0.45
N LEU A 226 -20.68 38.31 1.76
CA LEU A 226 -21.88 38.97 2.30
C LEU A 226 -21.73 40.46 2.00
N ARG A 227 -20.51 40.93 2.03
CA ARG A 227 -20.26 42.38 1.77
C ARG A 227 -20.64 42.72 0.35
N SER A 228 -20.48 41.74 -0.54
CA SER A 228 -20.68 41.91 -1.97
C SER A 228 -22.14 41.97 -2.29
N LEU A 229 -22.98 41.62 -1.34
CA LEU A 229 -24.40 41.66 -1.62
C LEU A 229 -24.77 43.16 -1.60
N GLY B 19 -53.05 5.78 4.06
CA GLY B 19 -52.18 4.71 4.66
C GLY B 19 -50.73 5.08 4.43
N LYS B 21 -46.56 4.02 5.23
CA LYS B 21 -45.58 3.02 5.60
C LYS B 21 -44.72 3.72 6.67
N ILE B 22 -44.82 3.25 7.89
CA ILE B 22 -44.12 3.83 9.05
C ILE B 22 -43.04 2.88 9.48
N ALA B 23 -41.81 3.42 9.45
CA ALA B 23 -40.64 2.64 9.87
C ALA B 23 -40.14 2.98 11.25
N LEU B 24 -39.81 1.95 12.01
CA LEU B 24 -39.29 2.06 13.38
C LEU B 24 -37.82 1.62 13.41
N ILE B 25 -36.99 2.45 14.02
CA ILE B 25 -35.57 2.20 14.09
C ILE B 25 -35.06 2.51 15.48
N ILE B 26 -34.38 1.55 16.10
CA ILE B 26 -33.94 1.71 17.46
C ILE B 26 -32.47 1.35 17.62
N GLU B 27 -31.70 2.17 18.34
CA GLU B 27 -30.23 1.90 18.46
C GLU B 27 -29.88 1.08 19.71
N ASN B 28 -28.62 0.70 19.79
CA ASN B 28 -28.21 -0.22 20.84
C ASN B 28 -28.49 0.19 22.28
N SER B 29 -28.42 1.48 22.60
CA SER B 29 -28.61 1.89 23.99
C SER B 29 -30.02 1.57 24.46
N GLN B 30 -30.96 1.54 23.53
CA GLN B 30 -32.34 1.36 23.87
C GLN B 30 -32.98 0.11 23.26
N ALA B 31 -32.13 -0.77 22.72
CA ALA B 31 -32.58 -1.95 22.00
C ALA B 31 -33.58 -2.78 22.80
N ALA B 32 -33.34 -2.92 24.06
CA ALA B 32 -34.22 -3.79 24.88
C ALA B 32 -35.62 -3.22 24.93
N LYS B 33 -35.77 -1.97 24.49
CA LYS B 33 -37.08 -1.31 24.51
C LYS B 33 -37.80 -1.39 23.17
N ASN B 34 -37.17 -2.01 22.18
CA ASN B 34 -37.79 -2.09 20.85
C ASN B 34 -39.17 -2.75 20.85
N ALA B 35 -39.33 -3.83 21.62
CA ALA B 35 -40.64 -4.57 21.61
C ALA B 35 -41.81 -3.72 22.11
N VAL B 36 -41.50 -3.00 23.17
CA VAL B 36 -42.48 -2.13 23.81
C VAL B 36 -42.90 -0.99 22.92
N VAL B 37 -41.90 -0.36 22.33
CA VAL B 37 -42.18 0.71 21.42
C VAL B 37 -42.96 0.22 20.18
N HIS B 38 -42.50 -0.89 19.63
CA HIS B 38 -43.17 -1.50 18.45
C HIS B 38 -44.59 -1.81 18.75
N GLU B 39 -44.81 -2.32 19.95
CA GLU B 39 -46.17 -2.66 20.41
C GLU B 39 -47.06 -1.42 20.50
N ALA B 40 -46.52 -0.34 21.07
CA ALA B 40 -47.33 0.89 21.18
C ALA B 40 -47.65 1.35 19.81
N LEU B 41 -46.66 1.24 18.91
CA LEU B 41 -46.84 1.79 17.59
C LEU B 41 -47.82 1.00 16.78
N THR B 42 -47.73 -0.32 16.81
CA THR B 42 -48.66 -1.15 16.00
C THR B 42 -50.11 -1.02 16.52
N THR B 43 -50.23 -0.90 17.82
CA THR B 43 -51.52 -0.78 18.51
C THR B 43 -52.28 0.43 18.01
N VAL B 44 -51.56 1.51 17.77
CA VAL B 44 -52.23 2.71 17.32
C VAL B 44 -52.33 2.80 15.82
N ALA B 45 -51.20 2.50 15.13
CA ALA B 45 -51.15 2.79 13.68
C ALA B 45 -51.86 1.76 12.83
N GLU B 46 -51.83 0.51 13.25
CA GLU B 46 -52.43 -0.54 12.39
C GLU B 46 -53.95 -0.34 12.21
N PRO B 47 -54.68 -0.07 13.31
CA PRO B 47 -56.14 0.12 13.15
C PRO B 47 -56.50 1.34 12.36
N LEU B 48 -55.52 2.23 12.19
CA LEU B 48 -55.71 3.48 11.45
C LEU B 48 -55.42 3.28 9.96
N GLY B 49 -55.07 2.06 9.64
CA GLY B 49 -54.84 1.65 8.25
C GLY B 49 -53.43 1.82 7.71
N HIS B 50 -52.48 2.00 8.63
CA HIS B 50 -51.06 2.14 8.25
C HIS B 50 -50.36 0.83 8.40
N LYS B 51 -49.16 0.80 7.87
CA LYS B 51 -48.32 -0.36 7.95
C LYS B 51 -47.04 -0.03 8.66
N VAL B 52 -46.72 -0.85 9.64
CA VAL B 52 -45.52 -0.66 10.46
C VAL B 52 -44.42 -1.63 10.11
N PHE B 53 -43.24 -1.06 9.87
CA PHE B 53 -42.05 -1.84 9.58
C PHE B 53 -41.01 -1.66 10.67
N ASN B 54 -40.72 -2.73 11.34
CA ASN B 54 -39.73 -2.72 12.42
C ASN B 54 -38.36 -3.11 11.89
N TYR B 55 -37.53 -2.08 11.72
CA TYR B 55 -36.18 -2.27 11.19
C TYR B 55 -35.18 -2.68 12.28
N GLY B 56 -35.69 -2.83 13.50
CA GLY B 56 -34.86 -3.20 14.67
C GLY B 56 -34.09 -2.03 15.26
N TYR B 58 -33.92 -5.38 17.49
CA TYR B 58 -35.03 -6.11 18.10
C TYR B 58 -34.69 -6.45 19.55
N THR B 59 -33.42 -6.74 19.78
CA THR B 59 -32.92 -7.05 21.10
C THR B 59 -31.53 -6.51 21.18
N ALA B 60 -31.05 -6.46 22.40
CA ALA B 60 -29.73 -5.93 22.69
C ALA B 60 -28.64 -6.87 22.18
N GLU B 61 -29.05 -8.11 21.91
CA GLU B 61 -28.12 -9.18 21.46
C GLU B 61 -28.03 -9.36 19.95
N ASP B 62 -28.73 -8.49 19.22
CA ASP B 62 -28.66 -8.55 17.76
C ASP B 62 -27.22 -8.50 17.28
N LYS B 63 -26.90 -9.33 16.30
CA LYS B 63 -25.56 -9.33 15.73
C LYS B 63 -25.35 -8.00 15.04
N ALA B 64 -26.38 -7.56 14.34
CA ALA B 64 -26.33 -6.27 13.65
C ALA B 64 -26.72 -5.13 14.58
N SER B 65 -25.72 -4.52 15.21
CA SER B 65 -25.92 -3.38 16.12
C SER B 65 -25.91 -2.00 15.41
N LEU B 66 -26.79 -1.13 15.88
CA LEU B 66 -26.94 0.22 15.39
C LEU B 66 -26.62 1.29 16.42
N THR B 67 -26.01 2.36 15.91
CA THR B 67 -25.79 3.56 16.71
C THR B 67 -26.78 4.58 16.19
N TYR B 68 -26.93 5.64 16.98
CA TYR B 68 -27.87 6.72 16.62
C TYR B 68 -27.47 7.39 15.32
N VAL B 69 -26.18 7.29 14.98
CA VAL B 69 -25.74 7.89 13.70
C VAL B 69 -26.32 7.05 12.54
N ASN B 71 -28.97 5.29 12.75
CA ASN B 71 -30.42 5.50 12.77
C ASN B 71 -30.77 6.61 11.78
N GLY B 72 -29.99 7.68 11.83
CA GLY B 72 -30.18 8.81 10.92
C GLY B 72 -29.92 8.46 9.48
N LEU B 73 -28.82 7.76 9.26
CA LEU B 73 -28.47 7.35 7.90
C LEU B 73 -29.57 6.44 7.33
N LEU B 74 -30.01 5.49 8.17
CA LEU B 74 -31.07 4.56 7.73
C LEU B 74 -32.33 5.35 7.43
N ALA B 75 -32.65 6.30 8.31
CA ALA B 75 -33.85 7.11 8.08
C ALA B 75 -33.78 7.78 6.76
N GLY B 76 -32.60 8.28 6.38
CA GLY B 76 -32.45 8.92 5.09
C GLY B 76 -32.67 7.97 3.94
N ILE B 77 -32.18 6.75 4.09
CA ILE B 77 -32.35 5.74 3.02
C ILE B 77 -33.81 5.45 2.81
N LEU B 78 -34.52 5.26 3.91
CA LEU B 78 -35.94 4.82 3.84
C LEU B 78 -36.79 5.88 3.30
N LEU B 79 -36.60 7.12 3.74
CA LEU B 79 -37.45 8.23 3.32
C LEU B 79 -37.21 8.67 1.88
N ASN B 80 -35.95 8.71 1.49
CA ASN B 80 -35.60 9.14 0.13
C ASN B 80 -35.92 8.09 -0.94
N SER B 81 -35.92 6.87 -0.51
CA SER B 81 -36.18 5.74 -1.41
C SER B 81 -37.64 5.44 -1.57
N GLY B 82 -38.45 6.00 -0.68
CA GLY B 82 -39.91 5.77 -0.62
C GLY B 82 -40.30 4.48 0.11
N ALA B 83 -39.34 3.80 0.69
CA ALA B 83 -39.58 2.56 1.39
C ALA B 83 -40.36 2.85 2.69
N ALA B 84 -40.25 4.09 3.16
CA ALA B 84 -41.05 4.56 4.31
C ALA B 84 -41.52 5.92 4.01
N ASP B 85 -42.71 6.21 4.49
CA ASP B 85 -43.35 7.51 4.37
C ASP B 85 -43.04 8.33 5.62
N PHE B 86 -42.74 7.62 6.69
CA PHE B 86 -42.52 8.23 8.02
C PHE B 86 -41.61 7.35 8.80
N VAL B 87 -40.73 7.97 9.58
CA VAL B 87 -39.81 7.22 10.43
C VAL B 87 -39.96 7.58 11.88
N VAL B 88 -40.05 6.54 12.71
CA VAL B 88 -40.06 6.69 14.17
C VAL B 88 -38.76 6.18 14.75
N THR B 89 -38.05 7.06 15.46
CA THR B 89 -36.76 6.64 16.02
C THR B 89 -36.49 7.32 17.35
N GLY B 90 -35.25 7.28 17.75
CA GLY B 90 -34.88 7.91 18.99
C GLY B 90 -33.75 7.20 19.65
N GLY B 92 -31.61 7.56 23.87
CA GLY B 92 -31.82 7.82 25.28
C GLY B 92 -32.57 9.09 25.56
N THR B 93 -32.17 10.12 24.82
CA THR B 93 -32.82 11.43 24.89
C THR B 93 -33.52 11.75 23.61
N GLY B 94 -33.12 11.06 22.55
CA GLY B 94 -33.67 11.31 21.25
C GLY B 94 -32.90 12.38 20.46
N GLY B 96 -29.50 12.58 19.69
CA GLY B 96 -28.58 12.00 18.73
C GLY B 96 -29.25 11.67 17.43
N SER B 97 -30.30 10.87 17.53
CA SER B 97 -30.99 10.38 16.34
C SER B 97 -31.58 11.51 15.55
N LEU B 99 -30.38 14.58 15.41
CA LEU B 99 -29.33 15.30 14.74
C LEU B 99 -28.87 14.59 13.49
N ALA B 100 -28.73 13.28 13.61
CA ALA B 100 -28.28 12.44 12.52
C ALA B 100 -29.27 12.42 11.35
N ALA B 101 -30.52 12.34 11.72
CA ALA B 101 -31.60 12.26 10.76
C ALA B 101 -31.71 13.55 9.99
N ASN B 102 -31.55 14.64 10.73
CA ASN B 102 -31.65 15.99 10.10
C ASN B 102 -30.41 16.34 9.28
N ALA B 103 -29.36 15.54 9.43
CA ALA B 103 -28.20 15.73 8.59
C ALA B 103 -28.45 15.21 7.18
N PRO B 105 -30.48 14.58 3.48
CA PRO B 105 -31.42 15.30 2.60
C PRO B 105 -32.80 14.73 2.72
N GLY B 106 -33.78 15.60 2.52
CA GLY B 106 -35.18 15.21 2.51
C GLY B 106 -35.78 14.78 3.81
N VAL B 107 -35.00 14.73 4.89
CA VAL B 107 -35.49 14.34 6.19
C VAL B 107 -35.75 15.55 7.11
N PHE B 108 -36.94 15.55 7.70
CA PHE B 108 -37.36 16.59 8.66
C PHE B 108 -37.88 15.91 9.88
N CYS B 109 -36.99 15.80 10.85
CA CYS B 109 -37.18 15.03 12.06
C CYS B 109 -37.38 15.86 13.26
N GLY B 110 -38.57 15.73 13.82
CA GLY B 110 -38.82 16.41 15.06
C GLY B 110 -38.37 15.62 16.26
N LEU B 111 -38.17 16.36 17.32
CA LEU B 111 -37.94 15.84 18.64
C LEU B 111 -39.21 16.10 19.39
N VAL B 112 -39.95 15.02 19.61
CA VAL B 112 -41.26 15.09 20.20
C VAL B 112 -41.29 14.48 21.57
N ILE B 113 -41.92 15.19 22.49
CA ILE B 113 -41.99 14.73 23.87
C ILE B 113 -43.41 14.37 24.33
N ASP B 114 -44.31 15.32 24.19
CA ASP B 114 -45.69 15.09 24.57
C ASP B 114 -46.68 15.18 23.42
N PRO B 115 -47.97 14.87 23.67
CA PRO B 115 -49.01 14.88 22.62
C PRO B 115 -49.25 16.22 21.98
N THR B 116 -49.07 17.30 22.72
CA THR B 116 -49.21 18.64 22.13
C THR B 116 -48.05 18.89 21.18
N ASP B 117 -46.87 18.48 21.59
CA ASP B 117 -45.70 18.62 20.72
C ASP B 117 -45.95 17.93 19.39
N ALA B 118 -46.52 16.73 19.52
CA ALA B 118 -46.77 15.86 18.35
C ALA B 118 -47.77 16.47 17.44
N PHE B 119 -48.82 16.98 18.04
CA PHE B 119 -49.88 17.64 17.29
C PHE B 119 -49.41 18.83 16.48
N LEU B 120 -48.70 19.69 17.18
CA LEU B 120 -48.18 20.89 16.56
C LEU B 120 -47.15 20.54 15.51
N PHE B 121 -46.34 19.54 15.80
CA PHE B 121 -45.30 19.13 14.83
C PHE B 121 -46.00 18.77 13.53
N GLY B 122 -47.09 18.05 13.65
CA GLY B 122 -47.76 17.52 12.50
C GLY B 122 -48.45 18.61 11.72
N GLN B 123 -48.95 19.60 12.43
CA GLN B 123 -49.80 20.67 11.79
C GLN B 123 -48.99 21.86 11.29
N ILE B 124 -47.91 22.11 11.99
CA ILE B 124 -47.05 23.25 11.67
C ILE B 124 -45.88 22.88 10.79
N ASN B 125 -45.09 21.92 11.23
CA ASN B 125 -43.88 21.52 10.49
C ASN B 125 -44.14 20.41 9.42
N ASP B 126 -45.10 19.55 9.70
CA ASP B 126 -45.45 18.47 8.82
C ASP B 126 -44.19 17.74 8.39
N GLY B 127 -43.40 17.32 9.36
CA GLY B 127 -42.21 16.54 9.04
C GLY B 127 -42.48 15.07 8.74
N ASN B 128 -41.42 14.31 8.44
CA ASN B 128 -41.50 12.88 8.04
C ASN B 128 -40.78 11.94 8.96
N ALA B 129 -40.37 12.47 10.09
CA ALA B 129 -39.77 11.64 11.11
C ALA B 129 -39.86 12.28 12.48
N ILE B 130 -39.90 11.43 13.48
CA ILE B 130 -39.79 11.89 14.87
C ILE B 130 -38.78 11.06 15.57
N SER B 131 -38.11 11.71 16.51
CA SER B 131 -37.16 11.07 17.45
C SER B 131 -37.65 11.36 18.85
N PRO B 133 -37.37 10.37 23.28
CA PRO B 133 -36.61 9.86 24.36
C PRO B 133 -37.17 8.55 24.90
N TYR B 134 -36.30 7.55 25.02
CA TYR B 134 -36.71 6.21 25.51
C TYR B 134 -36.00 5.88 26.84
N SER B 135 -35.16 6.80 27.32
CA SER B 135 -34.56 6.67 28.67
C SER B 135 -34.91 7.83 29.59
N LYS B 136 -34.46 9.00 29.18
CA LYS B 136 -34.78 10.23 29.93
C LYS B 136 -36.28 10.46 29.96
N GLY B 137 -36.83 10.45 31.17
CA GLY B 137 -38.25 10.63 31.38
C GLY B 137 -39.06 9.41 31.07
N PHE B 138 -38.39 8.27 30.82
CA PHE B 138 -39.09 7.05 30.43
C PHE B 138 -39.22 5.99 31.52
N GLY B 139 -40.32 6.05 32.23
CA GLY B 139 -40.62 5.08 33.27
C GLY B 139 -42.01 4.58 33.19
N TRP B 140 -42.61 4.39 34.36
CA TRP B 140 -43.99 3.94 34.43
C TRP B 140 -44.86 4.65 33.45
N ALA B 141 -45.49 3.83 32.63
CA ALA B 141 -46.55 4.28 31.74
C ALA B 141 -46.06 5.16 30.61
N ALA B 142 -44.74 5.18 30.43
CA ALA B 142 -44.17 5.92 29.33
C ALA B 142 -44.68 5.40 27.97
N GLU B 143 -45.02 4.11 27.92
CA GLU B 143 -45.55 3.48 26.69
C GLU B 143 -46.94 4.00 26.36
N LEU B 144 -47.62 4.55 27.36
CA LEU B 144 -48.97 5.12 27.19
C LEU B 144 -48.91 6.51 26.56
N ASN B 145 -47.88 7.26 26.95
CA ASN B 145 -47.61 8.54 26.30
C ASN B 145 -47.21 8.33 24.83
N LEU B 146 -46.55 7.21 24.54
CA LEU B 146 -46.12 6.92 23.15
C LEU B 146 -47.34 6.78 22.30
N GLN B 147 -48.31 6.03 22.82
CA GLN B 147 -49.59 5.88 22.12
C GLN B 147 -50.31 7.18 21.91
N ASP B 148 -50.36 8.02 22.95
CA ASP B 148 -51.05 9.28 22.87
C ASP B 148 -50.44 10.12 21.75
N VAL B 149 -49.12 10.06 21.69
CA VAL B 149 -48.36 10.81 20.69
C VAL B 149 -48.68 10.25 19.29
N TYR B 150 -48.67 8.93 19.16
CA TYR B 150 -48.93 8.30 17.84
C TYR B 150 -50.32 8.67 17.35
N ARG B 151 -51.27 8.71 18.27
CA ARG B 151 -52.64 9.13 17.94
C ARG B 151 -52.73 10.52 17.39
N LYS B 152 -51.85 11.41 17.83
CA LYS B 152 -51.85 12.81 17.32
C LYS B 152 -51.21 12.93 15.93
N LEU B 153 -50.32 12.02 15.65
CA LEU B 153 -49.53 12.11 14.41
C LEU B 153 -50.10 11.39 13.23
N PHE B 154 -50.75 10.27 13.53
CA PHE B 154 -51.17 9.37 12.46
C PHE B 154 -52.66 9.29 12.19
N ASP B 155 -53.40 10.09 12.93
CA ASP B 155 -54.83 10.20 12.72
C ASP B 155 -55.05 11.63 12.31
N GLY B 156 -55.58 11.80 11.11
CA GLY B 156 -55.86 13.15 10.59
C GLY B 156 -54.91 13.71 9.54
N GLU B 157 -55.42 14.71 8.85
CA GLU B 157 -54.65 15.41 7.84
C GLU B 157 -53.59 16.22 8.56
N ARG B 158 -52.40 16.20 7.99
CA ARG B 158 -51.25 16.94 8.51
C ARG B 158 -50.99 18.20 7.74
N GLY B 159 -50.34 19.15 8.38
CA GLY B 159 -49.92 20.38 7.72
C GLY B 159 -51.03 21.36 7.45
N LEU B 160 -52.15 21.18 8.12
CA LEU B 160 -53.32 22.06 7.93
C LEU B 160 -53.05 23.35 8.67
N GLY B 161 -51.99 23.29 9.47
CA GLY B 161 -51.56 24.44 10.28
C GLY B 161 -52.37 24.67 11.53
N TYR B 162 -51.71 25.25 12.52
CA TYR B 162 -52.34 25.62 13.80
C TYR B 162 -51.93 27.03 14.17
N PRO B 163 -52.88 27.99 14.12
CA PRO B 163 -54.30 27.78 13.76
C PRO B 163 -54.56 27.77 12.24
N ARG B 164 -55.52 26.93 11.85
CA ARG B 164 -55.87 26.69 10.43
C ARG B 164 -55.93 27.96 9.58
N GLU B 165 -56.01 29.10 10.26
CA GLU B 165 -56.07 30.40 9.61
C GLU B 165 -54.68 30.83 9.22
N ARG B 166 -53.80 30.61 10.18
CA ARG B 166 -52.38 30.98 10.06
C ARG B 166 -51.59 29.93 9.30
N ALA B 167 -52.36 29.00 8.74
CA ALA B 167 -51.85 27.85 8.00
C ALA B 167 -51.17 28.24 6.73
N GLU B 168 -51.30 29.52 6.40
CA GLU B 168 -50.77 30.04 5.12
C GLU B 168 -49.32 30.40 5.19
N ILE B 169 -48.98 31.15 6.23
CA ILE B 169 -47.62 31.57 6.41
C ILE B 169 -46.79 30.32 6.63
N ARG B 171 -47.36 27.12 5.74
CA ARG B 171 -47.24 26.26 4.56
C ARG B 171 -46.16 26.80 3.67
N LYS B 172 -46.08 28.13 3.66
CA LYS B 172 -45.11 28.81 2.79
C LYS B 172 -43.71 28.61 3.28
N ASN B 173 -43.59 28.83 4.57
CA ASN B 173 -42.30 28.71 5.25
C ASN B 173 -41.73 27.31 5.14
N ARG B 174 -42.62 26.32 5.15
CA ARG B 174 -42.19 24.93 5.08
C ARG B 174 -41.53 24.76 3.72
N GLY B 175 -42.09 25.44 2.72
CA GLY B 175 -41.58 25.35 1.35
C GLY B 175 -40.23 25.97 1.18
N ILE B 176 -40.09 27.11 1.85
CA ILE B 176 -38.85 27.88 1.81
C ILE B 176 -37.75 27.08 2.51
N LEU B 177 -38.12 26.36 3.57
CA LEU B 177 -37.21 25.49 4.35
C LEU B 177 -36.69 24.33 3.51
N ARG B 178 -37.60 23.71 2.77
CA ARG B 178 -37.26 22.62 1.88
C ARG B 178 -36.30 23.05 0.80
N GLU B 179 -36.54 24.25 0.28
CA GLU B 179 -35.66 24.82 -0.75
C GLU B 179 -34.27 25.14 -0.18
N LEU B 180 -34.26 25.61 1.05
CA LEU B 180 -33.00 25.98 1.71
C LEU B 180 -32.23 24.69 1.94
N LYS B 181 -32.92 23.66 2.39
CA LYS B 181 -32.22 22.39 2.68
C LYS B 181 -31.76 21.73 1.37
N ASP B 182 -32.53 21.96 0.29
CA ASP B 182 -32.13 21.40 -1.02
C ASP B 182 -30.79 21.99 -1.44
N ALA B 183 -30.55 23.22 -1.03
CA ALA B 183 -29.32 23.91 -1.39
C ALA B 183 -28.16 23.42 -0.50
N SER B 184 -28.44 23.07 0.75
CA SER B 184 -27.35 22.64 1.65
C SER B 184 -26.96 21.20 1.52
N CYS B 185 -27.95 20.32 1.35
CA CYS B 185 -27.74 18.86 1.30
C CYS B 185 -27.66 18.29 -0.10
N ARG B 186 -26.70 17.39 -0.24
CA ARG B 186 -26.54 16.63 -1.50
C ARG B 186 -27.61 15.57 -1.62
N ASP B 187 -27.81 15.07 -2.81
CA ASP B 187 -28.87 14.07 -3.02
C ASP B 187 -28.48 12.80 -2.30
N LEU B 189 -28.36 9.60 -3.00
CA LEU B 189 -27.49 8.67 -3.76
C LEU B 189 -26.04 9.14 -3.61
N THR B 190 -25.83 10.44 -3.77
CA THR B 190 -24.48 11.00 -3.59
C THR B 190 -23.97 10.76 -2.19
N VAL B 191 -24.88 10.92 -1.24
CA VAL B 191 -24.52 10.70 0.16
C VAL B 191 -24.12 9.24 0.35
N LEU B 192 -24.86 8.32 -0.26
CA LEU B 192 -24.58 6.86 -0.12
C LEU B 192 -23.19 6.48 -0.68
N LYS B 193 -22.85 7.15 -1.78
CA LYS B 193 -21.53 6.95 -2.42
C LYS B 193 -20.34 7.58 -1.68
N THR B 194 -20.60 8.58 -0.83
CA THR B 194 -19.49 9.29 -0.24
C THR B 194 -19.32 9.09 1.24
N VAL B 195 -20.36 8.54 1.88
CA VAL B 195 -20.31 8.23 3.31
C VAL B 195 -19.34 7.08 3.64
N ASP B 196 -18.87 7.07 4.86
CA ASP B 196 -18.08 5.92 5.37
C ASP B 196 -18.85 4.65 5.02
N GLN B 197 -18.24 3.79 4.20
CA GLN B 197 -18.92 2.58 3.71
C GLN B 197 -19.12 1.47 4.78
N ASP B 198 -18.37 1.51 5.85
CA ASP B 198 -18.57 0.52 6.89
C ASP B 198 -19.78 0.95 7.67
N LEU B 199 -20.00 2.27 7.70
CA LEU B 199 -21.10 2.83 8.48
C LEU B 199 -22.38 2.48 7.73
N LEU B 200 -22.30 2.60 6.42
CA LEU B 200 -23.44 2.30 5.56
C LEU B 200 -23.78 0.80 5.67
N ARG B 201 -22.77 -0.06 5.56
CA ARG B 201 -23.03 -1.51 5.62
C ARG B 201 -23.71 -1.86 6.93
N ALA B 202 -23.20 -1.31 8.01
CA ALA B 202 -23.72 -1.56 9.35
C ALA B 202 -25.15 -1.08 9.47
N ALA B 203 -25.42 0.04 8.85
CA ALA B 203 -26.76 0.66 8.99
C ALA B 203 -27.86 -0.23 8.37
N ILE B 204 -27.46 -1.02 7.38
CA ILE B 204 -28.43 -1.87 6.63
C ILE B 204 -28.24 -3.39 6.87
N ALA B 205 -27.45 -3.71 7.88
CA ALA B 205 -27.04 -5.10 8.19
C ALA B 205 -28.06 -5.94 8.94
N GLY B 206 -29.13 -5.28 9.34
CA GLY B 206 -30.22 -5.95 10.06
C GLY B 206 -30.77 -7.14 9.29
N GLU B 207 -31.18 -8.15 10.04
CA GLU B 207 -31.58 -9.43 9.43
C GLU B 207 -32.77 -9.31 8.56
N LYS B 208 -33.62 -8.32 8.85
CA LYS B 208 -34.82 -8.19 8.08
C LYS B 208 -34.81 -7.07 7.08
N PHE B 209 -33.66 -6.41 6.98
CA PHE B 209 -33.58 -5.22 6.11
C PHE B 209 -33.98 -5.49 4.67
N ALA B 210 -33.35 -6.51 4.08
CA ALA B 210 -33.58 -6.82 2.66
C ALA B 210 -35.04 -7.12 2.43
N GLU B 211 -35.58 -7.89 3.36
CA GLU B 211 -37.00 -8.30 3.32
C GLU B 211 -37.95 -7.11 3.42
N LEU B 212 -37.62 -6.20 4.31
CA LEU B 212 -38.49 -5.02 4.48
C LEU B 212 -38.33 -3.93 3.42
N PHE B 213 -37.10 -3.77 2.99
CA PHE B 213 -36.75 -2.64 2.10
C PHE B 213 -36.98 -2.76 0.60
N TYR B 214 -36.31 -3.74 0.00
CA TYR B 214 -36.30 -3.86 -1.46
C TYR B 214 -37.68 -3.89 -2.06
N PRO B 215 -38.62 -4.64 -1.45
CA PRO B 215 -39.94 -4.63 -2.06
C PRO B 215 -40.61 -3.30 -2.02
N ASN B 216 -40.16 -2.41 -1.14
CA ASN B 216 -40.83 -1.10 -0.88
C ASN B 216 -40.08 0.12 -1.43
N CYS B 217 -38.88 -0.15 -1.88
CA CYS B 217 -37.98 0.89 -2.46
C CYS B 217 -38.44 1.30 -3.83
N LYS B 218 -38.76 2.57 -3.97
CA LYS B 218 -39.22 3.12 -5.25
C LYS B 218 -38.08 3.66 -6.11
N ASP B 219 -36.93 3.87 -5.50
CA ASP B 219 -35.80 4.46 -6.20
C ASP B 219 -34.80 3.41 -6.59
N ASP B 220 -34.83 3.00 -7.85
CA ASP B 220 -33.96 1.91 -8.27
C ASP B 220 -32.47 2.13 -8.05
N ALA B 221 -32.04 3.37 -8.21
CA ALA B 221 -30.61 3.70 -8.11
C ALA B 221 -30.09 3.44 -6.70
N ILE B 222 -30.91 3.76 -5.72
CA ILE B 222 -30.56 3.51 -4.33
C ILE B 222 -30.51 1.99 -4.04
N ALA B 223 -31.54 1.32 -4.50
CA ALA B 223 -31.64 -0.14 -4.33
C ALA B 223 -30.41 -0.82 -4.98
N ASN B 224 -30.06 -0.33 -6.17
CA ASN B 224 -28.91 -0.89 -6.94
C ASN B 224 -27.62 -0.65 -6.23
N TYR B 225 -27.48 0.54 -5.66
CA TYR B 225 -26.25 0.88 -4.96
C TYR B 225 -26.09 0.03 -3.73
N LEU B 226 -27.18 -0.10 -2.98
CA LEU B 226 -27.10 -0.86 -1.76
C LEU B 226 -26.83 -2.34 -2.05
N ARG B 227 -27.42 -2.84 -3.11
CA ARG B 227 -27.20 -4.25 -3.49
C ARG B 227 -25.73 -4.45 -3.85
N SER B 228 -25.21 -3.45 -4.52
CA SER B 228 -23.84 -3.44 -5.05
C SER B 228 -22.88 -3.62 -3.92
N LEU B 229 -23.38 -3.51 -2.70
CA LEU B 229 -22.50 -3.64 -1.55
C LEU B 229 -22.27 -5.12 -1.26
N ASP B 230 -23.06 -5.96 -1.91
CA ASP B 230 -22.94 -7.42 -1.78
C ASP B 230 -21.96 -7.96 -2.83
N GLY C 19 -29.57 25.51 60.40
CA GLY C 19 -29.84 24.31 59.53
C GLY C 19 -31.21 23.70 59.79
N LYS C 21 -33.59 20.05 59.76
CA LYS C 21 -33.54 18.59 59.90
C LYS C 21 -34.48 18.12 58.80
N ILE C 22 -33.90 17.46 57.82
CA ILE C 22 -34.63 16.96 56.64
C ILE C 22 -34.74 15.43 56.66
N ALA C 23 -35.98 14.95 56.69
CA ALA C 23 -36.24 13.53 56.73
C ALA C 23 -36.62 13.01 55.36
N LEU C 24 -36.05 11.85 55.03
CA LEU C 24 -36.35 11.11 53.81
C LEU C 24 -37.19 9.86 54.15
N ILE C 25 -38.29 9.69 53.41
CA ILE C 25 -39.16 8.53 53.55
C ILE C 25 -39.55 7.96 52.18
N ILE C 26 -39.27 6.67 52.00
CA ILE C 26 -39.54 5.94 50.75
C ILE C 26 -40.36 4.67 51.05
N GLU C 27 -41.42 4.48 50.27
CA GLU C 27 -42.30 3.31 50.43
C GLU C 27 -41.81 2.13 49.57
N ASN C 28 -42.53 1.02 49.66
CA ASN C 28 -42.04 -0.24 49.06
C ASN C 28 -41.87 -0.29 47.54
N SER C 29 -42.79 0.32 46.82
CA SER C 29 -42.68 0.27 45.39
C SER C 29 -41.38 0.89 44.88
N GLN C 30 -40.76 1.77 45.67
CA GLN C 30 -39.54 2.48 45.23
C GLN C 30 -38.34 2.34 46.16
N ALA C 31 -38.46 1.42 47.12
CA ALA C 31 -37.38 1.19 48.13
C ALA C 31 -36.00 1.02 47.53
N ALA C 32 -35.99 0.48 46.34
CA ALA C 32 -34.73 0.16 45.63
C ALA C 32 -33.98 1.44 45.27
N LYS C 33 -34.72 2.55 45.33
CA LYS C 33 -34.19 3.86 44.93
C LYS C 33 -33.81 4.75 46.09
N ASN C 34 -33.99 4.23 47.30
CA ASN C 34 -33.68 5.03 48.48
C ASN C 34 -32.24 5.49 48.54
N ALA C 35 -31.35 4.63 48.07
CA ALA C 35 -29.92 4.96 48.12
C ALA C 35 -29.62 6.15 47.19
N VAL C 36 -30.20 6.08 46.00
CA VAL C 36 -30.01 7.12 44.98
C VAL C 36 -30.60 8.48 45.42
N VAL C 37 -31.82 8.44 45.92
CA VAL C 37 -32.51 9.64 46.40
C VAL C 37 -31.69 10.16 47.60
N HIS C 38 -31.35 9.26 48.52
CA HIS C 38 -30.62 9.70 49.71
C HIS C 38 -29.30 10.37 49.40
N GLU C 39 -28.65 9.91 48.35
CA GLU C 39 -27.35 10.45 47.96
C GLU C 39 -27.55 11.83 47.30
N ALA C 40 -28.60 11.97 46.51
CA ALA C 40 -28.87 13.26 45.83
C ALA C 40 -29.11 14.30 46.91
N LEU C 41 -29.74 13.83 47.97
CA LEU C 41 -30.21 14.68 49.06
C LEU C 41 -29.10 15.18 49.97
N THR C 42 -28.19 14.30 50.35
CA THR C 42 -27.12 14.66 51.25
C THR C 42 -26.09 15.51 50.53
N THR C 43 -25.88 15.21 49.26
CA THR C 43 -24.95 15.94 48.39
C THR C 43 -25.31 17.41 48.39
N VAL C 44 -26.59 17.70 48.37
CA VAL C 44 -27.00 19.08 48.30
C VAL C 44 -27.20 19.71 49.66
N ALA C 45 -27.87 18.97 50.54
CA ALA C 45 -28.32 19.52 51.80
C ALA C 45 -27.22 19.63 52.81
N GLU C 46 -26.27 18.71 52.83
CA GLU C 46 -25.26 18.78 53.87
C GLU C 46 -24.34 19.98 53.70
N PRO C 47 -23.88 20.24 52.48
CA PRO C 47 -23.03 21.40 52.31
C PRO C 47 -23.74 22.68 52.62
N LEU C 48 -25.07 22.63 52.63
CA LEU C 48 -25.89 23.81 52.92
C LEU C 48 -26.11 23.94 54.42
N GLY C 49 -25.57 22.99 55.17
CA GLY C 49 -25.62 23.03 56.63
C GLY C 49 -26.84 22.40 57.27
N HIS C 50 -27.52 21.62 56.45
CA HIS C 50 -28.70 20.88 56.87
C HIS C 50 -28.35 19.45 57.29
N LYS C 51 -29.21 18.87 58.12
CA LYS C 51 -29.03 17.45 58.51
C LYS C 51 -30.12 16.62 57.89
N VAL C 52 -29.69 15.51 57.33
CA VAL C 52 -30.56 14.59 56.62
C VAL C 52 -30.75 13.32 57.43
N PHE C 53 -32.00 12.94 57.61
CA PHE C 53 -32.32 11.73 58.38
C PHE C 53 -33.05 10.73 57.50
N ASN C 54 -32.37 9.63 57.17
CA ASN C 54 -32.96 8.59 56.33
C ASN C 54 -33.75 7.57 57.12
N TYR C 55 -35.06 7.64 56.98
CA TYR C 55 -35.96 6.77 57.71
C TYR C 55 -36.29 5.53 56.89
N GLY C 56 -35.57 5.37 55.79
CA GLY C 56 -35.82 4.22 54.91
C GLY C 56 -37.12 4.38 54.17
N TYR C 58 -34.76 1.28 53.16
CA TYR C 58 -33.38 1.32 52.68
C TYR C 58 -33.15 0.47 51.49
N THR C 59 -33.93 -0.59 51.43
CA THR C 59 -33.83 -1.56 50.38
C THR C 59 -35.15 -2.21 50.24
N ALA C 60 -35.27 -2.90 49.13
CA ALA C 60 -36.50 -3.58 48.82
C ALA C 60 -36.60 -4.76 49.78
N GLU C 61 -35.49 -5.04 50.44
CA GLU C 61 -35.33 -6.20 51.35
C GLU C 61 -35.70 -5.95 52.82
N ASP C 62 -36.12 -4.73 53.14
CA ASP C 62 -36.49 -4.37 54.54
C ASP C 62 -37.72 -5.12 55.10
N LYS C 63 -37.55 -5.74 56.27
CA LYS C 63 -38.66 -6.47 56.93
C LYS C 63 -39.75 -5.50 57.34
N ALA C 64 -39.33 -4.29 57.60
CA ALA C 64 -40.25 -3.23 57.98
C ALA C 64 -40.58 -2.46 56.71
N SER C 65 -41.69 -2.88 56.10
CA SER C 65 -42.15 -2.31 54.85
C SER C 65 -43.17 -1.22 55.04
N LEU C 66 -43.02 -0.20 54.21
CA LEU C 66 -43.88 0.96 54.23
C LEU C 66 -44.71 1.05 52.99
N THR C 67 -45.92 1.52 53.19
CA THR C 67 -46.79 1.84 52.08
C THR C 67 -46.80 3.36 52.00
N TYR C 68 -47.47 3.91 50.99
CA TYR C 68 -47.50 5.38 50.80
C TYR C 68 -48.38 6.04 51.87
N VAL C 69 -49.26 5.24 52.45
CA VAL C 69 -50.18 5.73 53.49
C VAL C 69 -49.37 5.93 54.77
N ASN C 71 -46.17 6.52 54.70
CA ASN C 71 -45.28 7.66 54.41
C ASN C 71 -45.90 8.92 54.94
N GLY C 72 -47.20 9.06 54.72
CA GLY C 72 -47.88 10.28 55.12
C GLY C 72 -48.02 10.40 56.62
N LEU C 73 -48.24 9.24 57.26
CA LEU C 73 -48.45 9.19 58.70
C LEU C 73 -47.18 9.52 59.37
N LEU C 74 -46.09 8.94 58.88
CA LEU C 74 -44.76 9.20 59.47
C LEU C 74 -44.36 10.68 59.27
N ALA C 75 -44.62 11.20 58.07
CA ALA C 75 -44.38 12.64 57.82
C ALA C 75 -45.05 13.46 58.92
N GLY C 76 -46.28 13.09 59.24
CA GLY C 76 -47.07 13.81 60.23
C GLY C 76 -46.42 13.73 61.62
N ILE C 77 -46.00 12.54 61.96
CA ILE C 77 -45.30 12.31 63.24
C ILE C 77 -44.07 13.15 63.32
N LEU C 78 -43.33 13.18 62.23
CA LEU C 78 -42.01 13.82 62.23
C LEU C 78 -42.10 15.33 62.25
N LEU C 79 -43.08 15.87 61.54
CA LEU C 79 -43.20 17.31 61.43
C LEU C 79 -43.85 17.89 62.67
N ASN C 80 -44.87 17.22 63.17
CA ASN C 80 -45.60 17.77 64.35
C ASN C 80 -44.78 17.64 65.61
N SER C 81 -43.88 16.68 65.59
CA SER C 81 -43.06 16.36 66.75
C SER C 81 -41.84 17.27 66.84
N GLY C 82 -41.50 17.84 65.69
CA GLY C 82 -40.33 18.70 65.56
C GLY C 82 -39.08 17.86 65.30
N ALA C 83 -39.28 16.57 65.15
CA ALA C 83 -38.16 15.63 64.89
C ALA C 83 -37.56 15.91 63.51
N ALA C 84 -38.37 16.58 62.69
CA ALA C 84 -37.94 17.00 61.34
C ALA C 84 -38.59 18.31 61.04
N ASP C 85 -37.88 19.15 60.30
CA ASP C 85 -38.41 20.45 59.87
C ASP C 85 -38.94 20.38 58.47
N PHE C 86 -38.50 19.38 57.74
CA PHE C 86 -38.95 19.21 56.34
C PHE C 86 -38.92 17.74 56.01
N VAL C 87 -39.86 17.32 55.19
CA VAL C 87 -39.93 15.90 54.77
C VAL C 87 -39.88 15.73 53.25
N VAL C 88 -38.98 14.85 52.82
CA VAL C 88 -38.86 14.47 51.42
C VAL C 88 -39.38 13.03 51.27
N THR C 89 -40.43 12.89 50.48
CA THR C 89 -40.98 11.58 50.25
C THR C 89 -41.44 11.40 48.77
N GLY C 90 -42.25 10.39 48.54
CA GLY C 90 -42.73 10.11 47.23
C GLY C 90 -43.10 8.67 47.07
N GLY C 92 -44.39 6.06 43.20
CA GLY C 92 -44.31 5.88 41.75
C GLY C 92 -44.51 7.20 41.03
N THR C 93 -45.58 7.85 41.41
CA THR C 93 -45.94 9.12 40.82
C THR C 93 -45.81 10.28 41.82
N GLY C 94 -45.75 9.93 43.09
CA GLY C 94 -45.67 10.88 44.19
C GLY C 94 -47.06 11.31 44.68
N GLY C 96 -49.69 9.42 45.76
CA GLY C 96 -50.18 8.75 46.95
C GLY C 96 -49.67 9.34 48.24
N SER C 97 -48.36 9.50 48.27
CA SER C 97 -47.68 10.03 49.43
C SER C 97 -48.12 11.47 49.70
N LEU C 99 -51.14 12.81 48.95
CA LEU C 99 -52.48 12.75 49.48
C LEU C 99 -52.45 12.31 50.94
N ALA C 100 -51.54 11.39 51.28
CA ALA C 100 -51.47 10.84 52.64
C ALA C 100 -50.83 11.88 53.58
N ALA C 101 -49.83 12.57 53.05
CA ALA C 101 -49.11 13.58 53.83
C ALA C 101 -50.02 14.72 54.18
N ASN C 102 -50.79 15.14 53.18
CA ASN C 102 -51.69 16.26 53.32
C ASN C 102 -52.95 16.02 54.13
N ALA C 103 -53.18 14.76 54.46
CA ALA C 103 -54.35 14.39 55.28
C ALA C 103 -53.99 14.68 56.75
N PRO C 105 -52.41 16.85 60.12
CA PRO C 105 -52.29 18.23 60.60
C PRO C 105 -50.88 18.78 60.48
N GLY C 106 -50.87 20.08 60.20
CA GLY C 106 -49.64 20.86 60.12
C GLY C 106 -48.70 20.43 59.03
N VAL C 107 -49.20 19.56 58.14
CA VAL C 107 -48.37 19.12 56.97
C VAL C 107 -48.94 19.75 55.72
N PHE C 108 -48.04 20.42 55.00
CA PHE C 108 -48.32 21.04 53.71
C PHE C 108 -47.33 20.50 52.70
N CYS C 109 -47.73 19.46 52.00
CA CYS C 109 -46.80 18.73 51.11
C CYS C 109 -47.08 19.01 49.67
N GLY C 110 -46.04 19.47 49.01
CA GLY C 110 -46.12 19.78 47.60
C GLY C 110 -45.76 18.58 46.76
N LEU C 111 -46.31 18.54 45.55
CA LEU C 111 -45.95 17.58 44.51
C LEU C 111 -45.13 18.39 43.54
N VAL C 112 -43.82 18.07 43.53
CA VAL C 112 -42.81 18.79 42.77
C VAL C 112 -42.19 17.93 41.72
N ILE C 113 -42.07 18.49 40.53
CA ILE C 113 -41.51 17.79 39.39
C ILE C 113 -40.14 18.32 38.97
N ASP C 114 -40.15 19.60 38.60
CA ASP C 114 -38.95 20.30 38.08
C ASP C 114 -38.46 21.46 38.99
N PRO C 115 -37.33 22.08 38.67
CA PRO C 115 -36.76 23.05 39.62
C PRO C 115 -37.59 24.30 39.67
N THR C 116 -38.29 24.61 38.61
CA THR C 116 -39.12 25.82 38.68
C THR C 116 -40.27 25.58 39.64
N ASP C 117 -40.79 24.37 39.58
CA ASP C 117 -41.84 23.97 40.50
C ASP C 117 -41.36 24.12 41.95
N ALA C 118 -40.17 23.62 42.17
CA ALA C 118 -39.55 23.65 43.52
C ALA C 118 -39.37 25.11 44.00
N PHE C 119 -38.76 25.91 43.13
CA PHE C 119 -38.57 27.36 43.39
C PHE C 119 -39.92 28.02 43.74
N LEU C 120 -40.92 27.82 42.91
CA LEU C 120 -42.24 28.41 43.14
C LEU C 120 -42.91 27.92 44.44
N PHE C 121 -42.71 26.64 44.72
CA PHE C 121 -43.27 26.04 45.94
C PHE C 121 -42.72 26.75 47.16
N GLY C 122 -41.41 26.93 47.18
CA GLY C 122 -40.75 27.58 48.30
C GLY C 122 -41.15 29.04 48.48
N GLN C 123 -41.35 29.71 47.35
CA GLN C 123 -41.66 31.16 47.37
C GLN C 123 -43.13 31.53 47.54
N ILE C 124 -44.03 30.69 47.03
CA ILE C 124 -45.47 30.98 47.12
C ILE C 124 -46.17 30.27 48.30
N ASN C 125 -45.82 29.01 48.50
CA ASN C 125 -46.49 28.15 49.46
C ASN C 125 -45.70 27.91 50.73
N ASP C 126 -44.39 27.88 50.59
CA ASP C 126 -43.47 27.60 51.72
C ASP C 126 -43.92 26.43 52.62
N GLY C 127 -44.13 25.28 51.99
CA GLY C 127 -44.54 24.07 52.67
C GLY C 127 -43.39 23.39 53.38
N ASN C 128 -43.70 22.30 54.10
CA ASN C 128 -42.70 21.62 54.93
C ASN C 128 -42.47 20.20 54.48
N ALA C 129 -42.97 19.90 53.29
CA ALA C 129 -42.80 18.61 52.70
C ALA C 129 -42.95 18.63 51.20
N ILE C 130 -42.27 17.68 50.59
CA ILE C 130 -42.40 17.46 49.16
C ILE C 130 -42.58 15.95 48.88
N SER C 131 -43.40 15.69 47.85
CA SER C 131 -43.56 14.33 47.31
C SER C 131 -43.17 14.37 45.85
N PRO C 133 -42.23 11.98 42.06
CA PRO C 133 -42.25 10.70 41.31
C PRO C 133 -40.88 10.02 41.22
N TYR C 134 -40.82 8.75 41.65
CA TYR C 134 -39.55 7.99 41.56
C TYR C 134 -39.62 6.90 40.45
N SER C 135 -40.77 6.80 39.77
CA SER C 135 -40.93 5.89 38.60
C SER C 135 -41.40 6.56 37.33
N LYS C 136 -42.50 7.28 37.44
CA LYS C 136 -43.00 8.03 36.29
C LYS C 136 -42.00 9.16 35.97
N GLY C 137 -41.46 9.13 34.76
CA GLY C 137 -40.51 10.18 34.34
C GLY C 137 -39.12 9.98 34.86
N PHE C 138 -38.93 8.89 35.60
CA PHE C 138 -37.60 8.66 36.25
C PHE C 138 -36.61 7.80 35.50
N GLY C 139 -35.87 8.43 34.61
CA GLY C 139 -34.84 7.75 33.84
C GLY C 139 -33.45 8.31 33.97
N TRP C 140 -32.73 8.41 32.86
CA TRP C 140 -31.40 8.98 32.86
C TRP C 140 -31.45 10.33 33.49
N ALA C 141 -30.45 10.58 34.32
CA ALA C 141 -30.19 11.85 35.00
C ALA C 141 -31.30 12.28 35.86
N ALA C 142 -32.28 11.40 36.08
CA ALA C 142 -33.39 11.74 36.98
C ALA C 142 -32.84 12.16 38.30
N GLU C 143 -31.73 11.53 38.68
CA GLU C 143 -31.09 11.78 39.99
C GLU C 143 -30.38 13.14 40.05
N LEU C 144 -30.17 13.73 38.87
CA LEU C 144 -29.56 15.07 38.79
C LEU C 144 -30.66 16.12 38.87
N ASN C 145 -31.82 15.79 38.35
CA ASN C 145 -32.93 16.69 38.51
C ASN C 145 -33.27 16.78 39.99
N LEU C 146 -33.07 15.68 40.72
CA LEU C 146 -33.34 15.68 42.16
C LEU C 146 -32.48 16.72 42.87
N GLN C 147 -31.20 16.71 42.55
CA GLN C 147 -30.26 17.67 43.13
C GLN C 147 -30.65 19.07 42.76
N ASP C 148 -31.09 19.25 41.52
CA ASP C 148 -31.46 20.59 41.04
C ASP C 148 -32.61 21.08 41.87
N VAL C 149 -33.53 20.17 42.19
CA VAL C 149 -34.74 20.52 42.91
C VAL C 149 -34.39 20.84 44.33
N TYR C 150 -33.46 20.07 44.88
CA TYR C 150 -33.11 20.26 46.28
C TYR C 150 -32.44 21.63 46.46
N ARG C 151 -31.71 22.02 45.43
CA ARG C 151 -30.96 23.30 45.49
C ARG C 151 -31.91 24.46 45.58
N LYS C 152 -33.09 24.31 44.98
CA LYS C 152 -34.05 25.40 44.98
C LYS C 152 -34.85 25.47 46.27
N LEU C 153 -34.94 24.32 46.92
CA LEU C 153 -35.74 24.20 48.13
C LEU C 153 -34.98 24.56 49.40
N PHE C 154 -33.70 24.24 49.40
CA PHE C 154 -32.92 24.31 50.64
C PHE C 154 -31.83 25.35 50.72
N ASP C 155 -31.84 26.23 49.73
CA ASP C 155 -30.88 27.35 49.68
C ASP C 155 -31.65 28.61 49.48
N GLY C 156 -31.42 29.56 50.36
CA GLY C 156 -32.12 30.87 50.28
C GLY C 156 -33.38 30.98 51.12
N GLU C 157 -33.87 32.21 51.21
CA GLU C 157 -35.07 32.53 51.99
C GLU C 157 -36.32 32.06 51.29
N ARG C 158 -37.27 31.60 52.07
CA ARG C 158 -38.55 31.14 51.54
C ARG C 158 -39.61 32.19 51.68
N GLY C 159 -40.72 31.91 51.00
CA GLY C 159 -41.94 32.74 51.04
C GLY C 159 -41.88 34.21 50.66
N LEU C 160 -40.90 34.58 49.85
CA LEU C 160 -40.72 35.99 49.37
C LEU C 160 -41.66 36.28 48.22
N GLY C 161 -42.26 35.22 47.69
CA GLY C 161 -43.25 35.34 46.63
C GLY C 161 -42.83 35.48 45.18
N TYR C 162 -43.69 34.96 44.33
CA TYR C 162 -43.60 35.06 42.85
C TYR C 162 -44.96 34.89 42.21
N PRO C 163 -45.38 35.85 41.35
CA PRO C 163 -44.69 37.11 40.99
C PRO C 163 -44.55 38.01 42.22
N ARG C 164 -43.41 38.66 42.31
CA ARG C 164 -43.06 39.50 43.48
C ARG C 164 -44.11 40.51 43.91
N GLU C 165 -44.98 40.89 42.97
CA GLU C 165 -46.04 41.90 43.21
C GLU C 165 -47.17 41.32 44.05
N ARG C 166 -47.20 39.99 44.14
CA ARG C 166 -48.26 39.30 44.88
C ARG C 166 -47.74 38.82 46.19
N ALA C 167 -46.55 39.30 46.55
CA ALA C 167 -45.88 38.79 47.76
C ALA C 167 -46.68 38.88 49.04
N GLU C 168 -47.40 39.98 49.25
CA GLU C 168 -48.25 40.14 50.49
C GLU C 168 -49.47 39.30 50.49
N ILE C 169 -50.13 39.34 49.34
CA ILE C 169 -51.33 38.54 49.12
C ILE C 169 -51.00 37.07 49.47
N ARG C 171 -48.46 35.89 51.23
CA ARG C 171 -48.10 35.76 52.64
C ARG C 171 -49.41 35.63 53.44
N LYS C 172 -50.37 36.48 53.13
CA LYS C 172 -51.65 36.40 53.87
C LYS C 172 -52.34 35.06 53.64
N ASN C 173 -52.29 34.60 52.40
CA ASN C 173 -53.02 33.39 52.05
C ASN C 173 -52.45 32.17 52.76
N ARG C 174 -51.15 32.12 52.91
CA ARG C 174 -50.55 31.02 53.59
C ARG C 174 -51.13 30.95 55.01
N GLY C 175 -51.31 32.12 55.60
CA GLY C 175 -51.79 32.20 56.99
C GLY C 175 -53.21 31.75 57.13
N ILE C 176 -53.99 32.21 56.19
CA ILE C 176 -55.39 31.84 56.15
C ILE C 176 -55.55 30.32 55.93
N LEU C 177 -54.65 29.79 55.11
CA LEU C 177 -54.67 28.36 54.81
C LEU C 177 -54.36 27.57 56.07
N ARG C 178 -53.35 28.04 56.80
CA ARG C 178 -53.02 27.38 58.03
C ARG C 178 -54.19 27.31 59.01
N GLU C 179 -54.97 28.38 59.08
CA GLU C 179 -56.08 28.46 60.04
C GLU C 179 -57.18 27.55 59.61
N LEU C 180 -57.32 27.44 58.30
CA LEU C 180 -58.34 26.58 57.72
C LEU C 180 -58.02 25.15 58.10
N LYS C 181 -56.79 24.75 57.84
CA LYS C 181 -56.42 23.36 58.13
C LYS C 181 -56.53 23.09 59.64
N ASP C 182 -56.35 24.13 60.45
CA ASP C 182 -56.43 24.00 61.92
C ASP C 182 -57.83 23.69 62.33
N ALA C 183 -58.74 24.20 61.54
CA ALA C 183 -60.14 24.01 61.78
C ALA C 183 -60.56 22.62 61.35
N SER C 184 -59.87 22.05 60.37
CA SER C 184 -60.31 20.75 59.82
C SER C 184 -59.63 19.58 60.42
N CYS C 185 -58.34 19.72 60.65
CA CYS C 185 -57.55 18.63 61.19
C CYS C 185 -57.37 18.61 62.71
N ARG C 186 -57.49 17.41 63.26
CA ARG C 186 -57.25 17.13 64.70
C ARG C 186 -55.77 17.16 64.96
N ASP C 187 -55.40 17.43 66.20
CA ASP C 187 -53.97 17.47 66.55
C ASP C 187 -53.32 16.11 66.37
N LEU C 189 -51.49 14.22 68.09
CA LEU C 189 -51.59 13.29 69.22
C LEU C 189 -52.89 12.51 69.14
N THR C 190 -53.97 13.23 68.96
CA THR C 190 -55.29 12.63 68.84
C THR C 190 -55.33 11.63 67.69
N VAL C 191 -54.66 12.01 66.63
CA VAL C 191 -54.64 11.20 65.41
C VAL C 191 -53.96 9.89 65.72
N LEU C 192 -52.87 10.02 66.43
CA LEU C 192 -52.05 8.86 66.80
C LEU C 192 -52.80 7.86 67.68
N LYS C 193 -53.70 8.39 68.48
CA LYS C 193 -54.48 7.61 69.45
C LYS C 193 -55.68 6.96 68.80
N THR C 194 -56.07 7.49 67.66
CA THR C 194 -57.30 7.02 66.98
C THR C 194 -57.06 6.36 65.61
N VAL C 195 -55.84 6.46 65.12
CA VAL C 195 -55.49 5.81 63.85
C VAL C 195 -55.40 4.31 64.06
N ASP C 196 -55.56 3.58 62.96
CA ASP C 196 -55.39 2.14 62.98
C ASP C 196 -54.03 1.88 63.57
N GLN C 197 -54.04 1.20 64.70
CA GLN C 197 -52.80 0.99 65.49
C GLN C 197 -51.82 0.08 64.81
N ASP C 198 -52.32 -0.73 63.89
CA ASP C 198 -51.42 -1.61 63.15
C ASP C 198 -50.65 -0.77 62.12
N LEU C 199 -51.36 0.16 61.51
CA LEU C 199 -50.77 1.06 60.49
C LEU C 199 -49.64 1.87 61.11
N LEU C 200 -49.99 2.46 62.23
CA LEU C 200 -49.07 3.26 63.05
C LEU C 200 -47.83 2.50 63.49
N ARG C 201 -48.03 1.26 63.91
CA ARG C 201 -46.90 0.46 64.42
C ARG C 201 -45.94 0.13 63.27
N ALA C 202 -46.51 -0.23 62.14
CA ALA C 202 -45.72 -0.53 60.93
C ALA C 202 -44.97 0.73 60.44
N ALA C 203 -45.62 1.88 60.63
CA ALA C 203 -45.08 3.17 60.18
C ALA C 203 -43.79 3.49 60.91
N ILE C 204 -43.70 3.03 62.15
CA ILE C 204 -42.54 3.40 62.99
C ILE C 204 -41.66 2.19 63.33
N ALA C 205 -41.93 1.11 62.61
CA ALA C 205 -41.22 -0.18 62.85
C ALA C 205 -39.84 -0.21 62.25
N GLY C 206 -39.47 0.85 61.55
CA GLY C 206 -38.17 0.90 60.89
C GLY C 206 -37.05 0.67 61.87
N GLU C 207 -36.04 -0.05 61.45
CA GLU C 207 -34.95 -0.39 62.38
C GLU C 207 -34.21 0.77 62.98
N LYS C 208 -34.33 1.94 62.34
CA LYS C 208 -33.55 3.11 62.81
C LYS C 208 -34.40 4.21 63.36
N PHE C 209 -35.70 3.99 63.32
CA PHE C 209 -36.66 5.02 63.75
C PHE C 209 -36.35 5.65 65.10
N ALA C 210 -36.07 4.81 66.09
CA ALA C 210 -35.86 5.26 67.47
C ALA C 210 -34.65 6.13 67.54
N GLU C 211 -33.60 5.59 66.97
CA GLU C 211 -32.31 6.25 66.90
C GLU C 211 -32.39 7.67 66.31
N LEU C 212 -33.25 7.82 65.31
CA LEU C 212 -33.36 9.08 64.58
C LEU C 212 -34.35 10.04 65.17
N PHE C 213 -35.35 9.45 65.81
CA PHE C 213 -36.51 10.20 66.25
C PHE C 213 -36.51 10.79 67.63
N TYR C 214 -36.40 9.90 68.61
CA TYR C 214 -36.49 10.31 70.02
C TYR C 214 -35.49 11.41 70.37
N PRO C 215 -34.27 11.31 69.88
CA PRO C 215 -33.36 12.34 70.28
C PRO C 215 -33.63 13.71 69.72
N ASN C 216 -34.62 13.79 68.84
CA ASN C 216 -34.93 15.02 68.07
C ASN C 216 -36.34 15.47 68.25
N CYS C 217 -37.09 14.57 68.87
CA CYS C 217 -38.49 14.82 69.15
C CYS C 217 -38.53 15.89 70.21
N LYS C 218 -39.35 16.91 69.97
CA LYS C 218 -39.49 18.02 70.89
C LYS C 218 -40.74 17.85 71.76
N ASP C 219 -41.62 16.98 71.29
CA ASP C 219 -42.91 16.75 71.93
C ASP C 219 -42.92 15.45 72.70
N ASP C 220 -42.84 15.58 74.01
CA ASP C 220 -42.77 14.41 74.91
C ASP C 220 -44.01 13.55 74.86
N ALA C 221 -45.14 14.20 74.61
CA ALA C 221 -46.43 13.54 74.59
C ALA C 221 -46.45 12.54 73.44
N ILE C 222 -45.91 12.97 72.30
CA ILE C 222 -45.84 12.12 71.12
C ILE C 222 -44.77 11.06 71.40
N ALA C 223 -43.66 11.46 71.96
CA ALA C 223 -42.60 10.48 72.23
C ALA C 223 -43.16 9.39 73.14
N ASN C 224 -43.92 9.84 74.11
CA ASN C 224 -44.50 8.94 75.11
C ASN C 224 -45.43 7.93 74.50
N TYR C 225 -46.33 8.44 73.70
CA TYR C 225 -47.36 7.62 73.11
C TYR C 225 -46.76 6.55 72.24
N LEU C 226 -45.73 6.89 71.47
CA LEU C 226 -45.17 5.91 70.53
C LEU C 226 -44.40 4.86 71.30
N ARG C 227 -43.72 5.33 72.32
CA ARG C 227 -42.88 4.46 73.15
C ARG C 227 -43.67 3.31 73.75
N SER C 228 -44.89 3.65 74.11
CA SER C 228 -45.77 2.73 74.81
C SER C 228 -46.28 1.63 73.91
N LEU C 229 -46.07 1.78 72.62
CA LEU C 229 -46.64 0.82 71.67
C LEU C 229 -45.72 -0.37 71.52
N ASP C 230 -44.47 -0.14 71.87
CA ASP C 230 -43.41 -1.10 71.56
C ASP C 230 -44.02 -2.35 70.95
N GLY D 19 -73.92 10.28 34.30
CA GLY D 19 -72.49 10.61 34.46
C GLY D 19 -72.22 11.26 35.80
N LYS D 21 -71.41 15.03 38.02
CA LYS D 21 -71.65 16.43 38.20
C LYS D 21 -70.25 16.92 38.48
N ILE D 22 -69.72 17.69 37.53
CA ILE D 22 -68.35 18.24 37.59
C ILE D 22 -68.34 19.75 37.79
N ALA D 23 -67.68 20.15 38.88
CA ALA D 23 -67.60 21.56 39.25
C ALA D 23 -66.25 22.15 38.92
N LEU D 24 -66.33 23.35 38.38
CA LEU D 24 -65.18 24.17 38.04
C LEU D 24 -65.07 25.37 38.99
N ILE D 25 -63.90 25.49 39.62
CA ILE D 25 -63.60 26.61 40.53
C ILE D 25 -62.27 27.23 40.17
N ILE D 26 -62.32 28.52 39.88
CA ILE D 26 -61.14 29.32 39.46
C ILE D 26 -60.97 30.53 40.37
N GLU D 27 -59.76 30.69 40.88
CA GLU D 27 -59.45 31.79 41.80
C GLU D 27 -59.04 33.03 41.01
N ASN D 28 -58.78 34.10 41.73
CA ASN D 28 -58.61 35.42 41.09
C ASN D 28 -57.36 35.60 40.26
N SER D 29 -56.27 34.95 40.62
CA SER D 29 -55.06 35.19 39.84
C SER D 29 -55.23 34.69 38.41
N GLN D 30 -56.19 33.80 38.20
CA GLN D 30 -56.37 33.17 36.89
C GLN D 30 -57.77 33.33 36.34
N ALA D 31 -58.53 34.22 36.95
CA ALA D 31 -59.95 34.46 36.57
C ALA D 31 -60.13 34.79 35.08
N ALA D 32 -59.12 35.41 34.48
CA ALA D 32 -59.25 35.78 33.07
C ALA D 32 -59.28 34.53 32.18
N LYS D 33 -58.85 33.41 32.76
CA LYS D 33 -58.76 32.12 32.03
C LYS D 33 -59.96 31.19 32.25
N ASN D 34 -60.92 31.63 33.04
CA ASN D 34 -62.02 30.74 33.39
C ASN D 34 -62.80 30.26 32.17
N ALA D 35 -62.98 31.16 31.22
CA ALA D 35 -63.80 30.88 30.03
C ALA D 35 -63.17 29.82 29.13
N VAL D 36 -61.85 29.88 29.03
CA VAL D 36 -61.08 28.96 28.22
C VAL D 36 -61.06 27.58 28.84
N VAL D 37 -61.00 27.58 30.16
CA VAL D 37 -60.97 26.30 30.87
C VAL D 37 -62.34 25.69 30.80
N HIS D 38 -63.35 26.52 31.03
CA HIS D 38 -64.72 26.02 31.03
C HIS D 38 -65.03 25.38 29.66
N GLU D 39 -64.44 25.98 28.65
CA GLU D 39 -64.69 25.52 27.29
C GLU D 39 -64.03 24.18 27.01
N ALA D 40 -62.83 24.00 27.55
CA ALA D 40 -62.10 22.74 27.33
C ALA D 40 -62.85 21.64 28.04
N LEU D 41 -63.40 22.01 29.17
CA LEU D 41 -64.05 21.02 30.04
C LEU D 41 -65.42 20.61 29.49
N THR D 42 -66.19 21.58 29.06
CA THR D 42 -67.52 21.25 28.54
C THR D 42 -67.36 20.38 27.30
N THR D 43 -66.51 20.88 26.42
CA THR D 43 -66.20 20.26 25.12
C THR D 43 -65.95 18.78 25.25
N VAL D 44 -65.23 18.42 26.29
CA VAL D 44 -64.91 17.02 26.49
C VAL D 44 -65.89 16.24 27.34
N ALA D 45 -66.33 16.89 28.41
CA ALA D 45 -67.12 16.19 29.46
C ALA D 45 -68.58 15.97 29.09
N GLU D 46 -69.17 16.96 28.47
CA GLU D 46 -70.59 16.88 28.12
C GLU D 46 -70.92 15.75 27.13
N PRO D 47 -70.21 15.68 26.01
CA PRO D 47 -70.48 14.57 25.11
C PRO D 47 -70.30 13.23 25.78
N LEU D 48 -69.62 13.23 26.92
CA LEU D 48 -69.34 11.98 27.64
C LEU D 48 -70.45 11.69 28.63
N GLY D 49 -71.40 12.61 28.65
CA GLY D 49 -72.61 12.44 29.44
C GLY D 49 -72.56 13.04 30.82
N HIS D 50 -71.59 13.91 31.04
CA HIS D 50 -71.46 14.58 32.33
C HIS D 50 -72.02 15.98 32.30
N LYS D 51 -72.19 16.50 33.50
CA LYS D 51 -72.69 17.87 33.71
C LYS D 51 -71.65 18.71 34.38
N VAL D 52 -71.37 19.84 33.75
CA VAL D 52 -70.35 20.77 34.21
C VAL D 52 -70.96 22.00 34.85
N PHE D 53 -70.60 22.22 36.10
CA PHE D 53 -71.07 23.36 36.87
C PHE D 53 -69.95 24.35 37.11
N ASN D 54 -70.08 25.53 36.52
CA ASN D 54 -69.09 26.61 36.64
C ASN D 54 -69.43 27.58 37.75
N TYR D 55 -68.68 27.43 38.83
CA TYR D 55 -68.88 28.21 40.06
C TYR D 55 -68.05 29.47 40.04
N GLY D 56 -67.38 29.70 38.91
CA GLY D 56 -66.53 30.89 38.72
C GLY D 56 -65.16 30.75 39.39
N TYR D 58 -65.74 34.05 37.01
CA TYR D 58 -66.05 34.13 35.58
C TYR D 58 -65.16 35.12 34.88
N THR D 59 -64.79 36.16 35.61
CA THR D 59 -63.83 37.19 35.15
C THR D 59 -63.09 37.82 36.27
N ALA D 60 -62.07 38.54 35.87
CA ALA D 60 -61.17 39.22 36.80
C ALA D 60 -61.92 40.29 37.54
N GLU D 61 -63.14 40.57 37.11
CA GLU D 61 -63.92 41.66 37.71
C GLU D 61 -65.11 41.21 38.54
N ASP D 62 -65.27 39.91 38.71
CA ASP D 62 -66.35 39.43 39.58
C ASP D 62 -66.25 40.17 40.91
N LYS D 63 -67.41 40.52 41.48
CA LYS D 63 -67.48 41.24 42.77
C LYS D 63 -66.99 40.29 43.83
N ALA D 64 -67.57 39.10 43.73
CA ALA D 64 -67.26 37.97 44.58
C ALA D 64 -65.97 37.33 44.09
N SER D 65 -64.88 37.71 44.75
CA SER D 65 -63.55 37.21 44.42
C SER D 65 -63.14 36.00 45.28
N LEU D 66 -62.52 35.02 44.61
CA LEU D 66 -62.00 33.80 45.24
C LEU D 66 -60.47 33.78 45.35
N THR D 67 -60.02 33.23 46.45
CA THR D 67 -58.62 33.00 46.66
C THR D 67 -58.45 31.48 46.55
N TYR D 68 -57.22 31.00 46.46
CA TYR D 68 -57.00 29.54 46.33
C TYR D 68 -57.46 28.81 47.59
N VAL D 69 -57.56 29.56 48.68
CA VAL D 69 -57.94 28.96 49.96
C VAL D 69 -59.41 28.67 49.94
N ASN D 71 -61.11 28.17 47.19
CA ASN D 71 -61.31 27.11 46.18
C ASN D 71 -61.34 25.80 46.92
N GLY D 72 -60.47 25.65 47.89
CA GLY D 72 -60.36 24.36 48.62
C GLY D 72 -61.55 24.13 49.53
N LEU D 73 -61.96 25.23 50.13
CA LEU D 73 -63.09 25.22 51.08
C LEU D 73 -64.36 24.87 50.34
N LEU D 74 -64.55 25.55 49.21
CA LEU D 74 -65.72 25.33 48.34
C LEU D 74 -65.73 23.90 47.81
N ALA D 75 -64.56 23.38 47.44
CA ALA D 75 -64.46 22.01 46.96
C ALA D 75 -64.99 21.03 47.99
N GLY D 76 -64.68 21.27 49.25
CA GLY D 76 -65.11 20.36 50.33
C GLY D 76 -66.61 20.39 50.56
N ILE D 77 -67.15 21.57 50.31
CA ILE D 77 -68.58 21.83 50.46
C ILE D 77 -69.30 21.06 49.40
N LEU D 78 -68.84 21.26 48.17
CA LEU D 78 -69.50 20.60 47.02
C LEU D 78 -69.43 19.09 47.06
N LEU D 79 -68.24 18.60 47.31
CA LEU D 79 -67.98 17.17 47.33
C LEU D 79 -68.69 16.48 48.48
N ASN D 80 -68.53 17.02 49.68
CA ASN D 80 -69.14 16.42 50.88
C ASN D 80 -70.66 16.54 50.91
N SER D 81 -71.19 17.50 50.17
CA SER D 81 -72.64 17.76 50.13
C SER D 81 -73.26 16.97 49.01
N GLY D 82 -72.41 16.51 48.11
CA GLY D 82 -72.86 15.65 47.02
C GLY D 82 -73.40 16.47 45.90
N ALA D 83 -73.17 17.77 46.00
CA ALA D 83 -73.60 18.73 44.96
C ALA D 83 -72.69 18.59 43.74
N ALA D 84 -71.50 18.04 43.96
CA ALA D 84 -70.58 17.72 42.84
C ALA D 84 -69.94 16.37 43.12
N ASP D 85 -69.68 15.63 42.04
CA ASP D 85 -69.05 14.29 42.15
C ASP D 85 -67.56 14.46 41.98
N PHE D 86 -67.22 15.54 41.30
CA PHE D 86 -65.83 15.83 40.97
C PHE D 86 -65.58 17.33 40.84
N VAL D 87 -64.41 17.73 41.34
CA VAL D 87 -64.02 19.13 41.26
C VAL D 87 -62.75 19.38 40.45
N VAL D 88 -62.89 20.31 39.52
CA VAL D 88 -61.73 20.79 38.75
C VAL D 88 -61.33 22.19 39.19
N THR D 89 -60.12 22.33 39.68
CA THR D 89 -59.69 23.65 40.10
C THR D 89 -58.24 23.91 39.71
N GLY D 90 -57.66 24.87 40.37
CA GLY D 90 -56.30 25.22 40.12
C GLY D 90 -56.00 26.65 40.42
N GLY D 92 -52.05 29.41 39.74
CA GLY D 92 -50.96 29.69 38.84
C GLY D 92 -50.14 28.46 38.60
N THR D 93 -49.92 27.74 39.70
CA THR D 93 -49.14 26.50 39.68
C THR D 93 -50.05 25.29 40.00
N GLY D 94 -51.15 25.56 40.70
CA GLY D 94 -52.14 24.56 41.16
C GLY D 94 -51.84 24.03 42.54
N GLY D 96 -51.55 25.78 45.50
CA GLY D 96 -52.39 26.33 46.59
C GLY D 96 -53.76 25.71 46.66
N SER D 97 -54.39 25.57 45.51
CA SER D 97 -55.73 25.01 45.50
C SER D 97 -55.64 23.55 45.96
N LEU D 99 -53.39 22.13 48.03
CA LEU D 99 -53.15 22.14 49.49
C LEU D 99 -54.41 22.45 50.26
N ALA D 100 -55.17 23.42 49.79
CA ALA D 100 -56.38 23.81 50.48
C ALA D 100 -57.45 22.74 50.35
N ALA D 101 -57.55 22.18 49.15
CA ALA D 101 -58.55 21.14 48.86
C ALA D 101 -58.30 19.93 49.72
N ASN D 102 -57.03 19.55 49.79
CA ASN D 102 -56.64 18.38 50.57
C ASN D 102 -56.74 18.56 52.09
N ALA D 103 -56.96 19.79 52.51
CA ALA D 103 -57.08 20.12 53.96
C ALA D 103 -58.48 19.68 54.43
N PRO D 105 -62.12 17.40 54.72
CA PRO D 105 -62.50 16.00 54.82
C PRO D 105 -63.15 15.55 53.54
N GLY D 106 -62.86 14.31 53.22
CA GLY D 106 -63.48 13.66 52.08
C GLY D 106 -63.02 14.16 50.73
N VAL D 107 -61.98 14.97 50.73
CA VAL D 107 -61.46 15.49 49.45
C VAL D 107 -60.08 14.90 49.19
N PHE D 108 -59.93 14.38 47.99
CA PHE D 108 -58.68 13.79 47.51
C PHE D 108 -58.38 14.41 46.14
N CYS D 109 -57.59 15.48 46.20
CA CYS D 109 -57.24 16.31 45.06
C CYS D 109 -55.84 16.10 44.54
N GLY D 110 -55.75 15.71 43.29
CA GLY D 110 -54.47 15.55 42.67
C GLY D 110 -54.03 16.82 41.98
N LEU D 111 -52.72 16.89 41.82
CA LEU D 111 -52.06 17.90 41.02
C LEU D 111 -51.71 17.14 39.74
N VAL D 112 -52.41 17.51 38.66
CA VAL D 112 -52.27 16.85 37.34
C VAL D 112 -51.61 17.81 36.33
N ILE D 113 -50.56 17.32 35.65
CA ILE D 113 -49.86 18.14 34.64
C ILE D 113 -50.21 17.69 33.22
N ASP D 114 -49.92 16.41 33.00
CA ASP D 114 -50.08 15.77 31.67
C ASP D 114 -51.09 14.61 31.66
N PRO D 115 -51.42 14.12 30.45
CA PRO D 115 -52.47 13.10 30.28
C PRO D 115 -52.13 11.82 30.97
N THR D 116 -50.86 11.50 31.11
CA THR D 116 -50.48 10.26 31.82
C THR D 116 -50.68 10.42 33.31
N ASP D 117 -50.36 11.61 33.81
CA ASP D 117 -50.60 11.95 35.22
C ASP D 117 -52.05 11.72 35.51
N ALA D 118 -52.89 12.20 34.59
CA ALA D 118 -54.37 12.13 34.73
C ALA D 118 -54.86 10.69 34.78
N PHE D 119 -54.39 9.94 33.80
CA PHE D 119 -54.72 8.52 33.71
C PHE D 119 -54.32 7.81 35.01
N LEU D 120 -53.08 7.98 35.42
CA LEU D 120 -52.60 7.26 36.60
C LEU D 120 -53.38 7.66 37.86
N PHE D 121 -53.80 8.92 37.89
CA PHE D 121 -54.53 9.44 39.03
C PHE D 121 -55.86 8.72 39.10
N GLY D 122 -56.50 8.66 37.96
CA GLY D 122 -57.81 8.02 37.91
C GLY D 122 -57.75 6.56 38.26
N GLN D 123 -56.67 5.92 37.83
CA GLN D 123 -56.54 4.47 37.98
C GLN D 123 -55.92 4.03 39.29
N ILE D 124 -55.05 4.85 39.86
CA ILE D 124 -54.33 4.42 41.04
C ILE D 124 -54.90 4.96 42.34
N ASN D 125 -55.23 6.24 42.27
CA ASN D 125 -55.68 7.01 43.44
C ASN D 125 -57.17 7.23 43.44
N ASP D 126 -57.76 7.28 42.25
CA ASP D 126 -59.21 7.50 42.08
C ASP D 126 -59.76 8.59 42.98
N GLY D 127 -59.03 9.69 43.04
CA GLY D 127 -59.49 10.90 43.76
C GLY D 127 -60.70 11.60 43.14
N ASN D 128 -61.22 12.61 43.83
CA ASN D 128 -62.46 13.30 43.40
C ASN D 128 -62.30 14.78 43.06
N ALA D 129 -61.04 15.14 42.92
CA ALA D 129 -60.69 16.50 42.51
C ALA D 129 -59.32 16.51 41.87
N ILE D 130 -59.13 17.49 41.03
CA ILE D 130 -57.81 17.78 40.47
C ILE D 130 -57.60 19.30 40.49
N SER D 131 -56.34 19.66 40.60
CA SER D 131 -55.85 21.05 40.56
C SER D 131 -54.73 21.11 39.51
N PRO D 133 -52.16 23.79 36.81
CA PRO D 133 -51.53 25.10 36.63
C PRO D 133 -52.09 25.79 35.43
N TYR D 134 -52.52 27.02 35.67
CA TYR D 134 -53.10 27.84 34.61
C TYR D 134 -52.16 28.99 34.22
N SER D 135 -51.01 29.05 34.85
CA SER D 135 -49.95 30.00 34.49
C SER D 135 -48.61 29.33 34.21
N LYS D 136 -48.07 28.66 35.22
CA LYS D 136 -46.82 27.94 34.96
C LYS D 136 -47.07 26.92 33.86
N GLY D 137 -46.31 27.05 32.79
CA GLY D 137 -46.35 26.07 31.70
C GLY D 137 -47.55 26.27 30.82
N PHE D 138 -48.36 27.21 31.21
CA PHE D 138 -49.62 27.44 30.50
C PHE D 138 -49.42 28.51 29.48
N GLY D 139 -48.97 28.09 28.32
CA GLY D 139 -48.75 29.04 27.29
C GLY D 139 -49.62 28.74 26.12
N TRP D 140 -48.99 28.89 24.98
CA TRP D 140 -49.63 28.67 23.73
C TRP D 140 -50.03 27.22 23.62
N ALA D 141 -51.31 27.02 23.29
CA ALA D 141 -51.83 25.67 23.07
C ALA D 141 -52.04 24.80 24.35
N ALA D 142 -51.98 25.47 25.49
CA ALA D 142 -52.17 24.81 26.77
C ALA D 142 -53.59 24.21 26.93
N GLU D 143 -54.52 24.77 26.18
CA GLU D 143 -55.92 24.36 26.28
C GLU D 143 -56.18 23.01 25.61
N LEU D 144 -55.21 22.60 24.79
CA LEU D 144 -55.28 21.33 24.05
C LEU D 144 -54.94 20.23 25.04
N ASN D 145 -53.95 20.50 25.88
CA ASN D 145 -53.56 19.54 26.90
C ASN D 145 -54.69 19.41 27.90
N LEU D 146 -55.39 20.51 28.17
CA LEU D 146 -56.49 20.46 29.16
C LEU D 146 -57.47 19.36 28.70
N GLN D 147 -57.84 19.45 27.42
CA GLN D 147 -58.79 18.47 26.86
C GLN D 147 -58.22 17.07 26.92
N ASP D 148 -56.93 16.95 26.63
CA ASP D 148 -56.29 15.62 26.64
C ASP D 148 -56.41 15.01 27.98
N VAL D 149 -56.25 15.86 28.99
CA VAL D 149 -56.31 15.43 30.39
C VAL D 149 -57.72 15.05 30.78
N TYR D 150 -58.66 15.86 30.34
CA TYR D 150 -60.05 15.60 30.71
C TYR D 150 -60.53 14.26 30.09
N ARG D 151 -60.09 13.98 28.87
CA ARG D 151 -60.48 12.72 28.23
CA ARG D 151 -60.46 12.71 28.21
C ARG D 151 -60.00 11.54 29.03
N LYS D 152 -58.86 11.69 29.67
CA LYS D 152 -58.35 10.58 30.45
C LYS D 152 -59.18 10.46 31.70
N LEU D 153 -59.59 11.60 32.23
CA LEU D 153 -60.25 11.63 33.55
C LEU D 153 -61.70 11.17 33.51
N PHE D 154 -62.41 11.60 32.49
CA PHE D 154 -63.85 11.43 32.43
C PHE D 154 -64.39 10.34 31.51
N ASP D 155 -63.50 9.56 30.91
CA ASP D 155 -63.91 8.46 30.06
C ASP D 155 -63.33 7.17 30.61
N GLY D 156 -64.20 6.19 30.81
CA GLY D 156 -63.80 4.88 31.35
C GLY D 156 -63.96 4.70 32.85
N GLU D 157 -63.84 3.47 33.30
CA GLU D 157 -63.89 3.17 34.74
C GLU D 157 -62.60 3.58 35.41
N ARG D 158 -62.71 3.88 36.70
CA ARG D 158 -61.57 4.29 37.53
C ARG D 158 -61.02 3.20 38.42
N GLY D 159 -60.01 3.61 39.16
CA GLY D 159 -59.33 2.77 40.13
C GLY D 159 -59.16 1.30 39.79
N LEU D 160 -58.79 1.00 38.54
CA LEU D 160 -58.56 -0.38 38.12
C LEU D 160 -57.08 -0.71 38.22
N GLY D 161 -56.33 0.28 38.69
CA GLY D 161 -54.88 0.13 38.95
C GLY D 161 -53.90 0.08 37.79
N TYR D 162 -52.69 0.51 38.11
CA TYR D 162 -51.56 0.53 37.16
C TYR D 162 -50.21 0.72 37.86
N PRO D 163 -49.28 -0.22 37.65
CA PRO D 163 -49.52 -1.40 36.79
C PRO D 163 -50.53 -2.30 37.43
N ARG D 164 -51.43 -2.84 36.62
CA ARG D 164 -52.50 -3.71 37.15
C ARG D 164 -51.96 -4.89 37.99
N GLU D 165 -50.64 -4.96 38.08
CA GLU D 165 -49.96 -6.02 38.85
C GLU D 165 -49.87 -5.58 40.33
N ARG D 166 -50.28 -4.35 40.56
CA ARG D 166 -50.30 -3.79 41.90
C ARG D 166 -51.71 -3.35 42.16
N ALA D 167 -52.60 -3.82 41.30
CA ALA D 167 -54.03 -3.43 41.37
C ALA D 167 -54.67 -3.56 42.75
N GLU D 168 -54.95 -4.79 43.16
CA GLU D 168 -55.60 -5.05 44.47
C GLU D 168 -54.96 -4.32 45.62
N ILE D 169 -53.64 -4.26 45.55
CA ILE D 169 -52.85 -3.58 46.57
C ILE D 169 -53.28 -2.13 46.64
N ARG D 171 -56.08 -0.80 45.50
CA ARG D 171 -57.45 -0.63 45.94
C ARG D 171 -57.53 -0.70 47.49
N LYS D 172 -56.64 -1.50 48.07
CA LYS D 172 -56.62 -1.71 49.54
C LYS D 172 -56.13 -0.46 50.23
N ASN D 173 -55.04 0.03 49.65
CA ASN D 173 -54.39 1.25 50.15
C ASN D 173 -55.27 2.50 50.10
N ARG D 174 -56.14 2.62 49.09
CA ARG D 174 -57.02 3.79 49.02
C ARG D 174 -57.98 3.78 50.19
N GLY D 175 -58.30 2.58 50.65
CA GLY D 175 -59.28 2.39 51.74
C GLY D 175 -58.62 2.74 53.03
N ILE D 176 -57.37 2.33 53.13
CA ILE D 176 -56.58 2.57 54.30
C ILE D 176 -56.42 4.09 54.44
N LEU D 177 -56.20 4.73 53.28
CA LEU D 177 -55.97 6.17 53.23
C LEU D 177 -57.25 6.89 53.61
N ARG D 178 -58.39 6.40 53.16
CA ARG D 178 -59.68 7.07 53.51
C ARG D 178 -59.94 6.97 55.02
N GLU D 179 -59.45 5.90 55.64
CA GLU D 179 -59.65 5.71 57.11
C GLU D 179 -58.73 6.59 57.94
N LEU D 180 -57.53 6.74 57.41
CA LEU D 180 -56.52 7.54 58.06
C LEU D 180 -57.02 8.94 58.11
N LYS D 181 -57.55 9.37 56.98
CA LYS D 181 -58.04 10.75 56.85
C LYS D 181 -59.31 10.95 57.65
N ASP D 182 -60.03 9.87 57.89
CA ASP D 182 -61.26 9.96 58.69
C ASP D 182 -60.83 10.28 60.10
N ALA D 183 -59.69 9.72 60.46
CA ALA D 183 -59.18 9.91 61.80
C ALA D 183 -58.67 11.34 61.97
N SER D 184 -58.02 11.84 60.92
CA SER D 184 -57.37 13.15 61.01
C SER D 184 -58.29 14.34 60.82
N CYS D 185 -59.25 14.23 59.94
CA CYS D 185 -60.13 15.35 59.65
C CYS D 185 -61.53 15.22 60.21
N ARG D 186 -62.00 16.37 60.70
CA ARG D 186 -63.36 16.55 61.25
C ARG D 186 -64.37 16.57 60.13
N ASP D 187 -65.60 16.16 60.44
CA ASP D 187 -66.68 16.16 59.47
C ASP D 187 -66.90 17.53 58.88
N LEU D 189 -69.40 19.44 58.34
CA LEU D 189 -70.32 20.41 58.95
C LEU D 189 -69.63 21.06 60.15
N THR D 190 -68.81 20.26 60.84
CA THR D 190 -68.04 20.76 61.99
C THR D 190 -67.05 21.79 61.49
N VAL D 191 -66.50 21.48 60.31
CA VAL D 191 -65.55 22.40 59.69
C VAL D 191 -66.26 23.70 59.35
N LEU D 192 -67.46 23.58 58.82
CA LEU D 192 -68.19 24.80 58.38
C LEU D 192 -68.54 25.73 59.57
N LYS D 193 -68.66 25.12 60.73
CA LYS D 193 -69.08 25.84 61.93
C LYS D 193 -67.90 26.47 62.63
N THR D 194 -66.70 25.97 62.32
CA THR D 194 -65.48 26.39 63.02
C THR D 194 -64.48 27.22 62.22
N VAL D 195 -64.64 27.20 60.90
CA VAL D 195 -63.79 28.02 60.04
C VAL D 195 -64.19 29.47 60.22
N ASP D 196 -63.26 30.38 59.88
CA ASP D 196 -63.48 31.84 59.84
C ASP D 196 -64.68 32.00 58.96
N GLN D 197 -65.69 32.67 59.50
CA GLN D 197 -66.98 32.73 58.82
C GLN D 197 -67.04 33.73 57.72
N ASP D 198 -66.05 34.59 57.66
CA ASP D 198 -66.07 35.57 56.59
C ASP D 198 -65.48 34.89 55.37
N LEU D 199 -64.56 33.97 55.65
CA LEU D 199 -63.85 33.24 54.60
C LEU D 199 -64.89 32.44 53.91
N LEU D 200 -65.72 31.85 54.78
CA LEU D 200 -66.76 30.93 54.34
C LEU D 200 -67.77 31.65 53.52
N ARG D 201 -68.14 32.83 53.96
CA ARG D 201 -69.17 33.57 53.25
C ARG D 201 -68.68 33.95 51.86
N ALA D 202 -67.43 34.35 51.79
CA ALA D 202 -66.85 34.82 50.54
C ALA D 202 -66.73 33.64 49.55
N ALA D 203 -66.58 32.44 50.11
CA ALA D 203 -66.36 31.24 49.29
C ALA D 203 -67.59 30.89 48.51
N ILE D 204 -68.74 31.31 49.05
CA ILE D 204 -70.03 30.94 48.46
C ILE D 204 -70.78 32.17 48.00
N ALA D 205 -70.06 33.28 47.93
CA ALA D 205 -70.66 34.60 47.54
C ALA D 205 -70.95 34.70 46.06
N GLY D 206 -70.41 33.77 45.29
CA GLY D 206 -70.59 33.76 43.82
C GLY D 206 -72.03 33.87 43.41
N GLU D 207 -72.23 34.65 42.35
CA GLU D 207 -73.57 34.99 41.85
C GLU D 207 -74.45 33.80 41.47
N LYS D 208 -73.84 32.66 41.20
CA LYS D 208 -74.63 31.50 40.75
C LYS D 208 -74.63 30.35 41.72
N PHE D 209 -73.99 30.58 42.83
CA PHE D 209 -73.81 29.52 43.82
C PHE D 209 -75.11 28.81 44.21
N ALA D 210 -76.04 29.61 44.70
CA ALA D 210 -77.33 29.13 45.19
C ALA D 210 -77.96 28.25 44.13
N GLU D 211 -77.99 28.88 42.98
CA GLU D 211 -78.58 28.35 41.77
C GLU D 211 -78.02 27.00 41.41
N LEU D 212 -76.72 26.86 41.59
CA LEU D 212 -76.02 25.64 41.19
C LEU D 212 -75.99 24.59 42.28
N PHE D 213 -75.91 25.08 43.51
CA PHE D 213 -75.67 24.21 44.67
C PHE D 213 -76.90 23.59 45.28
N TYR D 214 -77.81 24.47 45.65
CA TYR D 214 -79.02 24.03 46.38
C TYR D 214 -79.80 22.91 45.70
N PRO D 215 -80.11 23.06 44.42
CA PRO D 215 -80.88 22.00 43.82
C PRO D 215 -80.18 20.66 43.77
N ASN D 216 -78.88 20.69 44.06
CA ASN D 216 -78.04 19.49 43.93
C ASN D 216 -77.46 18.96 45.22
N CYS D 217 -77.61 19.74 46.26
CA CYS D 217 -77.07 19.39 47.56
C CYS D 217 -77.87 18.24 48.11
N LYS D 218 -77.18 17.20 48.54
CA LYS D 218 -77.85 16.02 49.07
C LYS D 218 -77.81 15.97 50.57
N ASP D 219 -77.12 16.94 51.15
CA ASP D 219 -76.98 17.05 52.61
C ASP D 219 -77.70 18.28 53.15
N ASP D 220 -78.91 18.07 53.65
CA ASP D 220 -79.78 19.21 54.07
C ASP D 220 -79.15 20.03 55.19
N ALA D 221 -78.38 19.35 56.02
CA ALA D 221 -77.73 19.99 57.20
C ALA D 221 -76.68 20.97 56.80
N ILE D 222 -76.07 20.71 55.65
CA ILE D 222 -75.05 21.62 55.11
C ILE D 222 -75.80 22.72 54.41
N ALA D 223 -76.84 22.34 53.70
CA ALA D 223 -77.62 23.33 52.98
C ALA D 223 -78.22 24.32 53.98
N ASN D 224 -78.66 23.75 55.09
CA ASN D 224 -79.34 24.55 56.13
C ASN D 224 -78.40 25.52 56.78
N TYR D 225 -77.21 24.99 57.09
CA TYR D 225 -76.19 25.80 57.75
C TYR D 225 -75.75 26.92 56.84
N LEU D 226 -75.57 26.63 55.55
CA LEU D 226 -75.11 27.68 54.62
C LEU D 226 -76.17 28.76 54.46
N ARG D 227 -77.43 28.33 54.54
CA ARG D 227 -78.52 29.28 54.38
C ARG D 227 -78.64 30.08 55.66
N SER D 228 -78.26 29.41 56.75
CA SER D 228 -78.36 30.01 58.09
C SER D 228 -77.43 31.20 58.13
N LEU D 229 -76.55 31.25 57.16
CA LEU D 229 -75.64 32.38 57.04
C LEU D 229 -76.41 33.50 56.35
N PHE E 17 36.03 17.22 -33.59
CA PHE E 17 35.46 18.59 -33.84
C PHE E 17 36.29 19.32 -34.86
N GLN E 18 35.59 20.21 -35.56
CA GLN E 18 36.20 21.15 -36.49
C GLN E 18 35.44 22.43 -36.63
N GLY E 19 36.16 23.48 -36.25
CA GLY E 19 35.67 24.85 -36.31
C GLY E 19 35.37 25.26 -37.75
N LYS E 21 33.64 28.29 -40.58
CA LYS E 21 33.28 29.62 -41.01
C LYS E 21 31.89 29.43 -41.57
N ILE E 22 30.94 30.06 -40.88
CA ILE E 22 29.51 29.97 -41.21
C ILE E 22 29.08 31.28 -41.71
N ALA E 23 28.52 31.27 -42.91
CA ALA E 23 28.07 32.47 -43.56
C ALA E 23 26.57 32.53 -43.60
N LEU E 24 26.06 33.71 -43.29
CA LEU E 24 24.62 34.02 -43.30
C LEU E 24 24.30 34.89 -44.47
N ILE E 25 23.22 34.52 -45.22
CA ILE E 25 22.76 35.21 -46.44
C ILE E 25 21.25 35.30 -46.40
N ILE E 26 20.78 36.54 -46.42
CA ILE E 26 19.36 36.88 -46.35
C ILE E 26 18.92 37.76 -47.55
N GLU E 27 17.83 37.37 -48.18
CA GLU E 27 17.30 38.09 -49.32
C GLU E 27 16.25 39.12 -48.91
N ASN E 28 15.80 39.84 -49.91
CA ASN E 28 15.02 41.04 -49.65
C ASN E 28 13.72 40.87 -48.92
N SER E 29 12.97 39.81 -49.22
CA SER E 29 11.67 39.65 -48.58
C SER E 29 11.82 39.53 -47.07
N GLN E 30 12.96 39.02 -46.63
CA GLN E 30 13.12 38.77 -45.19
C GLN E 30 14.21 39.59 -44.54
N ALA E 31 14.67 40.61 -45.26
CA ALA E 31 15.80 41.46 -44.82
C ALA E 31 15.62 42.04 -43.41
N ALA E 32 14.40 42.31 -43.07
CA ALA E 32 14.06 42.91 -41.78
C ALA E 32 14.42 41.96 -40.62
N LYS E 33 14.55 40.68 -40.94
CA LYS E 33 14.78 39.66 -39.94
C LYS E 33 16.25 39.26 -39.84
N ASN E 34 17.08 39.90 -40.65
CA ASN E 34 18.50 39.57 -40.63
C ASN E 34 19.08 39.74 -39.23
N ALA E 35 18.76 40.81 -38.55
CA ALA E 35 19.34 41.00 -37.19
C ALA E 35 18.97 39.87 -36.19
N VAL E 36 17.70 39.47 -36.21
CA VAL E 36 17.20 38.42 -35.35
C VAL E 36 17.86 37.05 -35.65
N VAL E 37 18.07 36.77 -36.93
CA VAL E 37 18.65 35.45 -37.35
C VAL E 37 20.10 35.46 -36.98
N HIS E 38 20.73 36.61 -37.25
CA HIS E 38 22.21 36.74 -36.95
C HIS E 38 22.44 36.60 -35.48
N GLU E 39 21.55 37.14 -34.67
CA GLU E 39 21.72 37.08 -33.24
C GLU E 39 21.60 35.65 -32.75
N ALA E 40 20.62 34.93 -33.30
CA ALA E 40 20.44 33.55 -32.94
C ALA E 40 21.65 32.74 -33.33
N LEU E 41 22.18 33.04 -34.49
CA LEU E 41 23.28 32.20 -35.03
C LEU E 41 24.59 32.43 -34.25
N THR E 42 24.86 33.68 -33.95
CA THR E 42 26.11 34.01 -33.19
C THR E 42 25.97 33.46 -31.80
N THR E 43 24.78 33.52 -31.21
CA THR E 43 24.58 33.05 -29.84
C THR E 43 24.90 31.63 -29.67
N VAL E 44 24.59 30.86 -30.69
CA VAL E 44 24.88 29.48 -30.67
C VAL E 44 26.27 29.13 -31.21
N ALA E 45 26.65 29.67 -32.36
CA ALA E 45 27.86 29.18 -33.03
C ALA E 45 29.16 29.59 -32.39
N GLU E 46 29.18 30.83 -31.92
CA GLU E 46 30.41 31.42 -31.34
C GLU E 46 30.93 30.66 -30.10
N PRO E 47 30.07 30.35 -29.13
CA PRO E 47 30.54 29.59 -27.98
C PRO E 47 30.90 28.15 -28.31
N LEU E 48 30.58 27.74 -29.53
CA LEU E 48 30.99 26.41 -29.98
C LEU E 48 32.35 26.41 -30.70
N GLY E 49 32.84 27.60 -30.96
CA GLY E 49 34.18 27.80 -31.58
C GLY E 49 34.19 28.04 -33.06
N HIS E 50 33.00 28.36 -33.58
CA HIS E 50 32.86 28.73 -34.96
C HIS E 50 32.84 30.22 -35.14
N LYS E 51 32.95 30.59 -36.40
CA LYS E 51 33.01 31.98 -36.76
C LYS E 51 31.85 32.31 -37.68
N VAL E 52 31.13 33.34 -37.33
CA VAL E 52 29.97 33.73 -38.14
C VAL E 52 30.27 34.98 -38.96
N PHE E 53 29.92 34.89 -40.24
CA PHE E 53 30.06 35.96 -41.17
C PHE E 53 28.69 36.35 -41.67
N ASN E 54 28.30 37.59 -41.45
CA ASN E 54 27.01 38.05 -41.95
C ASN E 54 27.16 38.82 -43.25
N TYR E 55 26.70 38.21 -44.36
CA TYR E 55 26.84 38.75 -45.68
C TYR E 55 25.65 39.63 -46.03
N GLY E 56 24.75 39.81 -45.06
CA GLY E 56 23.52 40.58 -45.30
C GLY E 56 22.51 39.80 -46.11
N TYR E 58 21.42 43.33 -44.51
CA TYR E 58 21.37 43.77 -43.12
C TYR E 58 20.04 44.42 -42.70
N THR E 59 19.44 45.11 -43.65
CA THR E 59 18.17 45.77 -43.47
C THR E 59 17.45 45.81 -44.82
N ALA E 60 16.16 46.08 -44.78
CA ALA E 60 15.36 46.13 -45.99
C ALA E 60 15.76 47.31 -46.88
N GLU E 61 16.51 48.23 -46.32
CA GLU E 61 16.90 49.44 -47.06
C GLU E 61 18.29 49.35 -47.66
N ASP E 62 18.97 48.23 -47.51
CA ASP E 62 20.30 48.09 -48.14
C ASP E 62 20.17 48.43 -49.61
N LYS E 63 21.16 49.13 -50.14
CA LYS E 63 21.15 49.46 -51.56
C LYS E 63 21.61 48.26 -52.35
N ALA E 64 22.42 47.40 -51.71
CA ALA E 64 22.80 46.15 -52.38
C ALA E 64 21.72 45.09 -52.04
N SER E 65 20.67 45.04 -52.85
CA SER E 65 19.56 44.14 -52.62
C SER E 65 19.82 42.79 -53.30
N LEU E 66 19.44 41.73 -52.59
CA LEU E 66 19.57 40.34 -53.02
C LEU E 66 18.21 39.67 -53.21
N THR E 67 18.16 38.79 -54.21
CA THR E 67 16.97 37.97 -54.43
C THR E 67 17.40 36.54 -53.99
N TYR E 68 16.46 35.64 -53.85
CA TYR E 68 16.80 34.28 -53.45
C TYR E 68 17.69 33.59 -54.47
N VAL E 69 17.66 34.07 -55.71
CA VAL E 69 18.46 33.46 -56.76
C VAL E 69 19.91 33.83 -56.50
N ASN E 71 21.09 34.56 -53.61
CA ASN E 71 21.50 33.85 -52.38
C ASN E 71 22.21 32.56 -52.75
N GLY E 72 21.65 31.91 -53.74
CA GLY E 72 22.13 30.61 -54.21
C GLY E 72 23.47 30.75 -54.87
N LEU E 73 23.60 31.77 -55.71
CA LEU E 73 24.84 32.06 -56.42
C LEU E 73 25.93 32.45 -55.42
N LEU E 74 25.58 33.29 -54.45
CA LEU E 74 26.55 33.68 -53.41
C LEU E 74 27.01 32.48 -52.59
N ALA E 75 26.05 31.61 -52.25
CA ALA E 75 26.38 30.40 -51.50
C ALA E 75 27.43 29.57 -52.24
N GLY E 76 27.22 29.47 -53.53
CA GLY E 76 28.08 28.75 -54.47
C GLY E 76 29.48 29.32 -54.45
N ILE E 77 29.56 30.63 -54.45
CA ILE E 77 30.86 31.33 -54.44
C ILE E 77 31.56 31.08 -53.14
N LEU E 78 30.79 31.23 -52.07
CA LEU E 78 31.41 31.12 -50.74
C LEU E 78 31.88 29.73 -50.44
N LEU E 79 31.08 28.74 -50.81
CA LEU E 79 31.45 27.34 -50.47
C LEU E 79 32.57 26.75 -51.36
N ASN E 80 32.49 27.04 -52.63
CA ASN E 80 33.49 26.55 -53.57
C ASN E 80 34.86 27.21 -53.43
N SER E 81 34.86 28.43 -52.90
CA SER E 81 36.13 29.16 -52.74
C SER E 81 36.81 28.90 -51.44
N GLY E 82 36.04 28.36 -50.50
CA GLY E 82 36.50 28.05 -49.16
C GLY E 82 36.38 29.18 -48.17
N ALA E 83 35.74 30.26 -48.59
CA ALA E 83 35.56 31.42 -47.71
C ALA E 83 34.59 31.09 -46.59
N ALA E 84 33.72 30.11 -46.86
CA ALA E 84 32.80 29.60 -45.84
C ALA E 84 32.79 28.12 -45.94
N ASP E 85 32.59 27.49 -44.78
CA ASP E 85 32.48 26.06 -44.68
C ASP E 85 31.04 25.62 -44.64
N PHE E 86 30.17 26.55 -44.28
CA PHE E 86 28.71 26.27 -44.19
C PHE E 86 27.96 27.53 -44.46
N VAL E 87 26.81 27.39 -45.08
CA VAL E 87 25.99 28.55 -45.38
C VAL E 87 24.63 28.38 -44.75
N VAL E 88 24.15 29.45 -44.09
CA VAL E 88 22.82 29.49 -43.53
C VAL E 88 22.07 30.54 -44.34
N THR E 89 20.94 30.13 -44.92
CA THR E 89 20.12 31.08 -45.73
C THR E 89 18.62 30.78 -45.61
N GLY E 90 17.84 31.31 -46.54
CA GLY E 90 16.41 31.10 -46.52
C GLY E 90 15.66 32.24 -47.20
N GLY E 92 11.01 33.41 -47.45
CA GLY E 92 9.79 33.22 -46.71
C GLY E 92 9.43 31.81 -46.34
N THR E 93 9.62 30.88 -47.26
CA THR E 93 9.41 29.46 -47.00
C THR E 93 10.74 28.70 -46.98
N GLY E 94 11.76 29.30 -47.60
CA GLY E 94 13.09 28.64 -47.67
C GLY E 94 13.24 27.89 -48.97
N GLY E 96 12.86 28.77 -52.33
CA GLY E 96 13.52 29.45 -53.41
C GLY E 96 15.01 29.40 -53.21
N SER E 97 15.42 29.75 -52.00
CA SER E 97 16.88 29.76 -51.68
C SER E 97 17.51 28.38 -51.75
N LEU E 99 16.38 25.94 -53.75
CA LEU E 99 16.47 25.56 -55.13
C LEU E 99 17.69 26.20 -55.77
N ALA E 100 17.96 27.47 -55.39
CA ALA E 100 19.00 28.24 -56.06
C ALA E 100 20.39 27.77 -55.57
N ALA E 101 20.41 27.41 -54.32
CA ALA E 101 21.68 26.96 -53.74
C ALA E 101 22.12 25.61 -54.36
N ASN E 102 21.17 24.73 -54.41
CA ASN E 102 21.38 23.39 -54.95
C ASN E 102 21.70 23.32 -56.45
N ALA E 103 21.47 24.43 -57.14
CA ALA E 103 21.72 24.52 -58.58
C ALA E 103 23.18 24.65 -58.78
N PRO E 105 27.22 23.91 -58.28
CA PRO E 105 28.15 22.81 -57.92
C PRO E 105 28.64 22.86 -56.52
N GLY E 106 28.91 21.66 -56.00
CA GLY E 106 29.42 21.44 -54.66
C GLY E 106 28.61 21.95 -53.51
N VAL E 107 27.39 22.41 -53.76
CA VAL E 107 26.53 22.89 -52.70
C VAL E 107 25.43 21.88 -52.45
N PHE E 108 25.31 21.50 -51.18
CA PHE E 108 24.26 20.54 -50.76
C PHE E 108 23.49 21.16 -49.62
N CYS E 109 22.37 21.77 -50.01
CA CYS E 109 21.54 22.57 -49.13
C CYS E 109 20.23 21.93 -48.72
N GLY E 110 20.10 21.79 -47.43
CA GLY E 110 18.93 21.24 -46.82
C GLY E 110 17.88 22.30 -46.61
N LEU E 111 16.69 21.83 -46.43
CA LEU E 111 15.54 22.63 -46.04
C LEU E 111 15.21 22.04 -44.68
N VAL E 112 15.47 22.80 -43.60
CA VAL E 112 15.29 22.38 -42.23
C VAL E 112 14.24 23.21 -41.55
N ILE E 113 13.34 22.52 -40.87
CA ILE E 113 12.30 23.16 -40.14
C ILE E 113 12.48 23.14 -38.63
N ASP E 114 12.66 21.93 -38.11
CA ASP E 114 12.76 21.70 -36.66
C ASP E 114 14.09 21.04 -36.26
N PRO E 115 14.32 20.84 -34.96
CA PRO E 115 15.66 20.30 -34.55
C PRO E 115 15.89 18.85 -34.93
N THR E 116 14.83 18.08 -35.06
CA THR E 116 14.95 16.69 -35.50
C THR E 116 15.33 16.68 -36.99
N ASP E 117 14.74 17.55 -37.81
CA ASP E 117 15.20 17.64 -39.21
C ASP E 117 16.71 17.98 -39.26
N ALA E 118 17.09 18.88 -38.40
CA ALA E 118 18.51 19.39 -38.35
C ALA E 118 19.47 18.24 -37.98
N PHE E 119 19.04 17.48 -37.02
CA PHE E 119 19.82 16.34 -36.55
C PHE E 119 20.02 15.32 -37.64
N LEU E 120 18.92 15.01 -38.29
CA LEU E 120 18.98 14.05 -39.36
C LEU E 120 19.77 14.53 -40.58
N PHE E 121 19.60 15.81 -40.95
CA PHE E 121 20.35 16.37 -42.03
C PHE E 121 21.85 16.09 -41.78
N GLY E 122 22.29 16.34 -40.56
CA GLY E 122 23.70 16.25 -40.27
C GLY E 122 24.16 14.83 -40.31
N GLN E 123 23.35 13.94 -39.81
CA GLN E 123 23.74 12.50 -39.72
C GLN E 123 23.58 11.71 -41.03
N ILE E 124 22.57 12.06 -41.80
CA ILE E 124 22.31 11.33 -43.03
C ILE E 124 22.99 11.98 -44.24
N ASN E 125 22.78 13.30 -44.35
CA ASN E 125 23.28 14.02 -45.54
C ASN E 125 24.60 14.77 -45.39
N ASP E 126 24.77 15.35 -44.23
CA ASP E 126 26.02 16.08 -43.92
C ASP E 126 26.29 17.07 -45.01
N GLY E 127 25.28 17.87 -45.28
CA GLY E 127 25.35 18.93 -46.26
C GLY E 127 26.11 20.13 -45.73
N ASN E 128 26.33 21.14 -46.61
CA ASN E 128 27.12 22.32 -46.26
C ASN E 128 26.34 23.61 -46.29
N ALA E 129 25.04 23.47 -46.48
CA ALA E 129 24.16 24.63 -46.38
C ALA E 129 22.76 24.20 -45.90
N ILE E 130 22.07 25.17 -45.34
CA ILE E 130 20.66 25.04 -44.97
C ILE E 130 19.94 26.25 -45.38
N SER E 131 18.68 26.02 -45.77
CA SER E 131 17.68 27.10 -46.06
C SER E 131 16.49 26.92 -45.14
N PRO E 133 12.66 28.57 -43.43
CA PRO E 133 11.64 29.63 -43.57
C PRO E 133 11.70 30.73 -42.50
N TYR E 134 11.64 31.98 -42.95
CA TYR E 134 11.63 33.12 -42.06
C TYR E 134 10.30 33.90 -41.99
N SER E 135 9.32 33.44 -42.79
CA SER E 135 7.96 33.98 -42.73
C SER E 135 6.92 32.94 -42.45
N LYS E 136 6.90 31.93 -43.28
CA LYS E 136 6.01 30.82 -43.03
C LYS E 136 6.35 30.10 -41.72
N GLY E 137 5.38 30.08 -40.82
CA GLY E 137 5.57 29.46 -39.51
C GLY E 137 6.41 30.26 -38.52
N PHE E 138 6.80 31.46 -38.93
CA PHE E 138 7.67 32.32 -38.10
C PHE E 138 6.93 33.32 -37.19
N GLY E 139 6.50 32.84 -36.05
CA GLY E 139 5.83 33.64 -35.01
C GLY E 139 6.59 33.61 -33.68
N TRP E 140 5.83 33.55 -32.57
CA TRP E 140 6.42 33.44 -31.20
C TRP E 140 7.40 32.38 -31.07
N ALA E 141 8.53 32.79 -30.50
CA ALA E 141 9.66 31.89 -30.18
C ALA E 141 10.30 31.22 -31.37
N ALA E 142 10.06 31.73 -32.56
CA ALA E 142 10.66 31.14 -33.75
C ALA E 142 12.18 31.25 -33.72
N GLU E 143 12.62 32.32 -33.05
CA GLU E 143 14.05 32.71 -32.88
C GLU E 143 14.68 31.72 -31.93
N LEU E 144 13.83 31.13 -31.11
CA LEU E 144 14.27 30.10 -30.15
C LEU E 144 14.46 28.76 -30.84
N ASN E 145 13.52 28.41 -31.70
CA ASN E 145 13.69 27.25 -32.55
C ASN E 145 14.95 27.42 -33.41
N LEU E 146 15.23 28.63 -33.90
CA LEU E 146 16.45 28.78 -34.69
C LEU E 146 17.69 28.30 -33.91
N GLN E 147 17.78 28.75 -32.68
CA GLN E 147 18.92 28.33 -31.80
C GLN E 147 18.94 26.85 -31.62
N ASP E 148 17.79 26.24 -31.38
CA ASP E 148 17.69 24.74 -31.18
C ASP E 148 18.19 23.96 -32.39
N VAL E 149 17.83 24.45 -33.57
CA VAL E 149 18.32 23.90 -34.83
C VAL E 149 19.84 24.11 -34.98
N TYR E 150 20.29 25.29 -34.67
CA TYR E 150 21.73 25.60 -34.83
C TYR E 150 22.54 24.68 -33.90
N ARG E 151 21.98 24.39 -32.75
CA ARG E 151 22.70 23.52 -31.78
CA ARG E 151 22.70 23.51 -31.78
C ARG E 151 22.82 22.10 -32.31
N LYS E 152 21.84 21.67 -33.10
CA LYS E 152 21.94 20.35 -33.69
C LYS E 152 22.96 20.30 -34.83
N LEU E 153 23.01 21.38 -35.56
CA LEU E 153 23.79 21.40 -36.78
C LEU E 153 25.25 21.61 -36.55
N PHE E 154 25.56 22.32 -35.49
CA PHE E 154 26.96 22.80 -35.28
C PHE E 154 27.71 22.22 -34.10
N ASP E 155 27.05 21.32 -33.40
CA ASP E 155 27.65 20.65 -32.24
C ASP E 155 27.55 19.18 -32.49
N GLY E 156 28.68 18.49 -32.48
CA GLY E 156 28.67 17.04 -32.62
C GLY E 156 29.20 16.55 -33.95
N GLU E 157 29.57 15.28 -33.94
CA GLU E 157 30.08 14.61 -35.15
C GLU E 157 28.96 14.43 -36.15
N ARG E 158 29.24 14.79 -37.40
CA ARG E 158 28.27 14.61 -38.49
C ARG E 158 28.52 13.30 -39.18
N GLY E 159 27.54 12.98 -40.00
CA GLY E 159 27.57 11.84 -40.89
C GLY E 159 27.68 10.44 -40.32
N LEU E 160 27.22 10.23 -39.10
CA LEU E 160 27.34 8.93 -38.40
C LEU E 160 26.18 8.05 -38.73
N GLY E 161 25.21 8.69 -39.34
CA GLY E 161 24.03 7.99 -39.83
C GLY E 161 22.95 7.68 -38.81
N TYR E 162 21.74 7.63 -39.33
CA TYR E 162 20.54 7.32 -38.53
C TYR E 162 19.51 6.79 -39.50
N PRO E 163 18.96 5.62 -39.24
CA PRO E 163 19.20 4.73 -38.16
C PRO E 163 20.61 4.24 -38.23
N ARG E 164 21.15 3.88 -37.08
CA ARG E 164 22.54 3.44 -37.04
C ARG E 164 22.85 2.28 -37.98
N GLU E 165 21.87 1.41 -38.15
CA GLU E 165 22.09 0.24 -39.02
C GLU E 165 22.38 0.61 -40.44
N ARG E 166 21.99 1.82 -40.84
CA ARG E 166 22.17 2.19 -42.25
C ARG E 166 23.33 3.15 -42.47
N ALA E 167 24.09 3.36 -41.43
CA ALA E 167 25.21 4.29 -41.50
C ALA E 167 26.13 4.12 -42.68
N GLU E 168 26.62 2.90 -42.91
CA GLU E 168 27.56 2.67 -44.07
C GLU E 168 26.92 2.92 -45.43
N ILE E 169 25.72 2.42 -45.54
CA ILE E 169 24.92 2.62 -46.74
C ILE E 169 24.85 4.14 -47.00
N ARG E 171 26.77 6.54 -45.82
CA ARG E 171 28.06 7.13 -46.11
C ARG E 171 28.46 6.95 -47.57
N LYS E 172 28.25 5.75 -48.08
CA LYS E 172 28.55 5.45 -49.46
C LYS E 172 27.67 6.32 -50.37
N ASN E 173 26.42 6.39 -50.03
CA ASN E 173 25.48 7.20 -50.89
C ASN E 173 25.83 8.71 -51.00
N ARG E 174 26.33 9.27 -49.90
CA ARG E 174 26.79 10.66 -49.92
C ARG E 174 27.88 10.84 -50.96
N GLY E 175 28.84 9.90 -50.95
CA GLY E 175 29.92 9.93 -51.89
C GLY E 175 29.48 9.74 -53.33
N ILE E 176 28.46 8.92 -53.50
CA ILE E 176 27.91 8.63 -54.84
C ILE E 176 27.19 9.84 -55.39
N LEU E 177 26.52 10.51 -54.47
CA LEU E 177 25.81 11.77 -54.80
C LEU E 177 26.80 12.85 -55.22
N ARG E 178 27.86 13.02 -54.48
CA ARG E 178 28.90 14.02 -54.79
C ARG E 178 29.48 13.74 -56.17
N GLU E 179 29.74 12.48 -56.46
CA GLU E 179 30.29 12.10 -57.79
C GLU E 179 29.28 12.40 -58.92
N LEU E 180 28.02 12.18 -58.62
CA LEU E 180 26.98 12.40 -59.57
C LEU E 180 26.92 13.90 -59.90
N LYS E 181 26.93 14.73 -58.86
CA LYS E 181 26.77 16.19 -59.08
C LYS E 181 27.99 16.72 -59.76
N ASP E 182 29.11 16.05 -59.51
CA ASP E 182 30.35 16.49 -60.13
C ASP E 182 30.24 16.32 -61.61
N ALA E 183 29.44 15.34 -62.01
CA ALA E 183 29.25 15.05 -63.43
C ALA E 183 28.18 15.93 -64.02
N SER E 184 27.21 16.28 -63.22
CA SER E 184 26.12 17.09 -63.77
C SER E 184 26.36 18.58 -63.82
N CYS E 185 27.07 19.12 -62.85
CA CYS E 185 27.34 20.57 -62.77
C CYS E 185 28.78 20.92 -63.09
N ARG E 186 28.87 22.03 -63.79
CA ARG E 186 30.14 22.60 -64.21
C ARG E 186 30.84 23.21 -63.00
N ASP E 187 32.14 23.28 -63.08
CA ASP E 187 32.93 23.83 -61.99
C ASP E 187 32.50 25.31 -61.74
N LEU E 189 33.99 28.16 -61.32
CA LEU E 189 34.64 29.26 -62.11
C LEU E 189 33.97 29.38 -63.45
N THR E 190 33.60 28.23 -64.02
CA THR E 190 32.95 28.19 -65.31
C THR E 190 31.59 28.81 -65.15
N VAL E 191 30.98 28.52 -64.03
CA VAL E 191 29.63 29.06 -63.78
C VAL E 191 29.72 30.58 -63.70
N LEU E 192 30.74 31.04 -62.99
CA LEU E 192 30.95 32.50 -62.78
C LEU E 192 31.19 33.23 -64.11
N LYS E 193 31.83 32.56 -65.03
CA LYS E 193 32.19 33.14 -66.32
C LYS E 193 31.05 33.15 -67.27
N THR E 194 30.12 32.25 -67.06
CA THR E 194 28.96 32.07 -67.96
C THR E 194 27.62 32.58 -67.47
N VAL E 195 27.52 32.79 -66.17
CA VAL E 195 26.29 33.36 -65.64
C VAL E 195 26.06 34.82 -66.08
N ASP E 196 24.81 35.23 -65.97
CA ASP E 196 24.43 36.64 -66.20
C ASP E 196 25.31 37.48 -65.29
N GLN E 197 26.13 38.32 -65.91
CA GLN E 197 27.16 39.07 -65.19
C GLN E 197 26.61 40.17 -64.31
N ASP E 198 25.42 40.66 -64.62
CA ASP E 198 24.86 41.66 -63.73
C ASP E 198 24.26 41.00 -62.47
N LEU E 199 23.86 39.74 -62.64
CA LEU E 199 23.30 38.95 -61.52
C LEU E 199 24.46 38.71 -60.60
N LEU E 200 25.60 38.39 -61.18
CA LEU E 200 26.81 38.09 -60.42
C LEU E 200 27.31 39.33 -59.65
N ARG E 201 27.34 40.47 -60.34
CA ARG E 201 27.75 41.71 -59.69
C ARG E 201 26.84 42.07 -58.52
N ALA E 202 25.54 41.89 -58.69
CA ALA E 202 24.57 42.22 -57.62
C ALA E 202 24.78 41.30 -56.43
N ALA E 203 25.13 40.06 -56.74
CA ALA E 203 25.22 39.07 -55.69
C ALA E 203 26.33 39.38 -54.71
N ILE E 204 27.38 40.02 -55.22
CA ILE E 204 28.57 40.29 -54.40
C ILE E 204 28.75 41.76 -54.05
N ALA E 205 27.70 42.53 -54.32
CA ALA E 205 27.73 43.99 -54.16
C ALA E 205 27.66 44.52 -52.74
N GLY E 206 27.38 43.64 -51.80
CA GLY E 206 27.20 44.07 -50.41
C GLY E 206 28.41 44.81 -49.89
N GLU E 207 28.11 45.76 -49.01
CA GLU E 207 29.11 46.66 -48.39
CA GLU E 207 29.14 46.66 -48.43
C GLU E 207 30.29 45.95 -47.75
N LYS E 208 30.01 44.79 -47.17
CA LYS E 208 31.04 44.04 -46.46
C LYS E 208 31.60 42.87 -47.25
N PHE E 209 31.10 42.64 -48.46
CA PHE E 209 31.59 41.45 -49.20
C PHE E 209 33.10 41.33 -49.28
N ALA E 210 33.73 42.39 -49.73
CA ALA E 210 35.19 42.33 -49.93
C ALA E 210 35.90 42.02 -48.67
N GLU E 211 35.43 42.66 -47.62
CA GLU E 211 36.05 42.54 -46.31
C GLU E 211 35.93 41.16 -45.71
N LEU E 212 34.84 40.47 -46.04
CA LEU E 212 34.58 39.14 -45.47
C LEU E 212 35.13 38.03 -46.33
N PHE E 213 35.11 38.27 -47.62
CA PHE E 213 35.46 37.25 -48.60
C PHE E 213 36.93 37.03 -48.90
N TYR E 214 37.53 38.11 -49.39
CA TYR E 214 38.89 38.04 -49.91
C TYR E 214 39.93 37.46 -48.93
N PRO E 215 39.88 37.81 -47.63
CA PRO E 215 40.80 37.26 -46.66
C PRO E 215 40.62 35.81 -46.37
N ASN E 216 39.44 35.28 -46.71
CA ASN E 216 39.08 33.87 -46.41
C ASN E 216 39.01 32.91 -47.62
N CYS E 217 39.08 33.47 -48.79
CA CYS E 217 39.04 32.73 -50.06
C CYS E 217 40.29 31.91 -50.26
N LYS E 218 40.12 30.62 -50.48
CA LYS E 218 41.22 29.72 -50.74
C LYS E 218 41.45 29.49 -52.23
N ASP E 219 40.52 29.86 -53.07
CA ASP E 219 40.67 29.62 -54.51
C ASP E 219 41.01 30.91 -55.25
N ASP E 220 42.29 31.05 -55.57
CA ASP E 220 42.79 32.29 -56.20
C ASP E 220 42.12 32.63 -57.51
N ALA E 221 41.76 31.60 -58.25
CA ALA E 221 41.15 31.82 -59.53
C ALA E 221 39.80 32.45 -59.36
N ILE E 222 39.07 32.06 -58.33
CA ILE E 222 37.71 32.67 -58.13
C ILE E 222 37.83 34.15 -57.71
N ALA E 223 38.79 34.35 -56.81
CA ALA E 223 39.06 35.67 -56.25
C ALA E 223 39.45 36.62 -57.38
N ASN E 224 40.35 36.14 -58.21
CA ASN E 224 40.84 36.93 -59.34
C ASN E 224 39.70 37.26 -60.28
N TYR E 225 38.82 36.29 -60.53
CA TYR E 225 37.71 36.58 -61.47
C TYR E 225 36.79 37.63 -60.90
N LEU E 226 36.48 37.53 -59.61
CA LEU E 226 35.52 38.47 -58.98
C LEU E 226 36.13 39.86 -59.01
N ARG E 227 37.40 39.92 -58.65
CA ARG E 227 38.11 41.23 -58.72
C ARG E 227 38.16 41.80 -60.13
N SER E 228 38.18 40.90 -61.11
CA SER E 228 38.36 41.31 -62.49
C SER E 228 37.12 42.04 -62.87
N LEU E 229 36.09 41.93 -62.04
CA LEU E 229 34.82 42.61 -62.36
C LEU E 229 35.03 44.09 -61.93
N ASP E 230 36.11 44.31 -61.22
CA ASP E 230 36.53 45.64 -60.74
C ASP E 230 37.50 46.14 -61.79
N ALA E 231 37.75 47.42 -61.91
CA ALA E 231 37.15 48.49 -61.16
C ALA E 231 37.49 49.64 -62.06
N GLN F 18 -4.23 18.17 -72.44
CA GLN F 18 -4.67 17.06 -71.54
C GLN F 18 -4.10 17.17 -70.14
N GLY F 19 -3.96 16.02 -69.48
CA GLY F 19 -3.55 15.99 -68.07
C GLY F 19 -2.07 15.85 -67.95
N LYS F 21 1.37 13.63 -66.65
CA LYS F 21 1.95 12.30 -66.47
C LYS F 21 2.78 12.47 -65.20
N ILE F 22 2.31 11.84 -64.12
CA ILE F 22 2.99 11.93 -62.79
C ILE F 22 3.69 10.63 -62.49
N ALA F 23 4.99 10.71 -62.34
CA ALA F 23 5.81 9.51 -62.01
C ALA F 23 6.09 9.44 -60.54
N LEU F 24 6.09 8.21 -60.01
CA LEU F 24 6.38 7.90 -58.59
C LEU F 24 7.63 7.05 -58.55
N ILE F 25 8.56 7.46 -57.71
CA ILE F 25 9.81 6.78 -57.51
C ILE F 25 10.13 6.68 -55.99
N ILE F 26 10.37 5.43 -55.56
CA ILE F 26 10.60 5.05 -54.15
C ILE F 26 11.90 4.23 -54.01
N GLU F 27 12.75 4.66 -53.12
CA GLU F 27 13.98 3.91 -52.91
C GLU F 27 13.81 2.84 -51.84
N ASN F 28 14.88 2.10 -51.67
CA ASN F 28 14.87 0.89 -50.89
C ASN F 28 14.54 1.05 -49.42
N SER F 29 14.94 2.15 -48.81
CA SER F 29 14.64 2.31 -47.38
C SER F 29 13.14 2.36 -47.13
N GLN F 30 12.38 2.84 -48.13
CA GLN F 30 10.95 3.05 -47.95
C GLN F 30 10.09 2.19 -48.87
N ALA F 31 10.71 1.24 -49.54
CA ALA F 31 10.06 0.39 -50.56
C ALA F 31 8.75 -0.27 -50.08
N ALA F 32 8.73 -0.67 -48.83
CA ALA F 32 7.54 -1.34 -48.30
C ALA F 32 6.34 -0.41 -48.32
N LYS F 33 6.62 0.89 -48.43
CA LYS F 33 5.57 1.92 -48.44
C LYS F 33 5.10 2.34 -49.84
N ASN F 34 5.70 1.76 -50.86
CA ASN F 34 5.34 2.14 -52.22
C ASN F 34 3.87 1.94 -52.46
N ALA F 35 3.34 0.83 -51.98
CA ALA F 35 1.93 0.53 -52.28
C ALA F 35 1.04 1.61 -51.72
N VAL F 36 1.33 2.02 -50.48
CA VAL F 36 0.56 3.08 -49.77
C VAL F 36 0.63 4.46 -50.44
N VAL F 37 1.84 4.83 -50.84
CA VAL F 37 2.04 6.14 -51.49
C VAL F 37 1.34 6.11 -52.85
N HIS F 38 1.53 5.02 -53.58
CA HIS F 38 0.91 4.91 -54.91
C HIS F 38 -0.63 5.04 -54.80
N GLU F 39 -1.20 4.41 -53.78
CA GLU F 39 -2.67 4.45 -53.59
C GLU F 39 -3.14 5.87 -53.32
N ALA F 40 -2.41 6.57 -52.46
CA ALA F 40 -2.77 7.97 -52.17
C ALA F 40 -2.73 8.81 -53.42
N LEU F 41 -1.71 8.56 -54.21
CA LEU F 41 -1.46 9.38 -55.38
C LEU F 41 -2.50 9.09 -56.44
N THR F 42 -2.83 7.82 -56.67
CA THR F 42 -3.84 7.57 -57.74
C THR F 42 -5.22 8.06 -57.36
N THR F 43 -5.49 7.94 -56.08
CA THR F 43 -6.76 8.35 -55.48
C THR F 43 -7.00 9.79 -55.72
N VAL F 44 -5.96 10.61 -55.72
CA VAL F 44 -6.18 12.03 -55.95
C VAL F 44 -6.02 12.43 -57.40
N ALA F 45 -4.98 11.89 -58.01
CA ALA F 45 -4.60 12.28 -59.38
C ALA F 45 -5.50 11.79 -60.50
N GLU F 46 -5.92 10.54 -60.43
CA GLU F 46 -6.75 9.96 -61.51
C GLU F 46 -8.07 10.72 -61.69
N PRO F 47 -8.80 11.00 -60.60
CA PRO F 47 -10.03 11.71 -60.82
C PRO F 47 -9.88 13.12 -61.38
N LEU F 48 -8.68 13.68 -61.29
CA LEU F 48 -8.38 15.04 -61.79
C LEU F 48 -7.95 15.03 -63.25
N GLY F 49 -7.87 13.82 -63.80
CA GLY F 49 -7.51 13.59 -65.19
C GLY F 49 -6.06 13.31 -65.50
N HIS F 50 -5.31 12.95 -64.46
CA HIS F 50 -3.89 12.67 -64.63
C HIS F 50 -3.62 11.19 -64.71
N LYS F 51 -2.46 10.85 -65.25
CA LYS F 51 -1.97 9.45 -65.29
C LYS F 51 -0.79 9.35 -64.34
N VAL F 52 -0.79 8.28 -63.56
CA VAL F 52 0.27 8.01 -62.60
C VAL F 52 1.02 6.83 -63.09
N PHE F 53 2.35 6.98 -63.10
CA PHE F 53 3.26 5.97 -63.52
C PHE F 53 4.14 5.55 -62.35
N ASN F 54 3.97 4.31 -61.89
CA ASN F 54 4.73 3.81 -60.73
C ASN F 54 5.99 3.09 -61.18
N TYR F 55 7.13 3.77 -60.97
CA TYR F 55 8.45 3.27 -61.39
C TYR F 55 9.09 2.36 -60.35
N GLY F 56 8.33 2.16 -59.28
CA GLY F 56 8.81 1.35 -58.19
C GLY F 56 9.80 2.13 -57.31
N TYR F 58 8.61 -1.50 -55.89
CA TYR F 58 7.29 -1.97 -55.57
C TYR F 58 7.26 -2.66 -54.23
N THR F 59 8.32 -3.38 -53.93
CA THR F 59 8.47 -4.08 -52.64
C THR F 59 9.95 -4.03 -52.26
N ALA F 60 10.23 -4.29 -51.00
CA ALA F 60 11.63 -4.34 -50.54
C ALA F 60 12.42 -5.48 -51.14
N GLU F 61 11.75 -6.43 -51.80
CA GLU F 61 12.48 -7.60 -52.35
C GLU F 61 12.79 -7.45 -53.83
N ASP F 62 12.39 -6.33 -54.40
CA ASP F 62 12.67 -6.11 -55.82
C ASP F 62 14.11 -6.41 -56.13
N LYS F 63 14.37 -7.14 -57.19
CA LYS F 63 15.74 -7.42 -57.55
C LYS F 63 16.42 -6.13 -57.96
N ALA F 64 15.65 -5.22 -58.56
CA ALA F 64 16.19 -3.97 -59.04
C ALA F 64 16.00 -2.96 -57.91
N SER F 65 17.06 -2.77 -57.15
CA SER F 65 17.04 -1.87 -56.01
C SER F 65 17.47 -0.48 -56.41
N LEU F 66 16.78 0.48 -55.83
CA LEU F 66 17.10 1.87 -56.03
C LEU F 66 17.51 2.56 -54.76
N THR F 67 18.48 3.46 -54.91
CA THR F 67 18.92 4.30 -53.81
C THR F 67 18.36 5.71 -54.06
N TYR F 68 18.43 6.55 -53.06
CA TYR F 68 17.94 7.95 -53.24
C TYR F 68 18.69 8.70 -54.35
N VAL F 69 19.93 8.29 -54.60
CA VAL F 69 20.73 8.93 -55.62
C VAL F 69 20.15 8.58 -56.99
N ASN F 71 17.12 7.80 -57.46
CA ASN F 71 15.78 8.46 -57.59
C ASN F 71 15.91 9.79 -58.31
N GLY F 72 16.94 10.52 -57.92
CA GLY F 72 17.29 11.84 -58.52
C GLY F 72 17.74 11.71 -59.97
N LEU F 73 18.57 10.71 -60.25
CA LEU F 73 19.05 10.47 -61.62
C LEU F 73 17.86 10.11 -62.51
N LEU F 74 17.02 9.22 -61.98
CA LEU F 74 15.81 8.78 -62.70
C LEU F 74 14.85 9.97 -62.92
N ALA F 75 14.68 10.79 -61.88
CA ALA F 75 13.87 11.99 -62.00
C ALA F 75 14.35 12.88 -63.14
N GLY F 76 15.67 13.01 -63.30
CA GLY F 76 16.28 13.82 -64.37
C GLY F 76 15.94 13.23 -65.73
N ILE F 77 16.04 11.93 -65.80
CA ILE F 77 15.75 11.21 -67.08
C ILE F 77 14.27 11.46 -67.49
N LEU F 78 13.38 11.25 -66.53
CA LEU F 78 11.98 11.33 -66.84
C LEU F 78 11.52 12.74 -67.19
N LEU F 79 12.00 13.71 -66.45
CA LEU F 79 11.52 15.08 -66.71
C LEU F 79 12.11 15.68 -68.00
N ASN F 80 13.37 15.45 -68.21
CA ASN F 80 14.06 16.00 -69.39
C ASN F 80 13.61 15.32 -70.67
N SER F 81 13.21 14.06 -70.58
CA SER F 81 12.82 13.29 -71.77
C SER F 81 11.36 13.57 -72.13
N GLY F 82 10.64 14.14 -71.18
CA GLY F 82 9.19 14.38 -71.31
C GLY F 82 8.31 13.20 -70.95
N ALA F 83 8.92 12.11 -70.48
CA ALA F 83 8.16 10.95 -70.05
C ALA F 83 7.27 11.19 -68.86
N ALA F 84 7.59 12.22 -68.06
CA ALA F 84 6.81 12.65 -66.89
C ALA F 84 6.77 14.14 -66.91
N ASP F 85 5.66 14.70 -66.50
CA ASP F 85 5.49 16.17 -66.39
C ASP F 85 5.80 16.58 -64.95
N PHE F 86 5.73 15.59 -64.08
CA PHE F 86 5.96 15.82 -62.63
C PHE F 86 6.42 14.55 -61.96
N VAL F 87 7.37 14.68 -61.02
CA VAL F 87 7.86 13.48 -60.27
C VAL F 87 7.58 13.60 -58.75
N VAL F 88 7.04 12.53 -58.17
CA VAL F 88 6.81 12.38 -56.72
C VAL F 88 7.78 11.30 -56.23
N THR F 89 8.63 11.68 -55.28
CA THR F 89 9.67 10.76 -54.73
C THR F 89 9.90 11.11 -53.26
N GLY F 90 10.98 10.60 -52.68
CA GLY F 90 11.29 10.92 -51.31
C GLY F 90 12.07 9.75 -50.76
N GLY F 92 13.52 8.45 -46.30
CA GLY F 92 13.11 8.57 -44.91
C GLY F 92 12.72 9.95 -44.49
N THR F 93 13.50 10.91 -44.96
CA THR F 93 13.30 12.34 -44.68
C THR F 93 12.97 13.16 -45.92
N GLY F 94 13.25 12.59 -47.09
CA GLY F 94 13.08 13.26 -48.36
C GLY F 94 14.28 14.12 -48.76
N GLY F 96 17.64 13.36 -49.10
CA GLY F 96 18.59 12.78 -50.03
C GLY F 96 18.01 12.78 -51.45
N SER F 97 16.74 12.40 -51.60
CA SER F 97 16.15 12.43 -52.93
C SER F 97 16.11 13.84 -53.50
N LEU F 99 18.11 16.36 -52.82
CA LEU F 99 19.47 16.78 -53.20
C LEU F 99 19.92 16.17 -54.49
N ALA F 100 19.63 14.87 -54.71
CA ALA F 100 20.00 14.16 -55.94
C ALA F 100 19.20 14.70 -57.17
N ALA F 101 17.93 14.94 -56.96
CA ALA F 101 17.08 15.43 -58.01
C ALA F 101 17.49 16.86 -58.43
N ASN F 102 17.73 17.70 -57.43
CA ASN F 102 18.16 19.07 -57.72
C ASN F 102 19.53 19.18 -58.35
N ALA F 103 20.27 18.07 -58.42
CA ALA F 103 21.58 18.08 -59.08
C ALA F 103 21.40 17.95 -60.56
N PRO F 105 19.82 18.70 -64.45
CA PRO F 105 19.33 19.81 -65.20
C PRO F 105 17.86 19.70 -65.32
N GLY F 106 17.25 20.87 -65.36
CA GLY F 106 15.81 21.02 -65.60
C GLY F 106 14.84 20.48 -64.56
N VAL F 107 15.37 20.07 -63.41
CA VAL F 107 14.60 19.54 -62.30
C VAL F 107 14.64 20.56 -61.16
N PHE F 108 13.43 20.94 -60.73
CA PHE F 108 13.23 21.82 -59.59
C PHE F 108 12.35 21.06 -58.60
N CYS F 109 13.03 20.41 -57.66
CA CYS F 109 12.39 19.51 -56.69
C CYS F 109 12.27 20.13 -55.30
N GLY F 110 11.04 20.30 -54.88
CA GLY F 110 10.80 20.74 -53.50
C GLY F 110 10.79 19.59 -52.50
N LEU F 111 11.01 20.00 -51.27
CA LEU F 111 10.85 19.20 -50.06
C LEU F 111 9.56 19.79 -49.52
N VAL F 112 8.53 18.99 -49.60
CA VAL F 112 7.21 19.34 -49.11
C VAL F 112 6.80 18.50 -47.94
N ILE F 113 6.28 19.18 -46.92
CA ILE F 113 5.83 18.53 -45.70
C ILE F 113 4.32 18.54 -45.55
N ASP F 114 3.76 19.74 -45.49
CA ASP F 114 2.34 19.93 -45.21
C ASP F 114 1.61 20.56 -46.42
N PRO F 115 0.25 20.63 -46.37
CA PRO F 115 -0.50 21.17 -47.54
C PRO F 115 -0.23 22.61 -47.89
N THR F 116 0.07 23.46 -46.91
CA THR F 116 0.35 24.83 -47.20
C THR F 116 1.72 24.92 -47.92
N ASP F 117 2.65 24.05 -47.55
CA ASP F 117 3.96 24.02 -48.22
C ASP F 117 3.77 23.64 -49.67
N ALA F 118 2.82 22.74 -49.90
CA ALA F 118 2.56 22.22 -51.21
C ALA F 118 1.94 23.32 -52.06
N PHE F 119 0.98 23.99 -51.44
CA PHE F 119 0.29 25.05 -52.13
C PHE F 119 1.27 26.16 -52.53
N LEU F 120 2.13 26.57 -51.60
CA LEU F 120 3.09 27.63 -51.88
C LEU F 120 4.11 27.23 -52.91
N PHE F 121 4.52 25.96 -52.87
CA PHE F 121 5.50 25.46 -53.78
C PHE F 121 4.97 25.62 -55.18
N GLY F 122 3.75 25.20 -55.33
CA GLY F 122 3.06 25.27 -56.65
C GLY F 122 2.86 26.68 -57.18
N GLN F 123 2.49 27.58 -56.29
CA GLN F 123 2.19 28.96 -56.70
C GLN F 123 3.42 29.88 -56.83
N ILE F 124 4.42 29.65 -56.00
CA ILE F 124 5.62 30.50 -55.95
C ILE F 124 6.81 29.99 -56.76
N ASN F 125 7.05 28.68 -56.64
CA ASN F 125 8.19 28.08 -57.28
C ASN F 125 7.77 27.32 -58.56
N ASP F 126 6.57 26.80 -58.56
CA ASP F 126 6.08 26.08 -59.74
C ASP F 126 7.10 25.05 -60.24
N GLY F 127 7.58 24.23 -59.32
CA GLY F 127 8.55 23.18 -59.63
C GLY F 127 7.92 21.98 -60.32
N ASN F 128 8.76 21.01 -60.66
CA ASN F 128 8.30 19.82 -61.41
C ASN F 128 8.59 18.49 -60.68
N ALA F 129 8.90 18.59 -59.39
CA ALA F 129 9.11 17.41 -58.59
C ALA F 129 8.90 17.74 -57.12
N ILE F 130 8.51 16.74 -56.35
CA ILE F 130 8.45 16.85 -54.90
C ILE F 130 9.10 15.64 -54.29
N SER F 131 9.79 15.90 -53.19
CA SER F 131 10.37 14.81 -52.35
C SER F 131 9.71 14.95 -50.97
N PRO F 133 8.98 13.12 -46.88
CA PRO F 133 9.45 12.12 -45.95
C PRO F 133 8.47 11.01 -45.75
N TYR F 134 8.98 9.78 -45.77
CA TYR F 134 8.13 8.61 -45.59
C TYR F 134 8.41 7.85 -44.29
N SER F 135 9.37 8.32 -43.52
CA SER F 135 9.70 7.75 -42.22
C SER F 135 9.60 8.82 -41.12
N LYS F 136 10.37 9.89 -41.27
CA LYS F 136 10.32 10.99 -40.29
C LYS F 136 8.94 11.63 -40.32
N GLY F 137 8.24 11.57 -39.21
CA GLY F 137 6.91 12.17 -39.10
C GLY F 137 5.82 11.33 -39.77
N PHE F 138 6.19 10.19 -40.30
CA PHE F 138 5.22 9.36 -41.01
C PHE F 138 4.61 8.25 -40.11
N GLY F 139 3.54 8.59 -39.40
CA GLY F 139 2.83 7.59 -38.60
C GLY F 139 1.38 7.55 -39.00
N TRP F 140 0.52 7.45 -38.00
CA TRP F 140 -0.94 7.46 -38.23
C TRP F 140 -1.38 8.56 -39.07
N ALA F 141 -2.23 8.20 -40.03
CA ALA F 141 -2.90 9.10 -40.97
C ALA F 141 -1.95 9.85 -41.88
N ALA F 142 -0.68 9.45 -41.85
CA ALA F 142 0.33 10.11 -42.68
C ALA F 142 -0.08 10.01 -44.14
N GLU F 143 -0.79 8.93 -44.50
CA GLU F 143 -1.22 8.69 -45.91
C GLU F 143 -2.31 9.64 -46.33
N LEU F 144 -2.96 10.18 -45.32
CA LEU F 144 -4.03 11.17 -45.52
C LEU F 144 -3.44 12.56 -45.81
N ASN F 145 -2.35 12.89 -45.11
CA ASN F 145 -1.65 14.14 -45.42
C ASN F 145 -1.10 14.11 -46.84
N LEU F 146 -0.70 12.94 -47.30
CA LEU F 146 -0.17 12.75 -48.68
C LEU F 146 -1.28 13.19 -49.65
N GLN F 147 -2.50 12.67 -49.48
CA GLN F 147 -3.61 13.12 -50.38
C GLN F 147 -3.85 14.60 -50.30
N ASP F 148 -3.85 15.12 -49.08
CA ASP F 148 -4.04 16.54 -48.84
C ASP F 148 -3.05 17.37 -49.66
N VAL F 149 -1.83 16.86 -49.71
CA VAL F 149 -0.75 17.56 -50.43
C VAL F 149 -0.97 17.44 -51.92
N TYR F 150 -1.33 16.24 -52.31
CA TYR F 150 -1.54 15.96 -53.73
C TYR F 150 -2.66 16.84 -54.29
N ARG F 151 -3.66 17.07 -53.48
CA ARG F 151 -4.78 17.92 -53.90
CA ARG F 151 -4.78 17.94 -53.88
C ARG F 151 -4.36 19.37 -54.09
N LYS F 152 -3.32 19.80 -53.40
CA LYS F 152 -2.90 21.19 -53.55
C LYS F 152 -2.06 21.38 -54.82
N LEU F 153 -1.45 20.29 -55.25
CA LEU F 153 -0.47 20.33 -56.32
C LEU F 153 -1.06 20.07 -57.66
N PHE F 154 -2.08 19.25 -57.67
CA PHE F 154 -2.53 18.73 -58.93
C PHE F 154 -3.91 19.19 -59.36
N ASP F 155 -4.43 20.17 -58.65
CA ASP F 155 -5.73 20.76 -58.96
C ASP F 155 -5.59 22.27 -59.00
N GLY F 156 -5.76 22.81 -60.20
CA GLY F 156 -5.66 24.25 -60.42
C GLY F 156 -4.35 24.67 -61.07
N GLU F 157 -4.38 25.89 -61.60
CA GLU F 157 -3.21 26.49 -62.22
C GLU F 157 -2.10 26.70 -61.20
N ARG F 158 -0.88 26.55 -61.68
CA ARG F 158 0.27 26.79 -60.82
C ARG F 158 0.83 28.17 -61.08
N GLY F 159 1.98 28.39 -60.49
CA GLY F 159 2.69 29.64 -60.56
C GLY F 159 1.91 30.93 -60.72
N LEU F 160 1.03 31.26 -59.77
CA LEU F 160 0.26 32.54 -59.77
C LEU F 160 0.63 33.44 -58.58
N GLY F 161 1.49 32.93 -57.71
CA GLY F 161 2.03 33.67 -56.56
C GLY F 161 1.24 33.82 -55.30
N TYR F 162 2.00 34.02 -54.23
CA TYR F 162 1.53 34.23 -52.85
C TYR F 162 2.70 34.72 -51.93
N PRO F 163 2.53 35.85 -51.23
CA PRO F 163 1.37 36.73 -51.27
C PRO F 163 1.27 37.32 -52.65
N ARG F 164 0.05 37.54 -53.09
CA ARG F 164 -0.15 38.04 -54.46
C ARG F 164 0.56 39.37 -54.73
N GLU F 165 0.94 40.03 -53.64
CA GLU F 165 1.58 41.35 -53.72
C GLU F 165 2.96 41.23 -54.39
N ARG F 166 3.49 40.03 -54.39
CA ARG F 166 4.82 39.76 -54.93
C ARG F 166 4.73 38.86 -56.15
N ALA F 167 3.53 38.74 -56.71
CA ALA F 167 3.28 37.79 -57.79
C ALA F 167 4.21 37.93 -58.97
N GLU F 168 4.45 39.18 -59.36
CA GLU F 168 5.32 39.51 -60.51
C GLU F 168 6.77 39.18 -60.29
N ILE F 169 7.24 39.69 -59.16
CA ILE F 169 8.60 39.49 -58.72
C ILE F 169 8.83 37.97 -58.86
N ARG F 171 7.37 35.47 -60.66
CA ARG F 171 7.46 34.82 -61.96
C ARG F 171 8.78 35.13 -62.66
N LYS F 172 9.21 36.37 -62.49
CA LYS F 172 10.45 36.83 -63.12
C LYS F 172 11.62 36.13 -62.49
N ASN F 173 11.57 35.96 -61.18
CA ASN F 173 12.65 35.30 -60.43
C ASN F 173 12.79 33.81 -60.81
N ARG F 174 11.68 33.16 -61.09
CA ARG F 174 11.69 31.73 -61.48
C ARG F 174 12.44 31.63 -62.77
N GLY F 175 12.25 32.62 -63.64
CA GLY F 175 12.93 32.63 -64.91
C GLY F 175 14.42 32.85 -64.79
N ILE F 176 14.78 33.74 -63.88
CA ILE F 176 16.19 34.00 -63.63
C ILE F 176 16.85 32.78 -63.03
N LEU F 177 16.10 32.07 -62.17
CA LEU F 177 16.63 30.79 -61.58
C LEU F 177 16.91 29.72 -62.67
N ARG F 178 15.95 29.55 -63.57
CA ARG F 178 16.12 28.60 -64.68
C ARG F 178 17.34 28.92 -65.52
N GLU F 179 17.61 30.23 -65.69
CA GLU F 179 18.78 30.68 -66.46
C GLU F 179 20.05 30.41 -65.65
N LEU F 180 19.97 30.60 -64.34
CA LEU F 180 21.15 30.38 -63.49
C LEU F 180 21.50 28.92 -63.57
N LYS F 181 20.48 28.11 -63.44
CA LYS F 181 20.69 26.64 -63.43
C LYS F 181 21.25 26.15 -64.76
N ASP F 182 20.83 26.79 -65.83
CA ASP F 182 21.33 26.48 -67.18
C ASP F 182 22.83 26.63 -67.28
N ALA F 183 23.32 27.58 -66.53
CA ALA F 183 24.74 27.90 -66.57
C ALA F 183 25.48 26.86 -65.79
N SER F 184 24.85 26.34 -64.74
CA SER F 184 25.55 25.37 -63.89
CA SER F 184 25.53 25.36 -63.86
C SER F 184 25.45 23.92 -64.35
N CYS F 185 24.27 23.53 -64.76
CA CYS F 185 24.05 22.11 -65.12
C CYS F 185 24.15 21.79 -66.59
N ARG F 186 24.81 20.69 -66.87
CA ARG F 186 24.98 20.19 -68.25
C ARG F 186 23.68 19.62 -68.78
N ASP F 187 23.56 19.58 -70.10
CA ASP F 187 22.32 19.02 -70.69
C ASP F 187 22.16 17.56 -70.25
N LEU F 189 21.40 14.62 -71.73
CA LEU F 189 22.17 13.60 -72.48
C LEU F 189 23.63 13.53 -72.08
N THR F 190 24.24 14.70 -71.88
CA THR F 190 25.67 14.75 -71.55
C THR F 190 25.86 14.14 -70.17
N VAL F 191 24.89 14.39 -69.31
CA VAL F 191 24.97 13.86 -67.94
C VAL F 191 24.94 12.34 -68.02
N LEU F 192 24.01 11.87 -68.85
CA LEU F 192 23.87 10.40 -69.03
C LEU F 192 25.10 9.74 -69.57
N LYS F 193 25.82 10.43 -70.43
CA LYS F 193 27.03 9.87 -71.01
C LYS F 193 28.20 9.91 -70.06
N THR F 194 28.07 10.70 -69.02
CA THR F 194 29.21 10.93 -68.13
C THR F 194 29.06 10.49 -66.69
N VAL F 195 27.84 10.16 -66.29
CA VAL F 195 27.62 9.61 -64.94
C VAL F 195 28.24 8.21 -64.88
N ASP F 196 28.45 7.74 -63.67
CA ASP F 196 28.81 6.32 -63.42
C ASP F 196 27.76 5.48 -64.17
N GLN F 197 28.22 4.60 -65.07
CA GLN F 197 27.30 3.84 -65.92
C GLN F 197 26.57 2.71 -65.18
N ASP F 198 27.17 2.16 -64.15
CA ASP F 198 26.50 1.14 -63.37
C ASP F 198 25.34 1.75 -62.58
N LEU F 199 25.52 3.02 -62.18
CA LEU F 199 24.51 3.73 -61.38
C LEU F 199 23.33 3.96 -62.28
N LEU F 200 23.66 4.36 -63.50
CA LEU F 200 22.63 4.60 -64.53
C LEU F 200 21.86 3.34 -64.88
N ARG F 201 22.58 2.28 -65.15
CA ARG F 201 21.89 1.00 -65.47
C ARG F 201 21.03 0.57 -64.33
N ALA F 202 21.47 0.81 -63.10
CA ALA F 202 20.67 0.41 -61.92
C ALA F 202 19.43 1.22 -61.83
N ALA F 203 19.56 2.48 -62.17
CA ALA F 203 18.43 3.40 -62.02
C ALA F 203 17.26 3.05 -62.89
N ILE F 204 17.60 2.42 -64.01
CA ILE F 204 16.57 2.06 -65.01
C ILE F 204 16.31 0.53 -65.12
N ALA F 205 16.78 -0.23 -64.13
CA ALA F 205 16.68 -1.72 -64.14
C ALA F 205 15.35 -2.30 -63.68
N GLY F 206 14.46 -1.43 -63.27
CA GLY F 206 13.12 -1.83 -62.83
C GLY F 206 12.38 -2.66 -63.88
N GLU F 207 11.67 -3.68 -63.39
CA GLU F 207 11.00 -4.65 -64.25
C GLU F 207 10.04 -3.99 -65.22
N LYS F 208 9.52 -2.85 -64.87
CA LYS F 208 8.57 -2.20 -65.78
C LYS F 208 9.13 -0.90 -66.40
N PHE F 209 10.40 -0.61 -66.24
CA PHE F 209 10.85 0.69 -66.73
C PHE F 209 10.55 0.93 -68.22
N ALA F 210 10.88 -0.07 -69.04
CA ALA F 210 10.85 0.09 -70.51
C ALA F 210 9.43 0.38 -71.00
N GLU F 211 8.51 -0.32 -70.37
CA GLU F 211 7.06 -0.26 -70.67
C GLU F 211 6.45 1.06 -70.26
N LEU F 212 6.96 1.62 -69.16
CA LEU F 212 6.48 2.92 -68.67
C LEU F 212 7.10 4.11 -69.39
N PHE F 213 8.36 3.95 -69.72
CA PHE F 213 9.17 5.07 -70.24
C PHE F 213 9.16 5.31 -71.74
N TYR F 214 9.56 4.30 -72.48
CA TYR F 214 9.76 4.49 -73.91
C TYR F 214 8.50 5.01 -74.64
N PRO F 215 7.30 4.54 -74.30
CA PRO F 215 6.12 5.03 -74.99
C PRO F 215 5.80 6.48 -74.71
N ASN F 216 6.44 7.03 -73.68
CA ASN F 216 6.17 8.40 -73.23
C ASN F 216 7.33 9.36 -73.40
N CYS F 217 8.48 8.81 -73.75
CA CYS F 217 9.68 9.61 -73.96
C CYS F 217 9.52 10.41 -75.22
N LYS F 218 9.83 11.70 -75.15
CA LYS F 218 9.73 12.55 -76.33
C LYS F 218 11.09 12.87 -76.91
N ASP F 219 12.17 12.49 -76.21
CA ASP F 219 13.54 12.78 -76.65
C ASP F 219 14.23 11.54 -77.16
N ASP F 220 14.22 11.38 -78.47
CA ASP F 220 14.76 10.18 -79.06
C ASP F 220 16.21 9.98 -78.76
N ALA F 221 16.93 11.06 -78.57
CA ALA F 221 18.39 10.95 -78.28
C ALA F 221 18.60 10.32 -76.92
N ILE F 222 17.75 10.68 -75.96
CA ILE F 222 17.88 10.08 -74.63
C ILE F 222 17.46 8.61 -74.69
N ALA F 223 16.31 8.35 -75.31
CA ALA F 223 15.80 6.96 -75.41
C ALA F 223 16.89 6.06 -76.01
N ASN F 224 17.48 6.53 -77.12
CA ASN F 224 18.45 5.70 -77.85
C ASN F 224 19.72 5.47 -77.12
N TYR F 225 20.07 6.42 -76.26
CA TYR F 225 21.28 6.27 -75.46
C TYR F 225 21.02 5.23 -74.39
N LEU F 226 19.85 5.33 -73.76
CA LEU F 226 19.54 4.34 -72.69
C LEU F 226 19.51 2.90 -73.26
N ARG F 227 19.02 2.82 -74.46
CA ARG F 227 18.88 1.53 -75.19
C ARG F 227 20.22 0.87 -75.45
N SER F 228 21.24 1.70 -75.62
CA SER F 228 22.61 1.23 -75.99
C SER F 228 23.39 0.68 -74.87
N LEU F 229 22.89 0.88 -73.65
CA LEU F 229 23.60 0.47 -72.44
C LEU F 229 23.71 -1.02 -72.33
N ASP F 230 22.83 -1.70 -73.03
CA ASP F 230 22.81 -3.16 -73.05
C ASP F 230 23.49 -3.74 -74.30
N GLY G 19 14.00 17.99 -5.96
CA GLY G 19 13.72 17.43 -7.34
C GLY G 19 12.27 17.04 -7.52
N LYS G 21 9.16 14.41 -8.79
CA LYS G 21 8.77 13.04 -9.02
C LYS G 21 7.93 13.13 -10.30
N ILE G 22 8.43 12.44 -11.32
CA ILE G 22 7.80 12.37 -12.62
C ILE G 22 7.28 10.98 -12.95
N ALA G 23 5.97 10.94 -13.12
CA ALA G 23 5.26 9.73 -13.43
C ALA G 23 5.01 9.60 -14.89
N LEU G 24 5.21 8.40 -15.42
CA LEU G 24 4.92 8.05 -16.78
C LEU G 24 3.79 7.07 -16.82
N ILE G 25 2.83 7.35 -17.70
CA ILE G 25 1.62 6.54 -17.89
C ILE G 25 1.31 6.37 -19.35
N ILE G 26 1.22 5.12 -19.75
CA ILE G 26 1.01 4.71 -21.17
C ILE G 26 -0.16 3.76 -21.31
N GLU G 27 -1.09 4.10 -22.22
CA GLU G 27 -2.27 3.26 -22.46
C GLU G 27 -2.00 2.18 -23.52
N ASN G 28 -3.01 1.37 -23.75
CA ASN G 28 -2.80 0.12 -24.52
C ASN G 28 -2.38 0.24 -25.97
N SER G 29 -2.89 1.26 -26.65
CA SER G 29 -2.60 1.42 -28.07
C SER G 29 -1.15 1.67 -28.33
N GLN G 30 -0.46 2.19 -27.31
CA GLN G 30 0.97 2.58 -27.43
C GLN G 30 1.89 1.85 -26.47
N ALA G 31 1.34 0.85 -25.80
CA ALA G 31 2.11 0.12 -24.75
C ALA G 31 3.45 -0.44 -25.21
N ALA G 32 3.54 -0.85 -26.46
CA ALA G 32 4.82 -1.38 -27.00
C ALA G 32 5.91 -0.29 -26.99
N LYS G 33 5.47 0.97 -26.89
CA LYS G 33 6.42 2.09 -26.91
C LYS G 33 6.83 2.58 -25.51
N ASN G 34 6.28 1.96 -24.48
CA ASN G 34 6.55 2.40 -23.13
C ASN G 34 8.05 2.37 -22.83
N ALA G 35 8.70 1.32 -23.29
CA ALA G 35 10.14 1.17 -22.96
C ALA G 35 10.98 2.28 -23.58
N VAL G 36 10.63 2.67 -24.79
CA VAL G 36 11.33 3.75 -25.57
C VAL G 36 11.09 5.10 -24.92
N VAL G 37 9.84 5.35 -24.53
CA VAL G 37 9.52 6.64 -23.89
C VAL G 37 10.22 6.73 -22.54
N HIS G 38 10.15 5.64 -21.80
CA HIS G 38 10.73 5.60 -20.46
C HIS G 38 12.23 5.84 -20.51
N GLU G 39 12.85 5.30 -21.51
CA GLU G 39 14.34 5.50 -21.67
C GLU G 39 14.63 6.96 -22.05
N ALA G 40 13.78 7.53 -22.87
CA ALA G 40 14.02 8.92 -23.20
C ALA G 40 13.93 9.77 -21.97
N LEU G 41 12.98 9.41 -21.11
CA LEU G 41 12.64 10.22 -19.93
C LEU G 41 13.70 10.11 -18.83
N THR G 42 14.12 8.90 -18.54
CA THR G 42 15.14 8.77 -17.49
C THR G 42 16.45 9.41 -17.96
N THR G 43 16.75 9.25 -19.24
CA THR G 43 18.00 9.72 -19.82
C THR G 43 18.14 11.17 -19.58
N VAL G 44 17.03 11.86 -19.68
CA VAL G 44 17.07 13.30 -19.47
C VAL G 44 16.81 13.74 -18.04
N ALA G 45 15.86 13.07 -17.41
CA ALA G 45 15.37 13.53 -16.11
C ALA G 45 16.29 13.16 -14.96
N GLU G 46 16.90 11.99 -15.03
CA GLU G 46 17.72 11.53 -13.92
C GLU G 46 18.98 12.38 -13.70
N PRO G 47 19.66 12.79 -14.77
CA PRO G 47 20.83 13.64 -14.52
C PRO G 47 20.48 15.02 -14.03
N LEU G 48 19.21 15.40 -14.17
CA LEU G 48 18.77 16.71 -13.73
C LEU G 48 18.32 16.68 -12.28
N GLY G 49 18.34 15.48 -11.73
CA GLY G 49 18.04 15.27 -10.33
C GLY G 49 16.63 14.90 -9.99
N HIS G 50 15.87 14.51 -11.02
CA HIS G 50 14.50 14.10 -10.81
C HIS G 50 14.44 12.59 -10.70
N LYS G 51 13.31 12.12 -10.20
CA LYS G 51 13.04 10.69 -10.10
C LYS G 51 11.87 10.37 -11.02
N VAL G 52 11.99 9.27 -11.75
CA VAL G 52 10.96 8.87 -12.72
C VAL G 52 10.29 7.64 -12.23
N PHE G 53 8.97 7.69 -12.26
CA PHE G 53 8.15 6.56 -11.85
C PHE G 53 7.37 6.00 -13.03
N ASN G 54 7.76 4.83 -13.55
CA ASN G 54 7.02 4.24 -14.66
C ASN G 54 5.81 3.41 -14.21
N TYR G 55 4.59 3.92 -14.44
CA TYR G 55 3.35 3.26 -13.95
C TYR G 55 2.81 2.33 -15.00
N GLY G 56 3.57 2.22 -16.09
CA GLY G 56 3.23 1.35 -17.22
C GLY G 56 2.15 2.00 -18.03
N TYR G 58 3.69 -1.52 -19.43
CA TYR G 58 5.09 -1.86 -19.75
C TYR G 58 5.21 -2.57 -21.07
N THR G 59 4.19 -3.35 -21.37
CA THR G 59 4.08 -4.09 -22.59
C THR G 59 2.64 -4.22 -22.98
N ALA G 60 2.47 -4.63 -24.21
CA ALA G 60 1.16 -4.79 -24.83
C ALA G 60 0.48 -6.01 -24.22
N GLU G 61 1.27 -6.82 -23.51
CA GLU G 61 0.77 -8.07 -22.92
C GLU G 61 0.48 -8.02 -21.45
N ASP G 62 0.58 -6.83 -20.87
CA ASP G 62 0.29 -6.67 -19.43
C ASP G 62 -1.13 -7.12 -19.15
N LYS G 63 -1.34 -7.77 -18.02
CA LYS G 63 -2.70 -8.19 -17.63
C LYS G 63 -3.53 -6.97 -17.28
N ALA G 64 -2.84 -6.05 -16.60
CA ALA G 64 -3.43 -4.78 -16.18
C ALA G 64 -3.31 -3.81 -17.35
N SER G 65 -4.39 -3.73 -18.14
CA SER G 65 -4.47 -2.88 -19.35
C SER G 65 -5.12 -1.56 -19.00
N LEU G 66 -4.58 -0.52 -19.62
CA LEU G 66 -5.09 0.85 -19.43
C LEU G 66 -5.64 1.42 -20.72
N THR G 67 -6.68 2.24 -20.55
CA THR G 67 -7.23 3.07 -21.62
C THR G 67 -6.82 4.50 -21.35
N TYR G 68 -7.02 5.37 -22.34
CA TYR G 68 -6.64 6.77 -22.21
C TYR G 68 -7.44 7.50 -21.14
N VAL G 69 -8.63 6.98 -20.89
CA VAL G 69 -9.50 7.57 -19.86
C VAL G 69 -8.89 7.28 -18.49
N ASN G 71 -5.76 6.74 -18.08
CA ASN G 71 -4.56 7.54 -17.97
C ASN G 71 -4.86 8.82 -17.24
N GLY G 72 -5.98 9.43 -17.56
CA GLY G 72 -6.30 10.73 -16.96
C GLY G 72 -6.69 10.65 -15.49
N LEU G 73 -7.44 9.61 -15.20
CA LEU G 73 -7.92 9.36 -13.86
C LEU G 73 -6.72 9.09 -12.94
N LEU G 74 -5.79 8.30 -13.45
CA LEU G 74 -4.54 8.00 -12.67
C LEU G 74 -3.72 9.25 -12.53
N ALA G 75 -3.66 10.10 -13.57
CA ALA G 75 -2.95 11.40 -13.45
C ALA G 75 -3.53 12.25 -12.33
N GLY G 76 -4.85 12.23 -12.21
CA GLY G 76 -5.53 12.94 -11.15
C GLY G 76 -5.14 12.40 -9.77
N ILE G 77 -5.13 11.07 -9.69
CA ILE G 77 -4.81 10.45 -8.42
C ILE G 77 -3.37 10.85 -8.04
N LEU G 78 -2.47 10.75 -8.99
CA LEU G 78 -1.03 10.99 -8.62
C LEU G 78 -0.73 12.40 -8.28
N LEU G 79 -1.27 13.31 -9.08
CA LEU G 79 -1.01 14.74 -8.88
C LEU G 79 -1.71 15.29 -7.63
N ASN G 80 -2.96 14.91 -7.43
CA ASN G 80 -3.76 15.38 -6.31
C ASN G 80 -3.23 14.82 -4.93
N SER G 81 -2.69 13.62 -4.98
CA SER G 81 -2.19 12.95 -3.79
C SER G 81 -0.78 13.39 -3.44
N GLY G 82 -0.11 13.95 -4.41
CA GLY G 82 1.29 14.36 -4.22
C GLY G 82 2.28 13.25 -4.54
N ALA G 83 1.77 12.12 -4.99
CA ALA G 83 2.62 10.96 -5.38
C ALA G 83 3.55 11.29 -6.57
N ALA G 84 3.11 12.25 -7.38
CA ALA G 84 3.92 12.79 -8.48
C ALA G 84 3.77 14.27 -8.51
N ASP G 85 4.82 14.92 -8.98
CA ASP G 85 4.80 16.40 -9.16
C ASP G 85 4.46 16.77 -10.60
N PHE G 86 4.64 15.81 -11.46
CA PHE G 86 4.42 16.02 -12.91
C PHE G 86 4.09 14.72 -13.56
N VAL G 87 3.17 14.74 -14.51
CA VAL G 87 2.83 13.52 -15.22
C VAL G 87 3.11 13.59 -16.73
N VAL G 88 3.75 12.54 -17.23
CA VAL G 88 3.99 12.35 -18.67
C VAL G 88 3.11 11.25 -19.20
N THR G 89 2.22 11.60 -20.12
CA THR G 89 1.39 10.60 -20.71
C THR G 89 1.17 10.83 -22.22
N GLY G 90 0.10 10.23 -22.74
CA GLY G 90 -0.22 10.37 -24.14
C GLY G 90 -0.89 9.18 -24.73
N GLY G 92 -2.18 7.89 -29.12
CA GLY G 92 -1.84 7.88 -30.52
C GLY G 92 -1.58 9.30 -31.00
N THR G 93 -2.48 10.18 -30.58
CA THR G 93 -2.40 11.58 -30.93
C THR G 93 -2.08 12.42 -29.72
N GLY G 94 -2.34 11.89 -28.53
CA GLY G 94 -2.17 12.57 -27.25
C GLY G 94 -3.44 13.27 -26.80
N GLY G 96 -6.81 12.19 -26.47
CA GLY G 96 -7.66 11.53 -25.50
C GLY G 96 -7.11 11.67 -24.11
N SER G 97 -5.81 11.37 -23.91
CA SER G 97 -5.29 11.44 -22.55
C SER G 97 -5.35 12.86 -22.07
N LEU G 99 -7.51 15.16 -22.82
CA LEU G 99 -8.90 15.45 -22.40
C LEU G 99 -9.24 14.78 -21.05
N ALA G 100 -8.78 13.54 -20.85
CA ALA G 100 -9.09 12.80 -19.62
C ALA G 100 -8.42 13.41 -18.44
N ALA G 101 -7.18 13.84 -18.67
CA ALA G 101 -6.40 14.44 -17.61
C ALA G 101 -6.98 15.75 -17.15
N ASN G 102 -7.30 16.58 -18.13
CA ASN G 102 -7.89 17.91 -17.87
C ASN G 102 -9.30 17.92 -17.27
N ALA G 103 -9.96 16.78 -17.36
CA ALA G 103 -11.28 16.57 -16.75
C ALA G 103 -11.10 16.49 -15.22
N PRO G 105 -9.72 17.52 -11.31
CA PRO G 105 -9.37 18.71 -10.54
C PRO G 105 -7.85 18.73 -10.35
N GLY G 106 -7.26 19.91 -10.28
CA GLY G 106 -5.80 20.10 -9.99
C GLY G 106 -4.82 19.71 -11.08
N VAL G 107 -5.33 19.27 -12.22
CA VAL G 107 -4.52 18.82 -13.34
C VAL G 107 -4.62 19.81 -14.49
N PHE G 108 -3.47 20.24 -14.97
CA PHE G 108 -3.35 21.19 -16.14
C PHE G 108 -2.32 20.53 -17.08
N CYS G 109 -2.87 19.75 -18.00
CA CYS G 109 -2.13 18.91 -18.93
C CYS G 109 -2.01 19.54 -20.31
N GLY G 110 -0.79 19.79 -20.75
CA GLY G 110 -0.58 20.35 -22.10
C GLY G 110 -0.49 19.26 -23.15
N LEU G 111 -0.80 19.61 -24.41
CA LEU G 111 -0.59 18.77 -25.55
C LEU G 111 0.60 19.43 -26.21
N VAL G 112 1.73 18.73 -26.17
CA VAL G 112 3.06 19.23 -26.58
C VAL G 112 3.59 18.40 -27.71
N ILE G 113 4.03 19.08 -28.77
CA ILE G 113 4.55 18.45 -29.99
C ILE G 113 6.06 18.62 -30.11
N ASP G 114 6.48 19.87 -30.17
CA ASP G 114 7.92 20.22 -30.37
C ASP G 114 8.56 20.95 -29.19
N PRO G 115 9.91 21.15 -29.24
CA PRO G 115 10.62 21.69 -28.08
C PRO G 115 10.21 23.12 -27.74
N THR G 116 9.83 23.88 -28.75
CA THR G 116 9.35 25.23 -28.48
C THR G 116 7.99 25.20 -27.75
N ASP G 117 7.12 24.29 -28.17
CA ASP G 117 5.82 24.08 -27.49
C ASP G 117 6.04 23.83 -26.00
N ALA G 118 6.99 22.94 -25.79
CA ALA G 118 7.39 22.52 -24.44
C ALA G 118 7.97 23.68 -23.61
N PHE G 119 8.78 24.51 -24.27
CA PHE G 119 9.38 25.66 -23.60
C PHE G 119 8.30 26.64 -23.22
N LEU G 120 7.39 26.86 -24.14
CA LEU G 120 6.28 27.81 -23.93
C LEU G 120 5.28 27.31 -22.87
N PHE G 121 5.02 26.02 -22.89
CA PHE G 121 4.16 25.45 -21.88
C PHE G 121 4.69 25.75 -20.50
N GLY G 122 5.97 25.46 -20.31
CA GLY G 122 6.55 25.69 -19.01
C GLY G 122 6.60 27.14 -18.56
N GLN G 123 6.81 28.04 -19.50
CA GLN G 123 6.97 29.46 -19.18
C GLN G 123 5.66 30.20 -19.09
N ILE G 124 4.73 29.75 -19.91
CA ILE G 124 3.44 30.46 -19.95
C ILE G 124 2.41 29.83 -19.02
N ASN G 125 2.26 28.51 -19.12
CA ASN G 125 1.19 27.80 -18.42
C ASN G 125 1.63 27.09 -17.16
N ASP G 126 2.90 26.72 -17.11
CA ASP G 126 3.47 26.00 -15.96
C ASP G 126 2.49 24.92 -15.40
N GLY G 127 2.03 24.10 -16.30
CA GLY G 127 1.15 23.00 -15.98
C GLY G 127 1.91 21.86 -15.30
N ASN G 128 1.16 20.84 -14.91
CA ASN G 128 1.71 19.68 -14.16
C ASN G 128 1.65 18.35 -14.89
N ALA G 129 1.29 18.43 -16.17
CA ALA G 129 1.16 17.26 -17.03
C ALA G 129 1.32 17.61 -18.47
N ILE G 130 1.88 16.69 -19.20
CA ILE G 130 1.88 16.72 -20.65
C ILE G 130 1.40 15.40 -21.27
N SER G 131 0.74 15.55 -22.40
CA SER G 131 0.32 14.44 -23.21
C SER G 131 0.95 14.63 -24.57
N PRO G 133 1.91 12.69 -28.67
CA PRO G 133 1.53 11.67 -29.61
C PRO G 133 2.61 10.66 -29.79
N TYR G 134 2.23 9.39 -29.63
CA TYR G 134 3.15 8.28 -29.80
C TYR G 134 2.94 7.54 -31.08
N SER G 135 1.93 7.96 -31.85
CA SER G 135 1.67 7.34 -33.18
C SER G 135 1.71 8.29 -34.31
N LYS G 136 0.90 9.31 -34.19
CA LYS G 136 0.87 10.34 -35.20
C LYS G 136 2.20 11.08 -35.14
N GLY G 137 2.93 11.04 -36.26
CA GLY G 137 4.14 11.81 -36.42
C GLY G 137 5.34 11.11 -35.82
N PHE G 138 5.06 9.95 -35.26
CA PHE G 138 6.12 9.22 -34.52
C PHE G 138 6.91 8.24 -35.38
N GLY G 139 7.85 8.79 -36.13
CA GLY G 139 8.72 7.95 -36.99
C GLY G 139 10.18 8.08 -36.61
N TRP G 140 11.05 8.07 -37.61
CA TRP G 140 12.50 8.26 -37.33
C TRP G 140 12.79 9.40 -36.40
N ALA G 141 13.64 9.11 -35.39
CA ALA G 141 14.16 10.07 -34.40
C ALA G 141 13.10 10.69 -33.49
N ALA G 142 11.89 10.16 -33.50
CA ALA G 142 10.85 10.73 -32.65
C ALA G 142 11.26 10.61 -31.20
N GLU G 143 12.03 9.57 -30.93
CA GLU G 143 12.48 9.33 -29.55
C GLU G 143 13.50 10.36 -29.10
N LEU G 144 14.11 11.02 -30.07
CA LEU G 144 15.11 12.02 -29.77
C LEU G 144 14.37 13.35 -29.56
N ASN G 145 13.27 13.54 -30.26
CA ASN G 145 12.46 14.75 -30.05
C ASN G 145 11.91 14.73 -28.62
N LEU G 146 11.68 13.52 -28.13
CA LEU G 146 11.14 13.30 -26.78
C LEU G 146 12.16 13.86 -25.82
N GLN G 147 13.41 13.46 -26.00
CA GLN G 147 14.43 14.04 -25.13
C GLN G 147 14.53 15.57 -25.23
N ASP G 148 14.40 16.10 -26.46
CA ASP G 148 14.51 17.57 -26.68
C ASP G 148 13.43 18.26 -25.88
N VAL G 149 12.27 17.63 -25.89
CA VAL G 149 11.14 18.17 -25.15
C VAL G 149 11.34 18.10 -23.65
N TYR G 150 11.81 16.95 -23.21
CA TYR G 150 12.00 16.76 -21.76
C TYR G 150 13.03 17.78 -21.24
N ARG G 151 14.02 18.11 -22.05
CA ARG G 151 15.07 19.06 -21.64
CA ARG G 151 15.06 19.06 -21.64
C ARG G 151 14.51 20.44 -21.41
N LYS G 152 13.45 20.77 -22.14
CA LYS G 152 12.86 22.11 -21.99
C LYS G 152 11.97 22.18 -20.77
N LEU G 153 11.37 21.06 -20.46
CA LEU G 153 10.38 21.04 -19.37
C LEU G 153 10.98 20.89 -18.01
N PHE G 154 12.07 20.15 -17.98
CA PHE G 154 12.62 19.73 -16.67
C PHE G 154 13.94 20.34 -16.25
N ASP G 155 14.41 21.27 -17.05
CA ASP G 155 15.63 22.01 -16.69
C ASP G 155 15.27 23.49 -16.74
N GLY G 156 15.56 24.21 -15.66
CA GLY G 156 15.34 25.64 -15.60
C GLY G 156 14.06 25.99 -14.90
N GLU G 157 13.96 27.25 -14.50
CA GLU G 157 12.79 27.76 -13.76
C GLU G 157 11.56 27.83 -14.64
N ARG G 158 10.41 27.46 -14.09
CA ARG G 158 9.14 27.54 -14.81
C ARG G 158 8.44 28.85 -14.54
N GLY G 159 7.43 29.09 -15.37
CA GLY G 159 6.59 30.26 -15.24
C GLY G 159 7.10 31.69 -15.38
N LEU G 160 8.18 31.91 -16.13
CA LEU G 160 8.77 33.26 -16.24
C LEU G 160 8.21 34.07 -17.38
N GLY G 161 7.35 33.42 -18.13
CA GLY G 161 6.71 34.11 -19.23
C GLY G 161 7.46 34.25 -20.54
N TYR G 162 6.67 34.24 -21.58
CA TYR G 162 7.10 34.52 -22.94
C TYR G 162 5.89 34.92 -23.77
N PRO G 163 5.93 36.10 -24.44
CA PRO G 163 7.01 37.09 -24.42
C PRO G 163 7.11 37.67 -23.01
N ARG G 164 8.31 38.02 -22.61
CA ARG G 164 8.51 38.44 -21.22
C ARG G 164 7.74 39.69 -20.80
N GLU G 165 7.27 40.45 -21.78
CA GLU G 165 6.53 41.68 -21.48
C GLU G 165 5.15 41.27 -20.98
N ARG G 166 4.77 40.04 -21.26
CA ARG G 166 3.46 39.54 -20.80
C ARG G 166 3.63 38.70 -19.55
N ALA G 167 4.82 38.68 -19.01
CA ALA G 167 5.06 37.80 -17.86
C ALA G 167 4.10 37.98 -16.67
N GLU G 168 3.94 39.19 -16.14
CA GLU G 168 3.04 39.35 -14.97
C GLU G 168 1.64 39.01 -15.28
N ILE G 169 1.20 39.48 -16.42
CA ILE G 169 -0.16 39.18 -16.87
C ILE G 169 -0.37 37.68 -16.89
N ARG G 171 1.27 35.30 -15.21
CA ARG G 171 1.32 34.75 -13.86
C ARG G 171 -0.01 34.95 -13.16
N LYS G 172 -0.64 36.09 -13.39
CA LYS G 172 -1.91 36.38 -12.73
C LYS G 172 -3.00 35.47 -13.30
N ASN G 173 -2.95 35.32 -14.61
CA ASN G 173 -3.95 34.51 -15.33
C ASN G 173 -3.87 33.04 -14.90
N ARG G 174 -2.69 32.56 -14.59
CA ARG G 174 -2.60 31.17 -14.12
C ARG G 174 -3.39 30.98 -12.83
N GLY G 175 -3.27 31.95 -11.93
CA GLY G 175 -3.95 31.86 -10.64
C GLY G 175 -5.46 31.95 -10.83
N ILE G 176 -5.84 32.83 -11.75
CA ILE G 176 -7.27 33.00 -12.05
C ILE G 176 -7.85 31.70 -12.58
N LEU G 177 -7.05 31.03 -13.42
CA LEU G 177 -7.50 29.77 -13.99
C LEU G 177 -7.61 28.70 -12.91
N ARG G 178 -6.65 28.65 -11.98
CA ARG G 178 -6.73 27.68 -10.92
C ARG G 178 -7.97 27.88 -10.07
N GLU G 179 -8.34 29.15 -9.88
CA GLU G 179 -9.46 29.46 -9.03
C GLU G 179 -10.72 29.07 -9.75
N LEU G 180 -10.70 29.24 -11.06
CA LEU G 180 -11.87 28.92 -11.86
C LEU G 180 -12.13 27.41 -11.86
N LYS G 181 -11.05 26.65 -12.00
CA LYS G 181 -11.15 25.20 -12.04
C LYS G 181 -11.53 24.66 -10.65
N ASP G 182 -11.09 25.36 -9.61
CA ASP G 182 -11.42 24.98 -8.23
C ASP G 182 -12.92 25.07 -8.07
N ALA G 183 -13.52 26.01 -8.77
CA ALA G 183 -14.99 26.18 -8.73
C ALA G 183 -15.74 25.15 -9.53
N SER G 184 -15.20 24.78 -10.69
CA SER G 184 -15.87 23.84 -11.60
C SER G 184 -15.68 22.39 -11.15
N CYS G 185 -14.52 22.06 -10.60
CA CYS G 185 -14.26 20.64 -10.30
C CYS G 185 -14.29 20.29 -8.82
N ARG G 186 -14.92 19.16 -8.59
CA ARG G 186 -15.05 18.56 -7.26
C ARG G 186 -13.66 18.10 -6.79
N ASP G 187 -13.46 17.97 -5.48
CA ASP G 187 -12.14 17.53 -4.96
C ASP G 187 -11.84 16.10 -5.44
N LEU G 189 -10.98 13.35 -4.00
CA LEU G 189 -11.47 12.23 -3.15
C LEU G 189 -12.93 11.97 -3.48
N THR G 190 -13.64 13.06 -3.67
CA THR G 190 -15.04 12.97 -4.02
C THR G 190 -15.15 12.32 -5.38
N VAL G 191 -14.27 12.71 -6.30
CA VAL G 191 -14.28 12.07 -7.61
C VAL G 191 -13.99 10.59 -7.46
N LEU G 192 -12.98 10.27 -6.66
CA LEU G 192 -12.66 8.84 -6.51
C LEU G 192 -13.85 8.00 -5.98
N LYS G 193 -14.63 8.60 -5.10
CA LYS G 193 -15.76 7.91 -4.49
C LYS G 193 -17.00 7.83 -5.38
N THR G 194 -17.02 8.65 -6.44
CA THR G 194 -18.22 8.72 -7.27
C THR G 194 -18.07 8.31 -8.72
N VAL G 195 -16.85 8.02 -9.12
CA VAL G 195 -16.59 7.55 -10.48
C VAL G 195 -16.96 6.08 -10.59
N ASP G 196 -17.01 5.59 -11.82
CA ASP G 196 -17.21 4.16 -12.05
C ASP G 196 -16.10 3.46 -11.30
N GLN G 197 -16.46 2.58 -10.36
CA GLN G 197 -15.46 1.93 -9.48
C GLN G 197 -14.66 0.82 -10.17
N ASP G 198 -15.19 0.27 -11.24
CA ASP G 198 -14.48 -0.72 -12.02
C ASP G 198 -13.43 -0.01 -12.85
N LEU G 199 -13.79 1.16 -13.34
CA LEU G 199 -12.83 1.98 -14.10
C LEU G 199 -11.68 2.35 -13.19
N LEU G 200 -12.02 2.79 -12.00
CA LEU G 200 -11.05 3.15 -10.97
C LEU G 200 -10.19 1.95 -10.57
N ARG G 201 -10.81 0.78 -10.42
CA ARG G 201 -9.98 -0.39 -10.06
C ARG G 201 -8.98 -0.71 -11.13
N ALA G 202 -9.41 -0.59 -12.35
CA ALA G 202 -8.58 -0.93 -13.51
C ALA G 202 -7.38 0.06 -13.63
N ALA G 203 -7.63 1.30 -13.26
CA ALA G 203 -6.61 2.35 -13.38
C ALA G 203 -5.44 2.10 -12.42
N ILE G 204 -5.70 1.40 -11.33
CA ILE G 204 -4.66 1.21 -10.31
C ILE G 204 -4.22 -0.24 -10.18
N ALA G 205 -4.64 -1.02 -11.14
CA ALA G 205 -4.39 -2.49 -11.23
C ALA G 205 -2.96 -2.88 -11.59
N GLY G 206 -2.15 -1.90 -11.99
CA GLY G 206 -0.77 -2.18 -12.41
C GLY G 206 0.06 -2.93 -11.38
N GLU G 207 0.91 -3.82 -11.85
CA GLU G 207 1.73 -4.67 -10.99
C GLU G 207 2.60 -3.94 -9.99
N LYS G 208 3.00 -2.72 -10.33
CA LYS G 208 3.88 -1.98 -9.47
C LYS G 208 3.22 -0.81 -8.84
N PHE G 209 1.93 -0.69 -9.04
CA PHE G 209 1.24 0.52 -8.52
C PHE G 209 1.51 0.82 -7.05
N ALA G 210 1.32 -0.19 -6.20
CA ALA G 210 1.38 0.08 -4.78
C ALA G 210 2.76 0.55 -4.37
N GLU G 211 3.75 -0.12 -4.90
CA GLU G 211 5.15 0.21 -4.58
C GLU G 211 5.55 1.63 -4.99
N LEU G 212 4.98 2.08 -6.11
CA LEU G 212 5.26 3.43 -6.67
C LEU G 212 4.49 4.52 -5.96
N PHE G 213 3.25 4.17 -5.71
CA PHE G 213 2.26 5.13 -5.19
C PHE G 213 2.31 5.41 -3.71
N TYR G 214 2.04 4.38 -2.92
CA TYR G 214 1.84 4.59 -1.45
C TYR G 214 2.99 5.22 -0.69
N PRO G 215 4.23 4.77 -0.97
CA PRO G 215 5.35 5.41 -0.33
C PRO G 215 5.49 6.92 -0.65
N ASN G 216 4.82 7.36 -1.72
CA ASN G 216 4.91 8.77 -2.17
C ASN G 216 3.67 9.64 -2.00
N CYS G 217 2.58 8.98 -1.67
CA CYS G 217 1.29 9.64 -1.47
C CYS G 217 1.33 10.44 -0.17
N LYS G 218 0.86 11.67 -0.25
CA LYS G 218 0.83 12.57 0.87
C LYS G 218 -0.57 12.74 1.42
N ASP G 219 -1.53 12.20 0.71
CA ASP G 219 -2.94 12.30 1.10
C ASP G 219 -3.46 10.97 1.60
N ASP G 220 -3.55 10.89 2.91
CA ASP G 220 -3.89 9.61 3.58
C ASP G 220 -5.29 9.14 3.27
N ALA G 221 -6.19 10.11 3.08
CA ALA G 221 -7.56 9.81 2.81
C ALA G 221 -7.70 9.16 1.47
N ILE G 222 -6.94 9.68 0.53
CA ILE G 222 -6.91 9.09 -0.79
C ILE G 222 -6.29 7.71 -0.74
N ALA G 223 -5.16 7.61 -0.04
CA ALA G 223 -4.47 6.28 0.07
C ALA G 223 -5.42 5.22 0.63
N ASN G 224 -6.06 5.59 1.73
CA ASN G 224 -6.93 4.62 2.45
C ASN G 224 -8.19 4.27 1.69
N TYR G 225 -8.70 5.23 0.91
CA TYR G 225 -9.82 4.90 0.09
C TYR G 225 -9.46 3.94 -1.00
N LEU G 226 -8.30 4.16 -1.66
CA LEU G 226 -7.88 3.24 -2.69
C LEU G 226 -7.64 1.81 -2.13
N ARG G 227 -7.10 1.78 -0.94
CA ARG G 227 -6.81 0.49 -0.28
C ARG G 227 -8.08 -0.26 0.01
N SER G 228 -9.17 0.50 0.14
CA SER G 228 -10.48 -0.08 0.51
C SER G 228 -11.13 -0.81 -0.64
N LEU G 229 -10.62 -0.57 -1.83
CA LEU G 229 -11.14 -1.23 -2.99
C LEU G 229 -10.57 -2.66 -2.91
N TYR H 16 -33.30 26.71 -43.17
CA TYR H 16 -31.92 26.97 -43.64
C TYR H 16 -30.90 25.96 -43.18
N PHE H 17 -29.78 26.52 -42.75
CA PHE H 17 -28.58 25.77 -42.34
C PHE H 17 -28.88 24.51 -41.54
N GLN H 18 -28.26 23.45 -42.02
CA GLN H 18 -28.45 22.12 -41.48
C GLN H 18 -27.36 21.64 -40.57
N GLY H 19 -26.32 22.44 -40.46
CA GLY H 19 -25.21 22.11 -39.56
C GLY H 19 -25.29 22.72 -38.19
N LYS H 21 -24.14 25.54 -35.01
CA LYS H 21 -23.89 26.91 -34.60
C LYS H 21 -22.48 26.91 -34.04
N ILE H 22 -21.61 27.63 -34.73
CA ILE H 22 -20.16 27.73 -34.38
C ILE H 22 -19.80 29.09 -33.84
N ALA H 23 -19.33 29.12 -32.60
CA ALA H 23 -18.97 30.36 -31.95
C ALA H 23 -17.46 30.60 -31.97
N LEU H 24 -17.09 31.83 -32.32
CA LEU H 24 -15.71 32.27 -32.32
C LEU H 24 -15.41 33.18 -31.14
N ILE H 25 -14.36 32.80 -30.37
CA ILE H 25 -13.92 33.54 -29.22
C ILE H 25 -12.42 33.77 -29.25
N ILE H 26 -12.02 35.03 -29.11
CA ILE H 26 -10.64 35.51 -29.21
C ILE H 26 -10.28 36.45 -28.07
N GLU H 27 -9.15 36.18 -27.42
CA GLU H 27 -8.73 36.99 -26.30
C GLU H 27 -7.78 38.10 -26.74
N ASN H 28 -7.42 38.89 -25.75
CA ASN H 28 -6.71 40.15 -26.01
C ASN H 28 -5.38 40.05 -26.69
N SER H 29 -4.61 39.01 -26.47
CA SER H 29 -3.28 38.98 -27.05
C SER H 29 -3.33 38.83 -28.55
N GLN H 30 -4.43 38.25 -29.02
CA GLN H 30 -4.59 37.93 -30.43
C GLN H 30 -5.74 38.66 -31.12
N ALA H 31 -6.26 39.64 -30.44
CA ALA H 31 -7.46 40.39 -30.89
C ALA H 31 -7.32 40.97 -32.30
N ALA H 32 -6.12 41.41 -32.63
CA ALA H 32 -5.90 42.02 -33.96
C ALA H 32 -6.16 41.03 -35.07
N LYS H 33 -6.17 39.74 -34.72
CA LYS H 33 -6.33 38.64 -35.70
C LYS H 33 -7.72 38.14 -35.85
N ASN H 34 -8.62 38.68 -35.05
CA ASN H 34 -9.99 38.19 -35.05
C ASN H 34 -10.63 38.22 -36.43
N ALA H 35 -10.48 39.35 -37.11
CA ALA H 35 -11.05 39.54 -38.45
C ALA H 35 -10.57 38.45 -39.40
N VAL H 36 -9.26 38.19 -39.37
CA VAL H 36 -8.68 37.17 -40.25
C VAL H 36 -9.16 35.76 -39.99
N VAL H 37 -9.31 35.42 -38.71
CA VAL H 37 -9.77 34.07 -38.32
C VAL H 37 -11.23 33.92 -38.70
N HIS H 38 -11.96 34.99 -38.42
CA HIS H 38 -13.39 35.02 -38.70
C HIS H 38 -13.68 34.79 -40.19
N GLU H 39 -12.93 35.51 -41.01
CA GLU H 39 -13.05 35.39 -42.47
C GLU H 39 -12.76 33.98 -42.90
N ALA H 40 -11.72 33.38 -42.31
CA ALA H 40 -11.38 32.01 -42.69
C ALA H 40 -12.48 31.03 -42.33
N LEU H 41 -13.12 31.29 -41.19
CA LEU H 41 -14.13 30.37 -40.65
C LEU H 41 -15.44 30.47 -41.45
N THR H 42 -15.87 31.68 -41.74
CA THR H 42 -17.14 31.83 -42.53
C THR H 42 -16.99 31.31 -43.94
N THR H 43 -15.84 31.60 -44.52
CA THR H 43 -15.54 31.18 -45.89
C THR H 43 -15.67 29.69 -46.03
N VAL H 44 -15.24 28.96 -44.99
CA VAL H 44 -15.29 27.54 -45.02
C VAL H 44 -16.60 26.93 -44.51
N ALA H 45 -17.00 27.34 -43.31
CA ALA H 45 -18.12 26.71 -42.59
C ALA H 45 -19.48 26.99 -43.21
N GLU H 46 -19.68 28.20 -43.70
CA GLU H 46 -21.00 28.58 -44.21
C GLU H 46 -21.46 27.70 -45.40
N PRO H 47 -20.59 27.52 -46.40
CA PRO H 47 -21.00 26.70 -47.50
C PRO H 47 -21.14 25.27 -47.12
N LEU H 48 -20.65 24.91 -45.94
CA LEU H 48 -20.72 23.54 -45.48
C LEU H 48 -21.98 23.34 -44.67
N GLY H 49 -22.77 24.39 -44.51
CA GLY H 49 -24.04 24.23 -43.85
C GLY H 49 -24.18 24.72 -42.43
N HIS H 50 -23.12 25.37 -41.96
CA HIS H 50 -23.13 25.89 -40.60
C HIS H 50 -23.31 27.39 -40.54
N LYS H 51 -23.55 27.84 -39.31
CA LYS H 51 -23.71 29.27 -38.98
C LYS H 51 -22.67 29.69 -37.94
N VAL H 52 -22.03 30.81 -38.24
CA VAL H 52 -20.90 31.33 -37.43
C VAL H 52 -21.24 32.55 -36.64
N PHE H 53 -20.89 32.53 -35.35
CA PHE H 53 -21.14 33.63 -34.44
C PHE H 53 -19.86 34.12 -33.85
N ASN H 54 -19.56 35.36 -34.16
CA ASN H 54 -18.34 36.00 -33.71
C ASN H 54 -18.58 36.70 -32.41
N TYR H 55 -18.11 36.08 -31.31
CA TYR H 55 -18.26 36.66 -29.95
C TYR H 55 -17.17 37.65 -29.57
N GLY H 56 -16.29 37.91 -30.51
CA GLY H 56 -15.21 38.87 -30.30
C GLY H 56 -14.10 38.15 -29.57
N TYR H 58 -13.09 41.79 -31.20
CA TYR H 58 -13.09 42.18 -32.62
C TYR H 58 -11.85 42.96 -33.00
N THR H 59 -11.38 43.76 -32.08
CA THR H 59 -10.20 44.58 -32.25
C THR H 59 -9.46 44.65 -30.91
N ALA H 60 -8.19 45.02 -30.96
CA ALA H 60 -7.40 45.12 -29.74
C ALA H 60 -7.92 46.27 -28.88
N GLU H 61 -8.78 47.07 -29.48
CA GLU H 61 -9.26 48.27 -28.78
C GLU H 61 -10.65 48.13 -28.17
N ASP H 62 -11.23 46.93 -28.26
CA ASP H 62 -12.54 46.65 -27.64
C ASP H 62 -12.50 47.09 -26.18
N LYS H 63 -13.58 47.67 -25.70
CA LYS H 63 -13.63 48.09 -24.27
C LYS H 63 -13.75 46.84 -23.39
N ALA H 64 -14.55 45.89 -23.86
CA ALA H 64 -14.70 44.58 -23.19
C ALA H 64 -13.54 43.68 -23.64
N SER H 65 -12.49 43.68 -22.84
CA SER H 65 -11.31 42.85 -23.06
C SER H 65 -11.54 41.45 -22.48
N LEU H 66 -10.97 40.45 -23.15
CA LEU H 66 -11.11 39.06 -22.75
C LEU H 66 -9.76 38.45 -22.53
N THR H 67 -9.71 37.57 -21.55
CA THR H 67 -8.49 36.81 -21.32
C THR H 67 -8.78 35.37 -21.70
N TYR H 68 -7.73 34.59 -21.87
CA TYR H 68 -7.91 33.18 -22.21
C TYR H 68 -8.74 32.43 -21.15
N VAL H 69 -8.73 32.91 -19.94
CA VAL H 69 -9.47 32.26 -18.89
C VAL H 69 -10.93 32.52 -19.17
N ASN H 71 -12.17 33.09 -22.14
CA ASN H 71 -12.53 32.36 -23.35
C ASN H 71 -13.11 31.02 -22.95
N GLY H 72 -12.49 30.40 -21.94
CA GLY H 72 -12.91 29.08 -21.50
C GLY H 72 -14.27 29.14 -20.80
N LEU H 73 -14.42 30.20 -20.04
CA LEU H 73 -15.61 30.39 -19.23
C LEU H 73 -16.75 30.59 -20.19
N LEU H 74 -16.50 31.43 -21.18
CA LEU H 74 -17.56 31.74 -22.19
C LEU H 74 -17.88 30.51 -23.03
N ALA H 75 -16.87 29.73 -23.39
CA ALA H 75 -17.16 28.49 -24.14
C ALA H 75 -18.15 27.58 -23.40
N GLY H 76 -17.96 27.49 -22.11
CA GLY H 76 -18.78 26.68 -21.26
C GLY H 76 -20.21 27.17 -21.23
N ILE H 77 -20.32 28.48 -21.18
CA ILE H 77 -21.65 29.13 -21.15
C ILE H 77 -22.38 28.77 -22.46
N LEU H 78 -21.66 28.94 -23.55
CA LEU H 78 -22.29 28.79 -24.90
C LEU H 78 -22.61 27.38 -25.20
N LEU H 79 -21.69 26.48 -24.84
CA LEU H 79 -21.94 25.07 -25.14
C LEU H 79 -23.04 24.45 -24.26
N ASN H 80 -22.96 24.73 -22.98
CA ASN H 80 -23.91 24.12 -22.03
C ASN H 80 -25.30 24.70 -22.14
N SER H 81 -25.38 25.91 -22.67
CA SER H 81 -26.69 26.61 -22.81
C SER H 81 -27.35 26.23 -24.13
N GLY H 82 -26.57 25.65 -25.01
CA GLY H 82 -27.03 25.26 -26.36
C GLY H 82 -26.93 26.40 -27.36
N ALA H 83 -26.47 27.55 -26.90
CA ALA H 83 -26.25 28.72 -27.78
C ALA H 83 -25.26 28.44 -28.93
N ALA H 84 -24.33 27.52 -28.68
CA ALA H 84 -23.36 27.03 -29.68
C ALA H 84 -23.25 25.54 -29.61
N ASP H 85 -23.01 24.92 -30.76
CA ASP H 85 -22.81 23.49 -30.82
C ASP H 85 -21.32 23.16 -30.81
N PHE H 86 -20.56 24.18 -31.13
CA PHE H 86 -19.10 24.09 -31.36
C PHE H 86 -18.43 25.43 -31.13
N VAL H 87 -17.27 25.42 -30.50
CA VAL H 87 -16.53 26.66 -30.25
C VAL H 87 -15.14 26.63 -30.87
N VAL H 88 -14.78 27.73 -31.50
CA VAL H 88 -13.42 27.97 -32.05
C VAL H 88 -12.76 29.04 -31.25
N THR H 89 -11.63 28.70 -30.65
CA THR H 89 -10.96 29.70 -29.82
C THR H 89 -9.45 29.52 -29.96
N GLY H 90 -8.75 30.09 -29.00
CA GLY H 90 -7.30 30.00 -29.01
C GLY H 90 -6.66 31.21 -28.38
N GLY H 92 -2.13 32.71 -28.10
CA GLY H 92 -0.82 32.75 -28.73
C GLY H 92 -0.40 31.37 -29.16
N THR H 93 -0.53 30.41 -28.23
CA THR H 93 -0.18 29.04 -28.53
C THR H 93 -1.40 28.12 -28.57
N GLY H 94 -2.49 28.62 -28.04
CA GLY H 94 -3.70 27.86 -27.95
C GLY H 94 -3.82 27.12 -26.61
N GLY H 96 -3.54 28.04 -23.26
CA GLY H 96 -4.27 28.65 -22.16
C GLY H 96 -5.75 28.51 -22.33
N SER H 97 -6.22 28.80 -23.54
CA SER H 97 -7.67 28.69 -23.82
C SER H 97 -8.14 27.24 -23.75
N LEU H 99 -6.79 24.79 -21.82
CA LEU H 99 -6.90 24.49 -20.40
C LEU H 99 -8.14 25.07 -19.71
N ALA H 100 -8.48 26.32 -20.06
CA ALA H 100 -9.60 27.00 -19.46
C ALA H 100 -10.90 26.39 -19.92
N ALA H 101 -10.97 26.03 -21.20
CA ALA H 101 -12.20 25.46 -21.77
C ALA H 101 -12.43 24.09 -21.20
N ASN H 102 -11.35 23.33 -21.07
CA ASN H 102 -11.48 21.97 -20.52
C ASN H 102 -11.78 21.90 -19.03
N ALA H 103 -11.67 23.02 -18.38
CA ALA H 103 -11.98 23.09 -16.95
C ALA H 103 -13.48 23.14 -16.78
N PRO H 105 -17.58 22.00 -17.42
CA PRO H 105 -18.43 20.84 -17.66
C PRO H 105 -18.96 20.82 -19.09
N GLY H 106 -19.08 19.61 -19.63
CA GLY H 106 -19.54 19.34 -20.97
C GLY H 106 -18.77 19.92 -22.13
N VAL H 107 -17.54 20.37 -21.90
CA VAL H 107 -16.75 20.93 -22.97
C VAL H 107 -15.54 20.05 -23.16
N PHE H 108 -15.30 19.68 -24.41
CA PHE H 108 -14.11 18.83 -24.79
C PHE H 108 -13.38 19.56 -25.87
N CYS H 109 -12.37 20.30 -25.46
CA CYS H 109 -11.65 21.16 -26.35
C CYS H 109 -10.33 20.60 -26.76
N GLY H 110 -10.21 20.38 -28.06
CA GLY H 110 -8.95 19.98 -28.65
C GLY H 110 -8.03 21.18 -28.90
N LEU H 111 -6.75 20.87 -28.94
CA LEU H 111 -5.68 21.75 -29.39
C LEU H 111 -5.23 21.17 -30.72
N VAL H 112 -5.53 21.87 -31.77
CA VAL H 112 -5.35 21.41 -33.15
C VAL H 112 -4.39 22.24 -33.90
N ILE H 113 -3.46 21.59 -34.58
CA ILE H 113 -2.48 22.37 -35.29
C ILE H 113 -2.64 22.34 -36.81
N ASP H 114 -2.71 21.12 -37.32
CA ASP H 114 -2.72 20.83 -38.77
C ASP H 114 -3.94 20.03 -39.21
N PRO H 115 -4.15 19.88 -40.53
CA PRO H 115 -5.43 19.27 -40.96
C PRO H 115 -5.56 17.82 -40.56
N THR H 116 -4.47 17.09 -40.42
CA THR H 116 -4.58 15.71 -39.96
C THR H 116 -4.99 15.62 -38.49
N ASP H 117 -4.41 16.49 -37.67
CA ASP H 117 -4.84 16.63 -36.27
C ASP H 117 -6.33 16.84 -36.18
N ALA H 118 -6.78 17.74 -37.02
CA ALA H 118 -8.23 18.10 -37.11
C ALA H 118 -9.12 16.90 -37.42
N PHE H 119 -8.70 16.20 -38.46
CA PHE H 119 -9.38 15.00 -38.91
C PHE H 119 -9.48 13.99 -37.79
N LEU H 120 -8.34 13.74 -37.19
CA LEU H 120 -8.29 12.72 -36.14
C LEU H 120 -9.11 13.16 -34.94
N PHE H 121 -9.01 14.45 -34.57
CA PHE H 121 -9.81 14.97 -33.47
C PHE H 121 -11.26 14.57 -33.68
N GLY H 122 -11.69 14.82 -34.90
CA GLY H 122 -13.10 14.66 -35.27
C GLY H 122 -13.56 13.23 -35.31
N GLN H 123 -12.64 12.37 -35.68
CA GLN H 123 -12.99 10.93 -35.82
C GLN H 123 -12.77 10.14 -34.54
N ILE H 124 -11.72 10.51 -33.80
CA ILE H 124 -11.41 9.79 -32.54
C ILE H 124 -12.14 10.40 -31.32
N ASN H 125 -12.04 11.73 -31.16
CA ASN H 125 -12.52 12.40 -29.95
C ASN H 125 -13.89 13.06 -30.08
N ASP H 126 -14.21 13.45 -31.29
CA ASP H 126 -15.50 14.11 -31.58
C ASP H 126 -15.85 15.16 -30.50
N GLY H 127 -14.88 16.00 -30.21
CA GLY H 127 -15.06 17.11 -29.25
C GLY H 127 -15.96 18.22 -29.77
N ASN H 128 -16.27 19.18 -28.90
CA ASN H 128 -17.20 20.32 -29.22
C ASN H 128 -16.55 21.69 -29.21
N ALA H 129 -15.23 21.64 -29.14
CA ALA H 129 -14.40 22.85 -29.15
C ALA H 129 -12.97 22.59 -29.63
N ILE H 130 -12.42 23.60 -30.25
CA ILE H 130 -11.02 23.59 -30.63
C ILE H 130 -10.35 24.89 -30.25
N SER H 131 -9.10 24.75 -29.83
CA SER H 131 -8.23 25.87 -29.55
C SER H 131 -7.00 25.75 -30.48
N PRO H 133 -3.25 27.86 -32.18
CA PRO H 133 -2.30 28.95 -31.99
C PRO H 133 -2.43 30.03 -33.03
N TYR H 134 -2.49 31.25 -32.55
CA TYR H 134 -2.65 32.44 -33.45
C TYR H 134 -1.34 33.28 -33.52
N SER H 135 -0.34 32.84 -32.73
CA SER H 135 0.98 33.49 -32.73
C SER H 135 2.13 32.56 -33.01
N LYS H 136 2.21 31.48 -32.24
CA LYS H 136 3.24 30.48 -32.47
C LYS H 136 2.96 29.74 -33.77
N GLY H 137 3.94 29.73 -34.67
CA GLY H 137 3.74 29.08 -35.97
C GLY H 137 2.80 29.85 -36.91
N PHE H 138 2.43 31.05 -36.51
CA PHE H 138 1.43 31.83 -37.29
C PHE H 138 2.01 32.98 -38.10
N GLY H 139 2.53 32.67 -39.26
CA GLY H 139 3.13 33.67 -40.16
C GLY H 139 2.43 33.64 -41.49
N TRP H 140 3.19 33.80 -42.58
CA TRP H 140 2.63 33.64 -43.94
C TRP H 140 1.76 32.46 -44.15
N ALA H 141 0.64 32.75 -44.81
CA ALA H 141 -0.34 31.74 -45.22
C ALA H 141 -0.97 30.96 -44.14
N ALA H 142 -0.76 31.40 -42.91
CA ALA H 142 -1.35 30.70 -41.76
C ALA H 142 -2.87 30.60 -41.87
N GLU H 143 -3.45 31.61 -42.51
CA GLU H 143 -4.91 31.70 -42.67
C GLU H 143 -5.40 30.61 -43.61
N LEU H 144 -4.48 30.11 -44.40
CA LEU H 144 -4.75 29.05 -45.36
C LEU H 144 -4.84 27.71 -44.65
N ASN H 145 -3.96 27.52 -43.67
CA ASN H 145 -3.97 26.32 -42.89
C ASN H 145 -5.25 26.30 -42.08
N LEU H 146 -5.66 27.49 -41.63
CA LEU H 146 -6.89 27.60 -40.84
C LEU H 146 -8.05 26.98 -41.64
N GLN H 147 -8.13 27.36 -42.91
CA GLN H 147 -9.19 26.86 -43.80
C GLN H 147 -9.15 25.36 -43.98
N ASP H 148 -7.96 24.87 -44.18
CA ASP H 148 -7.74 23.44 -44.34
C ASP H 148 -8.30 22.66 -43.13
N VAL H 149 -7.95 23.18 -41.96
CA VAL H 149 -8.39 22.61 -40.68
C VAL H 149 -9.90 22.59 -40.59
N TYR H 150 -10.47 23.74 -40.92
CA TYR H 150 -11.93 23.91 -40.82
C TYR H 150 -12.67 22.95 -41.73
N ARG H 151 -12.11 22.72 -42.90
CA ARG H 151 -12.71 21.82 -43.88
CA ARG H 151 -12.71 21.81 -43.88
C ARG H 151 -12.71 20.40 -43.33
N LYS H 152 -11.76 20.08 -42.47
CA LYS H 152 -11.70 18.73 -41.93
C LYS H 152 -12.68 18.59 -40.81
N LEU H 153 -12.83 19.67 -40.09
CA LEU H 153 -13.63 19.62 -38.86
C LEU H 153 -15.09 19.65 -39.17
N PHE H 154 -15.42 20.43 -40.18
CA PHE H 154 -16.80 20.77 -40.46
C PHE H 154 -17.44 20.09 -41.68
N ASP H 155 -16.68 19.18 -42.29
CA ASP H 155 -17.19 18.35 -43.41
C ASP H 155 -17.08 16.83 -43.13
N GLY H 156 -18.22 16.15 -43.25
CA GLY H 156 -18.28 14.70 -43.03
C GLY H 156 -18.64 14.28 -41.63
N GLU H 157 -19.19 13.08 -41.52
CA GLU H 157 -19.58 12.54 -40.22
C GLU H 157 -18.44 12.44 -39.26
N ARG H 158 -18.79 12.70 -38.01
CA ARG H 158 -17.85 12.65 -36.88
CA ARG H 158 -17.84 12.65 -36.92
C ARG H 158 -17.95 11.33 -36.14
N GLY H 159 -16.84 11.00 -35.50
CA GLY H 159 -16.69 9.82 -34.64
C GLY H 159 -16.53 8.42 -35.21
N LEU H 160 -16.14 8.31 -36.46
CA LEU H 160 -16.04 6.99 -37.11
C LEU H 160 -14.75 6.27 -36.79
N GLY H 161 -13.87 6.97 -36.10
CA GLY H 161 -12.60 6.39 -35.64
C GLY H 161 -11.47 6.15 -36.62
N TYR H 162 -10.27 6.19 -36.09
CA TYR H 162 -9.03 6.00 -36.85
C TYR H 162 -7.86 5.61 -35.96
N PRO H 163 -7.22 4.48 -36.24
CA PRO H 163 -7.50 3.52 -37.28
C PRO H 163 -8.92 2.98 -37.20
N ARG H 164 -9.45 2.64 -38.36
CA ARG H 164 -10.81 2.12 -38.46
C ARG H 164 -10.99 0.93 -37.55
N GLU H 165 -9.93 0.16 -37.41
CA GLU H 165 -9.96 -1.05 -36.57
CA GLU H 165 -9.97 -1.05 -36.57
C GLU H 165 -10.21 -0.74 -35.10
N ARG H 166 -9.94 0.50 -34.71
CA ARG H 166 -10.12 0.91 -33.31
C ARG H 166 -11.42 1.68 -33.15
N ALA H 167 -12.24 1.59 -34.18
CA ALA H 167 -13.52 2.30 -34.24
C ALA H 167 -14.37 2.17 -32.99
N GLU H 168 -14.67 0.94 -32.66
CA GLU H 168 -15.56 0.64 -31.52
C GLU H 168 -15.03 0.90 -30.12
N ILE H 169 -13.77 0.56 -29.90
CA ILE H 169 -13.14 0.83 -28.62
C ILE H 169 -13.18 2.36 -28.41
N ARG H 171 -15.30 4.64 -29.66
CA ARG H 171 -16.62 5.21 -29.38
C ARG H 171 -17.05 4.94 -27.92
N LYS H 172 -16.70 3.76 -27.44
CA LYS H 172 -17.01 3.39 -26.06
CA LYS H 172 -16.97 3.35 -26.06
C LYS H 172 -16.22 4.27 -25.11
N ASN H 173 -14.96 4.41 -25.42
CA ASN H 173 -14.10 5.26 -24.59
C ASN H 173 -14.61 6.72 -24.51
N ARG H 174 -15.24 7.26 -25.57
CA ARG H 174 -15.73 8.65 -25.52
C ARG H 174 -16.86 8.71 -24.51
N GLY H 175 -17.70 7.67 -24.52
CA GLY H 175 -18.76 7.61 -23.56
C GLY H 175 -18.33 7.54 -22.11
N ILE H 176 -17.28 6.75 -21.87
CA ILE H 176 -16.70 6.58 -20.54
C ILE H 176 -16.08 7.87 -20.06
N LEU H 177 -15.49 8.60 -21.03
CA LEU H 177 -14.83 9.86 -20.69
C LEU H 177 -15.90 10.84 -20.27
N ARG H 178 -16.99 10.84 -21.01
CA ARG H 178 -18.07 11.77 -20.65
C ARG H 178 -18.62 11.51 -19.25
N GLU H 179 -18.79 10.23 -18.92
CA GLU H 179 -19.24 9.85 -17.57
C GLU H 179 -18.24 10.29 -16.50
N LEU H 180 -16.96 10.14 -16.79
CA LEU H 180 -15.90 10.53 -15.84
C LEU H 180 -15.95 12.01 -15.55
N LYS H 181 -16.12 12.76 -16.61
CA LYS H 181 -16.10 14.21 -16.50
C LYS H 181 -17.35 14.70 -15.74
N ASP H 182 -18.46 13.99 -15.95
CA ASP H 182 -19.72 14.30 -15.29
C ASP H 182 -19.52 14.10 -13.81
N ALA H 183 -18.67 13.14 -13.47
CA ALA H 183 -18.39 12.92 -12.05
C ALA H 183 -17.55 14.04 -11.48
N SER H 184 -16.59 14.55 -12.26
CA SER H 184 -15.69 15.61 -11.78
C SER H 184 -16.22 17.00 -11.81
N CYS H 185 -16.91 17.38 -12.88
CA CYS H 185 -17.35 18.79 -12.98
C CYS H 185 -18.77 19.01 -12.53
N ARG H 186 -18.95 20.10 -11.82
CA ARG H 186 -20.30 20.50 -11.38
C ARG H 186 -21.04 21.03 -12.59
N ASP H 187 -22.37 21.05 -12.49
CA ASP H 187 -23.16 21.54 -13.61
C ASP H 187 -22.85 23.02 -13.88
N LEU H 189 -24.65 25.76 -14.37
CA LEU H 189 -25.37 26.79 -13.56
C LEU H 189 -24.71 26.98 -12.20
N THR H 190 -24.31 25.85 -11.64
CA THR H 190 -23.69 25.86 -10.32
C THR H 190 -22.40 26.59 -10.46
N VAL H 191 -21.70 26.33 -11.58
CA VAL H 191 -20.42 27.02 -11.80
C VAL H 191 -20.63 28.50 -11.94
N LEU H 192 -21.65 28.89 -12.70
CA LEU H 192 -21.92 30.32 -12.84
C LEU H 192 -22.21 31.05 -11.51
N LYS H 193 -22.83 30.35 -10.59
CA LYS H 193 -23.18 30.96 -9.29
C LYS H 193 -22.01 31.07 -8.31
N THR H 194 -20.99 30.26 -8.54
CA THR H 194 -19.88 30.18 -7.57
C THR H 194 -18.52 30.74 -8.06
N VAL H 195 -18.43 30.99 -9.35
CA VAL H 195 -17.23 31.54 -9.94
C VAL H 195 -17.13 33.02 -9.53
N ASP H 196 -15.91 33.56 -9.63
CA ASP H 196 -15.62 34.99 -9.43
C ASP H 196 -16.55 35.71 -10.38
N GLN H 197 -17.34 36.63 -9.82
CA GLN H 197 -18.44 37.29 -10.58
C GLN H 197 -17.96 38.47 -11.43
N ASP H 198 -16.85 39.03 -11.07
CA ASP H 198 -16.23 40.05 -11.89
C ASP H 198 -15.73 39.37 -13.16
N LEU H 199 -15.14 38.19 -12.98
CA LEU H 199 -14.59 37.41 -14.09
C LEU H 199 -15.72 37.08 -15.03
N LEU H 200 -16.82 36.68 -14.42
CA LEU H 200 -18.00 36.27 -15.19
C LEU H 200 -18.62 37.42 -15.99
N ARG H 201 -18.75 38.56 -15.33
CA ARG H 201 -19.39 39.73 -15.98
C ARG H 201 -18.54 40.19 -17.17
N ALA H 202 -17.23 40.11 -16.96
CA ALA H 202 -16.27 40.51 -18.01
C ALA H 202 -16.35 39.56 -19.20
N ALA H 203 -16.56 38.28 -18.93
CA ALA H 203 -16.59 37.28 -19.98
C ALA H 203 -17.77 37.47 -20.94
N ILE H 204 -18.85 38.10 -20.46
CA ILE H 204 -20.05 38.28 -21.28
C ILE H 204 -20.32 39.76 -21.60
N ALA H 205 -19.32 40.57 -21.32
CA ALA H 205 -19.41 42.05 -21.48
C ALA H 205 -19.37 42.52 -22.94
N GLY H 206 -19.06 41.61 -23.84
CA GLY H 206 -18.92 41.97 -25.26
C GLY H 206 -20.18 42.66 -25.76
N GLU H 207 -19.96 43.64 -26.63
CA GLU H 207 -21.06 44.46 -27.19
C GLU H 207 -22.09 43.65 -27.95
N LYS H 208 -21.73 42.52 -28.51
CA LYS H 208 -22.72 41.76 -29.25
C LYS H 208 -23.25 40.54 -28.50
N PHE H 209 -22.78 40.34 -27.27
CA PHE H 209 -23.16 39.11 -26.52
C PHE H 209 -24.66 38.84 -26.47
N ALA H 210 -25.33 39.78 -25.83
CA ALA H 210 -26.81 39.70 -25.62
C ALA H 210 -27.53 39.32 -26.91
N GLU H 211 -27.05 39.91 -27.98
CA GLU H 211 -27.69 39.78 -29.32
C GLU H 211 -27.50 38.41 -29.93
N LEU H 212 -26.34 37.82 -29.65
CA LEU H 212 -26.00 36.50 -30.22
C LEU H 212 -26.44 35.34 -29.35
N PHE H 213 -26.42 35.61 -28.08
CA PHE H 213 -26.66 34.62 -27.05
C PHE H 213 -28.12 34.34 -26.74
N TYR H 214 -28.81 35.35 -26.22
CA TYR H 214 -30.23 35.14 -25.79
C TYR H 214 -31.17 34.50 -26.80
N PRO H 215 -31.11 34.90 -28.07
CA PRO H 215 -31.95 34.27 -29.04
C PRO H 215 -31.62 32.82 -29.30
N ASN H 216 -30.44 32.41 -28.85
CA ASN H 216 -29.96 31.07 -29.19
C ASN H 216 -29.89 30.07 -28.03
N CYS H 217 -29.98 30.63 -26.84
CA CYS H 217 -29.92 29.87 -25.58
C CYS H 217 -31.14 28.99 -25.39
N LYS H 218 -30.89 27.72 -25.12
CA LYS H 218 -31.94 26.76 -24.88
C LYS H 218 -32.18 26.49 -23.39
N ASP H 219 -31.34 27.06 -22.54
CA ASP H 219 -31.42 26.82 -21.08
C ASP H 219 -31.82 28.08 -20.38
N ASP H 220 -33.08 28.14 -19.99
CA ASP H 220 -33.59 29.40 -19.43
C ASP H 220 -32.96 29.76 -18.11
N ALA H 221 -32.58 28.74 -17.36
CA ALA H 221 -31.98 29.02 -16.06
C ALA H 221 -30.67 29.76 -16.26
N ILE H 222 -29.85 29.31 -17.21
CA ILE H 222 -28.57 30.01 -17.50
C ILE H 222 -28.87 31.41 -18.03
N ALA H 223 -29.85 31.46 -18.89
CA ALA H 223 -30.24 32.76 -19.47
C ALA H 223 -30.64 33.69 -18.35
N ASN H 224 -31.50 33.19 -17.47
CA ASN H 224 -32.02 34.03 -16.36
C ASN H 224 -30.98 34.47 -15.38
N TYR H 225 -30.01 33.58 -15.12
CA TYR H 225 -28.96 33.93 -14.18
C TYR H 225 -28.10 35.04 -14.74
N LEU H 226 -27.77 34.91 -16.02
CA LEU H 226 -26.92 35.92 -16.66
C LEU H 226 -27.60 37.27 -16.69
N ARG H 227 -28.88 37.27 -17.00
CA ARG H 227 -29.63 38.55 -17.04
C ARG H 227 -29.64 39.16 -15.66
N SER H 228 -29.75 38.30 -14.66
CA SER H 228 -29.85 38.74 -13.26
C SER H 228 -28.60 39.52 -12.85
N LEU H 229 -27.58 39.43 -13.68
CA LEU H 229 -26.34 40.11 -13.38
C LEU H 229 -26.61 41.58 -13.71
N GLY I 19 6.43 -48.21 22.49
CA GLY I 19 6.05 -46.89 23.10
C GLY I 19 6.91 -45.74 22.68
N LYS I 21 9.96 -42.86 23.67
CA LYS I 21 11.20 -42.57 24.38
C LYS I 21 10.99 -41.14 24.86
N ILE I 22 10.87 -40.98 26.17
CA ILE I 22 10.55 -39.67 26.75
C ILE I 22 11.74 -39.15 27.50
N ALA I 23 12.22 -38.01 27.07
CA ALA I 23 13.37 -37.38 27.74
C ALA I 23 12.97 -36.24 28.69
N LEU I 24 13.60 -36.22 29.84
CA LEU I 24 13.43 -35.21 30.88
C LEU I 24 14.64 -34.29 30.95
N ILE I 25 14.38 -32.98 30.85
CA ILE I 25 15.45 -31.96 30.91
C ILE I 25 15.08 -30.82 31.86
N ILE I 26 15.97 -30.59 32.84
CA ILE I 26 15.74 -29.62 33.93
C ILE I 26 16.88 -28.63 34.09
N GLU I 27 16.55 -27.35 34.14
CA GLU I 27 17.57 -26.31 34.25
C GLU I 27 17.93 -25.98 35.72
N ASN I 28 18.91 -25.11 35.88
CA ASN I 28 19.48 -24.88 37.23
C ASN I 28 18.55 -24.28 38.25
N SER I 29 17.63 -23.43 37.85
CA SER I 29 16.79 -22.81 38.87
C SER I 29 15.94 -23.88 39.56
N GLN I 30 15.60 -24.94 38.84
CA GLN I 30 14.70 -25.97 39.39
C GLN I 30 15.39 -27.33 39.62
N ALA I 31 16.69 -27.32 39.44
CA ALA I 31 17.52 -28.56 39.52
C ALA I 31 17.17 -29.48 40.68
N ALA I 32 16.90 -28.86 41.83
CA ALA I 32 16.62 -29.58 43.07
C ALA I 32 15.36 -30.36 42.98
N LYS I 33 14.54 -30.01 42.00
CA LYS I 33 13.24 -30.66 41.84
C LYS I 33 13.28 -31.81 40.80
N ASN I 34 14.42 -31.98 40.18
CA ASN I 34 14.49 -33.01 39.17
C ASN I 34 14.07 -34.38 39.64
N ALA I 35 14.47 -34.75 40.85
CA ALA I 35 14.21 -36.10 41.33
C ALA I 35 12.72 -36.32 41.51
N VAL I 36 12.06 -35.27 41.99
CA VAL I 36 10.59 -35.33 42.15
C VAL I 36 9.85 -35.44 40.82
N VAL I 37 10.31 -34.69 39.83
CA VAL I 37 9.64 -34.70 38.53
C VAL I 37 9.92 -36.02 37.91
N HIS I 38 11.16 -36.51 38.01
CA HIS I 38 11.47 -37.81 37.37
C HIS I 38 10.64 -38.96 37.94
N GLU I 39 10.39 -38.90 39.24
CA GLU I 39 9.62 -39.98 39.91
C GLU I 39 8.17 -39.95 39.46
N ALA I 40 7.65 -38.74 39.31
CA ALA I 40 6.27 -38.59 38.82
C ALA I 40 6.18 -39.10 37.43
N LEU I 41 7.22 -38.82 36.66
CA LEU I 41 7.22 -39.19 35.22
C LEU I 41 7.29 -40.69 35.04
N THR I 42 8.19 -41.29 35.79
CA THR I 42 8.36 -42.76 35.69
C THR I 42 7.14 -43.50 36.22
N THR I 43 6.61 -43.02 37.30
CA THR I 43 5.44 -43.62 37.94
C THR I 43 4.31 -43.76 36.94
N VAL I 44 4.20 -42.77 36.05
CA VAL I 44 3.13 -42.82 35.05
C VAL I 44 3.45 -43.54 33.75
N ALA I 45 4.54 -43.15 33.14
CA ALA I 45 4.89 -43.55 31.81
C ALA I 45 5.40 -44.98 31.67
N GLU I 46 6.13 -45.45 32.67
CA GLU I 46 6.70 -46.81 32.55
C GLU I 46 5.63 -47.90 32.56
N PRO I 47 4.64 -47.80 33.43
CA PRO I 47 3.58 -48.80 33.36
C PRO I 47 2.79 -48.76 32.08
N LEU I 48 2.96 -47.69 31.35
CA LEU I 48 2.29 -47.49 30.05
C LEU I 48 3.15 -48.03 28.93
N GLY I 49 4.32 -48.54 29.29
CA GLY I 49 5.22 -49.15 28.32
C GLY I 49 6.19 -48.21 27.63
N HIS I 50 6.35 -47.02 28.20
CA HIS I 50 7.33 -46.03 27.68
C HIS I 50 8.62 -46.11 28.36
N LYS I 51 9.62 -45.57 27.68
CA LYS I 51 10.98 -45.45 28.24
C LYS I 51 11.21 -44.00 28.60
N VAL I 52 11.75 -43.81 29.80
CA VAL I 52 12.08 -42.50 30.33
C VAL I 52 13.57 -42.33 30.52
N PHE I 53 14.08 -41.25 29.95
CA PHE I 53 15.49 -40.88 29.99
C PHE I 53 15.66 -39.58 30.75
N ASN I 54 16.33 -39.64 31.90
CA ASN I 54 16.59 -38.42 32.67
C ASN I 54 17.91 -37.82 32.22
N TYR I 55 17.84 -36.72 31.50
CA TYR I 55 19.05 -36.07 31.00
C TYR I 55 19.60 -35.03 31.97
N GLY I 56 18.97 -34.93 33.15
CA GLY I 56 19.40 -33.98 34.17
C GLY I 56 18.86 -32.58 33.91
N TYR I 58 20.51 -33.32 37.59
CA TYR I 58 20.10 -34.27 38.62
C TYR I 58 20.02 -33.61 39.98
N THR I 59 20.96 -32.72 40.26
CA THR I 59 20.94 -31.96 41.50
C THR I 59 21.40 -30.55 41.22
N ALA I 60 21.24 -29.69 42.19
CA ALA I 60 21.66 -28.30 42.02
C ALA I 60 23.19 -28.26 42.05
N GLU I 61 23.81 -29.38 42.42
CA GLU I 61 25.28 -29.42 42.54
C GLU I 61 26.02 -29.88 41.31
N ASP I 62 25.30 -30.33 40.31
CA ASP I 62 25.93 -30.86 39.08
C ASP I 62 26.99 -29.91 38.50
N LYS I 63 28.15 -30.43 38.14
CA LYS I 63 29.16 -29.58 37.50
C LYS I 63 28.64 -29.05 36.18
N ALA I 64 27.89 -29.89 35.48
CA ALA I 64 27.33 -29.51 34.18
C ALA I 64 25.98 -28.82 34.37
N SER I 65 26.01 -27.49 34.43
CA SER I 65 24.80 -26.70 34.67
C SER I 65 24.12 -26.32 33.37
N LEU I 66 22.80 -26.28 33.43
CA LEU I 66 22.01 -25.95 32.28
C LEU I 66 21.15 -24.73 32.53
N THR I 67 20.97 -23.98 31.45
CA THR I 67 20.04 -22.83 31.43
C THR I 67 18.81 -23.23 30.62
N TYR I 68 17.75 -22.44 30.69
CA TYR I 68 16.53 -22.76 29.90
C TYR I 68 16.81 -22.74 28.40
N VAL I 69 17.79 -21.96 28.01
CA VAL I 69 18.18 -21.85 26.61
C VAL I 69 18.80 -23.18 26.24
N ASN I 71 18.17 -25.92 27.62
CA ASN I 71 17.06 -26.89 27.61
C ASN I 71 16.45 -27.05 26.27
N GLY I 72 16.28 -25.93 25.58
CA GLY I 72 15.65 -25.94 24.27
C GLY I 72 16.52 -26.50 23.18
N LEU I 73 17.80 -26.19 23.29
CA LEU I 73 18.78 -26.64 22.31
C LEU I 73 18.88 -28.15 22.47
N LEU I 74 18.98 -28.61 23.71
CA LEU I 74 19.07 -30.08 23.96
C LEU I 74 17.79 -30.79 23.48
N ALA I 75 16.64 -30.18 23.71
CA ALA I 75 15.40 -30.73 23.20
C ALA I 75 15.45 -30.93 21.68
N GLY I 76 15.93 -29.93 20.94
CA GLY I 76 16.02 -30.01 19.49
C GLY I 76 16.95 -31.18 19.08
N ILE I 77 18.07 -31.28 19.78
CA ILE I 77 19.01 -32.39 19.47
C ILE I 77 18.32 -33.72 19.62
N LEU I 78 17.66 -33.90 20.75
CA LEU I 78 17.05 -35.21 21.09
C LEU I 78 15.92 -35.56 20.15
N LEU I 79 15.08 -34.57 19.83
CA LEU I 79 13.92 -34.84 18.96
C LEU I 79 14.31 -35.04 17.52
N ASN I 80 15.15 -34.16 17.04
CA ASN I 80 15.58 -34.20 15.62
C ASN I 80 16.42 -35.44 15.31
N SER I 81 17.11 -35.94 16.32
CA SER I 81 18.00 -37.10 16.13
C SER I 81 17.27 -38.41 16.28
N GLY I 82 16.12 -38.33 16.93
CA GLY I 82 15.32 -39.49 17.24
C GLY I 82 15.69 -40.18 18.55
N ALA I 83 16.63 -39.60 19.27
CA ALA I 83 17.03 -40.12 20.60
C ALA I 83 15.87 -40.09 21.59
N ALA I 84 14.91 -39.22 21.30
CA ALA I 84 13.69 -39.09 22.12
C ALA I 84 12.52 -38.81 21.18
N ASP I 85 11.35 -39.29 21.55
CA ASP I 85 10.09 -39.04 20.79
C ASP I 85 9.29 -37.90 21.42
N PHE I 86 9.62 -37.62 22.66
CA PHE I 86 8.93 -36.57 23.44
C PHE I 86 9.84 -36.04 24.47
N VAL I 87 9.79 -34.74 24.68
CA VAL I 87 10.58 -34.06 25.74
C VAL I 87 9.72 -33.42 26.80
N VAL I 88 10.12 -33.66 28.05
CA VAL I 88 9.51 -33.02 29.23
C VAL I 88 10.53 -32.07 29.83
N THR I 89 10.15 -30.79 29.89
CA THR I 89 11.08 -29.83 30.43
C THR I 89 10.30 -28.76 31.19
N GLY I 90 10.99 -27.69 31.48
CA GLY I 90 10.38 -26.54 32.14
C GLY I 90 11.38 -25.74 32.91
N GLY I 92 11.05 -22.18 36.11
CA GLY I 92 10.25 -21.64 37.20
C GLY I 92 8.79 -21.50 36.78
N THR I 93 8.62 -20.93 35.60
CA THR I 93 7.29 -20.72 35.06
C THR I 93 7.05 -21.60 33.85
N GLY I 94 8.14 -22.02 33.25
CA GLY I 94 8.14 -22.87 32.05
C GLY I 94 8.25 -22.07 30.76
N GLY I 96 10.51 -19.79 29.63
CA GLY I 96 11.75 -19.70 28.93
C GLY I 96 12.11 -20.97 28.19
N SER I 97 11.91 -22.12 28.84
CA SER I 97 12.22 -23.39 28.16
C SER I 97 11.31 -23.57 26.96
N LEU I 99 10.02 -21.12 25.07
CA LEU I 99 10.49 -20.19 24.03
C LEU I 99 11.69 -20.79 23.30
N ALA I 100 12.61 -21.35 24.07
CA ALA I 100 13.84 -21.92 23.55
C ALA I 100 13.63 -23.19 22.74
N ALA I 101 12.72 -24.04 23.21
CA ALA I 101 12.41 -25.27 22.52
C ALA I 101 11.72 -25.00 21.20
N ASN I 102 10.85 -24.00 21.22
CA ASN I 102 10.09 -23.68 20.03
C ASN I 102 10.89 -22.98 18.98
N ALA I 103 12.10 -22.57 19.37
CA ALA I 103 13.05 -21.90 18.47
C ALA I 103 13.72 -22.94 17.59
N PRO I 105 14.00 -26.35 15.03
CA PRO I 105 13.25 -27.06 14.04
C PRO I 105 12.71 -28.36 14.58
N GLY I 106 11.57 -28.72 14.05
CA GLY I 106 10.94 -29.98 14.40
C GLY I 106 10.42 -30.09 15.82
N VAL I 107 10.51 -29.03 16.60
CA VAL I 107 10.04 -29.06 17.97
C VAL I 107 8.76 -28.22 18.13
N PHE I 108 7.77 -28.86 18.71
CA PHE I 108 6.47 -28.21 19.02
C PHE I 108 6.15 -28.41 20.51
N CYS I 109 6.55 -27.41 21.29
CA CYS I 109 6.48 -27.49 22.72
C CYS I 109 5.37 -26.66 23.34
N GLY I 110 4.47 -27.36 24.00
CA GLY I 110 3.41 -26.71 24.74
C GLY I 110 3.79 -26.32 26.14
N LEU I 111 3.16 -25.26 26.60
CA LEU I 111 3.25 -24.87 27.99
C LEU I 111 1.93 -25.40 28.56
N VAL I 112 2.05 -26.41 29.42
CA VAL I 112 0.91 -27.13 30.02
C VAL I 112 0.87 -26.88 31.52
N ILE I 113 -0.31 -26.59 32.03
CA ILE I 113 -0.49 -26.31 33.44
C ILE I 113 -1.28 -27.44 34.14
N ASP I 114 -2.51 -27.66 33.67
CA ASP I 114 -3.47 -28.63 34.25
C ASP I 114 -3.85 -29.76 33.29
N PRO I 115 -4.54 -30.80 33.79
CA PRO I 115 -4.84 -32.01 33.02
C PRO I 115 -5.68 -31.73 31.81
N THR I 116 -6.51 -30.71 31.91
CA THR I 116 -7.31 -30.35 30.75
C THR I 116 -6.43 -29.78 29.66
N ASP I 117 -5.48 -28.96 30.08
CA ASP I 117 -4.57 -28.34 29.13
C ASP I 117 -3.82 -29.44 28.39
N ALA I 118 -3.47 -30.46 29.16
CA ALA I 118 -2.67 -31.58 28.67
C ALA I 118 -3.44 -32.41 27.66
N PHE I 119 -4.69 -32.65 28.02
CA PHE I 119 -5.57 -33.40 27.15
C PHE I 119 -5.73 -32.69 25.80
N LEU I 120 -6.10 -31.44 25.87
CA LEU I 120 -6.28 -30.61 24.67
C LEU I 120 -5.00 -30.49 23.84
N PHE I 121 -3.85 -30.45 24.52
CA PHE I 121 -2.56 -30.34 23.81
C PHE I 121 -2.38 -31.57 22.94
N GLY I 122 -2.67 -32.73 23.50
CA GLY I 122 -2.42 -33.97 22.76
C GLY I 122 -3.37 -34.19 21.60
N GLN I 123 -4.58 -33.70 21.81
CA GLN I 123 -5.69 -33.87 20.88
C GLN I 123 -5.75 -32.82 19.79
N ILE I 124 -5.45 -31.58 20.14
CA ILE I 124 -5.51 -30.50 19.16
C ILE I 124 -4.19 -30.27 18.42
N ASN I 125 -3.10 -30.24 19.18
CA ASN I 125 -1.79 -29.88 18.65
C ASN I 125 -0.86 -31.07 18.46
N ASP I 126 -1.10 -32.13 19.21
CA ASP I 126 -0.20 -33.30 19.14
C ASP I 126 1.25 -32.94 18.96
N GLY I 127 1.75 -32.13 19.85
CA GLY I 127 3.16 -31.73 19.84
C GLY I 127 4.05 -32.80 20.48
N ASN I 128 5.34 -32.52 20.47
CA ASN I 128 6.40 -33.47 20.96
C ASN I 128 7.21 -33.03 22.15
N ALA I 129 6.72 -31.99 22.81
CA ALA I 129 7.35 -31.47 24.00
C ALA I 129 6.38 -30.65 24.81
N ILE I 130 6.66 -30.66 26.09
CA ILE I 130 5.99 -29.85 27.08
C ILE I 130 6.93 -29.19 28.01
N SER I 131 6.50 -28.01 28.39
CA SER I 131 7.22 -27.23 29.37
C SER I 131 6.22 -26.85 30.46
N PRO I 133 5.60 -25.33 34.74
CA PRO I 133 6.20 -24.58 35.80
C PRO I 133 6.50 -25.41 36.98
N TYR I 134 7.73 -25.29 37.46
CA TYR I 134 8.21 -26.02 38.65
C TYR I 134 8.40 -25.15 39.92
N SER I 135 8.11 -23.87 39.81
CA SER I 135 8.14 -22.93 40.95
C SER I 135 6.82 -22.23 41.09
N LYS I 136 6.49 -21.47 40.09
CA LYS I 136 5.21 -20.77 40.08
C LYS I 136 4.07 -21.75 40.21
N GLY I 137 3.31 -21.65 41.29
CA GLY I 137 2.16 -22.54 41.50
C GLY I 137 2.49 -23.93 42.03
N PHE I 138 3.75 -24.15 42.37
CA PHE I 138 4.25 -25.46 42.78
C PHE I 138 4.43 -25.67 44.30
N GLY I 139 3.35 -26.00 44.97
CA GLY I 139 3.36 -26.36 46.40
C GLY I 139 2.79 -27.74 46.63
N TRP I 140 1.91 -27.87 47.61
CA TRP I 140 1.28 -29.16 47.93
C TRP I 140 0.62 -29.79 46.78
N ALA I 141 0.93 -31.08 46.67
CA ALA I 141 0.38 -32.00 45.69
C ALA I 141 0.70 -31.63 44.24
N ALA I 142 1.61 -30.69 44.07
CA ALA I 142 2.01 -30.26 42.71
C ALA I 142 2.54 -31.44 41.94
N GLU I 143 3.10 -32.40 42.66
CA GLU I 143 3.68 -33.61 42.07
C GLU I 143 2.63 -34.56 41.58
N LEU I 144 1.42 -34.42 42.14
CA LEU I 144 0.30 -35.29 41.83
C LEU I 144 -0.38 -34.75 40.57
N ASN I 145 -0.41 -33.42 40.45
CA ASN I 145 -0.88 -32.77 39.20
C ASN I 145 0.05 -33.20 38.04
N LEU I 146 1.35 -33.30 38.31
CA LEU I 146 2.28 -33.74 37.27
C LEU I 146 1.82 -35.09 36.74
N GLN I 147 1.51 -36.02 37.63
CA GLN I 147 1.10 -37.37 37.19
C GLN I 147 -0.20 -37.32 36.44
N ASP I 148 -1.14 -36.51 36.94
CA ASP I 148 -2.41 -36.41 36.23
C ASP I 148 -2.15 -35.96 34.80
N VAL I 149 -1.25 -35.00 34.68
CA VAL I 149 -0.92 -34.43 33.34
C VAL I 149 -0.29 -35.51 32.47
N TYR I 150 0.61 -36.30 33.06
CA TYR I 150 1.28 -37.31 32.27
C TYR I 150 0.30 -38.37 31.76
N ARG I 151 -0.71 -38.65 32.56
CA ARG I 151 -1.72 -39.66 32.20
CA ARG I 151 -1.72 -39.65 32.19
C ARG I 151 -2.48 -39.21 30.97
N LYS I 152 -2.69 -37.91 30.84
CA LYS I 152 -3.42 -37.41 29.69
C LYS I 152 -2.53 -37.46 28.44
N LEU I 153 -1.24 -37.24 28.61
CA LEU I 153 -0.34 -37.13 27.48
C LEU I 153 0.19 -38.45 26.92
N PHE I 154 0.31 -39.42 27.81
CA PHE I 154 1.04 -40.66 27.48
C PHE I 154 0.18 -41.92 27.41
N ASP I 155 -1.10 -41.74 27.62
CA ASP I 155 -2.08 -42.80 27.51
C ASP I 155 -3.14 -42.43 26.47
N GLY I 156 -3.29 -43.32 25.51
CA GLY I 156 -4.29 -43.16 24.45
C GLY I 156 -3.80 -42.52 23.19
N GLU I 157 -4.73 -42.44 22.26
CA GLU I 157 -4.48 -41.86 20.96
C GLU I 157 -4.42 -40.36 21.05
N ARG I 158 -3.62 -39.79 20.17
CA ARG I 158 -3.46 -38.34 20.10
CA ARG I 158 -3.48 -38.33 20.11
C ARG I 158 -3.97 -37.81 18.77
N GLY I 159 -4.16 -36.52 18.75
CA GLY I 159 -4.63 -35.77 17.57
C GLY I 159 -6.04 -36.02 17.06
N LEU I 160 -6.93 -36.51 17.92
CA LEU I 160 -8.30 -36.86 17.48
C LEU I 160 -9.21 -35.65 17.52
N GLY I 161 -8.68 -34.57 18.09
CA GLY I 161 -9.38 -33.27 18.14
C GLY I 161 -10.42 -33.01 19.18
N TYR I 162 -10.56 -31.74 19.47
CA TYR I 162 -11.60 -31.26 20.40
C TYR I 162 -11.80 -29.77 20.19
N PRO I 163 -13.06 -29.34 19.98
CA PRO I 163 -14.27 -30.15 19.93
C PRO I 163 -14.20 -31.07 18.74
N ARG I 164 -14.94 -32.15 18.86
CA ARG I 164 -14.84 -33.19 17.84
C ARG I 164 -15.21 -32.64 16.44
N GLU I 165 -16.13 -31.68 16.42
CA GLU I 165 -16.56 -31.06 15.16
C GLU I 165 -15.41 -30.37 14.44
N ARG I 166 -14.33 -30.11 15.17
CA ARG I 166 -13.24 -29.37 14.60
C ARG I 166 -12.09 -30.31 14.28
N ALA I 167 -12.33 -31.60 14.49
CA ALA I 167 -11.28 -32.62 14.28
C ALA I 167 -10.50 -32.58 12.95
N GLU I 168 -11.21 -32.42 11.84
CA GLU I 168 -10.53 -32.43 10.52
C GLU I 168 -9.78 -31.13 10.24
N ILE I 169 -10.40 -30.03 10.62
CA ILE I 169 -9.79 -28.73 10.44
C ILE I 169 -8.46 -28.69 11.22
N ARG I 171 -6.49 -31.31 12.26
CA ARG I 171 -5.45 -32.17 11.71
C ARG I 171 -4.79 -31.55 10.50
N LYS I 172 -5.60 -30.94 9.66
CA LYS I 172 -5.03 -30.25 8.49
C LYS I 172 -4.11 -29.15 8.96
N ASN I 173 -4.63 -28.37 9.88
CA ASN I 173 -3.89 -27.22 10.42
C ASN I 173 -2.53 -27.61 11.01
N ARG I 174 -2.45 -28.79 11.64
CA ARG I 174 -1.16 -29.22 12.22
C ARG I 174 -0.11 -29.41 11.12
N GLY I 175 -0.58 -29.92 10.01
CA GLY I 175 0.29 -30.19 8.86
C GLY I 175 0.74 -28.90 8.22
N ILE I 176 -0.17 -27.94 8.16
CA ILE I 176 0.14 -26.65 7.57
C ILE I 176 1.16 -25.93 8.45
N LEU I 177 1.02 -26.15 9.73
CA LEU I 177 1.92 -25.54 10.70
C LEU I 177 3.32 -26.17 10.55
N ARG I 178 3.37 -27.48 10.33
CA ARG I 178 4.67 -28.16 10.16
C ARG I 178 5.43 -27.63 8.96
N GLU I 179 4.70 -27.42 7.88
CA GLU I 179 5.25 -26.87 6.64
C GLU I 179 5.74 -25.44 6.81
N LEU I 180 4.99 -24.67 7.59
CA LEU I 180 5.30 -23.28 7.89
C LEU I 180 6.60 -23.22 8.63
N LYS I 181 6.65 -24.04 9.66
CA LYS I 181 7.90 -24.12 10.47
C LYS I 181 9.10 -24.60 9.61
N ASP I 182 8.86 -25.59 8.75
CA ASP I 182 9.89 -26.11 7.85
C ASP I 182 10.47 -25.00 7.02
N ALA I 183 9.67 -23.97 6.77
CA ALA I 183 10.11 -22.83 5.95
C ALA I 183 10.94 -21.86 6.79
N SER I 184 10.63 -21.76 8.07
CA SER I 184 11.32 -20.78 8.87
C SER I 184 12.57 -21.35 9.47
N CYS I 185 12.49 -22.59 9.91
CA CYS I 185 13.62 -23.18 10.67
C CYS I 185 14.57 -23.98 9.80
N ARG I 186 15.85 -23.72 9.99
CA ARG I 186 16.90 -24.47 9.28
C ARG I 186 16.97 -25.85 9.92
N ASP I 187 17.48 -26.82 9.16
CA ASP I 187 17.65 -28.23 9.61
C ASP I 187 18.56 -28.26 10.82
N LEU I 189 21.05 -29.98 11.90
CA LEU I 189 22.54 -30.12 11.83
C LEU I 189 23.17 -28.76 11.51
N THR I 190 22.51 -28.04 10.62
CA THR I 190 22.96 -26.69 10.29
C THR I 190 22.92 -25.86 11.53
N VAL I 191 21.83 -26.00 12.29
CA VAL I 191 21.67 -25.26 13.49
C VAL I 191 22.83 -25.60 14.38
N LEU I 192 23.15 -26.90 14.46
CA LEU I 192 24.26 -27.32 15.35
C LEU I 192 25.64 -26.74 14.97
N LYS I 193 25.82 -26.58 13.69
CA LYS I 193 27.06 -26.04 13.14
C LYS I 193 27.17 -24.55 13.25
N THR I 194 26.03 -23.88 13.43
CA THR I 194 26.03 -22.40 13.39
C THR I 194 25.84 -21.71 14.73
N VAL I 195 25.34 -22.46 15.71
CA VAL I 195 25.12 -21.96 17.06
C VAL I 195 26.44 -21.67 17.80
N ASP I 196 26.37 -20.89 18.86
CA ASP I 196 27.51 -20.62 19.75
C ASP I 196 27.92 -22.00 20.21
N GLN I 197 29.17 -22.36 19.91
CA GLN I 197 29.71 -23.69 20.19
C GLN I 197 29.94 -23.97 21.65
N ASP I 198 30.10 -22.91 22.43
CA ASP I 198 30.29 -23.06 23.85
C ASP I 198 28.96 -23.41 24.48
N LEU I 199 27.93 -22.84 23.89
CA LEU I 199 26.57 -23.05 24.40
C LEU I 199 26.21 -24.49 24.15
N LEU I 200 26.59 -24.92 22.98
CA LEU I 200 26.33 -26.26 22.50
C LEU I 200 27.10 -27.30 23.37
N ARG I 201 28.36 -27.01 23.70
CA ARG I 201 29.17 -27.93 24.53
C ARG I 201 28.59 -28.06 25.92
N ALA I 202 28.10 -26.94 26.44
CA ALA I 202 27.49 -26.91 27.76
C ALA I 202 26.22 -27.73 27.74
N ALA I 203 25.46 -27.56 26.66
CA ALA I 203 24.15 -28.22 26.57
C ALA I 203 24.20 -29.75 26.66
N ILE I 204 25.31 -30.29 26.18
CA ILE I 204 25.52 -31.75 26.07
C ILE I 204 26.57 -32.30 27.04
N ALA I 205 26.96 -31.49 27.99
CA ALA I 205 28.03 -31.82 28.94
C ALA I 205 27.57 -32.66 30.13
N GLY I 206 26.29 -33.00 30.21
CA GLY I 206 25.78 -33.78 31.37
C GLY I 206 26.51 -35.13 31.44
N GLU I 207 26.72 -35.61 32.65
CA GLU I 207 27.55 -36.81 32.88
C GLU I 207 27.06 -38.04 32.18
N LYS I 208 25.75 -38.07 31.91
CA LYS I 208 25.12 -39.22 31.26
C LYS I 208 24.64 -39.00 29.83
N PHE I 209 24.98 -37.86 29.24
CA PHE I 209 24.54 -37.57 27.89
C PHE I 209 25.05 -38.57 26.86
N ALA I 210 26.34 -38.86 26.89
CA ALA I 210 26.89 -39.75 25.89
C ALA I 210 26.35 -41.16 26.02
N GLU I 211 26.14 -41.55 27.27
CA GLU I 211 25.71 -42.90 27.59
C GLU I 211 24.28 -43.15 27.11
N LEU I 212 23.48 -42.11 27.21
CA LEU I 212 22.06 -42.19 26.83
C LEU I 212 21.81 -41.84 25.36
N PHE I 213 22.49 -40.82 24.89
CA PHE I 213 22.23 -40.30 23.54
C PHE I 213 22.65 -41.17 22.36
N TYR I 214 23.92 -41.52 22.36
CA TYR I 214 24.49 -42.15 21.17
C TYR I 214 23.86 -43.48 20.79
N PRO I 215 23.58 -44.36 21.76
CA PRO I 215 22.91 -45.59 21.39
C PRO I 215 21.48 -45.43 20.87
N ASN I 216 20.88 -44.29 21.18
CA ASN I 216 19.49 -43.98 20.81
C ASN I 216 19.34 -43.04 19.58
N CYS I 217 20.44 -42.43 19.21
CA CYS I 217 20.51 -41.53 18.05
C CYS I 217 20.36 -42.24 16.71
N LYS I 218 19.39 -41.79 15.91
CA LYS I 218 19.11 -42.41 14.64
C LYS I 218 19.75 -41.63 13.46
N ASP I 219 20.21 -40.43 13.75
CA ASP I 219 20.86 -39.56 12.75
C ASP I 219 22.38 -39.52 12.95
N ASP I 220 23.07 -40.23 12.08
CA ASP I 220 24.54 -40.37 12.20
C ASP I 220 25.34 -39.09 12.04
N ALA I 221 24.82 -38.20 11.21
CA ALA I 221 25.51 -36.92 10.95
C ALA I 221 25.48 -36.08 12.20
N ILE I 222 24.34 -36.09 12.90
CA ILE I 222 24.21 -35.36 14.15
C ILE I 222 25.19 -35.97 15.17
N ALA I 223 25.22 -37.30 15.24
CA ALA I 223 26.10 -37.98 16.21
C ALA I 223 27.56 -37.62 15.94
N ASN I 224 27.89 -37.67 14.66
CA ASN I 224 29.25 -37.38 14.20
C ASN I 224 29.63 -35.99 14.54
N TYR I 225 28.70 -35.06 14.33
CA TYR I 225 29.06 -33.70 14.61
C TYR I 225 29.32 -33.49 16.08
N LEU I 226 28.44 -34.02 16.92
CA LEU I 226 28.56 -33.77 18.34
C LEU I 226 29.86 -34.37 18.86
N ARG I 227 30.18 -35.52 18.32
CA ARG I 227 31.43 -36.20 18.70
C ARG I 227 32.64 -35.38 18.29
N SER I 228 32.50 -34.65 17.20
CA SER I 228 33.62 -33.85 16.67
C SER I 228 34.00 -32.75 17.63
N LEU I 229 33.11 -32.44 18.55
CA LEU I 229 33.34 -31.32 19.46
C LEU I 229 34.50 -31.58 20.36
N ASP I 230 34.85 -32.84 20.46
CA ASP I 230 35.92 -33.23 21.39
C ASP I 230 36.92 -34.20 20.77
N GLY J 19 4.93 5.32 23.02
CA GLY J 19 4.05 4.16 23.37
C GLY J 19 4.23 3.08 22.32
N LYS J 21 2.95 0.16 19.55
CA LYS J 21 1.98 -0.21 18.56
C LYS J 21 1.58 -1.67 18.89
N ILE J 22 0.33 -1.85 19.34
CA ILE J 22 -0.17 -3.18 19.71
C ILE J 22 -1.17 -3.71 18.71
N ALA J 23 -0.80 -4.84 18.12
CA ALA J 23 -1.63 -5.54 17.17
C ALA J 23 -2.39 -6.65 17.81
N LEU J 24 -3.68 -6.70 17.47
CA LEU J 24 -4.60 -7.75 17.84
C LEU J 24 -4.91 -8.64 16.63
N ILE J 25 -4.74 -9.96 16.82
CA ILE J 25 -5.04 -10.96 15.76
C ILE J 25 -5.83 -12.12 16.35
N ILE J 26 -6.99 -12.37 15.72
CA ILE J 26 -7.94 -13.39 16.13
C ILE J 26 -8.34 -14.29 14.96
N GLU J 27 -8.29 -15.60 15.20
CA GLU J 27 -8.64 -16.59 14.18
C GLU J 27 -10.12 -16.95 14.24
N ASN J 28 -10.49 -17.82 13.33
CA ASN J 28 -11.92 -18.04 13.06
C ASN J 28 -12.69 -18.72 14.15
N SER J 29 -12.05 -19.54 14.95
CA SER J 29 -12.79 -20.29 16.00
C SER J 29 -13.26 -19.38 17.11
N GLN J 30 -12.60 -18.25 17.24
CA GLN J 30 -12.94 -17.29 18.28
C GLN J 30 -13.33 -15.91 17.75
N ALA J 31 -13.57 -15.83 16.45
CA ALA J 31 -13.84 -14.55 15.74
C ALA J 31 -14.95 -13.73 16.41
N ALA J 32 -16.00 -14.41 16.84
CA ALA J 32 -17.13 -13.74 17.51
C ALA J 32 -16.61 -12.95 18.70
N LYS J 33 -15.46 -13.34 19.23
CA LYS J 33 -14.98 -12.68 20.45
C LYS J 33 -14.03 -11.52 20.26
N ASN J 34 -13.68 -11.29 19.03
CA ASN J 34 -12.74 -10.17 18.68
C ASN J 34 -13.13 -8.83 19.35
N ALA J 35 -14.41 -8.57 19.31
CA ALA J 35 -14.92 -7.29 19.82
C ALA J 35 -14.67 -7.13 21.29
N VAL J 36 -15.02 -8.17 22.06
CA VAL J 36 -14.80 -8.16 23.49
C VAL J 36 -13.33 -8.04 23.83
N VAL J 37 -12.52 -8.75 23.08
CA VAL J 37 -11.10 -8.73 23.32
C VAL J 37 -10.54 -7.31 22.97
N HIS J 38 -10.98 -6.79 21.83
CA HIS J 38 -10.52 -5.48 21.36
C HIS J 38 -10.89 -4.39 22.36
N GLU J 39 -12.09 -4.51 22.92
CA GLU J 39 -12.58 -3.53 23.91
C GLU J 39 -11.74 -3.56 25.17
N ALA J 40 -11.44 -4.77 25.64
CA ALA J 40 -10.65 -4.91 26.87
C ALA J 40 -9.30 -4.32 26.66
N LEU J 41 -8.78 -4.57 25.48
CA LEU J 41 -7.41 -4.16 25.13
C LEU J 41 -7.30 -2.66 24.99
N THR J 42 -8.21 -2.04 24.23
CA THR J 42 -8.14 -0.56 24.06
C THR J 42 -8.47 0.13 25.40
N THR J 43 -9.35 -0.47 26.18
CA THR J 43 -9.75 0.16 27.45
C THR J 43 -8.50 0.34 28.30
N VAL J 44 -7.61 -0.62 28.23
CA VAL J 44 -6.44 -0.56 29.13
C VAL J 44 -5.24 0.18 28.51
N ALA J 45 -4.96 -0.18 27.27
CA ALA J 45 -3.73 0.25 26.58
C ALA J 45 -3.72 1.69 26.15
N GLU J 46 -4.82 2.16 25.59
CA GLU J 46 -4.92 3.56 25.08
C GLU J 46 -4.62 4.64 26.14
N PRO J 47 -5.21 4.52 27.33
CA PRO J 47 -4.91 5.48 28.38
C PRO J 47 -3.50 5.38 28.85
N LEU J 48 -2.82 4.33 28.42
CA LEU J 48 -1.47 4.10 28.87
C LEU J 48 -0.54 4.73 27.87
N GLY J 49 -1.13 5.16 26.78
CA GLY J 49 -0.37 5.84 25.75
C GLY J 49 -0.02 4.99 24.56
N HIS J 50 -0.61 3.81 24.48
CA HIS J 50 -0.35 2.95 23.37
C HIS J 50 -1.44 3.05 22.34
N LYS J 51 -1.10 2.51 21.20
CA LYS J 51 -1.98 2.47 20.03
C LYS J 51 -2.27 1.05 19.72
N VAL J 52 -3.54 0.75 19.49
CA VAL J 52 -4.01 -0.60 19.23
C VAL J 52 -4.54 -0.74 17.84
N PHE J 53 -4.01 -1.73 17.14
CA PHE J 53 -4.38 -2.08 15.79
C PHE J 53 -5.09 -3.40 15.69
N ASN J 54 -6.39 -3.37 15.37
CA ASN J 54 -7.18 -4.57 15.24
C ASN J 54 -7.11 -5.14 13.81
N TYR J 55 -6.34 -6.20 13.64
CA TYR J 55 -6.22 -6.83 12.33
C TYR J 55 -7.31 -7.81 12.06
N GLY J 56 -8.26 -7.92 12.99
CA GLY J 56 -9.33 -8.89 12.84
C GLY J 56 -8.88 -10.28 13.21
N TYR J 58 -12.87 -9.78 12.47
CA TYR J 58 -13.78 -8.91 13.19
C TYR J 58 -15.04 -9.67 13.55
N THR J 59 -15.40 -10.58 12.67
CA THR J 59 -16.62 -11.35 12.80
C THR J 59 -16.44 -12.70 12.23
N ALA J 60 -17.27 -13.60 12.69
CA ALA J 60 -17.22 -14.97 12.23
C ALA J 60 -17.51 -15.02 10.75
N GLU J 61 -18.08 -13.94 10.24
CA GLU J 61 -18.53 -13.92 8.83
C GLU J 61 -17.61 -13.20 7.85
N ASP J 62 -16.47 -12.73 8.34
CA ASP J 62 -15.49 -12.04 7.49
C ASP J 62 -15.12 -12.93 6.34
N LYS J 63 -15.01 -12.36 5.14
CA LYS J 63 -14.67 -13.19 3.99
C LYS J 63 -13.22 -13.59 4.14
N ALA J 64 -12.46 -12.74 4.79
CA ALA J 64 -11.03 -13.01 4.98
C ALA J 64 -10.86 -13.77 6.28
N SER J 65 -10.99 -15.09 6.20
CA SER J 65 -10.91 -15.99 7.38
C SER J 65 -9.48 -16.33 7.68
N LEU J 66 -9.13 -16.26 8.97
CA LEU J 66 -7.83 -16.59 9.51
C LEU J 66 -7.82 -17.88 10.35
N THR J 67 -6.74 -18.65 10.20
CA THR J 67 -6.46 -19.83 11.04
C THR J 67 -5.35 -19.49 12.03
N TYR J 68 -5.20 -20.30 13.07
CA TYR J 68 -4.14 -20.00 14.05
C TYR J 68 -2.78 -19.99 13.39
N VAL J 69 -2.62 -20.76 12.32
CA VAL J 69 -1.34 -20.83 11.62
C VAL J 69 -1.09 -19.45 11.01
N ASN J 71 -2.25 -16.70 12.11
CA ASN J 71 -2.06 -15.73 13.18
C ASN J 71 -0.56 -15.59 13.43
N GLY J 72 0.09 -16.74 13.38
CA GLY J 72 1.52 -16.78 13.62
C GLY J 72 2.30 -16.10 12.50
N LEU J 73 1.96 -16.45 11.28
CA LEU J 73 2.61 -15.92 10.11
C LEU J 73 2.49 -14.39 10.09
N LEU J 74 1.29 -13.91 10.39
CA LEU J 74 1.00 -12.45 10.49
C LEU J 74 1.75 -11.79 11.64
N ALA J 75 1.76 -12.43 12.79
CA ALA J 75 2.54 -11.88 13.89
C ALA J 75 4.01 -11.63 13.47
N GLY J 76 4.50 -12.57 12.68
CA GLY J 76 5.88 -12.51 12.17
C GLY J 76 6.06 -11.32 11.25
N ILE J 77 5.07 -11.13 10.37
CA ILE J 77 5.08 -10.01 9.44
C ILE J 77 5.16 -8.75 10.22
N LEU J 78 4.26 -8.62 11.19
CA LEU J 78 4.10 -7.37 11.92
C LEU J 78 5.27 -7.01 12.75
N LEU J 79 5.79 -8.01 13.46
CA LEU J 79 6.91 -7.73 14.37
C LEU J 79 8.25 -7.51 13.68
N ASN J 80 8.48 -8.29 12.65
CA ASN J 80 9.76 -8.16 11.90
C ASN J 80 9.85 -6.87 11.07
N SER J 81 8.69 -6.44 10.60
CA SER J 81 8.60 -5.27 9.73
C SER J 81 8.59 -3.99 10.54
N GLY J 82 8.33 -4.14 11.83
CA GLY J 82 8.21 -2.99 12.70
C GLY J 82 6.79 -2.36 12.66
N ALA J 83 5.85 -2.97 11.94
CA ALA J 83 4.44 -2.44 11.90
C ALA J 83 3.74 -2.53 13.25
N ALA J 84 4.26 -3.41 14.10
CA ALA J 84 3.77 -3.56 15.46
C ALA J 84 4.97 -3.87 16.36
N ASP J 85 4.88 -3.35 17.58
CA ASP J 85 5.89 -3.57 18.62
C ASP J 85 5.50 -4.76 19.50
N PHE J 86 4.21 -5.09 19.50
CA PHE J 86 3.70 -6.16 20.35
C PHE J 86 2.49 -6.76 19.69
N VAL J 87 2.35 -8.06 19.78
CA VAL J 87 1.22 -8.74 19.23
C VAL J 87 0.43 -9.48 20.34
N VAL J 88 -0.87 -9.29 20.30
CA VAL J 88 -1.83 -10.01 21.18
C VAL J 88 -2.62 -10.93 20.31
N THR J 89 -2.56 -12.23 20.57
CA THR J 89 -3.35 -13.17 19.79
C THR J 89 -3.90 -14.30 20.69
N GLY J 90 -4.23 -15.40 20.06
CA GLY J 90 -4.80 -16.54 20.77
C GLY J 90 -5.73 -17.32 19.91
N GLY J 92 -8.57 -21.08 20.92
CA GLY J 92 -9.42 -21.71 21.91
C GLY J 92 -8.70 -21.92 23.19
N THR J 93 -7.47 -22.38 23.02
CA THR J 93 -6.59 -22.65 24.18
C THR J 93 -5.44 -21.72 24.19
N GLY J 94 -5.15 -21.19 23.02
CA GLY J 94 -4.03 -20.28 22.80
C GLY J 94 -2.73 -20.98 22.38
N GLY J 96 -2.14 -23.28 19.77
CA GLY J 96 -1.91 -23.20 18.35
C GLY J 96 -1.28 -21.90 17.89
N SER J 97 -1.84 -20.76 18.32
CA SER J 97 -1.31 -19.51 17.87
C SER J 97 0.08 -19.30 18.48
N LEU J 99 2.31 -21.67 19.11
CA LEU J 99 3.23 -22.50 18.32
C LEU J 99 3.61 -21.85 17.01
N ALA J 100 2.61 -21.32 16.35
CA ALA J 100 2.80 -20.69 15.03
C ALA J 100 3.60 -19.43 15.11
N ALA J 101 3.39 -18.65 16.19
CA ALA J 101 4.05 -17.40 16.37
C ALA J 101 5.48 -17.63 16.64
N ASN J 102 5.70 -18.65 17.44
CA ASN J 102 7.06 -18.99 17.84
C ASN J 102 7.89 -19.67 16.76
N ALA J 103 7.25 -20.13 15.71
CA ALA J 103 7.90 -20.67 14.53
C ALA J 103 8.58 -19.57 13.77
N PRO J 105 10.85 -16.15 12.90
CA PRO J 105 11.94 -15.46 13.50
C PRO J 105 11.54 -14.18 14.16
N GLY J 106 12.32 -13.82 15.14
CA GLY J 106 12.21 -12.55 15.87
C GLY J 106 10.98 -12.44 16.74
N VAL J 107 10.22 -13.53 16.81
CA VAL J 107 9.07 -13.55 17.66
C VAL J 107 9.20 -14.46 18.87
N PHE J 108 8.87 -13.85 20.00
CA PHE J 108 8.81 -14.53 21.28
C PHE J 108 7.45 -14.34 21.92
N CYS J 109 6.61 -15.32 21.67
CA CYS J 109 5.22 -15.34 22.13
C CYS J 109 4.93 -16.20 23.36
N GLY J 110 4.46 -15.53 24.39
CA GLY J 110 4.09 -16.23 25.63
C GLY J 110 2.69 -16.74 25.57
N LEU J 111 2.44 -17.78 26.35
CA LEU J 111 1.10 -18.31 26.58
C LEU J 111 0.80 -17.79 27.98
N VAL J 112 -0.09 -16.82 28.08
CA VAL J 112 -0.41 -16.16 29.34
C VAL J 112 -1.83 -16.42 29.74
N ILE J 113 -1.97 -16.75 31.03
CA ILE J 113 -3.24 -17.15 31.61
C ILE J 113 -3.77 -16.16 32.62
N ASP J 114 -2.99 -15.92 33.67
CA ASP J 114 -3.33 -14.99 34.76
C ASP J 114 -2.41 -13.75 34.88
N PRO J 115 -2.71 -12.82 35.80
CA PRO J 115 -1.87 -11.61 35.87
C PRO J 115 -0.45 -11.84 36.33
N THR J 116 -0.22 -12.84 37.15
CA THR J 116 1.14 -13.10 37.60
C THR J 116 1.95 -13.69 36.42
N ASP J 117 1.29 -14.53 35.64
CA ASP J 117 1.93 -15.06 34.43
C ASP J 117 2.33 -13.89 33.58
N ALA J 118 1.44 -12.92 33.52
CA ALA J 118 1.65 -11.78 32.62
C ALA J 118 2.80 -10.96 33.13
N PHE J 119 2.76 -10.71 34.43
CA PHE J 119 3.83 -9.94 35.08
C PHE J 119 5.21 -10.61 34.92
N LEU J 120 5.27 -11.89 35.16
CA LEU J 120 6.58 -12.58 35.07
C LEU J 120 7.09 -12.62 33.63
N PHE J 121 6.17 -12.81 32.70
CA PHE J 121 6.53 -12.84 31.30
C PHE J 121 7.25 -11.54 30.88
N GLY J 122 6.68 -10.41 31.29
CA GLY J 122 7.21 -9.10 30.88
C GLY J 122 8.50 -8.78 31.58
N GLN J 123 8.61 -9.29 32.80
CA GLN J 123 9.79 -9.00 33.63
C GLN J 123 10.96 -9.96 33.41
N ILE J 124 10.65 -11.21 33.11
CA ILE J 124 11.69 -12.22 32.91
C ILE J 124 12.01 -12.49 31.45
N ASN J 125 10.96 -12.61 30.64
CA ASN J 125 11.14 -13.01 29.24
C ASN J 125 11.12 -11.83 28.28
N ASP J 126 10.38 -10.83 28.70
CA ASP J 126 10.22 -9.56 27.95
C ASP J 126 9.98 -9.90 26.49
N GLY J 127 8.97 -10.73 26.28
CA GLY J 127 8.65 -11.18 24.93
C GLY J 127 7.93 -10.06 24.18
N ASN J 128 7.63 -10.32 22.90
CA ASN J 128 6.92 -9.31 22.07
C ASN J 128 5.56 -9.78 21.56
N ALA J 129 5.06 -10.86 22.13
CA ALA J 129 3.71 -11.36 21.73
C ALA J 129 3.16 -12.23 22.84
N ILE J 130 1.87 -12.26 22.96
CA ILE J 130 1.19 -13.16 23.89
C ILE J 130 0.07 -13.83 23.17
N SER J 131 -0.14 -15.09 23.55
CA SER J 131 -1.26 -15.91 23.08
C SER J 131 -2.04 -16.34 24.34
N PRO J 133 -6.00 -18.03 25.92
CA PRO J 133 -7.19 -18.80 25.61
C PRO J 133 -8.49 -17.99 25.61
N TYR J 134 -9.24 -18.15 24.53
CA TYR J 134 -10.49 -17.42 24.43
C TYR J 134 -11.70 -18.36 24.52
N SER J 135 -11.43 -19.66 24.66
CA SER J 135 -12.50 -20.67 24.91
C SER J 135 -12.29 -21.44 26.23
N LYS J 136 -11.12 -22.07 26.36
CA LYS J 136 -10.79 -22.79 27.61
C LYS J 136 -10.65 -21.81 28.76
N GLY J 137 -11.53 -21.98 29.74
CA GLY J 137 -11.52 -21.15 30.89
C GLY J 137 -12.16 -19.80 30.67
N PHE J 138 -12.79 -19.60 29.52
CA PHE J 138 -13.29 -18.25 29.24
C PHE J 138 -14.78 -18.16 29.46
N GLY J 139 -15.16 -17.86 30.69
CA GLY J 139 -16.58 -17.69 31.04
C GLY J 139 -16.87 -16.35 31.66
N TRP J 140 -17.81 -16.34 32.60
CA TRP J 140 -18.15 -15.13 33.32
C TRP J 140 -16.93 -14.43 33.71
N ALA J 141 -16.94 -13.13 33.43
CA ALA J 141 -15.91 -12.25 33.88
C ALA J 141 -14.52 -12.47 33.23
N ALA J 142 -14.47 -13.31 32.23
CA ALA J 142 -13.18 -13.61 31.57
C ALA J 142 -12.59 -12.37 30.96
N GLU J 143 -13.44 -11.43 30.58
CA GLU J 143 -13.02 -10.18 29.93
C GLU J 143 -12.34 -9.26 30.92
N LEU J 144 -12.58 -9.53 32.19
CA LEU J 144 -12.03 -8.72 33.26
C LEU J 144 -10.63 -9.19 33.54
N ASN J 145 -10.44 -10.50 33.45
CA ASN J 145 -9.08 -11.06 33.59
C ASN J 145 -8.19 -10.48 32.48
N LEU J 146 -8.77 -10.32 31.30
CA LEU J 146 -8.01 -9.82 30.17
C LEU J 146 -7.45 -8.47 30.52
N GLN J 147 -8.32 -7.61 31.04
CA GLN J 147 -7.85 -6.28 31.45
C GLN J 147 -6.74 -6.32 32.48
N ASP J 148 -6.89 -7.20 33.46
CA ASP J 148 -5.90 -7.35 34.55
C ASP J 148 -4.57 -7.71 33.95
N VAL J 149 -4.62 -8.61 32.98
CA VAL J 149 -3.41 -9.10 32.34
C VAL J 149 -2.74 -7.96 31.57
N TYR J 150 -3.54 -7.25 30.79
CA TYR J 150 -2.99 -6.18 29.96
C TYR J 150 -2.34 -5.11 30.82
N ARG J 151 -2.84 -4.92 32.01
CA ARG J 151 -2.30 -3.89 32.91
CA ARG J 151 -2.30 -3.89 32.91
C ARG J 151 -0.90 -4.26 33.37
N LYS J 152 -0.67 -5.55 33.55
CA LYS J 152 0.65 -6.05 34.02
C LYS J 152 1.69 -5.99 32.91
N LEU J 153 1.17 -6.07 31.70
CA LEU J 153 2.00 -6.12 30.51
C LEU J 153 2.36 -4.75 29.97
N PHE J 154 1.44 -3.81 30.01
CA PHE J 154 1.65 -2.58 29.27
C PHE J 154 1.91 -1.39 30.15
N ASP J 155 1.97 -1.66 31.44
CA ASP J 155 2.23 -0.60 32.39
C ASP J 155 3.50 -0.93 33.12
N GLY J 156 4.44 0.00 33.01
CA GLY J 156 5.76 -0.11 33.63
C GLY J 156 6.87 -0.59 32.73
N GLU J 157 8.07 -0.61 33.32
CA GLU J 157 9.27 -1.12 32.66
C GLU J 157 9.25 -2.61 32.56
N ARG J 158 9.66 -3.09 31.41
CA ARG J 158 9.78 -4.53 31.20
C ARG J 158 11.21 -5.00 31.29
N GLY J 159 11.30 -6.27 31.69
CA GLY J 159 12.56 -7.00 31.76
C GLY J 159 13.50 -6.61 32.88
N LEU J 160 12.95 -6.38 34.06
CA LEU J 160 13.74 -5.97 35.23
C LEU J 160 13.95 -7.15 36.17
N GLY J 161 13.48 -8.31 35.73
CA GLY J 161 13.64 -9.55 36.50
C GLY J 161 12.79 -9.82 37.73
N TYR J 162 12.64 -11.10 37.99
CA TYR J 162 11.93 -11.65 39.15
C TYR J 162 12.10 -13.20 39.23
N PRO J 163 12.56 -13.73 40.39
CA PRO J 163 12.90 -12.91 41.55
C PRO J 163 14.03 -12.03 41.12
N ARG J 164 13.96 -10.77 41.50
CA ARG J 164 14.99 -9.79 41.06
C ARG J 164 16.40 -10.30 41.28
N GLU J 165 16.53 -11.22 42.22
CA GLU J 165 17.83 -11.78 42.60
C GLU J 165 18.43 -12.55 41.43
N ARG J 166 17.61 -12.76 40.41
CA ARG J 166 18.07 -13.52 39.25
C ARG J 166 18.02 -12.59 38.05
N ALA J 167 18.13 -11.31 38.35
CA ALA J 167 18.05 -10.23 37.32
C ALA J 167 19.02 -10.30 36.14
N GLU J 168 20.25 -9.86 36.35
CA GLU J 168 21.25 -9.85 35.24
C GLU J 168 21.35 -11.17 34.48
N ILE J 169 21.14 -12.25 35.23
CA ILE J 169 21.20 -13.59 34.67
C ILE J 169 20.09 -13.67 33.65
N ARG J 171 18.53 -11.29 32.10
CA ARG J 171 18.78 -10.42 30.97
C ARG J 171 19.79 -11.04 29.99
N LYS J 172 20.86 -11.66 30.51
CA LYS J 172 21.87 -12.27 29.62
C LYS J 172 21.26 -13.41 28.85
N ASN J 173 20.47 -14.17 29.56
CA ASN J 173 19.81 -15.35 28.97
C ASN J 173 18.90 -14.94 27.81
N ARG J 174 18.20 -13.83 27.97
CA ARG J 174 17.30 -13.37 26.92
C ARG J 174 18.11 -13.14 25.66
N GLY J 175 19.31 -12.62 25.87
CA GLY J 175 20.17 -12.24 24.76
C GLY J 175 20.67 -13.46 24.07
N ILE J 176 21.02 -14.44 24.89
CA ILE J 176 21.55 -15.71 24.38
C ILE J 176 20.44 -16.40 23.59
N LEU J 177 19.21 -16.31 24.07
CA LEU J 177 18.09 -16.97 23.40
C LEU J 177 17.89 -16.32 22.04
N ARG J 178 17.99 -14.99 21.98
CA ARG J 178 17.79 -14.30 20.67
C ARG J 178 18.84 -14.73 19.66
N GLU J 179 20.07 -14.91 20.13
CA GLU J 179 21.18 -15.34 19.27
C GLU J 179 20.92 -16.74 18.74
N LEU J 180 20.39 -17.56 19.63
CA LEU J 180 20.09 -18.97 19.31
C LEU J 180 19.03 -18.99 18.22
N LYS J 181 18.00 -18.20 18.39
CA LYS J 181 16.92 -18.25 17.38
C LYS J 181 17.44 -17.62 16.08
N ASP J 182 18.34 -16.65 16.20
CA ASP J 182 18.87 -16.00 15.00
C ASP J 182 19.55 -17.07 14.15
N ALA J 183 20.09 -18.07 14.82
CA ALA J 183 20.76 -19.14 14.12
C ALA J 183 19.80 -20.17 13.53
N SER J 184 18.70 -20.43 14.23
CA SER J 184 17.78 -21.47 13.80
C SER J 184 16.84 -21.02 12.77
N CYS J 185 16.40 -19.78 12.90
CA CYS J 185 15.41 -19.25 11.94
C CYS J 185 15.99 -18.30 10.91
N ARG J 186 15.47 -18.49 9.73
CA ARG J 186 15.78 -17.72 8.51
C ARG J 186 15.12 -16.36 8.68
N ASP J 187 15.66 -15.35 8.00
CA ASP J 187 15.14 -13.99 8.12
C ASP J 187 13.73 -13.95 7.55
N LEU J 189 12.08 -12.17 5.52
CA LEU J 189 11.85 -11.95 4.08
C LEU J 189 12.00 -13.26 3.37
N THR J 190 12.98 -14.04 3.79
CA THR J 190 13.17 -15.34 3.15
C THR J 190 12.01 -16.27 3.42
N VAL J 191 11.48 -16.13 4.63
CA VAL J 191 10.33 -16.93 5.04
C VAL J 191 9.14 -16.57 4.12
N LEU J 192 8.95 -15.29 3.93
CA LEU J 192 7.82 -14.80 3.07
C LEU J 192 7.92 -15.36 1.67
N LYS J 193 9.15 -15.49 1.20
CA LYS J 193 9.38 -16.00 -0.15
C LYS J 193 9.22 -17.49 -0.32
N THR J 194 9.36 -18.23 0.78
CA THR J 194 9.37 -19.70 0.74
C THR J 194 8.18 -20.43 1.34
N VAL J 195 7.37 -19.69 2.07
CA VAL J 195 6.16 -20.27 2.66
C VAL J 195 5.17 -20.49 1.55
N ASP J 196 4.14 -21.28 1.84
CA ASP J 196 3.00 -21.48 0.95
C ASP J 196 2.48 -20.10 0.68
N GLN J 197 2.39 -19.76 -0.59
CA GLN J 197 1.97 -18.41 -1.03
C GLN J 197 0.45 -18.16 -0.85
N ASP J 198 -0.34 -19.19 -0.93
CA ASP J 198 -1.76 -19.07 -0.73
C ASP J 198 -1.99 -18.77 0.72
N LEU J 199 -1.17 -19.36 1.58
CA LEU J 199 -1.30 -19.19 3.03
C LEU J 199 -0.98 -17.74 3.37
N LEU J 200 0.12 -17.31 2.82
CA LEU J 200 0.57 -15.93 2.98
C LEU J 200 -0.49 -14.92 2.46
N ARG J 201 -1.07 -15.22 1.31
CA ARG J 201 -2.10 -14.33 0.72
C ARG J 201 -3.27 -14.23 1.67
N ALA J 202 -3.69 -15.36 2.21
CA ALA J 202 -4.82 -15.38 3.14
C ALA J 202 -4.53 -14.62 4.42
N ALA J 203 -3.29 -14.72 4.85
CA ALA J 203 -2.90 -14.09 6.12
C ALA J 203 -3.09 -12.62 6.07
N ILE J 204 -2.90 -12.07 4.88
CA ILE J 204 -2.89 -10.62 4.75
C ILE J 204 -4.13 -10.09 3.99
N ALA J 205 -5.14 -10.96 3.84
CA ALA J 205 -6.36 -10.65 3.04
C ALA J 205 -7.40 -9.82 3.77
N GLY J 206 -7.12 -9.50 5.03
CA GLY J 206 -8.01 -8.68 5.87
C GLY J 206 -8.38 -7.33 5.23
N GLU J 207 -9.62 -6.91 5.43
CA GLU J 207 -10.14 -5.69 4.78
C GLU J 207 -9.40 -4.41 5.10
N LYS J 208 -8.76 -4.40 6.26
CA LYS J 208 -8.06 -3.27 6.74
C LYS J 208 -6.53 -3.49 6.80
N PHE J 209 -6.09 -4.59 6.24
CA PHE J 209 -4.65 -4.91 6.35
C PHE J 209 -3.75 -3.79 5.90
N ALA J 210 -3.97 -3.33 4.67
CA ALA J 210 -3.07 -2.34 4.02
C ALA J 210 -2.99 -1.05 4.78
N GLU J 211 -4.16 -0.62 5.27
CA GLU J 211 -4.31 0.63 5.99
C GLU J 211 -3.63 0.61 7.33
N LEU J 212 -3.62 -0.55 7.95
CA LEU J 212 -3.03 -0.67 9.27
C LEU J 212 -1.53 -0.95 9.15
N PHE J 213 -1.17 -1.69 8.12
CA PHE J 213 0.24 -2.20 7.98
C PHE J 213 1.22 -1.22 7.32
N TYR J 214 0.92 -0.91 6.09
CA TYR J 214 1.88 -0.17 5.28
C TYR J 214 2.36 1.16 5.87
N PRO J 215 1.46 1.92 6.50
CA PRO J 215 1.90 3.20 7.01
C PRO J 215 2.86 3.06 8.17
N ASN J 216 2.90 1.83 8.71
CA ASN J 216 3.65 1.52 9.93
C ASN J 216 4.85 0.61 9.73
N CYS J 217 4.91 0.05 8.53
CA CYS J 217 6.00 -0.85 8.13
C CYS J 217 7.29 -0.08 7.95
N LYS J 218 8.36 -0.56 8.60
CA LYS J 218 9.67 0.10 8.54
C LYS J 218 10.63 -0.65 7.63
N ASP J 219 10.20 -1.78 7.10
CA ASP J 219 11.04 -2.58 6.19
C ASP J 219 10.47 -2.62 4.77
N ASP J 220 11.08 -1.84 3.89
CA ASP J 220 10.57 -1.67 2.52
C ASP J 220 10.61 -2.93 1.74
N ALA J 221 11.60 -3.79 2.02
CA ALA J 221 11.68 -5.04 1.28
C ALA J 221 10.45 -5.93 1.50
N ILE J 222 10.06 -5.99 2.75
CA ILE J 222 8.90 -6.81 3.15
C ILE J 222 7.64 -6.18 2.52
N ALA J 223 7.50 -4.87 2.67
CA ALA J 223 6.28 -4.19 2.13
C ALA J 223 6.07 -4.50 0.65
N ASN J 224 7.16 -4.31 -0.06
CA ASN J 224 7.17 -4.45 -1.49
C ASN J 224 6.96 -5.87 -1.91
N TYR J 225 7.51 -6.80 -1.11
CA TYR J 225 7.25 -8.21 -1.41
C TYR J 225 5.76 -8.53 -1.29
N LEU J 226 5.15 -8.09 -0.18
CA LEU J 226 3.72 -8.36 0.06
C LEU J 226 2.86 -7.71 -1.04
N ARG J 227 3.28 -6.52 -1.44
CA ARG J 227 2.58 -5.80 -2.55
C ARG J 227 2.64 -6.59 -3.86
N SER J 228 3.73 -7.32 -4.06
CA SER J 228 3.91 -8.07 -5.31
C SER J 228 3.02 -9.27 -5.45
N LEU J 229 2.30 -9.62 -4.39
CA LEU J 229 1.51 -10.88 -4.36
C LEU J 229 0.30 -11.09 -5.29
N ASP J 230 -0.47 -10.08 -5.59
CA ASP J 230 -1.64 -10.36 -6.44
C ASP J 230 -2.69 -11.16 -5.67
N GLY K 19 -12.87 3.30 56.54
CA GLY K 19 -11.80 2.28 56.72
C GLY K 19 -12.31 1.08 57.48
N LYS K 21 -11.52 -2.58 59.72
CA LYS K 21 -10.60 -3.31 60.58
C LYS K 21 -10.55 -4.70 59.96
N ILE K 22 -9.38 -5.06 59.48
CA ILE K 22 -9.18 -6.34 58.78
C ILE K 22 -8.29 -7.15 59.63
N ALA K 23 -8.77 -8.32 60.06
CA ALA K 23 -7.93 -9.21 60.89
C ALA K 23 -7.36 -10.32 60.06
N LEU K 24 -6.11 -10.66 60.33
CA LEU K 24 -5.40 -11.75 59.71
C LEU K 24 -5.19 -12.83 60.75
N ILE K 25 -5.55 -14.05 60.38
CA ILE K 25 -5.40 -15.28 61.20
C ILE K 25 -4.76 -16.41 60.40
N ILE K 26 -3.69 -16.94 60.96
CA ILE K 26 -2.87 -18.01 60.34
C ILE K 26 -2.65 -19.16 61.31
N GLU K 27 -2.93 -20.37 60.81
CA GLU K 27 -2.77 -21.63 61.59
C GLU K 27 -1.37 -22.20 61.45
N ASN K 28 -1.12 -23.20 62.27
CA ASN K 28 0.22 -23.72 62.42
C ASN K 28 0.84 -24.33 61.18
N SER K 29 0.04 -24.93 60.31
CA SER K 29 0.61 -25.56 59.11
C SER K 29 1.30 -24.54 58.21
N GLN K 30 0.88 -23.28 58.33
CA GLN K 30 1.40 -22.21 57.45
C GLN K 30 1.97 -21.02 58.19
N ALA K 31 2.27 -21.21 59.47
CA ALA K 31 2.72 -20.13 60.35
C ALA K 31 3.93 -19.33 59.83
N ALA K 32 4.93 -20.04 59.29
CA ALA K 32 6.16 -19.39 58.78
C ALA K 32 5.82 -18.39 57.69
N LYS K 33 4.62 -18.52 57.13
CA LYS K 33 4.22 -17.64 56.05
C LYS K 33 3.45 -16.38 56.52
N ASN K 34 3.20 -16.28 57.82
CA ASN K 34 2.41 -15.15 58.33
C ASN K 34 3.05 -13.82 57.95
N ALA K 35 4.36 -13.78 58.03
CA ALA K 35 5.07 -12.52 57.75
C ALA K 35 4.81 -12.03 56.35
N VAL K 36 4.93 -12.94 55.40
CA VAL K 36 4.75 -12.62 53.99
C VAL K 36 3.36 -12.14 53.69
N VAL K 37 2.39 -12.83 54.29
CA VAL K 37 0.99 -12.55 54.04
C VAL K 37 0.63 -11.22 54.66
N HIS K 38 1.15 -11.01 55.86
CA HIS K 38 0.93 -9.76 56.61
C HIS K 38 1.45 -8.56 55.81
N GLU K 39 2.59 -8.75 55.16
CA GLU K 39 3.21 -7.66 54.37
C GLU K 39 2.39 -7.35 53.14
N ALA K 40 1.92 -8.38 52.47
CA ALA K 40 1.09 -8.14 51.29
C ALA K 40 -0.15 -7.41 51.68
N LEU K 41 -0.73 -7.80 52.81
CA LEU K 41 -2.01 -7.21 53.26
C LEU K 41 -1.90 -5.72 53.65
N THR K 42 -0.88 -5.42 54.42
CA THR K 42 -0.67 -4.02 54.89
C THR K 42 -0.32 -3.11 53.72
N THR K 43 0.41 -3.70 52.78
CA THR K 43 0.91 -2.99 51.62
C THR K 43 -0.24 -2.48 50.83
N VAL K 44 -1.27 -3.29 50.75
CA VAL K 44 -2.41 -2.91 49.95
C VAL K 44 -3.50 -2.18 50.74
N ALA K 45 -3.77 -2.65 51.94
CA ALA K 45 -4.92 -2.14 52.73
C ALA K 45 -4.68 -0.80 53.39
N GLU K 46 -3.47 -0.59 53.87
CA GLU K 46 -3.14 0.65 54.60
C GLU K 46 -3.29 1.91 53.75
N PRO K 47 -2.77 1.89 52.53
CA PRO K 47 -2.91 3.04 51.69
C PRO K 47 -4.33 3.30 51.30
N LEU K 48 -5.19 2.31 51.53
CA LEU K 48 -6.61 2.41 51.17
C LEU K 48 -7.44 2.94 52.34
N GLY K 49 -6.77 3.09 53.47
CA GLY K 49 -7.41 3.64 54.65
C GLY K 49 -7.87 2.63 55.68
N HIS K 50 -7.51 1.39 55.47
CA HIS K 50 -7.93 0.37 56.40
C HIS K 50 -6.91 0.10 57.41
N LYS K 51 -7.31 -0.61 58.44
CA LYS K 51 -6.45 -0.99 59.55
C LYS K 51 -6.32 -2.49 59.61
N VAL K 52 -5.09 -2.97 59.74
CA VAL K 52 -4.77 -4.40 59.73
C VAL K 52 -4.28 -4.88 61.07
N PHE K 53 -4.95 -5.92 61.57
CA PHE K 53 -4.68 -6.54 62.84
C PHE K 53 -4.22 -7.94 62.65
N ASN K 54 -2.96 -8.16 62.99
CA ASN K 54 -2.35 -9.48 62.89
C ASN K 54 -2.50 -10.29 64.18
N TYR K 55 -3.48 -11.20 64.14
CA TYR K 55 -3.79 -12.06 65.29
C TYR K 55 -2.90 -13.28 65.32
N GLY K 56 -1.93 -13.29 64.43
CA GLY K 56 -0.96 -14.43 64.37
C GLY K 56 -1.60 -15.65 63.73
N TYR K 58 2.46 -15.91 64.38
CA TYR K 58 3.53 -15.04 63.87
C TYR K 58 4.73 -15.85 63.39
N THR K 59 4.91 -16.95 64.08
CA THR K 59 5.94 -17.90 63.73
C THR K 59 5.48 -19.29 64.06
N ALA K 60 6.23 -20.25 63.55
CA ALA K 60 5.83 -21.62 63.69
C ALA K 60 6.23 -22.10 65.07
N GLU K 61 6.89 -21.20 65.78
CA GLU K 61 7.41 -21.52 67.13
C GLU K 61 6.55 -20.94 68.25
N ASP K 62 5.49 -20.23 67.86
CA ASP K 62 4.54 -19.64 68.83
C ASP K 62 4.07 -20.67 69.84
N LYS K 63 4.00 -20.28 71.11
CA LYS K 63 3.52 -21.19 72.17
C LYS K 63 2.04 -21.36 71.99
N ALA K 64 1.43 -20.25 71.65
CA ALA K 64 0.00 -20.17 71.38
C ALA K 64 -0.27 -20.59 69.94
N SER K 65 -0.28 -21.90 69.74
CA SER K 65 -0.55 -22.51 68.43
C SER K 65 -2.03 -22.67 68.09
N LEU K 66 -2.34 -22.33 66.84
CA LEU K 66 -3.68 -22.41 66.28
C LEU K 66 -3.85 -23.52 65.22
N THR K 67 -5.05 -24.06 65.16
CA THR K 67 -5.45 -25.03 64.15
C THR K 67 -6.49 -24.33 63.29
N TYR K 68 -6.78 -24.88 62.11
CA TYR K 68 -7.77 -24.21 61.22
C TYR K 68 -9.17 -24.11 61.84
N VAL K 69 -9.40 -24.97 62.82
CA VAL K 69 -10.68 -25.01 63.50
C VAL K 69 -10.73 -23.79 64.41
N ASN K 71 -9.10 -21.15 63.83
CA ASN K 71 -9.13 -20.01 62.92
C ASN K 71 -10.56 -19.59 62.71
N GLY K 72 -11.41 -20.58 62.55
CA GLY K 72 -12.83 -20.30 62.26
C GLY K 72 -13.54 -19.71 63.47
N LEU K 73 -13.23 -20.27 64.62
CA LEU K 73 -13.84 -19.88 65.90
C LEU K 73 -13.46 -18.44 66.22
N LEU K 74 -12.17 -18.13 66.04
CA LEU K 74 -11.64 -16.78 66.24
C LEU K 74 -12.28 -15.80 65.26
N ALA K 75 -12.42 -16.20 64.00
CA ALA K 75 -13.11 -15.36 63.02
C ALA K 75 -14.49 -15.02 63.53
N GLY K 76 -15.12 -16.01 64.13
CA GLY K 76 -16.48 -15.85 64.66
C GLY K 76 -16.52 -14.81 65.77
N ILE K 77 -15.58 -14.94 66.69
CA ILE K 77 -15.48 -13.98 67.81
C ILE K 77 -15.25 -12.56 67.26
N LEU K 78 -14.29 -12.43 66.36
CA LEU K 78 -13.90 -11.10 65.85
C LEU K 78 -15.02 -10.41 65.09
N LEU K 79 -15.64 -11.15 64.19
CA LEU K 79 -16.68 -10.57 63.33
C LEU K 79 -17.97 -10.29 64.11
N ASN K 80 -18.33 -11.19 64.99
CA ASN K 80 -19.61 -11.02 65.76
C ASN K 80 -19.51 -9.93 66.82
N SER K 81 -18.29 -9.71 67.27
CA SER K 81 -17.99 -8.77 68.37
C SER K 81 -17.76 -7.37 67.86
N GLY K 82 -17.42 -7.32 66.57
CA GLY K 82 -17.15 -6.07 65.87
C GLY K 82 -15.71 -5.63 66.01
N ALA K 83 -14.90 -6.49 66.60
CA ALA K 83 -13.48 -6.25 66.78
C ALA K 83 -12.80 -6.23 65.40
N ALA K 84 -13.48 -6.82 64.43
CA ALA K 84 -13.06 -6.83 63.00
C ALA K 84 -14.24 -6.68 62.09
N ASP K 85 -14.01 -6.07 60.95
CA ASP K 85 -15.04 -5.91 59.94
C ASP K 85 -14.88 -7.01 58.86
N PHE K 86 -13.67 -7.54 58.77
CA PHE K 86 -13.33 -8.52 57.72
C PHE K 86 -12.19 -9.35 58.22
N VAL K 87 -12.20 -10.64 57.89
CA VAL K 87 -11.15 -11.53 58.30
C VAL K 87 -10.53 -12.17 57.06
N VAL K 88 -9.21 -12.22 57.09
CA VAL K 88 -8.41 -12.83 56.03
C VAL K 88 -7.74 -13.99 56.71
N THR K 89 -8.04 -15.19 56.26
CA THR K 89 -7.44 -16.38 56.87
C THR K 89 -7.08 -17.41 55.81
N GLY K 90 -6.76 -18.61 56.28
CA GLY K 90 -6.45 -19.70 55.34
C GLY K 90 -5.67 -20.81 55.95
N GLY K 92 -3.30 -24.61 54.28
CA GLY K 92 -2.62 -25.17 53.14
C GLY K 92 -3.41 -25.04 51.85
N THR K 93 -4.67 -25.41 51.89
CA THR K 93 -5.53 -25.27 50.74
C THR K 93 -6.56 -24.20 50.96
N GLY K 94 -6.82 -23.83 52.22
CA GLY K 94 -7.84 -22.85 52.53
C GLY K 94 -9.17 -23.49 52.89
N GLY K 96 -10.07 -26.00 55.10
CA GLY K 96 -10.39 -26.20 56.49
C GLY K 96 -10.86 -24.91 57.19
N SER K 97 -10.15 -23.82 56.94
CA SER K 97 -10.47 -22.54 57.58
C SER K 97 -11.82 -22.06 57.12
N LEU K 99 -14.31 -24.00 56.10
CA LEU K 99 -15.32 -24.88 56.71
C LEU K 99 -15.58 -24.43 58.16
N ALA K 100 -14.50 -24.10 58.88
CA ALA K 100 -14.61 -23.73 60.28
C ALA K 100 -15.26 -22.37 60.41
N ALA K 101 -14.83 -21.47 59.55
CA ALA K 101 -15.36 -20.11 59.57
C ALA K 101 -16.88 -20.06 59.26
N ASN K 102 -17.27 -20.79 58.22
CA ASN K 102 -18.69 -20.82 57.81
C ASN K 102 -19.61 -21.60 58.77
N ALA K 103 -19.00 -22.21 59.77
CA ALA K 103 -19.73 -22.98 60.80
C ALA K 103 -20.27 -22.00 61.84
N PRO K 105 -21.96 -18.45 63.31
CA PRO K 105 -22.96 -17.47 62.93
C PRO K 105 -22.42 -16.14 62.44
N GLY K 106 -23.13 -15.61 61.46
CA GLY K 106 -22.84 -14.28 60.92
C GLY K 106 -21.53 -14.17 60.19
N VAL K 107 -20.94 -15.32 59.88
CA VAL K 107 -19.68 -15.32 59.12
C VAL K 107 -19.97 -15.93 57.75
N PHE K 108 -19.61 -15.19 56.69
CA PHE K 108 -19.71 -15.60 55.32
C PHE K 108 -18.31 -15.51 54.70
N CYS K 109 -17.68 -16.67 54.67
CA CYS K 109 -16.30 -16.81 54.22
C CYS K 109 -16.13 -17.49 52.90
N GLY K 110 -15.46 -16.80 52.02
CA GLY K 110 -15.15 -17.33 50.72
C GLY K 110 -13.79 -18.01 50.65
N LEU K 111 -13.70 -18.90 49.67
CA LEU K 111 -12.44 -19.49 49.30
C LEU K 111 -12.11 -18.74 48.02
N VAL K 112 -11.04 -17.97 48.07
CA VAL K 112 -10.63 -17.12 46.96
C VAL K 112 -9.26 -17.52 46.50
N ILE K 113 -9.18 -17.70 45.19
CA ILE K 113 -7.95 -18.06 44.55
C ILE K 113 -7.28 -16.97 43.70
N ASP K 114 -8.01 -16.46 42.74
CA ASP K 114 -7.51 -15.40 41.81
C ASP K 114 -8.30 -14.09 41.91
N PRO K 115 -7.80 -13.03 41.25
CA PRO K 115 -8.37 -11.72 41.41
C PRO K 115 -9.79 -11.62 40.92
N THR K 116 -10.16 -12.46 39.96
CA THR K 116 -11.52 -12.43 39.45
C THR K 116 -12.43 -13.06 40.48
N ASP K 117 -11.94 -14.12 41.14
CA ASP K 117 -12.75 -14.74 42.24
C ASP K 117 -13.03 -13.72 43.33
N ALA K 118 -12.02 -12.90 43.58
CA ALA K 118 -12.05 -11.90 44.64
C ALA K 118 -13.09 -10.84 44.35
N PHE K 119 -13.02 -10.40 43.10
CA PHE K 119 -13.98 -9.39 42.55
C PHE K 119 -15.41 -9.86 42.60
N LEU K 120 -15.60 -11.07 42.09
CA LEU K 120 -16.94 -11.66 42.07
C LEU K 120 -17.45 -11.88 43.48
N PHE K 121 -16.59 -12.34 44.39
CA PHE K 121 -17.01 -12.55 45.78
C PHE K 121 -17.53 -11.23 46.34
N GLY K 122 -16.76 -10.19 46.18
CA GLY K 122 -17.13 -8.93 46.83
C GLY K 122 -18.42 -8.36 46.25
N GLN K 123 -18.63 -8.65 44.98
CA GLN K 123 -19.78 -8.06 44.25
C GLN K 123 -21.05 -8.92 44.25
N ILE K 124 -20.85 -10.22 44.31
CA ILE K 124 -21.97 -11.14 44.30
C ILE K 124 -22.36 -11.60 45.71
N ASN K 125 -21.36 -11.94 46.51
CA ASN K 125 -21.62 -12.50 47.84
C ASN K 125 -21.51 -11.52 49.00
N ASP K 126 -20.65 -10.54 48.79
CA ASP K 126 -20.37 -9.51 49.76
C ASP K 126 -20.11 -10.08 51.15
N GLY K 127 -19.27 -11.09 51.18
CA GLY K 127 -18.97 -11.76 52.44
C GLY K 127 -18.11 -10.93 53.35
N ASN K 128 -17.78 -11.47 54.51
CA ASN K 128 -16.97 -10.74 55.47
C ASN K 128 -15.71 -11.46 55.87
N ALA K 129 -15.40 -12.52 55.14
CA ALA K 129 -14.14 -13.23 55.38
C ALA K 129 -13.72 -13.96 54.10
N ILE K 130 -12.41 -14.17 54.01
CA ILE K 130 -11.85 -14.96 52.96
C ILE K 130 -10.86 -15.93 53.54
N SER K 131 -10.78 -17.06 52.88
CA SER K 131 -9.77 -18.07 53.21
C SER K 131 -9.02 -18.36 51.92
N PRO K 133 -5.41 -20.38 49.95
CA PRO K 133 -4.36 -21.41 50.09
C PRO K 133 -3.00 -20.81 50.18
N TYR K 134 -2.25 -21.26 51.16
CA TYR K 134 -0.88 -20.74 51.39
C TYR K 134 0.17 -21.80 51.08
N SER K 135 -0.27 -22.99 50.63
CA SER K 135 0.70 -24.04 50.17
C SER K 135 0.37 -24.50 48.80
N LYS K 136 -0.77 -25.10 48.70
CA LYS K 136 -1.28 -25.49 47.38
C LYS K 136 -1.30 -24.32 46.40
N GLY K 137 -0.46 -24.44 45.38
CA GLY K 137 -0.36 -23.38 44.38
C GLY K 137 0.43 -22.17 44.86
N PHE K 138 0.92 -22.24 46.07
CA PHE K 138 1.66 -21.11 46.63
C PHE K 138 3.16 -21.30 46.46
N GLY K 139 3.64 -20.86 45.30
CA GLY K 139 5.06 -20.87 44.99
C GLY K 139 5.54 -19.47 44.68
N TRP K 140 6.42 -19.36 43.68
CA TRP K 140 6.92 -18.07 43.19
C TRP K 140 5.89 -17.08 42.87
N ALA K 141 6.14 -15.87 43.37
CA ALA K 141 5.30 -14.71 43.11
C ALA K 141 3.90 -14.82 43.64
N ALA K 142 3.65 -15.85 44.43
CA ALA K 142 2.29 -16.04 45.00
C ALA K 142 1.91 -14.82 45.85
N GLU K 143 2.93 -14.17 46.41
CA GLU K 143 2.66 -13.00 47.25
C GLU K 143 2.11 -11.86 46.40
N LEU K 144 2.42 -11.91 45.12
CA LEU K 144 1.97 -10.87 44.18
C LEU K 144 0.47 -11.07 43.88
N ASN K 145 0.07 -12.34 43.75
CA ASN K 145 -1.34 -12.64 43.56
C ASN K 145 -2.18 -12.18 44.79
N LEU K 146 -1.66 -12.42 45.99
CA LEU K 146 -2.30 -11.95 47.25
C LEU K 146 -2.64 -10.48 47.16
N GLN K 147 -1.68 -9.69 46.71
CA GLN K 147 -1.86 -8.25 46.61
C GLN K 147 -2.94 -7.93 45.58
N ASP K 148 -2.88 -8.59 44.45
CA ASP K 148 -3.87 -8.39 43.41
C ASP K 148 -5.25 -8.69 43.96
N VAL K 149 -5.32 -9.73 44.76
CA VAL K 149 -6.63 -10.14 45.32
C VAL K 149 -7.15 -9.07 46.27
N TYR K 150 -6.27 -8.56 47.10
CA TYR K 150 -6.68 -7.55 48.11
C TYR K 150 -7.17 -6.27 47.46
N ARG K 151 -6.60 -5.97 46.30
CA ARG K 151 -6.98 -4.76 45.59
CA ARG K 151 -7.00 -4.75 45.60
C ARG K 151 -8.41 -4.87 45.10
N LYS K 152 -8.83 -6.08 44.80
CA LYS K 152 -10.19 -6.29 44.30
C LYS K 152 -11.18 -6.30 45.43
N LEU K 153 -10.70 -6.64 46.61
CA LEU K 153 -11.56 -6.76 47.79
C LEU K 153 -11.71 -5.48 48.60
N PHE K 154 -10.64 -4.72 48.68
CA PHE K 154 -10.60 -3.68 49.69
C PHE K 154 -10.63 -2.28 49.14
N ASP K 155 -10.94 -2.23 47.86
CA ASP K 155 -11.08 -0.96 47.14
C ASP K 155 -12.34 -0.99 46.30
N GLY K 156 -13.22 -0.03 46.54
CA GLY K 156 -14.46 0.02 45.79
C GLY K 156 -15.67 -0.48 46.53
N GLU K 157 -16.81 -0.24 45.92
CA GLU K 157 -18.11 -0.65 46.47
C GLU K 157 -18.39 -2.10 46.23
N ARG K 158 -18.94 -2.69 47.28
CA ARG K 158 -19.27 -4.11 47.30
CA ARG K 158 -19.27 -4.10 47.23
C ARG K 158 -20.75 -4.37 47.04
N GLY K 159 -21.02 -5.62 46.74
CA GLY K 159 -22.37 -6.12 46.49
C GLY K 159 -23.15 -5.56 45.32
N LEU K 160 -22.44 -4.99 44.35
CA LEU K 160 -23.08 -4.36 43.18
C LEU K 160 -23.48 -5.37 42.11
N GLY K 161 -23.04 -6.59 42.29
CA GLY K 161 -23.38 -7.71 41.38
C GLY K 161 -22.70 -7.87 40.03
N TYR K 162 -22.64 -9.11 39.59
CA TYR K 162 -22.10 -9.49 38.27
C TYR K 162 -22.57 -10.90 37.85
N PRO K 163 -23.15 -11.04 36.64
CA PRO K 163 -23.39 -9.98 35.68
C PRO K 163 -24.43 -9.01 36.21
N ARG K 164 -24.27 -7.77 35.79
CA ARG K 164 -25.12 -6.67 36.25
C ARG K 164 -26.62 -7.01 36.16
N GLU K 165 -26.95 -7.80 35.15
CA GLU K 165 -28.35 -8.18 34.90
C GLU K 165 -28.91 -9.07 36.00
N ARG K 166 -28.03 -9.65 36.81
CA ARG K 166 -28.48 -10.52 37.90
C ARG K 166 -28.34 -9.82 39.23
N ALA K 167 -27.99 -8.55 39.15
CA ALA K 167 -27.66 -7.71 40.32
C ALA K 167 -28.72 -7.68 41.43
N GLU K 168 -29.98 -7.52 41.03
CA GLU K 168 -31.08 -7.36 42.00
C GLU K 168 -31.47 -8.70 42.64
N ILE K 169 -31.43 -9.75 41.84
CA ILE K 169 -31.71 -11.07 42.35
C ILE K 169 -30.61 -11.38 43.34
N ARG K 171 -28.89 -9.35 45.30
CA ARG K 171 -28.98 -8.66 46.59
C ARG K 171 -30.06 -9.29 47.44
N LYS K 172 -31.13 -9.66 46.78
CA LYS K 172 -32.24 -10.27 47.44
C LYS K 172 -31.78 -11.62 48.03
N ASN K 173 -31.02 -12.36 47.25
CA ASN K 173 -30.59 -13.67 47.70
C ASN K 173 -29.62 -13.62 48.86
N ARG K 174 -28.80 -12.57 49.00
CA ARG K 174 -27.86 -12.52 50.13
C ARG K 174 -28.69 -12.33 51.38
N GLY K 175 -29.82 -11.64 51.25
CA GLY K 175 -30.67 -11.37 52.43
C GLY K 175 -31.34 -12.65 52.91
N ILE K 176 -31.87 -13.36 51.94
CA ILE K 176 -32.57 -14.63 52.14
C ILE K 176 -31.57 -15.59 52.78
N LEU K 177 -30.34 -15.59 52.27
CA LEU K 177 -29.27 -16.46 52.84
C LEU K 177 -28.97 -16.09 54.32
N ARG K 178 -28.97 -14.80 54.61
CA ARG K 178 -28.69 -14.35 55.99
C ARG K 178 -29.78 -14.85 56.93
N GLU K 179 -31.00 -14.84 56.45
CA GLU K 179 -32.14 -15.29 57.26
C GLU K 179 -32.06 -16.80 57.46
N LEU K 180 -31.63 -17.48 56.41
CA LEU K 180 -31.50 -18.94 56.46
C LEU K 180 -30.51 -19.29 57.54
N LYS K 181 -29.35 -18.66 57.45
CA LYS K 181 -28.27 -18.91 58.40
C LYS K 181 -28.66 -18.47 59.82
N ASP K 182 -29.51 -17.43 59.92
CA ASP K 182 -29.95 -16.99 61.26
C ASP K 182 -30.78 -18.08 61.96
N ALA K 183 -31.51 -18.84 61.17
CA ALA K 183 -32.36 -19.91 61.63
C ALA K 183 -31.53 -21.11 62.03
N SER K 184 -30.42 -21.33 61.34
CA SER K 184 -29.61 -22.53 61.62
C SER K 184 -28.55 -22.36 62.71
N CYS K 185 -27.91 -21.20 62.73
CA CYS K 185 -26.85 -20.96 63.70
C CYS K 185 -27.33 -20.21 64.93
N ARG K 186 -26.82 -20.68 66.06
CA ARG K 186 -27.07 -20.07 67.38
C ARG K 186 -26.23 -18.82 67.49
N ASP K 187 -26.68 -17.87 68.30
CA ASP K 187 -25.93 -16.62 68.45
C ASP K 187 -24.54 -16.93 68.97
N LEU K 189 -22.65 -15.77 71.32
CA LEU K 189 -22.39 -15.87 72.78
C LEU K 189 -22.69 -17.29 73.25
N THR K 190 -23.81 -17.80 72.76
CA THR K 190 -24.27 -19.17 73.04
C THR K 190 -23.21 -20.14 72.58
N VAL K 191 -22.71 -19.89 71.38
CA VAL K 191 -21.66 -20.76 70.83
C VAL K 191 -20.44 -20.72 71.75
N LEU K 192 -20.07 -19.53 72.19
CA LEU K 192 -18.90 -19.40 73.04
C LEU K 192 -19.06 -20.21 74.33
N LYS K 193 -20.26 -20.22 74.86
CA LYS K 193 -20.52 -20.89 76.13
C LYS K 193 -20.61 -22.42 76.01
N THR K 194 -21.00 -22.86 74.80
CA THR K 194 -21.28 -24.29 74.53
C THR K 194 -20.19 -25.09 73.81
N VAL K 195 -19.20 -24.37 73.31
CA VAL K 195 -18.05 -24.98 72.61
C VAL K 195 -17.10 -25.58 73.61
N ASP K 196 -16.28 -26.52 73.14
CA ASP K 196 -15.22 -27.09 73.98
C ASP K 196 -14.47 -25.89 74.48
N GLN K 197 -14.42 -25.72 75.78
CA GLN K 197 -13.79 -24.51 76.37
C GLN K 197 -12.28 -24.52 76.26
N ASP K 198 -11.68 -25.69 76.05
CA ASP K 198 -10.21 -25.71 75.92
C ASP K 198 -9.84 -25.14 74.56
N LEU K 199 -10.68 -25.48 73.60
CA LEU K 199 -10.56 -25.03 72.23
C LEU K 199 -10.69 -23.52 72.20
N LEU K 200 -11.67 -23.03 72.94
CA LEU K 200 -11.93 -21.61 72.96
C LEU K 200 -10.71 -20.91 73.53
N ARG K 201 -10.20 -21.44 74.63
CA ARG K 201 -9.06 -20.80 75.29
C ARG K 201 -7.84 -20.75 74.40
N ALA K 202 -7.64 -21.82 73.63
CA ALA K 202 -6.45 -21.92 72.78
C ALA K 202 -6.63 -20.97 71.61
N ALA K 203 -7.88 -20.77 71.22
CA ALA K 203 -8.17 -19.90 70.07
C ALA K 203 -7.81 -18.45 70.38
N ILE K 204 -7.92 -18.08 71.67
CA ILE K 204 -7.62 -16.69 72.08
C ILE K 204 -6.35 -16.58 72.92
N ALA K 205 -5.56 -17.64 72.93
CA ALA K 205 -4.34 -17.69 73.77
C ALA K 205 -3.16 -16.89 73.20
N GLY K 206 -3.40 -16.25 72.06
CA GLY K 206 -2.36 -15.45 71.38
C GLY K 206 -1.82 -14.35 72.25
N GLU K 207 -0.51 -14.13 72.16
CA GLU K 207 0.16 -13.10 72.99
C GLU K 207 -0.37 -11.69 72.80
N LYS K 208 -0.83 -11.37 71.61
CA LYS K 208 -1.34 -10.03 71.30
C LYS K 208 -2.87 -9.95 71.27
N PHE K 209 -3.53 -11.05 71.55
CA PHE K 209 -5.01 -11.08 71.48
C PHE K 209 -5.66 -9.97 72.30
N ALA K 210 -5.36 -10.01 73.58
CA ALA K 210 -5.98 -9.06 74.54
C ALA K 210 -5.89 -7.66 74.03
N GLU K 211 -4.69 -7.36 73.60
CA GLU K 211 -4.28 -6.02 73.11
C GLU K 211 -4.98 -5.54 71.87
N LEU K 212 -5.34 -6.48 71.02
CA LEU K 212 -5.94 -6.17 69.73
C LEU K 212 -7.44 -6.18 69.79
N PHE K 213 -7.93 -7.14 70.58
CA PHE K 213 -9.36 -7.42 70.71
C PHE K 213 -10.15 -6.47 71.59
N TYR K 214 -9.81 -6.52 72.87
CA TYR K 214 -10.59 -5.78 73.88
C TYR K 214 -10.80 -4.32 73.54
N PRO K 215 -9.80 -3.65 72.98
CA PRO K 215 -10.10 -2.24 72.71
C PRO K 215 -11.03 -2.03 71.56
N ASN K 216 -11.26 -3.10 70.79
CA ASN K 216 -12.04 -2.97 69.56
C ASN K 216 -13.35 -3.69 69.60
N CYS K 217 -13.50 -4.49 70.62
CA CYS K 217 -14.73 -5.26 70.82
C CYS K 217 -15.88 -4.33 71.13
N LYS K 218 -16.97 -4.50 70.39
CA LYS K 218 -18.17 -3.71 70.57
C LYS K 218 -19.24 -4.45 71.38
N ASP K 219 -19.10 -5.77 71.53
CA ASP K 219 -20.12 -6.57 72.26
C ASP K 219 -19.60 -6.89 73.65
N ASP K 220 -20.11 -6.17 74.65
CA ASP K 220 -19.60 -6.29 76.03
C ASP K 220 -19.79 -7.67 76.60
N ALA K 221 -20.88 -8.30 76.17
CA ALA K 221 -21.26 -9.66 76.63
C ALA K 221 -20.21 -10.67 76.22
N ILE K 222 -19.73 -10.52 75.00
CA ILE K 222 -18.65 -11.40 74.50
C ILE K 222 -17.34 -11.11 75.25
N ALA K 223 -17.03 -9.83 75.40
CA ALA K 223 -15.79 -9.46 76.11
C ALA K 223 -15.77 -9.98 77.55
N ASN K 224 -16.91 -9.89 78.23
CA ASN K 224 -16.99 -10.30 79.64
C ASN K 224 -16.78 -11.76 79.77
N TYR K 225 -17.40 -12.46 78.85
CA TYR K 225 -17.33 -13.91 78.86
C TYR K 225 -15.93 -14.37 78.62
N LEU K 226 -15.25 -13.70 77.70
CA LEU K 226 -13.88 -14.11 77.35
C LEU K 226 -12.90 -13.85 78.50
N ARG K 227 -13.11 -12.73 79.18
CA ARG K 227 -12.23 -12.38 80.32
C ARG K 227 -12.51 -13.29 81.49
N SER K 228 -13.72 -13.85 81.49
CA SER K 228 -14.17 -14.73 82.59
C SER K 228 -13.44 -16.06 82.57
N LEU K 229 -12.78 -16.34 81.46
CA LEU K 229 -12.07 -17.60 81.29
C LEU K 229 -10.69 -17.49 81.99
N ASP K 230 -10.29 -16.26 82.25
CA ASP K 230 -8.97 -16.01 82.86
C ASP K 230 -8.87 -16.72 84.19
N GLY L 19 -22.36 -48.70 47.25
CA GLY L 19 -21.72 -47.41 46.81
C GLY L 19 -22.34 -46.29 47.61
N LYS L 21 -24.97 -42.72 47.51
CA LYS L 21 -26.11 -42.10 46.86
C LYS L 21 -25.61 -40.66 46.71
N ILE L 22 -25.41 -40.26 45.46
CA ILE L 22 -24.86 -38.92 45.15
C ILE L 22 -25.97 -38.14 44.50
N ALA L 23 -26.32 -37.01 45.13
CA ALA L 23 -27.37 -36.12 44.61
C ALA L 23 -26.78 -34.92 43.91
N LEU L 24 -27.44 -34.53 42.85
CA LEU L 24 -27.09 -33.35 42.06
C LEU L 24 -28.23 -32.33 42.19
N ILE L 25 -27.79 -31.09 42.42
CA ILE L 25 -28.67 -29.92 42.57
C ILE L 25 -28.10 -28.72 41.85
N ILE L 26 -28.88 -28.17 40.97
CA ILE L 26 -28.49 -27.03 40.14
C ILE L 26 -29.54 -25.94 40.19
N GLU L 27 -29.09 -24.71 40.39
CA GLU L 27 -30.02 -23.56 40.45
C GLU L 27 -30.23 -22.93 39.11
N ASN L 28 -31.06 -21.91 39.15
CA ASN L 28 -31.63 -21.36 37.93
C ASN L 28 -30.64 -20.71 37.00
N SER L 29 -29.62 -20.05 37.54
CA SER L 29 -28.66 -19.39 36.62
C SER L 29 -27.89 -20.39 35.73
N GLN L 30 -27.76 -21.63 36.17
CA GLN L 30 -26.99 -22.64 35.41
C GLN L 30 -27.81 -23.85 35.00
N ALA L 31 -29.14 -23.71 35.01
CA ALA L 31 -30.07 -24.80 34.73
C ALA L 31 -29.88 -25.47 33.38
N ALA L 32 -29.51 -24.67 32.41
CA ALA L 32 -29.34 -25.16 31.03
C ALA L 32 -28.14 -26.10 30.96
N LYS L 33 -27.32 -26.07 32.00
CA LYS L 33 -26.14 -26.96 32.09
C LYS L 33 -26.33 -28.25 32.89
N ASN L 34 -27.52 -28.47 33.45
CA ASN L 34 -27.77 -29.63 34.28
C ASN L 34 -27.49 -30.99 33.58
N ALA L 35 -27.90 -31.06 32.33
CA ALA L 35 -27.79 -32.31 31.55
C ALA L 35 -26.33 -32.67 31.37
N VAL L 36 -25.53 -31.65 31.07
CA VAL L 36 -24.08 -31.82 30.88
C VAL L 36 -23.37 -32.24 32.16
N VAL L 37 -23.76 -31.63 33.28
CA VAL L 37 -23.14 -31.99 34.57
C VAL L 37 -23.57 -33.38 35.00
N HIS L 38 -24.84 -33.66 34.73
CA HIS L 38 -25.46 -34.96 35.09
C HIS L 38 -24.82 -36.09 34.28
N GLU L 39 -24.59 -35.77 33.01
CA GLU L 39 -23.91 -36.68 32.08
C GLU L 39 -22.50 -37.02 32.63
N ALA L 40 -21.74 -35.96 32.91
CA ALA L 40 -20.38 -36.15 33.46
C ALA L 40 -20.39 -36.97 34.74
N LEU L 41 -21.39 -36.69 35.57
CA LEU L 41 -21.48 -37.30 36.87
C LEU L 41 -21.78 -38.80 36.79
N THR L 42 -22.77 -39.15 35.98
CA THR L 42 -23.15 -40.56 35.86
C THR L 42 -22.05 -41.36 35.14
N THR L 43 -21.44 -40.72 34.16
CA THR L 43 -20.38 -41.39 33.39
C THR L 43 -19.27 -41.86 34.32
N VAL L 44 -18.96 -41.07 35.34
CA VAL L 44 -17.91 -41.45 36.26
C VAL L 44 -18.43 -42.27 37.44
N ALA L 45 -19.58 -41.86 37.97
CA ALA L 45 -20.10 -42.48 39.20
C ALA L 45 -20.68 -43.88 39.06
N GLU L 46 -21.51 -44.05 38.07
CA GLU L 46 -22.21 -45.32 37.90
C GLU L 46 -21.27 -46.52 37.78
N PRO L 47 -20.22 -46.39 36.97
CA PRO L 47 -19.35 -47.56 36.84
C PRO L 47 -18.67 -47.88 38.15
N LEU L 48 -18.62 -46.91 39.04
CA LEU L 48 -17.94 -47.12 40.32
C LEU L 48 -18.92 -47.74 41.29
N GLY L 49 -20.17 -47.82 40.84
CA GLY L 49 -21.21 -48.46 41.64
C GLY L 49 -21.97 -47.52 42.56
N HIS L 50 -21.99 -46.28 42.14
CA HIS L 50 -22.72 -45.28 42.90
C HIS L 50 -24.00 -45.01 42.17
N LYS L 51 -24.96 -44.47 42.92
CA LYS L 51 -26.27 -44.10 42.36
C LYS L 51 -26.37 -42.60 42.32
N VAL L 52 -26.79 -42.07 41.19
CA VAL L 52 -26.87 -40.63 41.00
C VAL L 52 -28.30 -40.22 40.91
N PHE L 53 -28.65 -39.29 41.78
CA PHE L 53 -29.99 -38.73 41.91
C PHE L 53 -29.95 -37.28 41.48
N ASN L 54 -30.64 -37.00 40.37
CA ASN L 54 -30.69 -35.66 39.79
C ASN L 54 -31.98 -34.96 40.23
N TYR L 55 -31.79 -33.98 41.12
CA TYR L 55 -32.90 -33.27 41.77
C TYR L 55 -33.25 -32.02 41.00
N GLY L 56 -32.57 -31.87 39.88
CA GLY L 56 -32.72 -30.73 39.01
C GLY L 56 -32.03 -29.51 39.57
N TYR L 58 -33.69 -29.15 35.84
CA TYR L 58 -33.40 -29.94 34.64
C TYR L 58 -33.24 -29.07 33.42
N THR L 59 -33.97 -27.96 33.42
CA THR L 59 -33.95 -26.97 32.35
C THR L 59 -34.26 -25.60 32.89
N ALA L 60 -33.97 -24.61 32.07
CA ALA L 60 -34.18 -23.22 32.47
C ALA L 60 -35.70 -22.93 32.64
N GLU L 61 -36.50 -23.84 32.09
CA GLU L 61 -37.96 -23.65 32.02
C GLU L 61 -38.74 -24.43 33.06
N ASP L 62 -38.02 -25.05 33.96
CA ASP L 62 -38.66 -25.81 35.03
C ASP L 62 -39.60 -24.88 35.75
N LYS L 63 -40.81 -25.35 36.04
CA LYS L 63 -41.77 -24.51 36.76
C LYS L 63 -41.22 -24.32 38.18
N ALA L 64 -40.66 -25.38 38.74
CA ALA L 64 -40.10 -25.27 40.10
C ALA L 64 -38.66 -24.78 40.01
N SER L 65 -38.49 -23.48 40.19
CA SER L 65 -37.20 -22.82 40.10
C SER L 65 -36.45 -22.80 41.44
N LEU L 66 -35.14 -22.97 41.33
CA LEU L 66 -34.28 -23.03 42.50
C LEU L 66 -33.26 -21.93 42.47
N THR L 67 -33.00 -21.36 43.66
CA THR L 67 -31.90 -20.42 43.87
C THR L 67 -30.80 -21.17 44.60
N TYR L 68 -29.63 -20.55 44.66
CA TYR L 68 -28.48 -21.16 45.34
C TYR L 68 -28.72 -21.33 46.82
N VAL L 69 -29.61 -20.49 47.35
CA VAL L 69 -29.94 -20.58 48.76
C VAL L 69 -30.74 -21.86 48.96
N ASN L 71 -30.44 -24.35 47.19
CA ASN L 71 -29.52 -25.49 46.92
C ASN L 71 -28.92 -26.00 48.22
N GLY L 72 -28.57 -25.05 49.09
CA GLY L 72 -27.99 -25.35 50.38
C GLY L 72 -29.00 -26.00 51.31
N LEU L 73 -30.21 -25.46 51.32
CA LEU L 73 -31.26 -26.00 52.16
C LEU L 73 -31.55 -27.41 51.77
N LEU L 74 -31.69 -27.62 50.47
CA LEU L 74 -31.98 -28.95 49.95
C LEU L 74 -30.81 -29.88 50.30
N ALA L 75 -29.60 -29.42 50.09
CA ALA L 75 -28.43 -30.25 50.48
C ALA L 75 -28.50 -30.69 51.94
N GLY L 76 -28.94 -29.79 52.82
CA GLY L 76 -29.09 -30.10 54.24
C GLY L 76 -30.16 -31.16 54.44
N ILE L 77 -31.25 -31.03 53.69
CA ILE L 77 -32.34 -32.00 53.80
C ILE L 77 -31.88 -33.39 53.39
N LEU L 78 -31.17 -33.45 52.28
CA LEU L 78 -30.71 -34.75 51.72
C LEU L 78 -29.67 -35.42 52.55
N LEU L 79 -28.72 -34.65 53.03
CA LEU L 79 -27.61 -35.20 53.81
C LEU L 79 -27.98 -35.64 55.23
N ASN L 80 -28.77 -34.81 55.87
CA ASN L 80 -29.18 -35.11 57.26
C ASN L 80 -30.21 -36.23 57.36
N SER L 81 -30.98 -36.40 56.31
CA SER L 81 -32.06 -37.39 56.27
C SER L 81 -31.56 -38.73 55.81
N GLY L 82 -30.42 -38.70 55.14
CA GLY L 82 -29.79 -39.90 54.61
C GLY L 82 -30.18 -40.22 53.19
N ALA L 83 -31.04 -39.39 52.61
CA ALA L 83 -31.49 -39.57 51.22
C ALA L 83 -30.31 -39.50 50.24
N ALA L 84 -29.25 -38.82 50.68
CA ALA L 84 -28.02 -38.71 49.90
C ALA L 84 -26.86 -38.81 50.83
N ASP L 85 -25.79 -39.44 50.34
CA ASP L 85 -24.55 -39.57 51.11
C ASP L 85 -23.61 -38.43 50.70
N PHE L 86 -23.82 -37.89 49.52
CA PHE L 86 -22.93 -36.82 48.99
C PHE L 86 -23.71 -35.89 48.09
N VAL L 87 -23.44 -34.59 48.14
CA VAL L 87 -24.13 -33.67 47.25
C VAL L 87 -23.12 -32.93 46.37
N VAL L 88 -23.48 -32.88 45.10
CA VAL L 88 -22.80 -32.11 44.05
C VAL L 88 -23.68 -30.94 43.65
N THR L 89 -23.20 -29.72 43.84
CA THR L 89 -24.03 -28.57 43.48
C THR L 89 -23.11 -27.51 42.89
N GLY L 90 -23.57 -26.27 42.88
CA GLY L 90 -22.76 -25.19 42.34
C GLY L 90 -23.67 -24.12 41.82
N GLY L 92 -22.84 -20.02 39.34
CA GLY L 92 -21.93 -19.40 38.39
C GLY L 92 -20.47 -19.56 38.78
N THR L 93 -20.20 -19.28 40.04
CA THR L 93 -18.86 -19.37 40.61
C THR L 93 -18.74 -20.52 41.61
N GLY L 94 -19.90 -20.98 42.08
CA GLY L 94 -19.96 -21.96 43.14
C GLY L 94 -20.00 -21.36 44.53
N GLY L 96 -22.04 -19.05 46.16
CA GLY L 96 -23.32 -18.90 46.84
C GLY L 96 -23.82 -20.23 47.37
N SER L 97 -23.74 -21.27 46.54
CA SER L 97 -24.22 -22.60 46.95
C SER L 97 -23.35 -23.14 48.07
N LEU L 99 -21.80 -21.32 50.34
CA LEU L 99 -22.19 -20.57 51.54
C LEU L 99 -23.46 -21.10 52.16
N ALA L 100 -24.45 -21.37 51.32
CA ALA L 100 -25.73 -21.84 51.80
C ALA L 100 -25.67 -23.24 52.40
N ALA L 101 -24.94 -24.11 51.73
CA ALA L 101 -24.82 -25.50 52.15
C ALA L 101 -24.11 -25.56 53.47
N ASN L 102 -23.10 -24.73 53.60
CA ASN L 102 -22.30 -24.73 54.86
C ASN L 102 -23.02 -24.07 56.04
N ALA L 103 -24.15 -23.45 55.75
CA ALA L 103 -25.01 -22.82 56.77
C ALA L 103 -25.86 -23.87 57.47
N PRO L 105 -26.69 -27.56 59.34
CA PRO L 105 -25.98 -28.51 60.20
C PRO L 105 -25.63 -29.77 59.42
N GLY L 106 -24.51 -30.36 59.82
CA GLY L 106 -24.08 -31.62 59.26
C GLY L 106 -23.56 -31.60 57.86
N VAL L 107 -23.47 -30.43 57.27
CA VAL L 107 -22.99 -30.29 55.92
C VAL L 107 -21.63 -29.62 55.89
N PHE L 108 -20.69 -30.30 55.21
CA PHE L 108 -19.35 -29.81 55.01
C PHE L 108 -19.04 -29.75 53.50
N CYS L 109 -19.24 -28.58 52.93
CA CYS L 109 -19.17 -28.38 51.48
C CYS L 109 -17.97 -27.62 51.01
N GLY L 110 -17.17 -28.30 50.22
CA GLY L 110 -16.02 -27.67 49.58
C GLY L 110 -16.36 -26.95 48.31
N LEU L 111 -15.48 -26.01 47.98
CA LEU L 111 -15.44 -25.34 46.70
C LEU L 111 -14.27 -25.96 46.00
N VAL L 112 -14.57 -26.74 44.98
CA VAL L 112 -13.57 -27.48 44.24
C VAL L 112 -13.47 -26.99 42.83
N ILE L 113 -12.24 -26.71 42.44
CA ILE L 113 -11.93 -26.25 41.11
C ILE L 113 -11.29 -27.32 40.20
N ASP L 114 -10.13 -27.80 40.61
CA ASP L 114 -9.37 -28.77 39.79
C ASP L 114 -9.21 -30.11 40.51
N PRO L 115 -8.58 -31.13 39.85
CA PRO L 115 -8.52 -32.49 40.36
C PRO L 115 -7.68 -32.62 41.58
N THR L 116 -6.67 -31.78 41.67
CA THR L 116 -5.84 -31.74 42.87
C THR L 116 -6.66 -31.21 44.08
N ASP L 117 -7.42 -30.15 43.83
CA ASP L 117 -8.33 -29.58 44.85
C ASP L 117 -9.22 -30.69 45.40
N ALA L 118 -9.74 -31.49 44.47
CA ALA L 118 -10.70 -32.56 44.78
C ALA L 118 -10.07 -33.66 45.57
N PHE L 119 -8.86 -33.99 45.15
CA PHE L 119 -8.06 -35.03 45.82
C PHE L 119 -7.82 -34.64 47.28
N LEU L 120 -7.39 -33.39 47.48
CA LEU L 120 -7.03 -32.86 48.81
C LEU L 120 -8.27 -32.70 49.67
N PHE L 121 -9.37 -32.30 49.06
CA PHE L 121 -10.62 -32.16 49.81
C PHE L 121 -10.95 -33.51 50.45
N GLY L 122 -10.90 -34.53 49.61
CA GLY L 122 -11.25 -35.90 50.04
C GLY L 122 -10.30 -36.47 51.09
N GLN L 123 -9.05 -36.06 51.04
CA GLN L 123 -8.08 -36.61 51.96
C GLN L 123 -7.87 -35.82 53.25
N ILE L 124 -8.08 -34.53 53.18
CA ILE L 124 -7.81 -33.66 54.34
C ILE L 124 -9.14 -33.37 55.06
N ASN L 125 -10.15 -33.05 54.27
CA ASN L 125 -11.43 -32.61 54.86
C ASN L 125 -12.56 -33.65 54.81
N ASP L 126 -12.51 -34.52 53.83
CA ASP L 126 -13.50 -35.58 53.69
C ASP L 126 -14.92 -35.11 53.94
N GLY L 127 -15.28 -34.01 53.30
CA GLY L 127 -16.65 -33.48 53.45
C GLY L 127 -17.60 -34.30 52.63
N ASN L 128 -18.87 -33.88 52.69
CA ASN L 128 -20.04 -34.60 52.08
C ASN L 128 -20.74 -33.83 51.00
N ALA L 129 -20.08 -32.75 50.57
CA ALA L 129 -20.60 -31.94 49.48
C ALA L 129 -19.55 -31.10 48.81
N ILE L 130 -19.81 -30.88 47.54
CA ILE L 130 -19.00 -29.98 46.72
C ILE L 130 -19.84 -29.02 45.92
N SER L 131 -19.27 -27.83 45.79
CA SER L 131 -19.91 -26.80 44.99
C SER L 131 -18.86 -26.39 43.96
N PRO L 133 -17.90 -24.15 40.13
CA PRO L 133 -18.36 -23.17 39.15
C PRO L 133 -18.80 -23.73 37.84
N TYR L 134 -19.96 -23.27 37.35
CA TYR L 134 -20.44 -23.72 36.08
C TYR L 134 -20.49 -22.59 35.05
N SER L 135 -20.09 -21.38 35.47
CA SER L 135 -19.94 -20.25 34.55
C SER L 135 -18.57 -19.67 34.48
N LYS L 136 -18.06 -19.29 35.62
CA LYS L 136 -16.71 -18.83 35.65
C LYS L 136 -15.76 -19.98 35.34
N GLY L 137 -14.96 -19.73 34.31
CA GLY L 137 -13.96 -20.67 33.87
C GLY L 137 -14.48 -21.88 33.13
N PHE L 138 -15.78 -21.85 32.87
CA PHE L 138 -16.45 -23.01 32.27
C PHE L 138 -16.58 -22.86 30.75
N GLY L 139 -15.53 -23.26 30.05
CA GLY L 139 -15.52 -23.29 28.56
C GLY L 139 -15.24 -24.68 27.97
N TRP L 140 -14.45 -24.69 26.89
CA TRP L 140 -14.07 -25.94 26.22
C TRP L 140 -13.53 -26.92 27.19
N ALA L 141 -14.08 -28.12 27.10
CA ALA L 141 -13.61 -29.25 27.89
C ALA L 141 -13.81 -29.11 29.36
N ALA L 142 -14.66 -28.15 29.78
CA ALA L 142 -14.93 -27.99 31.23
C ALA L 142 -15.62 -29.23 31.76
N GLU L 143 -16.42 -29.85 30.90
CA GLU L 143 -17.13 -31.09 31.27
C GLU L 143 -16.13 -32.23 31.48
N LEU L 144 -14.96 -32.06 30.89
CA LEU L 144 -13.93 -33.08 31.02
C LEU L 144 -13.24 -32.92 32.37
N ASN L 145 -13.06 -31.67 32.79
CA ASN L 145 -12.50 -31.42 34.12
C ASN L 145 -13.43 -31.94 35.21
N LEU L 146 -14.71 -31.87 34.94
CA LEU L 146 -15.73 -32.37 35.90
C LEU L 146 -15.51 -33.83 36.19
N GLN L 147 -15.33 -34.61 35.14
CA GLN L 147 -15.03 -36.05 35.28
C GLN L 147 -13.76 -36.31 36.06
N ASP L 148 -12.73 -35.54 35.74
CA ASP L 148 -11.46 -35.67 36.42
C ASP L 148 -11.66 -35.45 37.90
N VAL L 149 -12.51 -34.48 38.24
CA VAL L 149 -12.78 -34.19 39.64
C VAL L 149 -13.57 -35.33 40.24
N TYR L 150 -14.59 -35.79 39.54
CA TYR L 150 -15.40 -36.85 40.14
C TYR L 150 -14.60 -38.13 40.40
N ARG L 151 -13.66 -38.39 39.52
CA ARG L 151 -12.82 -39.59 39.67
C ARG L 151 -11.98 -39.46 40.90
N LYS L 152 -11.68 -38.24 41.30
CA LYS L 152 -10.81 -38.09 42.47
C LYS L 152 -11.61 -38.22 43.75
N LEU L 153 -12.87 -37.82 43.66
CA LEU L 153 -13.75 -37.76 44.83
C LEU L 153 -14.39 -39.08 45.14
N PHE L 154 -14.73 -39.83 44.10
CA PHE L 154 -15.61 -40.99 44.23
C PHE L 154 -14.95 -42.33 43.98
N ASP L 155 -13.64 -42.29 43.92
CA ASP L 155 -12.83 -43.52 43.78
C ASP L 155 -11.71 -43.39 44.77
N GLY L 156 -11.54 -44.43 45.58
CA GLY L 156 -10.48 -44.48 46.61
C GLY L 156 -10.92 -44.19 48.03
N GLU L 157 -9.98 -44.42 48.94
CA GLU L 157 -10.21 -44.17 50.36
C GLU L 157 -10.14 -42.68 50.69
N ARG L 158 -11.07 -42.26 51.54
CA ARG L 158 -11.14 -40.87 52.01
C ARG L 158 -10.37 -40.69 53.32
N GLY L 159 -9.99 -39.43 53.56
CA GLY L 159 -9.33 -38.99 54.81
C GLY L 159 -7.99 -39.54 55.29
N LEU L 160 -7.13 -39.92 54.37
CA LEU L 160 -5.83 -40.51 54.75
C LEU L 160 -4.81 -39.43 54.93
N GLY L 161 -5.26 -38.24 54.58
CA GLY L 161 -4.47 -37.03 54.73
C GLY L 161 -3.36 -36.74 53.74
N TYR L 162 -3.13 -35.46 53.54
CA TYR L 162 -2.01 -35.02 52.72
C TYR L 162 -1.51 -33.65 53.18
N PRO L 163 -0.20 -33.50 53.44
CA PRO L 163 0.88 -34.50 53.40
C PRO L 163 0.66 -35.55 54.46
N ARG L 164 0.94 -36.79 54.08
CA ARG L 164 0.71 -37.93 54.97
C ARG L 164 1.27 -37.74 56.38
N GLU L 165 2.29 -36.90 56.49
CA GLU L 165 2.89 -36.67 57.79
C GLU L 165 1.94 -35.95 58.71
N ARG L 166 0.88 -35.40 58.15
CA ARG L 166 -0.07 -34.65 58.97
C ARG L 166 -1.38 -35.40 59.12
N ALA L 167 -1.40 -36.65 58.68
CA ALA L 167 -2.63 -37.47 58.65
C ALA L 167 -3.42 -37.57 59.96
N GLU L 168 -2.74 -37.77 61.08
CA GLU L 168 -3.46 -37.90 62.38
C GLU L 168 -3.95 -36.57 62.90
N ILE L 169 -3.17 -35.54 62.62
CA ILE L 169 -3.53 -34.19 63.03
C ILE L 169 -4.81 -33.81 62.31
N ARG L 171 -7.06 -35.81 60.89
CA ARG L 171 -8.15 -36.69 61.29
C ARG L 171 -8.79 -36.25 62.57
N LYS L 172 -7.94 -35.76 63.47
CA LYS L 172 -8.39 -35.30 64.79
C LYS L 172 -9.12 -33.98 64.62
N ASN L 173 -8.57 -33.17 63.74
CA ASN L 173 -9.17 -31.87 63.42
C ASN L 173 -10.54 -31.97 62.79
N ARG L 174 -10.74 -32.93 61.92
CA ARG L 174 -12.05 -33.09 61.31
C ARG L 174 -13.14 -33.36 62.38
N GLY L 175 -12.76 -34.13 63.39
CA GLY L 175 -13.71 -34.50 64.45
C GLY L 175 -14.01 -33.30 65.33
N ILE L 176 -12.97 -32.53 65.57
CA ILE L 176 -13.08 -31.32 66.39
C ILE L 176 -14.01 -30.35 65.67
N LEU L 177 -13.88 -30.32 64.36
CA LEU L 177 -14.68 -29.40 63.55
C LEU L 177 -16.13 -29.79 63.60
N ARG L 178 -16.38 -31.09 63.55
CA ARG L 178 -17.75 -31.58 63.62
C ARG L 178 -18.39 -31.22 64.94
N GLU L 179 -17.58 -31.25 66.02
CA GLU L 179 -18.09 -30.90 67.35
C GLU L 179 -18.40 -29.41 67.41
N LEU L 180 -17.52 -28.63 66.82
CA LEU L 180 -17.65 -27.17 66.78
C LEU L 180 -18.96 -26.79 66.14
N LYS L 181 -19.19 -27.34 64.95
CA LYS L 181 -20.43 -27.14 64.19
C LYS L 181 -21.67 -27.70 64.90
N ASP L 182 -21.54 -28.81 65.60
CA ASP L 182 -22.68 -29.32 66.36
C ASP L 182 -23.10 -28.28 67.42
N ALA L 183 -22.13 -27.55 67.95
CA ALA L 183 -22.39 -26.54 68.99
C ALA L 183 -23.02 -25.28 68.40
N SER L 184 -22.72 -25.01 67.13
CA SER L 184 -23.21 -23.77 66.51
C SER L 184 -24.53 -23.91 65.77
N CYS L 185 -24.71 -25.01 65.08
CA CYS L 185 -25.88 -25.27 64.26
C CYS L 185 -26.96 -26.07 64.96
N ARG L 186 -28.17 -25.59 64.81
CA ARG L 186 -29.32 -26.31 65.34
C ARG L 186 -29.52 -27.58 64.52
N ASP L 187 -30.25 -28.53 65.09
CA ASP L 187 -30.58 -29.78 64.37
C ASP L 187 -31.45 -29.53 63.14
N LEU L 189 -34.14 -30.84 61.88
CA LEU L 189 -35.64 -30.77 61.90
C LEU L 189 -36.07 -29.40 62.46
N THR L 190 -35.27 -28.91 63.40
CA THR L 190 -35.56 -27.60 64.00
C THR L 190 -35.46 -26.54 62.93
N VAL L 191 -34.42 -26.66 62.11
CA VAL L 191 -34.21 -25.71 61.02
C VAL L 191 -35.41 -25.77 60.09
N LEU L 192 -35.83 -26.97 59.75
CA LEU L 192 -36.97 -27.09 58.78
C LEU L 192 -38.22 -26.42 59.28
N LYS L 193 -38.41 -26.53 60.58
CA LYS L 193 -39.62 -25.99 61.22
C LYS L 193 -39.58 -24.51 61.40
N THR L 194 -38.38 -23.94 61.37
CA THR L 194 -38.19 -22.52 61.67
C THR L 194 -37.80 -21.62 60.53
N VAL L 195 -37.41 -22.21 59.39
CA VAL L 195 -37.05 -21.41 58.22
C VAL L 195 -38.30 -20.86 57.56
N ASP L 196 -38.09 -19.92 56.66
CA ASP L 196 -39.17 -19.40 55.85
C ASP L 196 -39.78 -20.58 55.12
N GLN L 197 -41.04 -20.86 55.38
CA GLN L 197 -41.71 -22.05 54.81
C GLN L 197 -41.99 -21.97 53.30
N ASP L 198 -41.92 -20.79 52.74
CA ASP L 198 -42.08 -20.67 51.29
C ASP L 198 -40.75 -21.07 50.67
N LEU L 199 -39.66 -20.71 51.35
CA LEU L 199 -38.32 -21.06 50.85
C LEU L 199 -38.27 -22.58 50.80
N LEU L 200 -38.65 -23.16 51.93
CA LEU L 200 -38.70 -24.62 52.10
C LEU L 200 -39.57 -25.31 51.06
N ARG L 201 -40.79 -24.82 50.87
CA ARG L 201 -41.68 -25.43 49.89
C ARG L 201 -41.09 -25.40 48.48
N ALA L 202 -40.39 -24.33 48.19
CA ALA L 202 -39.82 -24.14 46.87
C ALA L 202 -38.62 -25.08 46.67
N ALA L 203 -37.86 -25.30 47.74
CA ALA L 203 -36.66 -26.15 47.64
C ALA L 203 -37.02 -27.60 47.27
N ILE L 204 -38.20 -28.04 47.67
CA ILE L 204 -38.59 -29.43 47.47
C ILE L 204 -39.67 -29.59 46.44
N ALA L 205 -39.93 -28.51 45.71
CA ALA L 205 -41.02 -28.47 44.74
C ALA L 205 -40.79 -29.20 43.45
N GLY L 206 -39.56 -29.66 43.26
CA GLY L 206 -39.20 -30.30 42.02
C GLY L 206 -40.11 -31.46 41.73
N GLU L 207 -40.39 -31.63 40.44
CA GLU L 207 -41.31 -32.68 39.95
C GLU L 207 -40.92 -34.08 40.36
N LYS L 208 -39.63 -34.28 40.63
CA LYS L 208 -39.12 -35.61 40.97
C LYS L 208 -38.69 -35.75 42.41
N PHE L 209 -38.86 -34.70 43.20
CA PHE L 209 -38.40 -34.76 44.58
C PHE L 209 -38.95 -35.96 45.37
N ALA L 210 -40.27 -36.13 45.32
CA ALA L 210 -40.93 -37.17 46.14
C ALA L 210 -40.39 -38.54 45.81
N GLU L 211 -40.34 -38.72 44.50
CA GLU L 211 -39.88 -39.94 43.88
C GLU L 211 -38.47 -40.29 44.27
N LEU L 212 -37.61 -39.30 44.37
CA LEU L 212 -36.20 -39.59 44.69
C LEU L 212 -35.93 -39.64 46.16
N PHE L 213 -36.64 -38.77 46.86
CA PHE L 213 -36.41 -38.58 48.30
C PHE L 213 -36.94 -39.62 49.27
N TYR L 214 -38.26 -39.74 49.30
CA TYR L 214 -38.94 -40.58 50.33
C TYR L 214 -38.42 -42.04 50.44
N PRO L 215 -38.17 -42.72 49.31
CA PRO L 215 -37.72 -44.10 49.44
C PRO L 215 -36.33 -44.20 50.02
N ASN L 216 -35.62 -43.08 49.98
CA ASN L 216 -34.22 -43.06 50.43
C ASN L 216 -34.02 -42.40 51.80
N CYS L 217 -35.03 -41.68 52.23
CA CYS L 217 -34.98 -40.95 53.52
C CYS L 217 -34.95 -41.90 54.70
N LYS L 218 -33.92 -41.78 55.53
CA LYS L 218 -33.77 -42.61 56.73
C LYS L 218 -34.37 -42.00 57.98
N ASP L 219 -34.74 -40.74 57.89
CA ASP L 219 -35.26 -39.99 59.04
C ASP L 219 -36.73 -39.78 58.90
N ASP L 220 -37.48 -40.61 59.62
CA ASP L 220 -38.94 -40.53 59.49
C ASP L 220 -39.45 -39.18 59.96
N ALA L 221 -38.77 -38.61 60.92
CA ALA L 221 -39.22 -37.29 61.47
C ALA L 221 -39.19 -36.21 60.40
N ILE L 222 -38.15 -36.24 59.58
CA ILE L 222 -38.00 -35.26 58.48
C ILE L 222 -39.00 -35.54 57.38
N ALA L 223 -39.16 -36.81 57.06
CA ALA L 223 -40.10 -37.16 55.98
C ALA L 223 -41.51 -36.77 56.39
N ASN L 224 -41.83 -36.98 57.65
CA ASN L 224 -43.21 -36.69 58.12
C ASN L 224 -43.45 -35.19 58.06
N TYR L 225 -42.39 -34.42 58.32
CA TYR L 225 -42.53 -32.97 58.35
C TYR L 225 -42.76 -32.44 56.95
N LEU L 226 -41.98 -32.97 56.02
CA LEU L 226 -42.04 -32.55 54.63
C LEU L 226 -43.38 -32.90 54.03
N ARG L 227 -43.84 -34.10 54.32
CA ARG L 227 -45.16 -34.55 53.80
C ARG L 227 -46.26 -33.69 54.29
N SER L 228 -46.06 -33.22 55.52
CA SER L 228 -47.05 -32.39 56.25
C SER L 228 -47.26 -31.08 55.53
N LEU L 229 -46.29 -30.68 54.72
CA LEU L 229 -46.41 -29.38 54.06
C LEU L 229 -47.46 -29.42 53.00
N ASP L 230 -47.90 -30.61 52.69
CA ASP L 230 -48.85 -30.82 51.59
C ASP L 230 -50.31 -30.51 51.82
N ALA L 231 -50.93 -30.35 50.67
CA ALA L 231 -52.35 -30.01 50.56
C ALA L 231 -53.21 -31.24 50.89
N GLY M 19 45.55 8.03 -51.89
CA GLY M 19 45.78 6.88 -50.96
C GLY M 19 46.18 5.70 -51.78
N LYS M 21 45.54 1.84 -53.64
CA LYS M 21 44.63 1.06 -54.45
C LYS M 21 44.71 -0.33 -53.78
N ILE M 22 43.57 -0.75 -53.27
CA ILE M 22 43.47 -2.01 -52.50
C ILE M 22 42.62 -3.00 -53.25
N ALA M 23 43.22 -4.15 -53.55
CA ALA M 23 42.51 -5.17 -54.29
C ALA M 23 42.09 -6.31 -53.39
N LEU M 24 40.86 -6.73 -53.62
CA LEU M 24 40.24 -7.88 -52.95
C LEU M 24 40.12 -9.08 -53.87
N ILE M 25 40.67 -10.22 -53.43
CA ILE M 25 40.62 -11.48 -54.22
C ILE M 25 40.11 -12.64 -53.36
N ILE M 26 39.08 -13.31 -53.83
CA ILE M 26 38.44 -14.41 -53.10
C ILE M 26 38.30 -15.65 -54.01
N GLU M 27 38.69 -16.81 -53.46
CA GLU M 27 38.62 -18.06 -54.19
C GLU M 27 37.27 -18.76 -53.94
N ASN M 28 37.08 -19.84 -54.64
CA ASN M 28 35.77 -20.50 -54.69
C ASN M 28 35.25 -21.00 -53.37
N SER M 29 36.10 -21.52 -52.50
CA SER M 29 35.59 -22.10 -51.27
C SER M 29 34.93 -21.09 -50.40
N GLN M 30 35.30 -19.81 -50.57
CA GLN M 30 34.76 -18.71 -49.76
C GLN M 30 34.00 -17.65 -50.56
N ALA M 31 33.69 -17.94 -51.82
CA ALA M 31 33.02 -16.95 -52.70
C ALA M 31 31.78 -16.35 -52.08
N ALA M 32 31.12 -17.15 -51.26
CA ALA M 32 29.81 -16.71 -50.71
C ALA M 32 30.05 -15.56 -49.73
N LYS M 33 31.29 -15.45 -49.27
CA LYS M 33 31.66 -14.44 -48.28
C LYS M 33 32.26 -13.18 -48.84
N ASN M 34 32.44 -13.14 -50.15
CA ASN M 34 33.04 -11.96 -50.79
C ASN M 34 32.28 -10.68 -50.40
N ALA M 35 30.95 -10.72 -50.44
CA ALA M 35 30.18 -9.49 -50.16
C ALA M 35 30.46 -8.95 -48.76
N VAL M 36 30.51 -9.86 -47.80
CA VAL M 36 30.75 -9.49 -46.43
C VAL M 36 32.12 -8.89 -46.24
N VAL M 37 33.09 -9.49 -46.88
CA VAL M 37 34.46 -9.05 -46.78
C VAL M 37 34.65 -7.67 -47.47
N HIS M 38 34.02 -7.55 -48.63
CA HIS M 38 34.09 -6.33 -49.41
C HIS M 38 33.43 -5.18 -48.63
N GLU M 39 32.37 -5.51 -47.92
CA GLU M 39 31.66 -4.47 -47.13
C GLU M 39 32.54 -3.97 -46.00
N ALA M 40 33.16 -4.91 -45.35
CA ALA M 40 34.01 -4.55 -44.24
C ALA M 40 35.20 -3.70 -44.70
N LEU M 41 35.74 -4.08 -45.83
CA LEU M 41 36.94 -3.45 -46.40
C LEU M 41 36.64 -2.03 -46.87
N THR M 42 35.54 -1.85 -47.56
CA THR M 42 35.24 -0.50 -48.01
C THR M 42 34.86 0.44 -46.85
N THR M 43 34.18 -0.12 -45.85
CA THR M 43 33.74 0.64 -44.70
C THR M 43 34.88 1.35 -44.02
N VAL M 44 36.00 0.64 -43.96
CA VAL M 44 37.20 1.15 -43.32
C VAL M 44 38.11 1.95 -44.28
N ALA M 45 38.37 1.39 -45.45
CA ALA M 45 39.35 1.97 -46.34
C ALA M 45 38.91 3.24 -47.06
N GLU M 46 37.65 3.28 -47.46
CA GLU M 46 37.16 4.40 -48.26
C GLU M 46 37.23 5.73 -47.49
N PRO M 47 36.78 5.73 -46.24
CA PRO M 47 36.84 7.03 -45.56
C PRO M 47 38.29 7.48 -45.27
N LEU M 48 39.24 6.56 -45.46
CA LEU M 48 40.66 6.84 -45.23
C LEU M 48 41.33 7.33 -46.50
N GLY M 49 40.55 7.45 -47.57
CA GLY M 49 41.07 7.96 -48.82
C GLY M 49 41.54 6.91 -49.79
N HIS M 50 41.35 5.65 -49.43
CA HIS M 50 41.79 4.56 -50.32
C HIS M 50 40.70 4.14 -51.29
N LYS M 51 41.13 3.45 -52.33
CA LYS M 51 40.19 2.91 -53.32
C LYS M 51 40.26 1.39 -53.29
N VAL M 52 39.09 0.76 -53.25
CA VAL M 52 38.99 -0.69 -53.17
C VAL M 52 38.51 -1.26 -54.49
N PHE M 53 39.21 -2.29 -54.96
CA PHE M 53 38.86 -2.95 -56.22
C PHE M 53 38.54 -4.42 -55.94
N ASN M 54 37.29 -4.77 -56.14
CA ASN M 54 36.86 -6.13 -55.90
C ASN M 54 37.04 -6.99 -57.14
N TYR M 55 38.07 -7.83 -57.14
CA TYR M 55 38.33 -8.69 -58.30
C TYR M 55 37.53 -9.98 -58.26
N GLY M 56 36.63 -10.10 -57.29
CA GLY M 56 35.83 -11.30 -57.14
C GLY M 56 36.66 -12.41 -56.53
N TYR M 58 32.59 -13.11 -56.87
CA TYR M 58 31.50 -12.33 -56.28
C TYR M 58 30.45 -13.21 -55.61
N THR M 59 30.31 -14.37 -56.23
CA THR M 59 29.36 -15.40 -55.81
C THR M 59 29.93 -16.77 -56.11
N ALA M 60 29.30 -17.71 -55.45
CA ALA M 60 29.69 -19.12 -55.58
C ALA M 60 29.44 -19.57 -56.99
N GLU M 61 28.55 -18.84 -57.66
CA GLU M 61 28.10 -19.19 -59.02
C GLU M 61 28.85 -18.53 -60.19
N ASP M 62 29.87 -17.73 -59.88
CA ASP M 62 30.64 -17.06 -60.96
C ASP M 62 31.14 -18.09 -61.95
N LYS M 63 30.97 -17.82 -63.23
CA LYS M 63 31.48 -18.77 -64.23
C LYS M 63 32.99 -18.84 -64.17
N ALA M 64 33.60 -17.69 -63.90
CA ALA M 64 35.08 -17.58 -63.76
C ALA M 64 35.45 -17.84 -62.32
N SER M 65 35.74 -19.10 -62.05
CA SER M 65 36.06 -19.58 -60.72
C SER M 65 37.56 -19.53 -60.47
N LEU M 66 37.89 -19.22 -59.24
CA LEU M 66 39.27 -19.15 -58.82
C LEU M 66 39.58 -20.13 -57.72
N THR M 67 40.83 -20.60 -57.75
CA THR M 67 41.38 -21.39 -56.72
C THR M 67 42.36 -20.50 -55.98
N TYR M 68 42.86 -21.00 -54.86
CA TYR M 68 43.79 -20.23 -54.07
C TYR M 68 45.15 -20.06 -54.74
N VAL M 69 45.47 -20.93 -55.69
CA VAL M 69 46.72 -20.80 -56.44
C VAL M 69 46.60 -19.59 -57.36
N ASN M 71 44.61 -17.09 -56.86
CA ASN M 71 44.61 -15.86 -56.02
C ASN M 71 46.00 -15.31 -55.92
N GLY M 72 46.91 -16.21 -55.71
CA GLY M 72 48.30 -15.86 -55.57
C GLY M 72 48.88 -15.31 -56.85
N LEU M 73 48.57 -15.95 -57.97
CA LEU M 73 49.09 -15.52 -59.27
C LEU M 73 48.56 -14.14 -59.56
N LEU M 74 47.26 -13.98 -59.34
CA LEU M 74 46.60 -12.65 -59.56
C LEU M 74 47.24 -11.61 -58.66
N ALA M 75 47.44 -11.95 -57.41
CA ALA M 75 48.08 -10.99 -56.52
C ALA M 75 49.40 -10.48 -57.10
N GLY M 76 50.15 -11.39 -57.70
CA GLY M 76 51.49 -11.02 -58.20
C GLY M 76 51.36 -10.07 -59.39
N ILE M 77 50.36 -10.34 -60.20
CA ILE M 77 50.07 -9.52 -61.35
C ILE M 77 49.70 -8.12 -60.92
N LEU M 78 48.82 -8.04 -59.93
CA LEU M 78 48.30 -6.72 -59.53
C LEU M 78 49.34 -5.87 -58.86
N LEU M 79 50.14 -6.49 -58.01
CA LEU M 79 51.16 -5.76 -57.27
C LEU M 79 52.35 -5.35 -58.18
N ASN M 80 52.85 -6.30 -58.96
CA ASN M 80 53.98 -6.01 -59.85
C ASN M 80 53.65 -5.02 -60.95
N SER M 81 52.37 -4.93 -61.30
CA SER M 81 51.98 -4.03 -62.38
C SER M 81 51.62 -2.64 -61.89
N GLY M 82 51.42 -2.51 -60.59
CA GLY M 82 51.01 -1.26 -59.95
C GLY M 82 49.49 -1.06 -59.97
N ALA M 83 48.79 -2.03 -60.54
CA ALA M 83 47.31 -1.95 -60.57
C ALA M 83 46.73 -1.91 -59.16
N ALA M 84 47.46 -2.50 -58.21
CA ALA M 84 47.10 -2.39 -56.82
C ALA M 84 48.35 -2.11 -56.00
N ASP M 85 48.16 -1.39 -54.92
CA ASP M 85 49.24 -1.13 -53.99
C ASP M 85 49.24 -2.15 -52.85
N PHE M 86 48.09 -2.76 -52.64
CA PHE M 86 47.91 -3.71 -51.52
C PHE M 86 46.87 -4.75 -51.90
N VAL M 87 47.08 -5.98 -51.48
CA VAL M 87 46.12 -7.05 -51.79
C VAL M 87 45.56 -7.70 -50.53
N VAL M 88 44.26 -7.86 -50.52
CA VAL M 88 43.53 -8.58 -49.41
C VAL M 88 42.94 -9.83 -50.00
N THR M 89 43.37 -10.97 -49.48
CA THR M 89 42.91 -12.23 -49.98
C THR M 89 42.67 -13.21 -48.82
N GLY M 90 42.68 -14.47 -49.16
CA GLY M 90 42.47 -15.50 -48.17
C GLY M 90 41.68 -16.69 -48.68
N GLY M 92 39.79 -20.62 -46.65
CA GLY M 92 39.19 -21.13 -45.44
C GLY M 92 40.05 -20.88 -44.23
N THR M 93 41.35 -21.08 -44.37
CA THR M 93 42.27 -20.78 -43.31
C THR M 93 43.17 -19.57 -43.62
N GLY M 94 43.28 -19.28 -44.91
CA GLY M 94 44.20 -18.26 -45.44
C GLY M 94 45.56 -18.78 -45.84
N GLY M 96 46.62 -21.33 -47.95
CA GLY M 96 46.86 -21.57 -49.36
C GLY M 96 47.08 -20.29 -50.14
N SER M 97 46.30 -19.26 -49.86
CA SER M 97 46.49 -18.00 -50.57
C SER M 97 47.80 -17.36 -50.17
N LEU M 99 50.59 -18.98 -49.22
CA LEU M 99 51.65 -19.71 -49.88
C LEU M 99 51.77 -19.30 -51.35
N ALA M 100 50.65 -19.24 -52.01
CA ALA M 100 50.64 -18.92 -53.43
C ALA M 100 51.11 -17.48 -53.66
N ALA M 101 50.63 -16.55 -52.85
CA ALA M 101 51.00 -15.14 -53.00
C ALA M 101 52.50 -14.98 -52.77
N ASN M 102 52.98 -15.64 -51.72
CA ASN M 102 54.44 -15.56 -51.38
C ASN M 102 55.37 -16.25 -52.39
N ALA M 103 54.77 -17.02 -53.29
CA ALA M 103 55.56 -17.74 -54.32
C ALA M 103 56.00 -16.74 -55.38
N PRO M 105 57.21 -13.00 -57.18
CA PRO M 105 58.14 -11.93 -56.98
C PRO M 105 57.45 -10.73 -56.47
N GLY M 106 58.17 -10.01 -55.62
CA GLY M 106 57.75 -8.71 -55.09
C GLY M 106 56.51 -8.73 -54.24
N VAL M 107 56.05 -9.92 -53.87
CA VAL M 107 54.87 -10.05 -53.01
C VAL M 107 55.28 -10.54 -51.65
N PHE M 108 54.84 -9.81 -50.63
CA PHE M 108 55.08 -10.13 -49.23
C PHE M 108 53.75 -10.13 -48.50
N CYS M 109 53.24 -11.36 -48.33
CA CYS M 109 51.88 -11.59 -47.85
C CYS M 109 51.85 -12.18 -46.49
N GLY M 110 51.25 -11.44 -45.59
CA GLY M 110 51.08 -11.89 -44.24
C GLY M 110 49.83 -12.69 -44.09
N LEU M 111 49.83 -13.53 -43.07
CA LEU M 111 48.67 -14.28 -42.59
C LEU M 111 48.34 -13.64 -41.27
N VAL M 112 47.26 -12.89 -41.28
CA VAL M 112 46.78 -12.04 -40.17
C VAL M 112 45.50 -12.62 -39.60
N ILE M 113 45.45 -12.69 -38.28
CA ILE M 113 44.28 -13.21 -37.60
C ILE M 113 43.53 -12.11 -36.84
N ASP M 114 44.25 -11.46 -35.94
CA ASP M 114 43.67 -10.40 -35.09
C ASP M 114 44.32 -9.03 -35.22
N PRO M 115 43.79 -8.03 -34.49
CA PRO M 115 44.30 -6.69 -34.84
C PRO M 115 45.70 -6.41 -34.38
N THR M 116 46.19 -7.18 -33.42
CA THR M 116 47.57 -6.94 -32.95
C THR M 116 48.51 -7.50 -33.99
N ASP M 117 48.14 -8.65 -34.54
CA ASP M 117 48.85 -9.27 -35.67
C ASP M 117 48.95 -8.27 -36.81
N ALA M 118 47.84 -7.64 -37.12
CA ALA M 118 47.78 -6.67 -38.19
C ALA M 118 48.71 -5.49 -37.91
N PHE M 119 48.59 -4.97 -36.70
CA PHE M 119 49.43 -3.88 -36.22
C PHE M 119 50.93 -4.18 -36.43
N LEU M 120 51.35 -5.32 -35.91
CA LEU M 120 52.75 -5.71 -36.00
C LEU M 120 53.16 -5.96 -37.44
N PHE M 121 52.28 -6.58 -38.23
CA PHE M 121 52.64 -6.85 -39.63
C PHE M 121 53.03 -5.55 -40.28
N GLY M 122 52.24 -4.52 -40.00
CA GLY M 122 52.45 -3.22 -40.67
C GLY M 122 53.65 -2.45 -40.20
N GLN M 123 53.97 -2.63 -38.92
CA GLN M 123 55.06 -1.89 -38.28
C GLN M 123 56.35 -2.62 -38.44
N ILE M 124 56.27 -3.94 -38.44
CA ILE M 124 57.49 -4.74 -38.53
C ILE M 124 57.91 -5.19 -39.94
N ASN M 125 56.94 -5.72 -40.70
CA ASN M 125 57.22 -6.31 -41.97
C ASN M 125 56.80 -5.39 -43.13
N ASP M 126 55.83 -4.55 -42.87
CA ASP M 126 55.33 -3.62 -43.89
C ASP M 126 55.19 -4.30 -45.27
N GLY M 127 54.47 -5.40 -45.29
CA GLY M 127 54.20 -6.13 -46.56
C GLY M 127 53.08 -5.49 -47.38
N ASN M 128 52.81 -6.06 -48.55
CA ASN M 128 51.85 -5.48 -49.49
C ASN M 128 50.63 -6.34 -49.75
N ALA M 129 50.47 -7.32 -48.89
CA ALA M 129 49.33 -8.24 -48.98
C ALA M 129 49.11 -8.93 -47.68
N ILE M 130 47.85 -9.30 -47.49
CA ILE M 130 47.41 -10.14 -46.38
C ILE M 130 46.44 -11.24 -46.86
N SER M 131 46.56 -12.38 -46.18
CA SER M 131 45.67 -13.50 -46.38
C SER M 131 45.02 -13.77 -45.02
N PRO M 133 41.74 -16.00 -42.68
CA PRO M 133 40.79 -17.09 -42.70
C PRO M 133 39.38 -16.61 -42.79
N TYR M 134 38.64 -17.18 -43.73
CA TYR M 134 37.23 -16.77 -43.91
C TYR M 134 36.20 -17.85 -43.47
N SER M 135 36.70 -19.02 -43.07
CA SER M 135 35.88 -20.11 -42.54
CA SER M 135 35.85 -20.10 -42.54
C SER M 135 36.32 -20.51 -41.15
N LYS M 136 37.59 -20.85 -41.04
CA LYS M 136 38.12 -21.19 -39.72
C LYS M 136 38.02 -19.97 -38.78
N GLY M 137 37.34 -20.12 -37.66
CA GLY M 137 37.19 -19.05 -36.67
C GLY M 137 36.15 -18.01 -37.06
N PHE M 138 35.59 -18.20 -38.24
CA PHE M 138 34.65 -17.17 -38.80
C PHE M 138 33.19 -17.36 -38.42
N GLY M 139 32.85 -16.81 -37.25
CA GLY M 139 31.46 -16.79 -36.75
C GLY M 139 30.93 -15.39 -36.42
N TRP M 140 30.19 -15.29 -35.34
CA TRP M 140 29.66 -13.97 -34.92
C TRP M 140 30.74 -12.93 -34.83
N ALA M 141 30.44 -11.81 -35.43
CA ALA M 141 31.24 -10.62 -35.36
C ALA M 141 32.59 -10.74 -36.06
N ALA M 142 32.75 -11.82 -36.83
CA ALA M 142 34.00 -11.99 -37.57
C ALA M 142 34.19 -10.82 -38.54
N GLU M 143 33.07 -10.26 -39.02
CA GLU M 143 33.17 -9.14 -39.94
C GLU M 143 33.61 -7.89 -39.27
N LEU M 144 33.38 -7.82 -37.97
CA LEU M 144 33.84 -6.68 -37.18
C LEU M 144 35.31 -6.81 -36.86
N ASN M 145 35.78 -8.02 -36.72
CA ASN M 145 37.23 -8.21 -36.51
C ASN M 145 37.99 -7.78 -37.75
N LEU M 146 37.37 -8.03 -38.89
CA LEU M 146 37.99 -7.64 -40.18
C LEU M 146 38.19 -6.14 -40.21
N GLN M 147 37.20 -5.40 -39.74
CA GLN M 147 37.29 -3.93 -39.75
C GLN M 147 38.40 -3.51 -38.84
N ASP M 148 38.46 -4.17 -37.69
CA ASP M 148 39.44 -3.80 -36.68
C ASP M 148 40.81 -3.98 -37.31
N VAL M 149 40.96 -5.13 -37.99
CA VAL M 149 42.21 -5.43 -38.72
C VAL M 149 42.54 -4.39 -39.81
N TYR M 150 41.55 -4.02 -40.62
CA TYR M 150 41.82 -3.07 -41.72
C TYR M 150 42.25 -1.74 -41.13
N ARG M 151 41.64 -1.38 -40.00
CA ARG M 151 41.97 -0.08 -39.34
C ARG M 151 43.41 -0.03 -38.91
N LYS M 152 44.00 -1.18 -38.58
CA LYS M 152 45.43 -1.21 -38.20
C LYS M 152 46.36 -1.12 -39.38
N LEU M 153 45.88 -1.61 -40.49
CA LEU M 153 46.71 -1.73 -41.69
C LEU M 153 46.72 -0.50 -42.57
N PHE M 154 45.57 0.16 -42.62
CA PHE M 154 45.35 1.25 -43.58
C PHE M 154 45.24 2.65 -43.04
N ASP M 155 45.47 2.77 -41.74
CA ASP M 155 45.41 4.09 -41.13
C ASP M 155 46.74 4.28 -40.40
N GLY M 156 47.47 5.32 -40.79
CA GLY M 156 48.77 5.58 -40.15
C GLY M 156 50.00 5.03 -40.85
N GLU M 157 51.13 5.58 -40.42
CA GLU M 157 52.44 5.29 -41.01
C GLU M 157 52.77 3.82 -40.81
N ARG M 158 53.29 3.20 -41.85
CA ARG M 158 53.73 1.82 -41.76
C ARG M 158 55.20 1.79 -41.53
N GLY M 159 55.63 0.62 -41.11
CA GLY M 159 57.03 0.28 -40.90
C GLY M 159 57.84 1.04 -39.89
N LEU M 160 57.18 1.55 -38.86
CA LEU M 160 57.89 2.34 -37.84
C LEU M 160 58.50 1.45 -36.78
N GLY M 161 58.18 0.17 -36.86
CA GLY M 161 58.79 -0.81 -35.93
C GLY M 161 58.21 -0.99 -34.56
N TYR M 162 58.33 -2.23 -34.10
CA TYR M 162 57.86 -2.65 -32.77
C TYR M 162 58.58 -3.90 -32.33
N PRO M 163 59.25 -3.83 -31.17
CA PRO M 163 59.37 -2.68 -30.28
C PRO M 163 60.19 -1.59 -30.89
N ARG M 164 59.95 -0.39 -30.43
CA ARG M 164 60.62 0.78 -30.98
C ARG M 164 62.13 0.56 -31.03
N GLU M 165 62.62 -0.09 -29.99
CA GLU M 165 64.06 -0.25 -29.85
C GLU M 165 64.63 -1.09 -30.97
N ARG M 166 63.76 -1.70 -31.76
CA ARG M 166 64.22 -2.56 -32.85
C ARG M 166 63.93 -1.94 -34.20
N ALA M 167 63.43 -0.70 -34.18
CA ALA M 167 62.99 0.00 -35.40
C ALA M 167 63.99 -0.01 -36.55
N GLU M 168 65.23 0.35 -36.24
CA GLU M 168 66.25 0.49 -37.29
C GLU M 168 66.68 -0.86 -37.81
N ILE M 169 66.83 -1.81 -36.88
CA ILE M 169 67.22 -3.19 -37.24
C ILE M 169 66.20 -3.82 -38.14
N ARG M 171 63.90 -2.19 -39.96
CA ARG M 171 63.85 -1.53 -41.27
C ARG M 171 64.94 -2.10 -42.16
N LYS M 172 66.13 -2.29 -41.59
CA LYS M 172 67.25 -2.81 -42.38
C LYS M 172 66.95 -4.22 -42.85
N ASN M 173 66.37 -5.02 -41.96
CA ASN M 173 66.06 -6.42 -42.29
C ASN M 173 65.02 -6.52 -43.40
N ARG M 174 64.12 -5.55 -43.47
CA ARG M 174 63.12 -5.58 -44.55
C ARG M 174 63.81 -5.41 -45.89
N GLY M 175 64.89 -4.66 -45.87
CA GLY M 175 65.62 -4.35 -47.09
C GLY M 175 66.41 -5.52 -47.56
N ILE M 176 66.95 -6.21 -46.57
CA ILE M 176 67.77 -7.40 -46.81
C ILE M 176 66.87 -8.49 -47.38
N LEU M 177 65.68 -8.57 -46.81
CA LEU M 177 64.68 -9.55 -47.28
C LEU M 177 64.30 -9.30 -48.72
N ARG M 178 64.07 -8.04 -49.06
CA ARG M 178 63.70 -7.72 -50.44
C ARG M 178 64.82 -8.12 -51.39
N GLU M 179 66.06 -8.00 -50.95
CA GLU M 179 67.17 -8.37 -51.84
C GLU M 179 67.30 -9.87 -51.96
N LEU M 180 66.98 -10.58 -50.89
CA LEU M 180 67.06 -12.02 -50.87
C LEU M 180 66.09 -12.56 -51.87
N LYS M 181 64.89 -11.98 -51.85
CA LYS M 181 63.80 -12.43 -52.73
C LYS M 181 64.09 -12.11 -54.19
N ASP M 182 64.64 -10.94 -54.44
CA ASP M 182 65.03 -10.55 -55.80
C ASP M 182 66.02 -11.58 -56.42
N ALA M 183 66.79 -12.20 -55.55
CA ALA M 183 67.78 -13.18 -55.96
C ALA M 183 67.13 -14.50 -56.29
N SER M 184 66.09 -14.86 -55.51
CA SER M 184 65.41 -16.14 -55.68
C SER M 184 64.34 -16.16 -56.76
N CYS M 185 63.58 -15.08 -56.84
CA CYS M 185 62.44 -15.01 -57.80
C CYS M 185 62.71 -14.30 -59.07
N ARG M 186 62.17 -14.86 -60.14
CA ARG M 186 62.27 -14.28 -61.48
C ARG M 186 61.26 -13.14 -61.61
N ASP M 187 61.51 -12.20 -62.53
CA ASP M 187 60.59 -11.05 -62.74
C ASP M 187 59.23 -11.57 -63.11
N LEU M 189 57.14 -10.68 -65.33
CA LEU M 189 56.82 -10.89 -66.77
C LEU M 189 57.24 -12.29 -67.22
N THR M 190 58.41 -12.66 -66.76
CA THR M 190 58.97 -13.97 -67.07
C THR M 190 58.10 -15.04 -66.49
N VAL M 191 57.59 -14.78 -65.30
CA VAL M 191 56.71 -15.73 -64.66
C VAL M 191 55.46 -15.89 -65.54
N LEU M 192 54.90 -14.77 -65.96
CA LEU M 192 53.65 -14.79 -66.76
C LEU M 192 53.81 -15.58 -68.03
N LYS M 193 55.01 -15.45 -68.57
CA LYS M 193 55.37 -16.12 -69.83
C LYS M 193 55.66 -17.61 -69.71
N THR M 194 56.00 -18.05 -68.51
CA THR M 194 56.44 -19.43 -68.34
C THR M 194 55.52 -20.32 -67.51
N VAL M 195 54.55 -19.68 -66.88
CA VAL M 195 53.54 -20.41 -66.09
C VAL M 195 52.58 -21.16 -67.00
N ASP M 196 51.84 -22.09 -66.41
CA ASP M 196 50.74 -22.77 -67.13
C ASP M 196 49.77 -21.69 -67.62
N GLN M 197 49.51 -21.67 -68.92
CA GLN M 197 48.75 -20.60 -69.54
C GLN M 197 47.26 -20.71 -69.35
N ASP M 198 46.82 -21.91 -69.03
CA ASP M 198 45.40 -22.13 -68.71
C ASP M 198 45.15 -21.54 -67.31
N LEU M 199 46.11 -21.77 -66.42
CA LEU M 199 46.07 -21.25 -65.04
C LEU M 199 46.00 -19.72 -65.12
N LEU M 200 46.86 -19.15 -65.95
CA LEU M 200 46.91 -17.70 -66.07
C LEU M 200 45.63 -17.13 -66.62
N ARG M 201 45.10 -17.76 -67.64
CA ARG M 201 43.85 -17.26 -68.26
C ARG M 201 42.70 -17.31 -67.30
N ALA M 202 42.70 -18.36 -66.49
CA ALA M 202 41.63 -18.58 -65.53
C ALA M 202 41.68 -17.50 -64.46
N ALA M 203 42.88 -17.15 -64.08
CA ALA M 203 43.11 -16.17 -63.03
C ALA M 203 42.57 -14.78 -63.36
N ILE M 204 42.57 -14.46 -64.65
CA ILE M 204 42.16 -13.16 -65.13
C ILE M 204 40.85 -13.14 -65.90
N ALA M 205 40.13 -14.24 -65.80
CA ALA M 205 38.87 -14.46 -66.53
C ALA M 205 37.69 -13.78 -65.94
N GLY M 206 37.87 -13.21 -64.76
CA GLY M 206 36.74 -12.54 -64.10
C GLY M 206 36.12 -11.44 -64.97
N GLU M 207 34.81 -11.33 -64.87
CA GLU M 207 34.02 -10.40 -65.68
C GLU M 207 34.43 -8.96 -65.59
N LYS M 208 35.01 -8.57 -64.46
CA LYS M 208 35.40 -7.18 -64.27
C LYS M 208 36.91 -7.00 -64.30
N PHE M 209 37.63 -8.04 -64.68
CA PHE M 209 39.11 -7.94 -64.65
C PHE M 209 39.60 -6.77 -65.52
N ALA M 210 39.18 -6.80 -66.77
CA ALA M 210 39.68 -5.80 -67.73
C ALA M 210 39.40 -4.39 -67.25
N GLU M 211 38.20 -4.21 -66.74
CA GLU M 211 37.70 -2.87 -66.32
C GLU M 211 38.45 -2.35 -65.13
N LEU M 212 38.82 -3.26 -64.26
CA LEU M 212 39.58 -2.90 -63.07
C LEU M 212 41.11 -2.77 -63.27
N PHE M 213 41.63 -3.64 -64.12
CA PHE M 213 43.07 -3.75 -64.30
C PHE M 213 43.74 -2.76 -65.22
N TYR M 214 43.28 -2.78 -66.46
CA TYR M 214 43.92 -1.98 -67.52
C TYR M 214 44.05 -0.47 -67.22
N PRO M 215 43.01 0.17 -66.64
CA PRO M 215 43.16 1.58 -66.37
C PRO M 215 44.10 1.91 -65.23
N ASN M 216 44.54 0.88 -64.51
CA ASN M 216 45.36 1.07 -63.31
C ASN M 216 46.75 0.43 -63.40
N CYS M 217 46.94 -0.31 -64.47
CA CYS M 217 48.21 -0.95 -64.77
C CYS M 217 49.26 0.05 -65.22
N LYS M 218 50.41 0.02 -64.55
CA LYS M 218 51.48 0.93 -64.90
C LYS M 218 52.55 0.26 -65.74
N ASP M 219 52.47 -1.06 -65.86
CA ASP M 219 53.49 -1.82 -66.60
C ASP M 219 52.94 -2.30 -67.92
N ASP M 220 53.36 -1.61 -68.97
CA ASP M 220 52.79 -1.87 -70.29
C ASP M 220 53.10 -3.22 -70.82
N ALA M 221 54.26 -3.75 -70.43
CA ALA M 221 54.73 -5.07 -70.92
C ALA M 221 53.80 -6.15 -70.39
N ILE M 222 53.39 -5.94 -69.15
CA ILE M 222 52.49 -6.88 -68.50
C ILE M 222 51.12 -6.76 -69.13
N ALA M 223 50.66 -5.52 -69.33
CA ALA M 223 49.33 -5.29 -69.92
C ALA M 223 49.25 -5.92 -71.31
N ASN M 224 50.30 -5.69 -72.07
CA ASN M 224 50.41 -6.20 -73.45
C ASN M 224 50.35 -7.69 -73.51
N TYR M 225 51.07 -8.32 -72.58
CA TYR M 225 51.13 -9.77 -72.53
C TYR M 225 49.79 -10.37 -72.24
N LEU M 226 49.10 -9.78 -71.28
CA LEU M 226 47.80 -10.30 -70.86
C LEU M 226 46.81 -10.15 -72.01
N ARG M 227 46.87 -9.03 -72.72
CA ARG M 227 45.91 -8.81 -73.83
C ARG M 227 46.23 -9.72 -74.99
N SER M 228 47.49 -10.17 -75.04
CA SER M 228 47.95 -11.02 -76.14
C SER M 228 47.37 -12.40 -75.97
N LEU M 229 46.83 -12.67 -74.78
CA LEU M 229 46.25 -13.99 -74.52
C LEU M 229 44.85 -13.98 -75.07
N ASP M 230 44.40 -12.75 -75.31
CA ASP M 230 43.04 -12.39 -75.73
C ASP M 230 42.20 -11.73 -74.62
N GLY N 19 60.81 -41.97 -40.40
CA GLY N 19 61.05 -40.81 -39.49
C GLY N 19 61.60 -39.65 -40.28
N LYS N 21 63.74 -35.92 -40.49
CA LYS N 21 64.83 -35.12 -39.95
C LYS N 21 64.22 -33.73 -39.80
N ILE N 22 64.03 -33.32 -38.54
CA ILE N 22 63.40 -32.02 -38.24
C ILE N 22 64.41 -31.03 -37.70
N ALA N 23 64.54 -29.90 -38.38
CA ALA N 23 65.51 -28.87 -37.95
C ALA N 23 64.85 -27.70 -37.27
N LEU N 24 65.54 -27.18 -36.26
CA LEU N 24 65.11 -26.04 -35.50
C LEU N 24 66.04 -24.89 -35.78
N ILE N 25 65.44 -23.73 -36.12
CA ILE N 25 66.17 -22.50 -36.41
C ILE N 25 65.52 -21.33 -35.71
N ILE N 26 66.32 -20.64 -34.90
CA ILE N 26 65.85 -19.51 -34.08
C ILE N 26 66.77 -18.31 -34.27
N GLU N 27 66.18 -17.14 -34.43
CA GLU N 27 66.93 -15.89 -34.67
C GLU N 27 67.13 -15.18 -33.35
N ASN N 28 67.89 -14.11 -33.42
CA ASN N 28 68.40 -13.45 -32.21
C ASN N 28 67.35 -12.87 -31.26
N SER N 29 66.24 -12.37 -31.80
CA SER N 29 65.25 -11.72 -30.95
C SER N 29 64.67 -12.70 -29.95
N GLN N 30 64.74 -13.98 -30.30
CA GLN N 30 64.10 -15.04 -29.50
C GLN N 30 65.06 -16.10 -29.07
N ALA N 31 66.34 -15.82 -29.21
CA ALA N 31 67.40 -16.79 -28.91
C ALA N 31 67.31 -17.42 -27.52
N ALA N 32 66.89 -16.62 -26.56
CA ALA N 32 66.79 -17.11 -25.17
C ALA N 32 65.70 -18.19 -25.03
N LYS N 33 64.87 -18.35 -26.04
CA LYS N 33 63.78 -19.31 -25.95
C LYS N 33 64.06 -20.58 -26.72
N ASN N 34 65.22 -20.64 -27.35
CA ASN N 34 65.55 -21.83 -28.14
C ASN N 34 65.52 -23.08 -27.27
N ALA N 35 66.02 -22.96 -26.06
CA ALA N 35 66.13 -24.11 -25.13
C ALA N 35 64.74 -24.68 -24.90
N VAL N 36 63.86 -23.78 -24.53
CA VAL N 36 62.46 -24.15 -24.30
C VAL N 36 61.80 -24.74 -25.53
N VAL N 37 62.10 -24.19 -26.72
CA VAL N 37 61.44 -24.68 -27.93
C VAL N 37 61.95 -26.05 -28.29
N HIS N 38 63.27 -26.19 -28.14
CA HIS N 38 63.96 -27.43 -28.52
C HIS N 38 63.50 -28.59 -27.67
N GLU N 39 63.41 -28.34 -26.38
CA GLU N 39 62.90 -29.36 -25.42
C GLU N 39 61.47 -29.81 -25.79
N ALA N 40 60.61 -28.87 -26.06
CA ALA N 40 59.21 -29.20 -26.40
C ALA N 40 59.14 -30.06 -27.66
N LEU N 41 60.08 -29.77 -28.54
CA LEU N 41 60.15 -30.40 -29.87
C LEU N 41 60.66 -31.82 -29.76
N THR N 42 61.72 -31.98 -28.99
CA THR N 42 62.32 -33.32 -28.81
C THR N 42 61.36 -34.20 -28.02
N THR N 43 60.72 -33.59 -27.05
CA THR N 43 59.77 -34.34 -26.21
C THR N 43 58.67 -34.99 -27.05
N VAL N 44 58.26 -34.33 -28.11
CA VAL N 44 57.17 -34.87 -28.91
C VAL N 44 57.68 -35.67 -30.09
N ALA N 45 58.74 -35.17 -30.70
CA ALA N 45 59.22 -35.70 -32.00
C ALA N 45 59.85 -37.03 -31.89
N GLU N 46 60.77 -37.06 -30.96
CA GLU N 46 61.64 -38.22 -30.73
C GLU N 46 60.86 -39.48 -30.43
N PRO N 47 59.93 -39.42 -29.47
CA PRO N 47 59.18 -40.62 -29.24
C PRO N 47 58.41 -41.07 -30.47
N LEU N 48 58.35 -40.20 -31.47
CA LEU N 48 57.57 -40.51 -32.67
C LEU N 48 58.48 -41.08 -33.72
N GLY N 49 59.75 -41.22 -33.34
CA GLY N 49 60.77 -41.77 -34.22
C GLY N 49 61.48 -40.76 -35.10
N HIS N 50 61.17 -39.50 -34.94
CA HIS N 50 61.86 -38.48 -35.72
C HIS N 50 63.13 -38.08 -35.02
N LYS N 51 63.97 -37.44 -35.82
CA LYS N 51 65.24 -36.88 -35.37
C LYS N 51 65.15 -35.39 -35.46
N VAL N 52 65.66 -34.73 -34.42
CA VAL N 52 65.63 -33.27 -34.28
C VAL N 52 67.03 -32.69 -34.27
N PHE N 53 67.25 -31.73 -35.16
CA PHE N 53 68.52 -31.04 -35.31
C PHE N 53 68.38 -29.56 -34.93
N ASN N 54 69.03 -29.18 -33.84
CA ASN N 54 69.01 -27.79 -33.34
C ASN N 54 70.15 -27.00 -33.95
N TYR N 55 69.79 -26.10 -34.85
CA TYR N 55 70.78 -25.35 -35.62
C TYR N 55 71.07 -24.04 -34.94
N GLY N 56 70.48 -23.88 -33.78
CA GLY N 56 70.62 -22.66 -32.99
C GLY N 56 69.69 -21.60 -33.56
N TYR N 58 71.40 -20.81 -29.93
CA TYR N 58 71.30 -21.54 -28.65
C TYR N 58 71.09 -20.60 -27.47
N THR N 59 71.72 -19.45 -27.59
CA THR N 59 71.58 -18.37 -26.62
C THR N 59 71.67 -17.04 -27.29
N ALA N 60 71.23 -16.03 -26.56
CA ALA N 60 71.24 -14.65 -27.04
C ALA N 60 72.67 -14.17 -27.21
N GLU N 61 73.59 -14.93 -26.61
CA GLU N 61 75.01 -14.53 -26.59
C GLU N 61 75.87 -15.19 -27.64
N ASP N 62 75.24 -16.02 -28.46
CA ASP N 62 75.96 -16.69 -29.57
C ASP N 62 76.70 -15.68 -30.42
N LYS N 63 77.87 -16.05 -30.88
CA LYS N 63 78.67 -15.12 -31.70
C LYS N 63 78.19 -15.20 -33.13
N ALA N 64 77.55 -16.33 -33.42
CA ALA N 64 76.95 -16.57 -34.75
C ALA N 64 75.50 -16.17 -34.65
N SER N 65 75.27 -14.87 -34.76
CA SER N 65 73.92 -14.30 -34.66
C SER N 65 73.18 -14.48 -35.98
N LEU N 66 71.90 -14.78 -35.83
CA LEU N 66 71.00 -15.02 -36.97
C LEU N 66 69.86 -14.03 -36.97
N THR N 67 69.53 -13.57 -38.16
CA THR N 67 68.32 -12.78 -38.35
C THR N 67 67.29 -13.70 -38.97
N TYR N 68 66.06 -13.22 -39.00
CA TYR N 68 64.93 -13.98 -39.54
C TYR N 68 65.13 -14.18 -41.02
N VAL N 69 65.91 -13.30 -41.64
CA VAL N 69 66.16 -13.41 -43.08
C VAL N 69 67.09 -14.61 -43.29
N ASN N 71 67.20 -17.04 -41.25
CA ASN N 71 66.36 -18.18 -40.87
C ASN N 71 65.77 -18.78 -42.12
N GLY N 72 65.25 -17.91 -42.97
CA GLY N 72 64.69 -18.38 -44.21
C GLY N 72 65.67 -19.02 -45.18
N LEU N 73 66.82 -18.36 -45.30
CA LEU N 73 67.86 -18.78 -46.22
C LEU N 73 68.35 -20.16 -45.74
N LEU N 74 68.54 -20.27 -44.44
CA LEU N 74 69.04 -21.54 -43.86
C LEU N 74 67.96 -22.61 -44.11
N ALA N 75 66.70 -22.23 -43.95
CA ALA N 75 65.63 -23.16 -44.18
C ALA N 75 65.72 -23.70 -45.59
N GLY N 76 66.00 -22.80 -46.53
CA GLY N 76 66.05 -23.18 -47.91
C GLY N 76 67.19 -24.15 -48.16
N ILE N 77 68.28 -23.91 -47.44
CA ILE N 77 69.49 -24.75 -47.58
C ILE N 77 69.22 -26.16 -47.11
N LEU N 78 68.66 -26.25 -45.92
CA LEU N 78 68.43 -27.56 -45.29
C LEU N 78 67.40 -28.37 -46.05
N LEU N 79 66.33 -27.72 -46.53
CA LEU N 79 65.26 -28.49 -47.20
C LEU N 79 65.63 -28.93 -48.60
N ASN N 80 66.19 -28.01 -49.36
CA ASN N 80 66.57 -28.33 -50.73
C ASN N 80 67.73 -29.34 -50.77
N SER N 81 68.56 -29.33 -49.74
CA SER N 81 69.75 -30.21 -49.75
C SER N 81 69.42 -31.62 -49.27
N GLY N 82 68.29 -31.72 -48.57
CA GLY N 82 67.86 -32.99 -48.00
C GLY N 82 68.40 -33.18 -46.60
N ALA N 83 69.11 -32.17 -46.12
CA ALA N 83 69.68 -32.20 -44.74
C ALA N 83 68.57 -32.20 -43.68
N ALA N 84 67.40 -31.71 -44.10
CA ALA N 84 66.21 -31.73 -43.24
C ALA N 84 65.00 -32.04 -44.08
N ASP N 85 64.03 -32.72 -43.49
CA ASP N 85 62.78 -33.01 -44.23
C ASP N 85 61.73 -31.97 -43.86
N PHE N 86 61.93 -31.37 -42.70
CA PHE N 86 60.99 -30.40 -42.14
C PHE N 86 61.72 -29.41 -41.29
N VAL N 87 61.26 -28.16 -41.35
CA VAL N 87 61.87 -27.07 -40.58
C VAL N 87 60.89 -26.40 -39.67
N VAL N 88 61.37 -26.16 -38.46
CA VAL N 88 60.64 -25.43 -37.43
C VAL N 88 61.38 -24.16 -37.12
N THR N 89 60.73 -23.02 -37.36
CA THR N 89 61.37 -21.73 -37.09
C THR N 89 60.35 -20.72 -36.56
N GLY N 90 60.71 -19.45 -36.67
CA GLY N 90 59.86 -18.41 -36.12
C GLY N 90 60.67 -17.25 -35.61
N GLY N 92 59.60 -13.18 -33.33
CA GLY N 92 58.64 -12.61 -32.40
C GLY N 92 57.19 -12.96 -32.69
N THR N 93 56.85 -12.89 -33.97
CA THR N 93 55.46 -13.14 -34.47
C THR N 93 55.38 -14.31 -35.45
N GLY N 94 56.54 -14.68 -35.96
CA GLY N 94 56.66 -15.75 -36.93
C GLY N 94 56.59 -15.23 -38.33
N GLY N 96 58.26 -12.73 -40.07
CA GLY N 96 59.49 -12.50 -40.83
C GLY N 96 60.11 -13.78 -41.37
N SER N 97 60.17 -14.78 -40.52
CA SER N 97 60.77 -16.04 -40.90
C SER N 97 59.93 -16.72 -41.95
N LEU N 99 58.08 -15.20 -44.19
CA LEU N 99 58.25 -14.47 -45.43
C LEU N 99 59.56 -14.86 -46.04
N ALA N 100 60.57 -14.92 -45.20
CA ALA N 100 61.92 -15.27 -45.68
C ALA N 100 61.99 -16.72 -46.21
N ALA N 101 61.29 -17.64 -45.53
CA ALA N 101 61.29 -19.05 -45.90
C ALA N 101 60.56 -19.26 -47.21
N ASN N 102 59.42 -18.60 -47.32
CA ASN N 102 58.65 -18.75 -48.55
C ASN N 102 59.26 -18.03 -49.78
N ALA N 103 60.32 -17.29 -49.55
CA ALA N 103 60.96 -16.64 -50.67
C ALA N 103 61.88 -17.65 -51.34
N PRO N 105 63.16 -21.41 -53.02
CA PRO N 105 62.62 -22.53 -53.79
C PRO N 105 62.37 -23.74 -52.93
N GLY N 106 61.33 -24.45 -53.33
CA GLY N 106 60.87 -25.67 -52.72
C GLY N 106 60.60 -25.65 -51.24
N VAL N 107 60.42 -24.45 -50.70
CA VAL N 107 60.05 -24.30 -49.27
C VAL N 107 58.60 -23.84 -49.18
N PHE N 108 57.81 -24.53 -48.39
CA PHE N 108 56.40 -24.16 -48.15
C PHE N 108 56.15 -24.07 -46.68
N CYS N 109 56.30 -22.84 -46.17
CA CYS N 109 56.25 -22.54 -44.72
C CYS N 109 54.92 -21.93 -44.24
N GLY N 110 54.27 -22.64 -43.34
CA GLY N 110 53.06 -22.14 -42.75
C GLY N 110 53.37 -21.29 -41.54
N LEU N 111 52.44 -20.38 -41.25
CA LEU N 111 52.45 -19.61 -40.03
C LEU N 111 51.39 -20.36 -39.23
N VAL N 112 51.82 -20.99 -38.14
CA VAL N 112 50.95 -21.85 -37.33
C VAL N 112 50.81 -21.31 -35.92
N ILE N 113 49.56 -21.19 -35.47
CA ILE N 113 49.31 -20.66 -34.13
C ILE N 113 48.78 -21.70 -33.13
N ASP N 114 47.68 -22.32 -33.51
CA ASP N 114 46.99 -23.34 -32.69
C ASP N 114 46.98 -24.73 -33.28
N PRO N 115 46.54 -25.72 -32.50
CA PRO N 115 46.64 -27.10 -33.03
C PRO N 115 45.77 -27.41 -34.23
N THR N 116 44.61 -26.78 -34.32
CA THR N 116 43.76 -26.99 -35.51
C THR N 116 44.51 -26.44 -36.70
N ASP N 117 45.16 -25.31 -36.50
CA ASP N 117 45.99 -24.73 -37.55
C ASP N 117 46.99 -25.73 -38.07
N ALA N 118 47.70 -26.32 -37.13
CA ALA N 118 48.75 -27.27 -37.45
C ALA N 118 48.15 -28.46 -38.17
N PHE N 119 46.99 -28.86 -37.72
CA PHE N 119 46.36 -30.06 -38.24
C PHE N 119 46.02 -29.86 -39.69
N LEU N 120 45.30 -28.77 -39.89
CA LEU N 120 44.85 -28.32 -41.21
C LEU N 120 46.04 -28.08 -42.12
N PHE N 121 47.13 -27.55 -41.56
CA PHE N 121 48.28 -27.26 -42.40
C PHE N 121 48.77 -28.56 -42.97
N GLY N 122 48.90 -29.56 -42.12
CA GLY N 122 49.44 -30.84 -42.59
C GLY N 122 48.56 -31.57 -43.58
N GLN N 123 47.26 -31.44 -43.40
CA GLN N 123 46.32 -32.26 -44.18
C GLN N 123 45.99 -31.65 -45.50
N ILE N 124 46.04 -30.33 -45.54
CA ILE N 124 45.62 -29.64 -46.74
C ILE N 124 46.76 -29.04 -47.53
N ASN N 125 47.69 -28.45 -46.81
CA ASN N 125 48.79 -27.81 -47.48
C ASN N 125 50.01 -28.71 -47.56
N ASP N 126 50.16 -29.60 -46.59
CA ASP N 126 51.28 -30.56 -46.54
C ASP N 126 52.64 -29.90 -46.82
N GLY N 127 52.85 -28.78 -46.17
CA GLY N 127 54.10 -28.02 -46.27
C GLY N 127 55.27 -28.68 -45.55
N ASN N 128 56.46 -28.09 -45.70
CA ASN N 128 57.71 -28.65 -45.17
C ASN N 128 58.40 -27.79 -44.14
N ALA N 129 57.71 -26.73 -43.76
CA ALA N 129 58.17 -25.87 -42.69
C ALA N 129 57.02 -25.18 -42.00
N ILE N 130 57.29 -24.79 -40.74
CA ILE N 130 56.39 -23.91 -39.99
C ILE N 130 57.20 -22.81 -39.30
N SER N 131 56.55 -21.66 -39.19
CA SER N 131 57.06 -20.51 -38.45
C SER N 131 56.02 -20.19 -37.39
N PRO N 133 54.98 -17.82 -33.60
CA PRO N 133 55.42 -16.73 -32.75
C PRO N 133 55.97 -17.24 -31.41
N TYR N 134 57.11 -16.68 -31.04
CA TYR N 134 57.78 -17.02 -29.75
C TYR N 134 57.75 -15.84 -28.77
N SER N 135 57.13 -14.73 -29.19
CA SER N 135 56.90 -13.58 -28.30
C SER N 135 55.45 -13.22 -28.23
N LYS N 136 54.93 -12.80 -29.37
CA LYS N 136 53.50 -12.46 -29.43
C LYS N 136 52.66 -13.67 -29.06
N GLY N 137 51.88 -13.48 -28.00
CA GLY N 137 51.01 -14.51 -27.45
C GLY N 137 51.75 -15.62 -26.74
N PHE N 138 53.02 -15.38 -26.50
CA PHE N 138 53.87 -16.42 -25.91
C PHE N 138 54.22 -16.08 -24.48
N GLY N 139 53.35 -16.47 -23.57
CA GLY N 139 53.58 -16.25 -22.16
C GLY N 139 53.48 -17.55 -21.41
N TRP N 140 52.77 -17.54 -20.29
CA TRP N 140 52.62 -18.77 -19.48
C TRP N 140 52.16 -19.97 -20.24
N ALA N 141 52.95 -21.00 -20.14
CA ALA N 141 52.57 -22.30 -20.62
C ALA N 141 52.48 -22.36 -22.10
N ALA N 142 53.09 -21.39 -22.77
CA ALA N 142 53.07 -21.35 -24.24
C ALA N 142 53.71 -22.61 -24.80
N GLU N 143 54.63 -23.18 -24.01
CA GLU N 143 55.37 -24.37 -24.47
C GLU N 143 54.46 -25.58 -24.57
N LEU N 144 53.34 -25.52 -23.88
CA LEU N 144 52.37 -26.61 -23.89
C LEU N 144 51.66 -26.63 -25.24
N ASN N 145 51.35 -25.44 -25.71
CA ASN N 145 50.70 -25.32 -27.01
C ASN N 145 51.63 -25.79 -28.07
N LEU N 146 52.93 -25.57 -27.86
CA LEU N 146 53.96 -25.99 -28.82
C LEU N 146 53.90 -27.49 -28.99
N GLN N 147 53.85 -28.20 -27.86
CA GLN N 147 53.77 -29.67 -27.90
C GLN N 147 52.49 -30.12 -28.57
N ASP N 148 51.40 -29.44 -28.26
CA ASP N 148 50.10 -29.79 -28.86
C ASP N 148 50.23 -29.69 -30.38
N VAL N 149 50.85 -28.60 -30.82
CA VAL N 149 51.02 -28.36 -32.27
C VAL N 149 51.87 -29.43 -32.94
N TYR N 150 52.98 -29.75 -32.29
CA TYR N 150 53.93 -30.77 -32.83
C TYR N 150 53.23 -32.12 -32.97
N ARG N 151 52.40 -32.44 -32.00
CA ARG N 151 51.66 -33.71 -32.04
C ARG N 151 50.75 -33.80 -33.23
N LYS N 152 50.26 -32.64 -33.65
CA LYS N 152 49.36 -32.58 -34.79
C LYS N 152 50.15 -32.66 -36.08
N LEU N 153 51.39 -32.25 -36.10
CA LEU N 153 52.12 -32.29 -37.36
C LEU N 153 52.88 -33.58 -37.59
N PHE N 154 53.45 -34.07 -36.52
CA PHE N 154 54.45 -35.14 -36.62
C PHE N 154 53.97 -36.53 -36.27
N ASP N 155 52.68 -36.62 -36.01
CA ASP N 155 52.10 -37.92 -35.73
C ASP N 155 51.02 -38.11 -36.75
N GLY N 156 51.21 -39.10 -37.62
CA GLY N 156 50.21 -39.40 -38.66
C GLY N 156 50.57 -39.02 -40.07
N GLU N 157 49.73 -39.49 -40.99
CA GLU N 157 49.88 -39.21 -42.42
C GLU N 157 49.35 -37.85 -42.82
N ARG N 158 50.19 -37.17 -43.56
CA ARG N 158 49.88 -35.82 -44.03
C ARG N 158 49.48 -35.85 -45.47
N GLY N 159 48.89 -34.72 -45.84
CA GLY N 159 48.39 -34.50 -47.18
C GLY N 159 47.15 -35.30 -47.49
N LEU N 160 46.64 -35.99 -46.47
CA LEU N 160 45.46 -36.85 -46.64
C LEU N 160 44.21 -36.04 -46.93
N GLY N 161 44.33 -34.74 -46.76
CA GLY N 161 43.21 -33.83 -47.03
C GLY N 161 42.17 -33.85 -45.94
N TYR N 162 41.44 -32.75 -45.87
CA TYR N 162 40.37 -32.57 -44.89
C TYR N 162 39.59 -31.31 -45.20
N PRO N 163 38.26 -31.40 -45.22
CA PRO N 163 37.48 -32.60 -44.91
C PRO N 163 37.82 -33.75 -45.84
N ARG N 164 36.81 -34.53 -46.22
CA ARG N 164 36.97 -35.49 -47.34
C ARG N 164 37.33 -34.29 -48.22
N GLU N 165 36.47 -33.43 -48.73
CA GLU N 165 35.16 -33.68 -49.26
C GLU N 165 36.07 -33.37 -50.47
N ARG N 166 36.24 -32.05 -50.66
CA ARG N 166 37.23 -31.42 -51.53
C ARG N 166 38.67 -31.85 -51.26
N ALA N 167 38.89 -33.14 -50.96
CA ALA N 167 40.25 -33.62 -50.65
C ALA N 167 41.06 -33.84 -51.87
N GLU N 168 40.34 -34.12 -52.95
CA GLU N 168 40.98 -34.50 -54.22
C GLU N 168 41.51 -33.27 -54.89
N ILE N 169 40.72 -32.22 -54.74
CA ILE N 169 41.03 -30.94 -55.32
C ILE N 169 42.29 -30.42 -54.66
N ARG N 171 44.93 -32.07 -53.29
CA ARG N 171 46.15 -32.71 -53.73
C ARG N 171 46.56 -32.15 -55.08
N LYS N 172 45.57 -31.95 -55.95
CA LYS N 172 45.85 -31.43 -57.29
C LYS N 172 46.35 -30.00 -57.17
N ASN N 173 45.65 -29.24 -56.34
CA ASN N 173 46.02 -27.84 -56.14
C ASN N 173 47.42 -27.68 -55.56
N ARG N 174 47.80 -28.64 -54.74
CA ARG N 174 49.13 -28.56 -54.13
C ARG N 174 50.16 -28.69 -55.25
N GLY N 175 49.88 -29.59 -56.17
CA GLY N 175 50.80 -29.83 -57.29
C GLY N 175 50.90 -28.66 -58.23
N ILE N 176 49.76 -27.99 -58.41
CA ILE N 176 49.67 -26.81 -59.29
CA ILE N 176 49.68 -26.84 -59.29
C ILE N 176 50.50 -25.70 -58.68
N LEU N 177 50.41 -25.59 -57.38
CA LEU N 177 51.16 -24.58 -56.64
C LEU N 177 52.65 -24.85 -56.78
N ARG N 178 53.05 -26.11 -56.61
CA ARG N 178 54.48 -26.41 -56.72
C ARG N 178 55.00 -26.06 -58.07
N GLU N 179 54.17 -26.22 -59.10
CA GLU N 179 54.60 -25.91 -60.47
C GLU N 179 54.76 -24.44 -60.69
N LEU N 180 53.80 -23.72 -60.14
CA LEU N 180 53.75 -22.27 -60.20
C LEU N 180 55.02 -21.73 -59.57
N LYS N 181 55.33 -22.26 -58.40
CA LYS N 181 56.47 -21.79 -57.65
C LYS N 181 57.77 -22.14 -58.39
N ASP N 182 57.75 -23.29 -59.05
CA ASP N 182 58.92 -23.77 -59.82
C ASP N 182 59.25 -22.75 -60.88
N ALA N 183 58.21 -22.10 -61.37
CA ALA N 183 58.37 -21.17 -62.47
C ALA N 183 58.86 -19.84 -61.96
N SER N 184 58.45 -19.49 -60.74
CA SER N 184 58.86 -18.23 -60.13
CA SER N 184 58.86 -18.25 -60.11
C SER N 184 60.27 -18.28 -59.52
N CYS N 185 60.56 -19.33 -58.76
CA CYS N 185 61.85 -19.47 -58.08
C CYS N 185 62.93 -20.25 -58.78
N ARG N 186 64.10 -19.65 -58.71
CA ARG N 186 65.32 -20.24 -59.27
C ARG N 186 65.74 -21.35 -58.32
N ASP N 187 66.60 -22.23 -58.85
CA ASP N 187 67.06 -23.40 -58.10
C ASP N 187 67.97 -22.97 -56.98
N LEU N 189 70.79 -23.82 -55.75
CA LEU N 189 72.20 -23.63 -55.98
C LEU N 189 72.42 -22.26 -56.59
N THR N 190 71.52 -21.90 -57.50
CA THR N 190 71.61 -20.57 -58.14
C THR N 190 71.40 -19.51 -57.11
N VAL N 191 70.45 -19.76 -56.23
CA VAL N 191 70.16 -18.80 -55.19
C VAL N 191 71.41 -18.64 -54.33
N LEU N 192 72.03 -19.77 -53.97
CA LEU N 192 73.22 -19.72 -53.10
C LEU N 192 74.36 -18.88 -53.71
N LYS N 193 74.43 -18.87 -55.03
CA LYS N 193 75.49 -18.12 -55.73
C LYS N 193 75.15 -16.67 -55.93
N THR N 194 73.85 -16.38 -55.97
CA THR N 194 73.38 -15.00 -56.31
C THR N 194 73.13 -14.08 -55.09
N VAL N 195 72.85 -14.71 -53.94
CA VAL N 195 72.61 -14.01 -52.69
C VAL N 195 73.82 -13.22 -52.21
N ASP N 196 73.55 -12.23 -51.38
CA ASP N 196 74.65 -11.52 -50.70
C ASP N 196 75.45 -12.58 -49.97
N GLN N 197 76.73 -12.70 -50.31
CA GLN N 197 77.55 -13.82 -49.79
C GLN N 197 77.90 -13.72 -48.32
N ASP N 198 77.84 -12.52 -47.78
CA ASP N 198 78.09 -12.34 -46.36
C ASP N 198 76.87 -12.84 -45.62
N LEU N 199 75.69 -12.55 -46.18
CA LEU N 199 74.46 -13.02 -45.54
C LEU N 199 74.52 -14.52 -45.49
N LEU N 200 75.04 -15.11 -46.55
CA LEU N 200 75.13 -16.58 -46.63
C LEU N 200 76.09 -17.14 -45.60
N ARG N 201 77.27 -16.57 -45.52
CA ARG N 201 78.28 -17.03 -44.57
C ARG N 201 77.74 -16.96 -43.15
N ALA N 202 76.98 -15.91 -42.89
CA ALA N 202 76.43 -15.68 -41.55
C ALA N 202 75.35 -16.71 -41.23
N ALA N 203 74.58 -17.09 -42.23
CA ALA N 203 73.47 -18.02 -42.01
C ALA N 203 74.00 -19.37 -41.58
N ILE N 204 75.20 -19.72 -42.04
CA ILE N 204 75.74 -21.05 -41.76
C ILE N 204 76.92 -21.04 -40.80
N ALA N 205 77.17 -19.87 -40.21
CA ALA N 205 78.33 -19.68 -39.30
C ALA N 205 78.17 -20.33 -37.91
N GLY N 206 76.99 -20.88 -37.67
CA GLY N 206 76.68 -21.52 -36.36
C GLY N 206 77.71 -22.57 -36.04
N GLU N 207 78.04 -22.71 -34.76
CA GLU N 207 79.12 -23.64 -34.34
C GLU N 207 78.90 -25.14 -34.59
N LYS N 208 77.64 -25.55 -34.70
CA LYS N 208 77.30 -26.96 -34.91
C LYS N 208 76.88 -27.18 -36.35
N PHE N 209 76.94 -26.13 -37.16
CA PHE N 209 76.39 -26.22 -38.53
C PHE N 209 76.93 -27.38 -39.35
N ALA N 210 78.24 -27.38 -39.51
CA ALA N 210 78.94 -28.38 -40.34
C ALA N 210 78.67 -29.79 -39.84
N GLU N 211 78.69 -29.90 -38.53
CA GLU N 211 78.48 -31.15 -37.86
C GLU N 211 77.09 -31.69 -38.07
N LEU N 212 76.13 -30.78 -38.17
CA LEU N 212 74.74 -31.17 -38.35
C LEU N 212 74.43 -31.37 -39.83
N PHE N 213 75.07 -30.54 -40.64
CA PHE N 213 74.76 -30.46 -42.09
C PHE N 213 75.36 -31.46 -43.05
N TYR N 214 76.67 -31.42 -43.12
CA TYR N 214 77.40 -32.22 -44.12
C TYR N 214 77.09 -33.72 -44.07
N PRO N 215 76.92 -34.28 -42.87
CA PRO N 215 76.64 -35.71 -42.90
C PRO N 215 75.28 -36.08 -43.42
N ASN N 216 74.39 -35.11 -43.39
CA ASN N 216 72.96 -35.30 -43.71
C ASN N 216 72.52 -34.76 -45.05
N CYS N 217 73.41 -33.97 -45.63
CA CYS N 217 73.22 -33.35 -46.96
C CYS N 217 73.21 -34.35 -48.11
N LYS N 218 72.16 -34.34 -48.91
CA LYS N 218 72.02 -35.29 -50.00
C LYS N 218 72.46 -34.68 -51.31
N ASP N 219 72.71 -33.37 -51.31
CA ASP N 219 73.10 -32.67 -52.55
C ASP N 219 74.53 -32.17 -52.48
N ASP N 220 75.41 -32.95 -53.12
CA ASP N 220 76.86 -32.66 -53.10
C ASP N 220 77.17 -31.30 -53.65
N ALA N 221 76.38 -30.89 -54.63
CA ALA N 221 76.59 -29.61 -55.35
C ALA N 221 76.40 -28.45 -54.37
N ILE N 222 75.40 -28.60 -53.50
CA ILE N 222 75.18 -27.55 -52.49
C ILE N 222 76.28 -27.60 -51.46
N ALA N 223 76.64 -28.82 -51.10
CA ALA N 223 77.65 -29.03 -50.06
C ALA N 223 78.99 -28.47 -50.51
N ASN N 224 79.31 -28.75 -51.76
CA ASN N 224 80.59 -28.32 -52.34
C ASN N 224 80.65 -26.82 -52.44
N TYR N 225 79.50 -26.20 -52.66
CA TYR N 225 79.46 -24.75 -52.79
C TYR N 225 79.71 -24.13 -51.43
N LEU N 226 79.01 -24.64 -50.45
CA LEU N 226 79.10 -24.09 -49.11
C LEU N 226 80.50 -24.22 -48.54
N ARG N 227 81.10 -25.37 -48.82
CA ARG N 227 82.47 -25.66 -48.31
C ARG N 227 83.45 -24.72 -48.93
N SER N 228 83.15 -24.36 -50.16
CA SER N 228 84.02 -23.48 -50.93
C SER N 228 84.04 -22.09 -50.34
N LEU N 229 83.07 -21.81 -49.47
CA LEU N 229 82.95 -20.45 -48.92
C LEU N 229 84.10 -20.22 -47.98
N ASP N 230 84.66 -21.33 -47.54
CA ASP N 230 85.73 -21.34 -46.51
C ASP N 230 86.94 -20.45 -46.82
N GLY O 19 35.38 -42.31 -13.40
CA GLY O 19 34.28 -41.97 -14.35
C GLY O 19 33.35 -40.88 -13.81
N LYS O 21 29.84 -38.24 -14.48
CA LYS O 21 28.55 -37.95 -15.15
C LYS O 21 28.67 -36.51 -15.71
N ILE O 22 28.83 -36.43 -17.03
CA ILE O 22 29.02 -35.14 -17.72
C ILE O 22 27.74 -34.73 -18.36
N ALA O 23 27.23 -33.60 -17.91
CA ALA O 23 25.99 -33.06 -18.48
C ALA O 23 26.24 -32.00 -19.55
N LEU O 24 25.46 -32.07 -20.61
CA LEU O 24 25.49 -31.10 -21.72
C LEU O 24 24.19 -30.34 -21.82
N ILE O 25 24.32 -29.03 -21.89
CA ILE O 25 23.17 -28.13 -22.04
C ILE O 25 23.44 -27.02 -23.07
N ILE O 26 22.55 -26.93 -24.04
CA ILE O 26 22.62 -25.96 -25.11
C ILE O 26 21.35 -25.11 -25.15
N GLU O 27 21.54 -23.80 -25.31
CA GLU O 27 20.43 -22.87 -25.43
C GLU O 27 20.02 -22.67 -26.86
N ASN O 28 18.96 -21.93 -27.03
CA ASN O 28 18.29 -21.84 -28.32
C ASN O 28 19.05 -21.15 -29.43
N SER O 29 19.92 -20.19 -29.11
CA SER O 29 20.67 -19.51 -30.19
C SER O 29 21.59 -20.49 -30.84
N GLN O 30 21.92 -21.57 -30.17
CA GLN O 30 22.88 -22.54 -30.74
C GLN O 30 22.36 -23.95 -30.88
N ALA O 31 21.06 -24.11 -30.68
CA ALA O 31 20.42 -25.46 -30.65
C ALA O 31 20.77 -26.37 -31.82
N ALA O 32 21.04 -25.79 -32.97
CA ALA O 32 21.34 -26.54 -34.18
C ALA O 32 22.71 -27.22 -34.10
N LYS O 33 23.51 -26.72 -33.19
CA LYS O 33 24.85 -27.26 -32.96
C LYS O 33 24.88 -28.33 -31.89
N ASN O 34 23.72 -28.63 -31.31
CA ASN O 34 23.73 -29.59 -30.20
C ASN O 34 24.29 -30.94 -30.60
N ALA O 35 23.94 -31.36 -31.81
CA ALA O 35 24.37 -32.70 -32.28
C ALA O 35 25.88 -32.75 -32.45
N VAL O 36 26.41 -31.70 -33.04
CA VAL O 36 27.87 -31.61 -33.28
C VAL O 36 28.67 -31.63 -32.00
N VAL O 37 28.19 -30.86 -31.02
CA VAL O 37 28.90 -30.76 -29.74
C VAL O 37 28.78 -32.10 -29.01
N HIS O 38 27.59 -32.64 -29.07
CA HIS O 38 27.31 -33.93 -28.39
C HIS O 38 28.20 -35.03 -28.95
N GLU O 39 28.38 -34.99 -30.25
CA GLU O 39 29.20 -35.98 -30.92
C GLU O 39 30.66 -35.85 -30.49
N ALA O 40 31.18 -34.63 -30.50
CA ALA O 40 32.57 -34.42 -30.09
C ALA O 40 32.76 -34.86 -28.69
N LEU O 41 31.75 -34.60 -27.87
CA LEU O 41 31.84 -34.86 -26.43
C LEU O 41 31.89 -36.33 -26.09
N THR O 42 30.93 -37.05 -26.65
CA THR O 42 30.88 -38.51 -26.38
C THR O 42 32.10 -39.17 -27.00
N THR O 43 32.47 -38.66 -28.16
CA THR O 43 33.62 -39.22 -28.88
C THR O 43 34.85 -39.22 -28.02
N VAL O 44 34.94 -38.25 -27.13
CA VAL O 44 36.12 -38.17 -26.31
C VAL O 44 35.91 -38.77 -24.93
N ALA O 45 34.75 -38.47 -24.34
CA ALA O 45 34.52 -38.77 -22.92
C ALA O 45 34.27 -40.23 -22.59
N GLU O 46 33.44 -40.84 -23.42
CA GLU O 46 33.03 -42.26 -23.23
C GLU O 46 34.19 -43.27 -23.21
N PRO O 47 35.06 -43.20 -24.23
CA PRO O 47 36.16 -44.15 -24.22
C PRO O 47 37.04 -43.97 -23.01
N LEU O 48 36.82 -42.87 -22.31
CA LEU O 48 37.60 -42.53 -21.12
C LEU O 48 36.84 -43.06 -19.92
N GLY O 49 35.68 -43.63 -20.20
CA GLY O 49 34.86 -44.24 -19.13
C GLY O 49 34.00 -43.28 -18.35
N HIS O 50 33.55 -42.25 -19.07
CA HIS O 50 32.61 -41.30 -18.50
C HIS O 50 31.26 -41.49 -19.16
N LYS O 51 30.25 -40.98 -18.47
CA LYS O 51 28.86 -41.03 -18.96
C LYS O 51 28.41 -39.62 -19.32
N VAL O 52 27.90 -39.50 -20.54
CA VAL O 52 27.43 -38.23 -21.13
C VAL O 52 25.93 -38.10 -21.22
N PHE O 53 25.42 -37.10 -20.50
CA PHE O 53 23.99 -36.82 -20.45
C PHE O 53 23.65 -35.58 -21.23
N ASN O 54 22.94 -35.74 -22.34
CA ASN O 54 22.50 -34.64 -23.19
C ASN O 54 21.08 -34.12 -22.81
N TYR O 55 21.09 -32.97 -22.12
CA TYR O 55 19.84 -32.34 -21.67
C TYR O 55 19.22 -31.46 -22.75
N GLY O 56 19.81 -31.47 -23.93
CA GLY O 56 19.33 -30.63 -25.02
C GLY O 56 19.66 -29.15 -24.78
N TYR O 58 17.97 -30.18 -28.26
CA TYR O 58 18.37 -31.19 -29.24
C TYR O 58 18.28 -30.59 -30.60
N THR O 59 17.25 -29.80 -30.76
CA THR O 59 17.03 -29.11 -32.01
C THR O 59 16.57 -27.71 -31.72
N ALA O 60 16.47 -26.97 -32.81
CA ALA O 60 16.05 -25.59 -32.75
C ALA O 60 14.54 -25.61 -32.65
N GLU O 61 13.96 -26.76 -32.95
CA GLU O 61 12.50 -26.92 -32.96
C GLU O 61 11.93 -27.44 -31.65
N ASP O 62 12.80 -27.70 -30.69
CA ASP O 62 12.34 -28.18 -29.38
C ASP O 62 11.24 -27.26 -28.83
N LYS O 63 10.11 -27.86 -28.46
CA LYS O 63 8.98 -27.09 -27.91
C LYS O 63 9.43 -26.45 -26.62
N ALA O 64 10.30 -27.19 -25.94
CA ALA O 64 10.86 -26.74 -24.67
C ALA O 64 12.13 -25.98 -24.96
N SER O 65 11.98 -24.67 -25.06
CA SER O 65 13.12 -23.78 -25.37
C SER O 65 13.88 -23.37 -24.12
N LEU O 66 15.19 -23.31 -24.30
CA LEU O 66 16.13 -22.92 -23.24
C LEU O 66 16.87 -21.64 -23.60
N THR O 67 17.06 -20.82 -22.57
CA THR O 67 17.84 -19.60 -22.63
C THR O 67 19.11 -19.85 -21.87
N TYR O 68 20.05 -18.92 -22.05
CA TYR O 68 21.37 -19.05 -21.39
C TYR O 68 21.21 -18.92 -19.91
N VAL O 69 20.12 -18.23 -19.55
CA VAL O 69 19.80 -18.00 -18.16
C VAL O 69 19.34 -19.35 -17.60
N ASN O 71 20.12 -22.20 -18.82
CA ASN O 71 21.30 -23.07 -18.85
C ASN O 71 22.02 -22.99 -17.55
N GLY O 72 21.99 -21.85 -16.91
CA GLY O 72 22.80 -21.69 -15.70
C GLY O 72 22.10 -22.27 -14.49
N LEU O 73 20.79 -22.09 -14.50
CA LEU O 73 19.92 -22.55 -13.40
C LEU O 73 19.91 -24.07 -13.37
N LEU O 74 19.84 -24.63 -14.56
CA LEU O 74 19.84 -26.10 -14.74
C LEU O 74 21.17 -26.68 -14.28
N ALA O 75 22.26 -25.98 -14.56
CA ALA O 75 23.56 -26.43 -14.15
C ALA O 75 23.62 -26.56 -12.64
N GLY O 76 23.13 -25.53 -11.98
CA GLY O 76 23.16 -25.46 -10.53
C GLY O 76 22.38 -26.64 -9.97
N ILE O 77 21.25 -26.91 -10.61
CA ILE O 77 20.36 -28.02 -10.20
C ILE O 77 21.12 -29.34 -10.31
N LEU O 78 21.66 -29.57 -11.51
CA LEU O 78 22.37 -30.80 -11.83
C LEU O 78 23.57 -31.05 -10.93
N LEU O 79 24.42 -30.05 -10.85
CA LEU O 79 25.64 -30.13 -10.05
C LEU O 79 25.39 -30.24 -8.56
N ASN O 80 24.38 -29.50 -8.10
CA ASN O 80 24.02 -29.48 -6.68
C ASN O 80 23.30 -30.72 -6.22
N SER O 81 22.62 -31.39 -7.14
CA SER O 81 21.84 -32.57 -6.80
C SER O 81 22.66 -33.81 -6.98
N GLY O 82 23.78 -33.64 -7.67
CA GLY O 82 24.70 -34.74 -7.97
C GLY O 82 24.21 -35.45 -9.22
N ALA O 83 23.19 -34.89 -9.84
CA ALA O 83 22.63 -35.52 -11.05
C ALA O 83 23.70 -35.53 -12.13
N ALA O 84 24.69 -34.67 -11.91
CA ALA O 84 25.85 -34.55 -12.80
C ALA O 84 27.06 -34.14 -11.99
N ASP O 85 28.21 -34.54 -12.48
CA ASP O 85 29.49 -34.20 -11.85
C ASP O 85 30.20 -33.06 -12.58
N PHE O 86 29.75 -32.83 -13.80
CA PHE O 86 30.37 -31.81 -14.66
C PHE O 86 29.35 -31.38 -15.67
N VAL O 87 29.34 -30.08 -15.94
CA VAL O 87 28.41 -29.52 -16.93
C VAL O 87 29.23 -28.83 -18.04
N VAL O 88 28.85 -29.15 -19.25
CA VAL O 88 29.41 -28.56 -20.46
C VAL O 88 28.28 -27.77 -21.04
N THR O 89 28.54 -26.50 -21.22
CA THR O 89 27.52 -25.67 -21.74
C THR O 89 28.17 -24.57 -22.61
N GLY O 90 27.37 -23.57 -22.91
CA GLY O 90 27.82 -22.42 -23.65
C GLY O 90 26.71 -21.74 -24.39
N GLY O 92 26.49 -18.36 -27.81
CA GLY O 92 27.16 -17.79 -28.96
C GLY O 92 28.60 -17.46 -28.66
N THR O 93 28.82 -16.89 -27.48
CA THR O 93 30.14 -16.50 -27.04
C THR O 93 30.55 -17.28 -25.84
N GLY O 94 29.56 -17.84 -25.17
CA GLY O 94 29.78 -18.57 -23.94
C GLY O 94 29.70 -17.71 -22.69
N GLY O 96 27.21 -15.54 -21.55
CA GLY O 96 25.94 -15.53 -20.85
C GLY O 96 25.73 -16.73 -19.95
N SER O 97 26.09 -17.90 -20.46
CA SER O 97 25.91 -19.17 -19.71
C SER O 97 26.87 -19.24 -18.55
N LEU O 99 27.95 -16.72 -16.91
CA LEU O 99 27.46 -15.78 -15.90
C LEU O 99 26.30 -16.38 -15.12
N ALA O 100 25.39 -17.05 -15.81
CA ALA O 100 24.21 -17.62 -15.20
C ALA O 100 24.66 -18.77 -14.30
N ALA O 101 25.65 -19.51 -14.78
CA ALA O 101 26.15 -20.67 -14.07
C ALA O 101 26.78 -20.27 -12.80
N ASN O 102 27.65 -19.29 -12.89
CA ASN O 102 28.42 -18.82 -11.71
C ASN O 102 27.59 -18.05 -10.68
N ALA O 103 26.36 -17.76 -11.07
CA ALA O 103 25.42 -17.08 -10.20
C ALA O 103 24.87 -18.12 -9.26
N PRO O 105 24.85 -21.48 -6.57
CA PRO O 105 25.71 -22.06 -5.56
C PRO O 105 26.36 -23.35 -6.04
N GLY O 106 27.62 -23.51 -5.65
CA GLY O 106 28.38 -24.75 -5.89
C GLY O 106 28.85 -24.93 -7.30
N VAL O 107 28.48 -23.99 -8.15
CA VAL O 107 28.90 -24.04 -9.54
C VAL O 107 30.13 -23.12 -9.76
N PHE O 108 31.15 -23.71 -10.36
CA PHE O 108 32.36 -22.98 -10.73
C PHE O 108 32.59 -23.27 -12.20
N CYS O 109 32.08 -22.35 -13.01
CA CYS O 109 32.08 -22.47 -14.47
C CYS O 109 33.14 -21.63 -15.15
N GLY O 110 34.06 -22.30 -15.86
CA GLY O 110 35.07 -21.62 -16.65
C GLY O 110 34.61 -21.28 -18.04
N LEU O 111 35.22 -20.22 -18.58
CA LEU O 111 35.03 -19.83 -19.99
C LEU O 111 36.31 -20.34 -20.64
N VAL O 112 36.14 -21.39 -21.42
CA VAL O 112 37.25 -22.08 -22.04
C VAL O 112 37.21 -21.97 -23.57
N ILE O 113 38.35 -21.62 -24.12
CA ILE O 113 38.55 -21.39 -25.55
C ILE O 113 39.46 -22.42 -26.25
N ASP O 114 40.67 -22.52 -25.77
CA ASP O 114 41.66 -23.41 -26.36
C ASP O 114 42.09 -24.48 -25.37
N PRO O 115 42.92 -25.43 -25.85
CA PRO O 115 43.28 -26.58 -25.00
C PRO O 115 44.14 -26.28 -23.83
N THR O 116 44.97 -25.25 -23.90
CA THR O 116 45.78 -24.86 -22.73
C THR O 116 44.87 -24.23 -21.68
N ASP O 117 43.86 -23.48 -22.15
CA ASP O 117 42.89 -22.89 -21.25
C ASP O 117 42.25 -24.05 -20.49
N ALA O 118 42.01 -25.13 -21.24
CA ALA O 118 41.28 -26.29 -20.73
C ALA O 118 42.07 -26.95 -19.66
N PHE O 119 43.32 -27.16 -20.02
CA PHE O 119 44.27 -27.83 -19.13
C PHE O 119 44.52 -27.03 -17.84
N LEU O 120 44.67 -25.73 -17.99
CA LEU O 120 44.99 -24.91 -16.83
C LEU O 120 43.81 -24.80 -15.90
N PHE O 121 42.63 -24.86 -16.49
CA PHE O 121 41.38 -24.71 -15.74
C PHE O 121 41.27 -25.91 -14.83
N GLY O 122 41.61 -27.04 -15.42
CA GLY O 122 41.52 -28.34 -14.76
C GLY O 122 42.46 -28.43 -13.59
N GLN O 123 43.70 -27.99 -13.83
CA GLN O 123 44.78 -28.10 -12.86
C GLN O 123 44.86 -27.00 -11.81
N ILE O 124 44.32 -25.83 -12.12
CA ILE O 124 44.43 -24.71 -11.19
C ILE O 124 43.13 -24.37 -10.47
N ASN O 125 42.05 -24.43 -11.20
CA ASN O 125 40.75 -24.04 -10.68
C ASN O 125 39.90 -25.25 -10.33
N ASP O 126 40.11 -26.32 -11.08
CA ASP O 126 39.39 -27.55 -10.86
C ASP O 126 37.89 -27.34 -10.77
N GLY O 127 37.38 -26.54 -11.69
CA GLY O 127 35.95 -26.27 -11.76
C GLY O 127 35.14 -27.50 -12.09
N ASN O 128 33.82 -27.32 -12.03
CA ASN O 128 32.88 -28.42 -12.29
C ASN O 128 32.02 -28.14 -13.50
N ALA O 129 32.47 -27.16 -14.26
CA ALA O 129 31.72 -26.78 -15.43
C ALA O 129 32.52 -25.87 -16.38
N ILE O 130 32.15 -25.97 -17.65
CA ILE O 130 32.70 -25.10 -18.69
C ILE O 130 31.65 -24.56 -19.62
N SER O 131 31.90 -23.33 -20.02
CA SER O 131 31.09 -22.67 -21.01
C SER O 131 32.01 -22.32 -22.15
N PRO O 133 32.23 -20.90 -26.53
CA PRO O 133 31.50 -20.27 -27.60
C PRO O 133 31.22 -21.24 -28.72
N TYR O 134 30.00 -21.18 -29.21
CA TYR O 134 29.57 -22.02 -30.32
C TYR O 134 29.27 -21.23 -31.57
N SER O 135 29.49 -19.93 -31.50
CA SER O 135 29.30 -19.04 -32.64
CA SER O 135 29.36 -19.09 -32.68
C SER O 135 30.56 -18.23 -32.91
N LYS O 136 30.88 -17.36 -31.96
CA LYS O 136 32.10 -16.57 -32.11
C LYS O 136 33.30 -17.53 -32.14
N GLY O 137 34.07 -17.43 -33.22
CA GLY O 137 35.27 -18.26 -33.37
C GLY O 137 35.02 -19.69 -33.73
N PHE O 138 33.75 -20.01 -33.87
CA PHE O 138 33.31 -21.39 -34.14
C PHE O 138 32.96 -21.58 -35.61
N GLY O 139 33.95 -21.90 -36.39
CA GLY O 139 33.67 -22.06 -37.78
C GLY O 139 34.14 -23.40 -38.22
N TRP O 140 34.73 -23.38 -39.38
CA TRP O 140 35.26 -24.55 -40.00
C TRP O 140 36.23 -25.25 -39.08
N ALA O 141 35.95 -26.53 -38.85
CA ALA O 141 36.82 -27.40 -38.03
C ALA O 141 36.79 -27.14 -36.52
N ALA O 142 35.85 -26.32 -36.08
CA ALA O 142 35.79 -25.98 -34.66
C ALA O 142 35.47 -27.19 -33.75
N GLU O 143 34.92 -28.26 -34.32
CA GLU O 143 34.53 -29.41 -33.52
C GLU O 143 35.79 -30.14 -33.11
N LEU O 144 36.85 -29.87 -33.85
CA LEU O 144 38.14 -30.55 -33.58
C LEU O 144 38.78 -29.98 -32.33
N ASN O 145 38.61 -28.69 -32.15
CA ASN O 145 39.15 -28.02 -30.97
C ASN O 145 38.35 -28.48 -29.77
N LEU O 146 37.07 -28.74 -29.97
CA LEU O 146 36.21 -29.19 -28.87
C LEU O 146 36.79 -30.49 -28.31
N GLN O 147 37.15 -31.38 -29.22
CA GLN O 147 37.74 -32.66 -28.82
C GLN O 147 39.10 -32.46 -28.14
N ASP O 148 39.90 -31.52 -28.63
CA ASP O 148 41.22 -31.27 -28.02
C ASP O 148 41.02 -30.80 -26.59
N VAL O 149 39.99 -29.99 -26.42
CA VAL O 149 39.66 -29.40 -25.13
C VAL O 149 39.12 -30.48 -24.17
N TYR O 150 38.28 -31.34 -24.69
CA TYR O 150 37.69 -32.38 -23.83
C TYR O 150 38.78 -33.31 -23.33
N ARG O 151 39.69 -33.61 -24.22
CA ARG O 151 40.80 -34.51 -23.91
C ARG O 151 41.64 -33.98 -22.82
N LYS O 152 41.72 -32.65 -22.71
CA LYS O 152 42.55 -32.00 -21.68
C LYS O 152 41.80 -31.99 -20.36
N LEU O 153 40.49 -32.09 -20.48
CA LEU O 153 39.63 -31.99 -19.31
C LEU O 153 39.32 -33.34 -18.66
N PHE O 154 38.98 -34.31 -19.48
CA PHE O 154 38.44 -35.57 -18.95
C PHE O 154 39.40 -36.75 -18.88
N ASP O 155 40.65 -36.46 -19.20
CA ASP O 155 41.68 -37.47 -19.20
C ASP O 155 42.73 -37.09 -18.18
N GLY O 156 42.82 -37.91 -17.14
CA GLY O 156 43.78 -37.67 -16.07
C GLY O 156 43.19 -37.01 -14.83
N GLU O 157 44.09 -36.76 -13.90
CA GLU O 157 43.77 -36.18 -12.59
C GLU O 157 43.83 -34.68 -12.62
N ARG O 158 42.82 -34.07 -12.02
CA ARG O 158 42.72 -32.62 -11.95
C ARG O 158 43.15 -32.02 -10.63
N GLY O 159 43.27 -30.71 -10.69
CA GLY O 159 43.65 -29.89 -9.56
C GLY O 159 45.00 -30.25 -8.99
N LEU O 160 45.81 -30.87 -9.82
CA LEU O 160 47.15 -31.29 -9.40
C LEU O 160 48.10 -30.12 -9.53
N GLY O 161 47.52 -29.04 -10.03
CA GLY O 161 48.21 -27.75 -10.21
C GLY O 161 49.37 -27.68 -11.17
N TYR O 162 49.48 -26.50 -11.78
CA TYR O 162 50.56 -26.16 -12.73
C TYR O 162 51.09 -24.76 -12.44
N PRO O 163 52.39 -24.65 -12.14
CA PRO O 163 53.22 -25.85 -12.05
C PRO O 163 52.87 -26.60 -10.78
N ARG O 164 53.30 -27.85 -10.72
CA ARG O 164 53.06 -28.70 -9.56
C ARG O 164 53.88 -28.08 -8.43
N GLU O 165 54.27 -26.83 -8.70
CA GLU O 165 55.10 -26.00 -7.80
C GLU O 165 54.26 -25.07 -6.93
N ARG O 166 53.32 -24.37 -7.55
CA ARG O 166 52.44 -23.44 -6.84
C ARG O 166 51.19 -24.25 -6.55
N ALA O 167 51.42 -25.55 -6.54
CA ALA O 167 50.40 -26.57 -6.33
C ALA O 167 49.60 -26.39 -5.07
N GLU O 168 50.33 -26.23 -3.98
CA GLU O 168 49.73 -26.11 -2.65
C GLU O 168 48.94 -24.82 -2.46
N ILE O 169 49.49 -23.73 -2.95
CA ILE O 169 48.86 -22.43 -2.76
C ILE O 169 47.51 -22.40 -3.44
N ARG O 171 45.62 -24.77 -4.22
CA ARG O 171 44.69 -25.71 -3.56
C ARG O 171 43.98 -25.01 -2.41
N LYS O 172 44.77 -24.21 -1.70
CA LYS O 172 44.29 -23.48 -0.53
C LYS O 172 43.30 -22.42 -0.97
N ASN O 173 43.76 -21.63 -1.92
CA ASN O 173 42.95 -20.55 -2.48
C ASN O 173 41.60 -21.02 -3.01
N ARG O 174 41.58 -22.24 -3.54
CA ARG O 174 40.33 -22.78 -4.09
C ARG O 174 39.32 -23.01 -2.99
N GLY O 175 39.85 -23.43 -1.86
CA GLY O 175 39.02 -23.71 -0.70
C GLY O 175 38.51 -22.44 -0.10
N ILE O 176 39.35 -21.44 -0.20
CA ILE O 176 39.05 -20.10 0.32
C ILE O 176 37.92 -19.53 -0.51
N LEU O 177 37.98 -19.87 -1.79
CA LEU O 177 36.99 -19.45 -2.76
C LEU O 177 35.65 -20.13 -2.50
N ARG O 178 35.72 -21.43 -2.22
CA ARG O 178 34.52 -22.22 -2.01
C ARG O 178 33.85 -21.75 -0.75
N GLU O 179 34.68 -21.33 0.17
CA GLU O 179 34.19 -20.89 1.46
C GLU O 179 33.48 -19.57 1.24
N LEU O 180 34.13 -18.75 0.44
CA LEU O 180 33.63 -17.42 0.15
C LEU O 180 32.27 -17.49 -0.51
N LYS O 181 32.13 -18.41 -1.45
CA LYS O 181 30.89 -18.52 -2.23
C LYS O 181 29.75 -19.00 -1.35
N ASP O 182 30.15 -19.77 -0.33
CA ASP O 182 29.20 -20.36 0.62
C ASP O 182 28.48 -19.25 1.34
N ALA O 183 29.20 -18.15 1.50
CA ALA O 183 28.69 -16.98 2.23
C ALA O 183 27.78 -16.13 1.36
N SER O 184 28.10 -16.06 0.08
CA SER O 184 27.34 -15.22 -0.82
C SER O 184 26.11 -15.92 -1.38
N CYS O 185 26.23 -17.21 -1.68
CA CYS O 185 25.11 -17.93 -2.32
C CYS O 185 24.27 -18.75 -1.37
N ARG O 186 22.97 -18.58 -1.55
CA ARG O 186 21.95 -19.34 -0.79
C ARG O 186 21.96 -20.76 -1.32
N ASP O 187 21.66 -21.71 -0.43
CA ASP O 187 21.59 -23.14 -0.80
C ASP O 187 20.66 -23.28 -2.01
N LEU O 189 18.37 -25.35 -2.77
CA LEU O 189 16.95 -25.61 -2.50
C LEU O 189 16.23 -24.28 -2.34
N THR O 190 16.82 -23.40 -1.57
CA THR O 190 16.22 -22.09 -1.32
C THR O 190 16.08 -21.32 -2.64
N VAL O 191 17.11 -21.47 -3.45
CA VAL O 191 17.19 -20.75 -4.69
C VAL O 191 16.03 -21.25 -5.51
N LEU O 192 15.77 -22.53 -5.40
CA LEU O 192 14.72 -23.15 -6.22
C LEU O 192 13.32 -22.61 -5.89
N LYS O 193 13.20 -22.14 -4.66
CA LYS O 193 11.92 -21.74 -4.13
C LYS O 193 11.60 -20.28 -4.38
N THR O 194 12.65 -19.53 -4.59
CA THR O 194 12.58 -18.08 -4.66
C THR O 194 12.74 -17.52 -6.07
N VAL O 195 13.23 -18.38 -6.95
CA VAL O 195 13.45 -18.01 -8.34
C VAL O 195 12.12 -17.91 -9.05
N ASP O 196 12.12 -17.20 -10.17
CA ASP O 196 10.93 -17.12 -11.01
C ASP O 196 10.57 -18.56 -11.32
N GLN O 197 9.38 -18.96 -10.91
CA GLN O 197 8.95 -20.36 -11.01
C GLN O 197 8.60 -20.76 -12.41
N ASP O 198 8.37 -19.77 -13.25
CA ASP O 198 8.03 -20.09 -14.65
C ASP O 198 9.32 -20.37 -15.37
N LEU O 199 10.36 -19.73 -14.85
CA LEU O 199 11.70 -19.83 -15.41
C LEU O 199 12.13 -21.24 -15.14
N LEU O 200 11.91 -21.59 -13.88
CA LEU O 200 12.31 -22.89 -13.31
C LEU O 200 11.64 -24.05 -14.01
N ARG O 201 10.36 -23.89 -14.26
CA ARG O 201 9.59 -24.93 -14.94
C ARG O 201 10.04 -25.06 -16.38
N ALA O 202 10.49 -23.94 -16.94
CA ALA O 202 10.91 -23.90 -18.34
C ALA O 202 12.26 -24.57 -18.45
N ALA O 203 13.03 -24.38 -17.41
CA ALA O 203 14.41 -24.89 -17.36
C ALA O 203 14.48 -26.42 -17.33
N ILE O 204 13.44 -27.04 -16.77
CA ILE O 204 13.43 -28.50 -16.63
C ILE O 204 12.37 -29.10 -17.53
N ALA O 205 11.80 -28.26 -18.36
CA ALA O 205 10.71 -28.65 -19.25
C ALA O 205 11.11 -29.68 -20.29
N GLY O 206 12.41 -29.91 -20.41
CA GLY O 206 12.95 -30.82 -21.45
C GLY O 206 12.31 -32.20 -21.52
N GLU O 207 12.17 -32.70 -22.74
CA GLU O 207 11.55 -34.02 -22.98
C GLU O 207 12.19 -35.18 -22.25
N LYS O 208 13.45 -35.05 -21.87
CA LYS O 208 14.16 -36.18 -21.22
C LYS O 208 14.74 -35.83 -19.87
N PHE O 209 14.38 -34.66 -19.36
CA PHE O 209 14.94 -34.21 -18.07
C PHE O 209 14.73 -35.21 -16.95
N ALA O 210 13.47 -35.57 -16.79
CA ALA O 210 13.05 -36.48 -15.72
C ALA O 210 13.83 -37.78 -15.83
N GLU O 211 14.02 -38.21 -17.06
CA GLU O 211 14.72 -39.47 -17.32
C GLU O 211 16.22 -39.45 -16.94
N LEU O 212 16.87 -38.32 -17.20
CA LEU O 212 18.30 -38.23 -16.99
C LEU O 212 18.59 -37.85 -15.57
N PHE O 213 17.63 -37.12 -15.04
CA PHE O 213 17.83 -36.50 -13.75
C PHE O 213 17.57 -37.30 -12.48
N TYR O 214 16.33 -37.71 -12.39
CA TYR O 214 15.81 -38.42 -11.20
C TYR O 214 16.60 -39.67 -10.81
N PRO O 215 16.90 -40.54 -11.78
CA PRO O 215 17.67 -41.74 -11.43
C PRO O 215 19.02 -41.40 -10.91
N ASN O 216 19.42 -40.16 -11.17
CA ASN O 216 20.78 -39.69 -10.89
C ASN O 216 20.93 -38.70 -9.74
N CYS O 217 19.80 -38.12 -9.34
CA CYS O 217 19.76 -37.15 -8.23
C CYS O 217 19.97 -37.83 -6.90
N LYS O 218 20.85 -37.25 -6.10
CA LYS O 218 21.22 -37.77 -4.78
C LYS O 218 20.68 -36.91 -3.65
N ASP O 219 19.94 -35.88 -4.03
CA ASP O 219 19.35 -34.95 -3.05
C ASP O 219 17.85 -34.96 -3.22
N ASP O 220 17.22 -35.76 -2.37
CA ASP O 220 15.78 -36.04 -2.46
C ASP O 220 15.00 -34.77 -2.32
N ALA O 221 15.54 -33.91 -1.46
CA ALA O 221 14.91 -32.62 -1.10
C ALA O 221 14.71 -31.77 -2.35
N ILE O 222 15.70 -31.83 -3.23
CA ILE O 222 15.65 -31.08 -4.49
C ILE O 222 14.72 -31.76 -5.48
N ALA O 223 14.82 -33.08 -5.55
CA ALA O 223 13.98 -33.84 -6.49
C ALA O 223 12.50 -33.65 -6.17
N ASN O 224 12.21 -33.76 -4.89
CA ASN O 224 10.81 -33.65 -4.42
C ASN O 224 10.24 -32.28 -4.73
N TYR O 225 11.05 -31.26 -4.48
CA TYR O 225 10.61 -29.89 -4.80
C TYR O 225 10.34 -29.79 -6.27
N LEU O 226 11.23 -30.39 -7.04
CA LEU O 226 11.12 -30.28 -8.48
C LEU O 226 9.88 -30.98 -8.95
N ARG O 227 9.64 -32.16 -8.38
CA ARG O 227 8.47 -32.93 -8.82
C ARG O 227 7.21 -32.16 -8.49
N SER O 228 7.29 -31.48 -7.37
CA SER O 228 6.14 -30.83 -6.78
C SER O 228 5.63 -29.69 -7.63
N LEU O 229 6.37 -29.37 -8.67
CA LEU O 229 5.99 -28.24 -9.56
C LEU O 229 4.85 -28.62 -10.47
N GLY P 19 30.66 10.45 -16.10
CA GLY P 19 31.66 9.42 -16.52
C GLY P 19 31.80 8.31 -15.49
N LYS P 21 33.48 5.46 -13.06
CA LYS P 21 34.56 5.24 -12.10
C LYS P 21 35.05 3.81 -12.34
N ILE P 22 36.27 3.69 -12.82
CA ILE P 22 36.79 2.39 -13.19
C ILE P 22 37.92 2.04 -12.27
N ALA P 23 37.71 0.92 -11.57
CA ALA P 23 38.68 0.35 -10.64
C ALA P 23 39.44 -0.83 -11.21
N LEU P 24 40.73 -0.78 -10.95
CA LEU P 24 41.69 -1.80 -11.31
C LEU P 24 42.08 -2.51 -10.04
N ILE P 25 42.15 -3.82 -10.13
CA ILE P 25 42.51 -4.70 -9.01
C ILE P 25 43.37 -5.80 -9.54
N ILE P 26 44.61 -5.81 -9.06
CA ILE P 26 45.58 -6.80 -9.47
C ILE P 26 46.08 -7.62 -8.28
N GLU P 27 46.10 -8.92 -8.46
CA GLU P 27 46.58 -9.84 -7.45
C GLU P 27 48.07 -10.06 -7.64
N ASN P 28 48.61 -10.79 -6.71
CA ASN P 28 50.06 -10.86 -6.54
C ASN P 28 50.84 -11.57 -7.60
N SER P 29 50.24 -12.55 -8.26
CA SER P 29 50.98 -13.32 -9.27
C SER P 29 51.41 -12.42 -10.41
N GLN P 30 50.68 -11.33 -10.55
CA GLN P 30 50.83 -10.39 -11.66
C GLN P 30 51.12 -8.94 -11.20
N ALA P 31 51.35 -8.77 -9.91
CA ALA P 31 51.59 -7.40 -9.33
C ALA P 31 52.63 -6.62 -10.13
N ALA P 32 53.59 -7.36 -10.66
CA ALA P 32 54.73 -6.77 -11.36
C ALA P 32 54.25 -6.03 -12.60
N LYS P 33 53.06 -6.41 -13.09
CA LYS P 33 52.47 -5.83 -14.32
C LYS P 33 51.43 -4.75 -14.08
N ASN P 34 51.24 -4.34 -12.83
CA ASN P 34 50.17 -3.37 -12.53
C ASN P 34 50.40 -2.04 -13.25
N ALA P 35 51.66 -1.70 -13.36
CA ALA P 35 52.02 -0.39 -13.90
C ALA P 35 51.59 -0.35 -15.34
N VAL P 36 51.81 -1.46 -16.01
CA VAL P 36 51.54 -1.55 -17.46
C VAL P 36 50.05 -1.50 -17.72
N VAL P 37 49.34 -2.26 -16.93
CA VAL P 37 47.89 -2.39 -17.09
C VAL P 37 47.27 -1.04 -16.78
N HIS P 38 47.77 -0.41 -15.71
CA HIS P 38 47.22 0.89 -15.29
C HIS P 38 47.45 1.95 -16.35
N GLU P 39 48.64 1.88 -16.94
CA GLU P 39 48.98 2.82 -18.00
C GLU P 39 48.03 2.66 -19.20
N ALA P 40 47.84 1.42 -19.64
CA ALA P 40 46.97 1.17 -20.81
C ALA P 40 45.61 1.68 -20.55
N LEU P 41 45.20 1.52 -19.29
CA LEU P 41 43.82 1.85 -18.85
C LEU P 41 43.58 3.35 -18.80
N THR P 42 44.54 4.08 -18.25
CA THR P 42 44.40 5.56 -18.14
C THR P 42 44.45 6.18 -19.52
N THR P 43 45.36 5.64 -20.32
CA THR P 43 45.59 6.13 -21.70
C THR P 43 44.31 6.17 -22.51
N VAL P 44 43.48 5.17 -22.30
CA VAL P 44 42.23 5.06 -23.03
C VAL P 44 41.04 5.71 -22.32
N ALA P 45 40.96 5.45 -21.02
CA ALA P 45 39.77 5.81 -20.22
C ALA P 45 39.66 7.28 -19.91
N GLU P 46 40.81 7.85 -19.60
CA GLU P 46 40.84 9.25 -19.19
C GLU P 46 40.35 10.22 -20.31
N PRO P 47 40.96 10.14 -21.51
CA PRO P 47 40.51 10.99 -22.61
C PRO P 47 39.03 10.83 -22.88
N LEU P 48 38.49 9.72 -22.43
CA LEU P 48 37.07 9.39 -22.66
C LEU P 48 36.23 10.00 -21.55
N GLY P 49 36.91 10.66 -20.64
CA GLY P 49 36.22 11.38 -19.57
C GLY P 49 35.86 10.49 -18.40
N HIS P 50 36.60 9.40 -18.31
CA HIS P 50 36.42 8.47 -17.20
C HIS P 50 37.52 8.63 -16.18
N LYS P 51 37.18 8.15 -15.00
CA LYS P 51 38.07 8.18 -13.86
C LYS P 51 38.56 6.76 -13.50
N VAL P 52 39.86 6.64 -13.33
CA VAL P 52 40.47 5.37 -13.04
C VAL P 52 41.04 5.39 -11.65
N PHE P 53 40.69 4.35 -10.89
CA PHE P 53 41.13 4.16 -9.48
C PHE P 53 41.91 2.87 -9.38
N ASN P 54 43.18 3.05 -9.08
CA ASN P 54 44.13 1.95 -8.97
C ASN P 54 44.24 1.44 -7.53
N TYR P 55 43.56 0.32 -7.27
CA TYR P 55 43.49 -0.32 -5.94
C TYR P 55 44.66 -1.25 -5.67
N GLY P 56 45.62 -1.21 -6.58
CA GLY P 56 46.83 -2.07 -6.45
C GLY P 56 46.50 -3.52 -6.76
N TYR P 58 50.48 -2.73 -6.48
CA TYR P 58 51.29 -1.77 -7.24
C TYR P 58 52.60 -2.39 -7.62
N THR P 59 53.10 -3.19 -6.71
CA THR P 59 54.33 -3.97 -6.92
C THR P 59 54.26 -5.28 -6.22
N ALA P 60 55.25 -6.08 -6.54
CA ALA P 60 55.39 -7.44 -6.02
C ALA P 60 55.90 -7.41 -4.57
N GLU P 61 56.14 -6.20 -4.09
CA GLU P 61 56.71 -5.99 -2.76
C GLU P 61 55.72 -5.42 -1.77
N ASP P 62 54.57 -5.01 -2.26
CA ASP P 62 53.51 -4.46 -1.40
C ASP P 62 53.29 -5.28 -0.13
N LYS P 63 53.20 -4.59 0.99
CA LYS P 63 52.95 -5.28 2.27
C LYS P 63 51.58 -5.90 2.18
N ALA P 64 50.70 -5.13 1.57
CA ALA P 64 49.32 -5.54 1.41
C ALA P 64 49.20 -6.36 0.14
N SER P 65 49.20 -7.67 0.32
CA SER P 65 49.09 -8.61 -0.81
C SER P 65 47.65 -9.02 -1.06
N LEU P 66 47.40 -9.34 -2.33
CA LEU P 66 46.09 -9.79 -2.76
C LEU P 66 46.15 -11.11 -3.44
N THR P 67 45.11 -11.89 -3.19
CA THR P 67 44.89 -13.14 -3.92
C THR P 67 43.74 -12.84 -4.85
N TYR P 68 43.52 -13.79 -5.75
CA TYR P 68 42.48 -13.65 -6.77
C TYR P 68 41.16 -13.73 -6.10
N VAL P 69 41.16 -14.34 -4.92
CA VAL P 69 39.92 -14.49 -4.17
C VAL P 69 39.53 -13.12 -3.65
N ASN P 71 40.46 -10.42 -4.92
CA ASN P 71 40.20 -9.59 -6.09
C ASN P 71 38.70 -9.51 -6.24
N GLY P 72 38.08 -10.67 -6.12
CA GLY P 72 36.64 -10.81 -6.29
C GLY P 72 35.83 -10.19 -5.16
N LEU P 73 36.36 -10.34 -3.96
CA LEU P 73 35.69 -9.79 -2.78
C LEU P 73 35.73 -8.29 -2.91
N LEU P 74 36.91 -7.80 -3.27
CA LEU P 74 37.07 -6.36 -3.43
C LEU P 74 36.12 -5.86 -4.51
N ALA P 75 36.05 -6.61 -5.61
CA ALA P 75 35.21 -6.16 -6.72
C ALA P 75 33.75 -5.96 -6.28
N GLY P 76 33.30 -6.83 -5.38
CA GLY P 76 31.89 -6.77 -4.97
C GLY P 76 31.64 -5.56 -4.09
N ILE P 77 32.68 -5.24 -3.35
CA ILE P 77 32.63 -4.12 -2.40
C ILE P 77 32.46 -2.84 -3.14
N LEU P 78 33.30 -2.71 -4.15
CA LEU P 78 33.35 -1.49 -4.94
C LEU P 78 32.10 -1.31 -5.76
N LEU P 79 31.69 -2.38 -6.42
CA LEU P 79 30.55 -2.27 -7.32
C LEU P 79 29.26 -2.14 -6.57
N ASN P 80 29.15 -2.87 -5.48
CA ASN P 80 27.92 -2.86 -4.65
C ASN P 80 27.73 -1.54 -3.91
N SER P 81 28.86 -0.92 -3.60
CA SER P 81 28.88 0.31 -2.79
C SER P 81 28.72 1.55 -3.67
N GLY P 82 28.96 1.33 -4.95
CA GLY P 82 28.87 2.39 -5.96
C GLY P 82 30.18 3.13 -5.99
N ALA P 83 31.14 2.55 -5.31
CA ALA P 83 32.45 3.19 -5.20
C ALA P 83 33.08 3.15 -6.58
N ALA P 84 32.60 2.17 -7.34
CA ALA P 84 33.04 1.94 -8.74
C ALA P 84 31.86 1.51 -9.56
N ASP P 85 31.94 1.89 -10.83
CA ASP P 85 30.90 1.57 -11.82
C ASP P 85 31.32 0.36 -12.65
N PHE P 86 32.61 0.14 -12.71
CA PHE P 86 33.19 -0.95 -13.51
C PHE P 86 34.53 -1.33 -12.90
N VAL P 87 34.76 -2.62 -12.89
CA VAL P 87 35.98 -3.20 -12.36
C VAL P 87 36.73 -3.98 -13.43
N VAL P 88 38.03 -3.72 -13.44
CA VAL P 88 38.96 -4.37 -14.31
C VAL P 88 39.95 -5.13 -13.42
N THR P 89 40.00 -6.43 -13.62
CA THR P 89 40.93 -7.23 -12.88
C THR P 89 41.54 -8.33 -13.73
N GLY P 90 41.94 -9.37 -13.05
CA GLY P 90 42.55 -10.48 -13.72
C GLY P 90 43.60 -11.16 -12.91
N GLY P 92 46.83 -14.61 -13.85
CA GLY P 92 47.61 -15.31 -14.88
C GLY P 92 46.80 -15.61 -16.14
N THR P 93 45.64 -16.20 -15.93
CA THR P 93 44.74 -16.52 -17.02
C THR P 93 43.46 -15.69 -16.96
N GLY P 94 43.24 -15.10 -15.80
CA GLY P 94 42.04 -14.33 -15.47
C GLY P 94 40.94 -15.21 -14.95
N GLY P 96 40.68 -17.30 -12.22
CA GLY P 96 40.44 -17.23 -10.80
C GLY P 96 39.61 -16.03 -10.35
N SER P 97 39.98 -14.88 -10.88
CA SER P 97 39.40 -13.60 -10.48
C SER P 97 38.00 -13.51 -11.04
N LEU P 99 36.04 -16.06 -11.43
CA LEU P 99 35.23 -16.93 -10.58
C LEU P 99 34.85 -16.25 -9.29
N ALA P 100 35.85 -15.54 -8.75
CA ALA P 100 35.70 -14.84 -7.47
C ALA P 100 34.71 -13.71 -7.57
N ALA P 101 34.84 -12.95 -8.66
CA ALA P 101 34.03 -11.79 -8.84
C ALA P 101 32.61 -12.23 -9.05
N ASN P 102 32.43 -13.31 -9.81
CA ASN P 102 31.07 -13.80 -10.12
C ASN P 102 30.40 -14.47 -8.95
N ALA P 103 31.19 -14.73 -7.91
CA ALA P 103 30.60 -15.33 -6.68
C ALA P 103 29.84 -14.26 -5.90
N PRO P 105 27.33 -10.77 -5.20
CA PRO P 105 26.06 -10.28 -5.72
C PRO P 105 26.30 -9.04 -6.53
N GLY P 106 25.39 -8.81 -7.46
CA GLY P 106 25.43 -7.61 -8.29
C GLY P 106 26.60 -7.49 -9.22
N VAL P 107 27.46 -8.48 -9.19
CA VAL P 107 28.64 -8.50 -10.07
C VAL P 107 28.49 -9.46 -11.22
N PHE P 108 28.69 -8.92 -12.42
CA PHE P 108 28.68 -9.72 -13.64
C PHE P 108 29.98 -9.45 -14.41
N CYS P 109 30.93 -10.36 -14.17
CA CYS P 109 32.31 -10.28 -14.66
C CYS P 109 32.69 -11.24 -15.79
N GLY P 110 33.06 -10.64 -16.91
CA GLY P 110 33.42 -11.42 -18.10
C GLY P 110 34.91 -11.69 -18.16
N LEU P 111 35.26 -12.74 -18.88
CA LEU P 111 36.63 -13.12 -19.16
C LEU P 111 36.83 -12.70 -20.61
N VAL P 112 37.57 -11.64 -20.79
CA VAL P 112 37.75 -11.04 -22.12
C VAL P 112 39.15 -11.21 -22.62
N ILE P 113 39.25 -11.65 -23.87
CA ILE P 113 40.53 -11.90 -24.47
C ILE P 113 40.92 -10.91 -25.56
N ASP P 114 40.06 -10.78 -26.55
CA ASP P 114 40.34 -9.93 -27.70
C ASP P 114 39.28 -8.84 -27.89
N PRO P 115 39.53 -7.92 -28.81
CA PRO P 115 38.61 -6.79 -28.85
C PRO P 115 37.21 -7.16 -29.27
N THR P 116 37.09 -8.24 -30.02
CA THR P 116 35.77 -8.67 -30.50
C THR P 116 35.01 -9.21 -29.30
N ASP P 117 35.71 -9.99 -28.47
CA ASP P 117 35.12 -10.46 -27.23
C ASP P 117 34.62 -9.28 -26.38
N ALA P 118 35.42 -8.21 -26.34
CA ALA P 118 35.09 -7.00 -25.54
C ALA P 118 33.83 -6.33 -26.07
N PHE P 119 33.77 -6.22 -27.38
CA PHE P 119 32.60 -5.61 -28.01
C PHE P 119 31.34 -6.38 -27.68
N LEU P 120 31.43 -7.68 -27.78
CA LEU P 120 30.27 -8.54 -27.62
C LEU P 120 29.82 -8.53 -26.16
N PHE P 121 30.81 -8.51 -25.28
CA PHE P 121 30.52 -8.48 -23.83
C PHE P 121 29.68 -7.27 -23.47
N GLY P 122 30.04 -6.14 -24.07
CA GLY P 122 29.35 -4.86 -23.81
C GLY P 122 27.99 -4.77 -24.44
N GLN P 123 27.88 -5.42 -25.58
CA GLN P 123 26.64 -5.33 -26.34
C GLN P 123 25.63 -6.38 -25.90
N ILE P 124 26.14 -7.54 -25.55
CA ILE P 124 25.29 -8.70 -25.24
C ILE P 124 25.00 -8.83 -23.74
N ASN P 125 26.03 -8.71 -22.94
CA ASN P 125 25.90 -8.92 -21.53
C ASN P 125 25.84 -7.64 -20.72
N ASP P 126 26.57 -6.65 -21.20
CA ASP P 126 26.64 -5.34 -20.54
C ASP P 126 26.94 -5.52 -19.08
N GLY P 127 28.05 -6.20 -18.88
CA GLY P 127 28.56 -6.56 -17.57
C GLY P 127 29.26 -5.40 -16.87
N ASN P 128 29.62 -5.58 -15.61
CA ASN P 128 30.23 -4.46 -14.86
C ASN P 128 31.63 -4.74 -14.39
N ALA P 129 32.17 -5.82 -14.90
CA ALA P 129 33.56 -6.19 -14.64
C ALA P 129 34.12 -7.05 -15.75
N ILE P 130 35.44 -7.05 -15.84
CA ILE P 130 36.17 -7.93 -16.75
C ILE P 130 37.41 -8.43 -16.05
N SER P 131 37.78 -9.66 -16.40
CA SER P 131 39.01 -10.28 -15.90
C SER P 131 39.81 -10.69 -17.13
N PRO P 133 43.78 -12.17 -18.83
CA PRO P 133 45.05 -12.86 -18.60
C PRO P 133 46.22 -11.91 -18.73
N TYR P 134 47.07 -11.90 -17.70
CA TYR P 134 48.22 -11.02 -17.69
C TYR P 134 49.52 -11.76 -17.86
N SER P 135 49.42 -13.09 -17.98
CA SER P 135 50.57 -13.96 -18.24
CA SER P 135 50.57 -13.95 -18.24
C SER P 135 50.35 -14.88 -19.42
N LYS P 136 49.27 -15.63 -19.39
CA LYS P 136 48.98 -16.50 -20.53
C LYS P 136 48.64 -15.61 -21.71
N GLY P 137 49.41 -15.79 -22.78
CA GLY P 137 49.23 -15.05 -24.02
C GLY P 137 49.77 -13.63 -23.97
N PHE P 138 50.36 -13.29 -22.85
CA PHE P 138 50.87 -11.94 -22.63
C PHE P 138 52.35 -11.74 -23.01
N GLY P 139 52.57 -11.33 -24.26
CA GLY P 139 53.94 -11.03 -24.77
C GLY P 139 53.96 -9.71 -25.52
N TRP P 140 54.75 -9.62 -26.58
CA TRP P 140 54.73 -8.41 -27.42
C TRP P 140 53.35 -7.87 -27.76
N ALA P 141 53.24 -6.58 -27.51
CA ALA P 141 52.08 -5.80 -27.87
C ALA P 141 50.87 -6.19 -27.13
N ALA P 142 51.04 -7.05 -26.13
CA ALA P 142 49.88 -7.46 -25.31
C ALA P 142 49.28 -6.23 -24.66
N GLU P 143 50.13 -5.22 -24.41
CA GLU P 143 49.67 -3.97 -23.77
C GLU P 143 48.87 -3.14 -24.74
N LEU P 144 49.02 -3.43 -26.03
CA LEU P 144 48.29 -2.74 -27.11
C LEU P 144 46.90 -3.35 -27.30
N ASN P 145 46.81 -4.64 -27.09
CA ASN P 145 45.53 -5.38 -27.15
C ASN P 145 44.61 -4.94 -26.00
N LEU P 146 45.23 -4.64 -24.87
CA LEU P 146 44.51 -4.16 -23.70
C LEU P 146 43.87 -2.85 -24.06
N GLN P 147 44.64 -1.97 -24.65
CA GLN P 147 44.09 -0.67 -25.09
C GLN P 147 42.94 -0.83 -26.07
N ASP P 148 43.12 -1.79 -26.99
CA ASP P 148 42.11 -2.14 -28.01
C ASP P 148 40.80 -2.56 -27.34
N VAL P 149 40.98 -3.36 -26.29
CA VAL P 149 39.86 -3.93 -25.51
C VAL P 149 39.12 -2.83 -24.75
N TYR P 150 39.91 -1.97 -24.12
CA TYR P 150 39.36 -0.87 -23.30
C TYR P 150 38.57 0.08 -24.18
N ARG P 151 39.02 0.24 -25.41
CA ARG P 151 38.30 1.16 -26.32
C ARG P 151 36.91 0.67 -26.65
N LYS P 152 36.78 -0.66 -26.68
CA LYS P 152 35.52 -1.29 -27.00
C LYS P 152 34.58 -1.19 -25.84
N LEU P 153 35.15 -1.22 -24.65
CA LEU P 153 34.34 -1.30 -23.44
C LEU P 153 33.86 0.06 -22.97
N PHE P 154 34.69 1.08 -23.18
CA PHE P 154 34.41 2.37 -22.54
C PHE P 154 34.06 3.50 -23.45
N ASP P 155 33.77 3.12 -24.68
CA ASP P 155 33.37 4.08 -25.67
C ASP P 155 32.16 3.54 -26.42
N GLY P 156 31.09 4.30 -26.40
CA GLY P 156 29.84 3.90 -27.05
C GLY P 156 28.79 3.34 -26.09
N GLU P 157 27.55 3.37 -26.56
CA GLU P 157 26.43 2.81 -25.81
C GLU P 157 26.64 1.33 -25.60
N ARG P 158 26.11 0.86 -24.49
CA ARG P 158 26.16 -0.56 -24.17
C ARG P 158 24.81 -1.21 -24.39
N GLY P 159 24.87 -2.53 -24.35
CA GLY P 159 23.72 -3.41 -24.39
C GLY P 159 22.79 -3.28 -25.56
N LEU P 160 23.28 -2.81 -26.71
CA LEU P 160 22.42 -2.68 -27.90
C LEU P 160 22.30 -4.01 -28.61
N GLY P 161 23.08 -4.97 -28.15
CA GLY P 161 23.03 -6.32 -28.70
C GLY P 161 23.64 -6.60 -30.06
N TYR P 162 24.05 -7.86 -30.17
CA TYR P 162 24.61 -8.43 -31.38
C TYR P 162 24.36 -9.93 -31.39
N PRO P 163 23.79 -10.46 -32.48
CA PRO P 163 23.38 -9.75 -33.69
C PRO P 163 22.15 -8.92 -33.35
N ARG P 164 21.90 -7.91 -34.16
CA ARG P 164 20.86 -6.92 -33.82
C ARG P 164 19.48 -7.54 -33.79
N GLU P 165 19.40 -8.68 -34.44
CA GLU P 165 18.16 -9.44 -34.56
C GLU P 165 17.75 -9.94 -33.17
N ARG P 166 18.75 -10.19 -32.33
CA ARG P 166 18.53 -10.76 -31.01
C ARG P 166 18.58 -9.72 -29.91
N ALA P 167 18.52 -8.47 -30.31
CA ALA P 167 18.71 -7.37 -29.34
C ALA P 167 17.71 -7.35 -28.18
N GLU P 168 16.43 -7.43 -28.50
CA GLU P 168 15.35 -7.39 -27.48
C GLU P 168 15.42 -8.62 -26.59
N ILE P 169 15.58 -9.78 -27.22
CA ILE P 169 15.70 -11.03 -26.49
C ILE P 169 16.81 -10.86 -25.48
N ARG P 171 18.17 -8.14 -24.26
CA ARG P 171 17.94 -7.14 -23.24
C ARG P 171 17.14 -7.78 -22.12
N LYS P 172 16.19 -8.58 -22.52
CA LYS P 172 15.27 -9.25 -21.58
C LYS P 172 16.02 -10.26 -20.73
N ASN P 173 16.85 -11.05 -21.38
CA ASN P 173 17.64 -12.05 -20.66
C ASN P 173 18.62 -11.42 -19.70
N ARG P 174 19.11 -10.23 -19.97
CA ARG P 174 20.02 -9.61 -19.02
C ARG P 174 19.20 -9.31 -17.76
N GLY P 175 17.94 -8.92 -17.95
CA GLY P 175 17.11 -8.58 -16.80
C GLY P 175 16.76 -9.83 -16.00
N ILE P 176 16.37 -10.86 -16.75
CA ILE P 176 16.00 -12.13 -16.18
C ILE P 176 17.15 -12.64 -15.35
N LEU P 177 18.34 -12.47 -15.88
CA LEU P 177 19.57 -12.97 -15.20
C LEU P 177 19.83 -12.16 -13.97
N ARG P 178 19.52 -10.87 -14.04
CA ARG P 178 19.74 -10.02 -12.87
C ARG P 178 18.83 -10.51 -11.76
N GLU P 179 17.63 -10.91 -12.17
CA GLU P 179 16.62 -11.38 -11.22
C GLU P 179 17.06 -12.72 -10.67
N LEU P 180 17.51 -13.59 -11.56
CA LEU P 180 17.98 -14.92 -11.14
C LEU P 180 19.02 -14.77 -10.07
N LYS P 181 19.97 -13.87 -10.30
CA LYS P 181 21.13 -13.71 -9.36
C LYS P 181 20.71 -13.07 -8.06
N ASP P 182 19.68 -12.25 -8.19
CA ASP P 182 19.12 -11.57 -7.02
C ASP P 182 18.57 -12.63 -6.10
N ALA P 183 18.15 -13.73 -6.70
CA ALA P 183 17.50 -14.78 -5.92
C ALA P 183 18.50 -15.69 -5.30
N SER P 184 19.65 -15.83 -5.95
CA SER P 184 20.69 -16.75 -5.49
C SER P 184 21.64 -16.11 -4.51
N CYS P 185 22.00 -14.86 -4.80
CA CYS P 185 22.97 -14.16 -3.98
C CYS P 185 22.38 -13.23 -2.94
N ARG P 186 23.00 -13.30 -1.77
CA ARG P 186 22.63 -12.48 -0.61
C ARG P 186 23.20 -11.08 -0.75
N ASP P 187 22.52 -10.10 -0.16
CA ASP P 187 23.01 -8.72 -0.28
C ASP P 187 24.44 -8.66 0.24
N LEU P 189 26.06 -6.59 2.08
CA LEU P 189 26.33 -6.26 3.49
C LEU P 189 26.34 -7.55 4.29
N THR P 190 25.32 -8.38 4.02
CA THR P 190 25.16 -9.69 4.69
C THR P 190 26.39 -10.46 4.41
N VAL P 191 26.86 -10.29 3.17
CA VAL P 191 28.05 -11.02 2.72
C VAL P 191 29.25 -10.62 3.51
N LEU P 192 29.42 -9.33 3.67
CA LEU P 192 30.59 -8.78 4.39
C LEU P 192 30.58 -9.18 5.86
N LYS P 193 29.39 -9.41 6.37
CA LYS P 193 29.23 -9.72 7.80
C LYS P 193 29.44 -11.19 8.05
N THR P 194 29.27 -12.00 7.01
CA THR P 194 29.36 -13.45 7.15
C THR P 194 30.63 -14.08 6.59
N VAL P 195 31.36 -13.29 5.83
CA VAL P 195 32.61 -13.81 5.26
C VAL P 195 33.71 -13.83 6.31
N ASP P 196 34.80 -14.50 5.96
CA ASP P 196 35.98 -14.59 6.80
C ASP P 196 36.49 -13.19 6.92
N GLN P 197 36.55 -12.73 8.16
CA GLN P 197 36.89 -11.32 8.43
C GLN P 197 38.36 -11.01 8.21
N ASP P 198 39.20 -12.04 8.21
CA ASP P 198 40.63 -11.82 8.01
C ASP P 198 40.93 -11.72 6.53
N LEU P 199 40.02 -12.29 5.76
CA LEU P 199 40.12 -12.26 4.31
C LEU P 199 39.69 -10.87 3.95
N LEU P 200 38.56 -10.50 4.54
CA LEU P 200 37.91 -9.18 4.30
C LEU P 200 38.85 -8.04 4.61
N ARG P 201 39.64 -8.25 5.66
CA ARG P 201 40.61 -7.22 6.11
C ARG P 201 41.76 -7.12 5.12
N ALA P 202 42.24 -8.27 4.67
CA ALA P 202 43.37 -8.35 3.74
C ALA P 202 43.00 -7.70 2.42
N ALA P 203 41.71 -7.81 2.11
CA ALA P 203 41.22 -7.33 0.85
C ALA P 203 41.29 -5.82 0.81
N ILE P 204 41.08 -5.19 1.95
CA ILE P 204 41.03 -3.72 1.98
C ILE P 204 42.22 -3.14 2.69
N ALA P 205 43.21 -4.00 2.84
CA ALA P 205 44.44 -3.65 3.57
C ALA P 205 45.34 -2.73 2.77
N GLY P 206 44.86 -2.34 1.60
CA GLY P 206 45.63 -1.48 0.68
C GLY P 206 45.77 -0.02 1.06
N GLU P 207 47.01 0.43 1.15
CA GLU P 207 47.36 1.80 1.58
C GLU P 207 46.50 2.92 1.00
N LYS P 208 45.95 2.69 -0.17
CA LYS P 208 45.19 3.73 -0.85
C LYS P 208 43.68 3.43 -0.82
N PHE P 209 43.35 2.34 -0.16
CA PHE P 209 41.96 1.86 -0.12
C PHE P 209 40.95 2.88 0.41
N ALA P 210 41.26 3.43 1.59
CA ALA P 210 40.34 4.36 2.25
C ALA P 210 40.19 5.60 1.38
N GLU P 211 41.35 5.97 0.88
CA GLU P 211 41.56 7.18 0.09
C GLU P 211 40.75 7.17 -1.22
N LEU P 212 40.58 5.97 -1.76
CA LEU P 212 39.91 5.81 -3.04
C LEU P 212 38.43 5.48 -2.86
N PHE P 213 38.18 4.75 -1.78
CA PHE P 213 36.84 4.23 -1.48
C PHE P 213 35.83 5.18 -0.86
N TYR P 214 36.10 5.55 0.38
CA TYR P 214 35.15 6.36 1.19
C TYR P 214 34.66 7.61 0.48
N PRO P 215 35.55 8.31 -0.22
CA PRO P 215 35.04 9.51 -0.91
C PRO P 215 34.05 9.23 -2.04
N ASN P 216 34.03 7.97 -2.42
CA ASN P 216 33.27 7.46 -3.57
C ASN P 216 32.13 6.51 -3.24
N CYS P 217 32.20 5.92 -2.06
CA CYS P 217 31.18 4.99 -1.58
C CYS P 217 29.83 5.68 -1.47
N LYS P 218 28.77 5.02 -1.92
CA LYS P 218 27.41 5.58 -1.88
C LYS P 218 26.51 4.86 -0.88
N ASP P 219 26.98 3.74 -0.37
CA ASP P 219 26.26 2.92 0.61
C ASP P 219 26.95 3.05 1.97
N ASP P 220 26.33 3.85 2.83
CA ASP P 220 26.90 4.15 4.15
C ASP P 220 26.98 2.92 4.99
N ALA P 221 25.97 2.08 4.83
CA ALA P 221 25.89 0.86 5.63
C ALA P 221 27.14 0.04 5.39
N ILE P 222 27.64 0.11 4.15
CA ILE P 222 28.83 -0.68 3.77
C ILE P 222 30.09 -0.01 4.27
N ALA P 223 30.13 1.30 4.11
CA ALA P 223 31.30 2.07 4.54
C ALA P 223 31.43 1.92 6.04
N ASN P 224 30.27 1.91 6.70
CA ASN P 224 30.20 1.86 8.18
C ASN P 224 30.63 0.53 8.74
N TYR P 225 30.34 -0.54 8.01
CA TYR P 225 30.75 -1.87 8.49
C TYR P 225 32.22 -2.06 8.28
N LEU P 226 32.70 -1.48 7.18
CA LEU P 226 34.12 -1.61 6.84
C LEU P 226 34.87 -0.78 7.84
N ARG P 227 34.23 0.32 8.23
CA ARG P 227 34.83 1.27 9.17
C ARG P 227 34.88 0.60 10.52
N SER P 228 33.82 -0.13 10.82
CA SER P 228 33.69 -0.76 12.14
C SER P 228 34.81 -1.74 12.37
N LEU P 229 35.54 -2.03 11.30
CA LEU P 229 36.64 -3.02 11.37
C LEU P 229 37.86 -2.39 12.06
#